data_7DFE
#
_entry.id   7DFE
#
_entity_poly.entity_id   1
_entity_poly.type   'polypeptide(L)'
_entity_poly.pdbx_seq_one_letter_code
;NLSIGDTTSIIQLFKNFTGPPSVATFISNFHSIVQSSKTLLNLFDVAEENPLEFAKCMYELVLKSANSLGVLNPHLIANN
IYQSVVSNLDILHSSAMVNLYANAMAGSLFLEGILNSDNAATLAKKCANDMEAFAKKMVEIG
;
_entity_poly.pdbx_strand_id   A,B
#
# COMPACT_ATOMS: atom_id res chain seq x y z
N ASN A 1 11.98 1.63 27.36
CA ASN A 1 10.97 1.07 26.42
C ASN A 1 11.26 1.34 24.93
N LEU A 2 11.95 2.42 24.55
CA LEU A 2 12.45 2.67 23.18
C LEU A 2 11.35 2.67 22.07
N SER A 3 10.19 3.27 22.38
CA SER A 3 9.00 3.30 21.50
C SER A 3 8.35 4.68 21.39
N ILE A 4 8.31 5.45 22.48
CA ILE A 4 7.77 6.83 22.61
C ILE A 4 6.24 6.95 22.44
N GLY A 5 5.64 6.25 21.47
CA GLY A 5 4.20 6.13 21.30
C GLY A 5 3.53 5.22 22.35
N ASP A 6 4.29 4.30 22.94
CA ASP A 6 3.91 3.49 24.11
C ASP A 6 3.76 4.34 25.38
N THR A 7 2.52 4.75 25.70
CA THR A 7 2.16 5.57 26.88
C THR A 7 1.00 5.00 27.71
N THR A 8 0.37 3.91 27.26
CA THR A 8 -0.77 3.24 27.91
C THR A 8 -0.66 1.71 27.74
N SER A 9 -1.08 0.95 28.75
CA SER A 9 -1.07 -0.52 28.77
C SER A 9 -2.04 -1.18 27.78
N ILE A 10 -1.97 -2.52 27.68
CA ILE A 10 -2.80 -3.36 26.78
C ILE A 10 -4.32 -3.18 26.94
N ILE A 11 -4.78 -2.58 28.05
CA ILE A 11 -6.17 -2.22 28.29
C ILE A 11 -6.74 -1.36 27.15
N GLN A 12 -5.97 -0.37 26.67
CA GLN A 12 -6.40 0.55 25.61
C GLN A 12 -6.30 -0.07 24.21
N LEU A 13 -5.39 -1.04 24.01
CA LEU A 13 -5.29 -1.84 22.78
C LEU A 13 -6.48 -2.80 22.58
N PHE A 14 -7.25 -3.09 23.65
CA PHE A 14 -8.41 -4.00 23.62
C PHE A 14 -9.61 -3.42 24.39
N LYS A 15 -9.95 -2.15 24.10
CA LYS A 15 -11.04 -1.39 24.74
C LYS A 15 -12.35 -1.39 23.92
N ASN A 16 -12.44 -2.21 22.86
CA ASN A 16 -13.53 -2.36 21.89
C ASN A 16 -14.03 -1.07 21.15
N PHE A 17 -13.35 0.07 21.31
CA PHE A 17 -13.67 1.32 20.59
C PHE A 17 -12.95 1.47 19.24
N THR A 18 -11.79 0.84 19.05
CA THR A 18 -10.88 1.04 17.91
C THR A 18 -10.20 -0.28 17.47
N GLY A 19 -9.62 -0.28 16.27
CA GLY A 19 -8.92 -1.44 15.69
C GLY A 19 -8.47 -1.24 14.24
N PRO A 20 -7.60 -0.25 13.94
CA PRO A 20 -7.11 -0.01 12.58
C PRO A 20 -6.28 -1.20 12.05
N PRO A 21 -6.19 -1.39 10.71
CA PRO A 21 -5.45 -2.51 10.12
C PRO A 21 -3.95 -2.31 10.29
N SER A 22 -3.19 -3.41 10.39
CA SER A 22 -1.74 -3.37 10.66
C SER A 22 -0.93 -2.59 9.62
N VAL A 23 -1.42 -2.53 8.37
CA VAL A 23 -0.86 -1.72 7.28
C VAL A 23 -0.87 -0.22 7.59
N ALA A 24 -1.89 0.27 8.32
CA ALA A 24 -2.05 1.68 8.68
C ALA A 24 -1.01 2.14 9.71
N THR A 25 -0.75 1.35 10.76
CA THR A 25 0.27 1.68 11.77
C THR A 25 1.69 1.71 11.17
N PHE A 26 2.01 0.86 10.18
CA PHE A 26 3.29 0.96 9.44
C PHE A 26 3.42 2.32 8.74
N ILE A 27 2.45 2.71 7.89
CA ILE A 27 2.56 3.95 7.10
C ILE A 27 2.49 5.20 7.98
N SER A 28 1.69 5.20 9.06
CA SER A 28 1.64 6.30 10.04
C SER A 28 2.96 6.45 10.80
N ASN A 29 3.60 5.34 11.21
CA ASN A 29 4.97 5.38 11.75
C ASN A 29 5.95 5.95 10.71
N PHE A 30 5.93 5.45 9.46
CA PHE A 30 6.85 5.89 8.41
C PHE A 30 6.77 7.40 8.14
N HIS A 31 5.56 7.96 8.03
CA HIS A 31 5.32 9.39 7.84
C HIS A 31 5.85 10.23 9.01
N SER A 32 5.67 9.74 10.25
CA SER A 32 6.19 10.37 11.47
C SER A 32 7.73 10.32 11.53
N ILE A 33 8.34 9.17 11.22
CA ILE A 33 9.80 8.98 11.19
C ILE A 33 10.46 9.94 10.18
N VAL A 34 9.86 10.15 9.00
CA VAL A 34 10.29 11.16 8.02
C VAL A 34 10.34 12.56 8.64
N GLN A 35 9.32 13.00 9.37
CA GLN A 35 9.32 14.28 10.08
C GLN A 35 10.35 14.35 11.23
N SER A 36 10.57 13.25 11.94
CA SER A 36 11.52 13.16 13.08
C SER A 36 13.00 13.12 12.70
N SER A 37 13.34 12.75 11.46
CA SER A 37 14.71 12.42 11.05
C SER A 37 15.16 13.23 9.82
N LYS A 38 15.92 14.31 10.08
CA LYS A 38 16.46 15.26 9.10
C LYS A 38 17.10 14.61 7.87
N THR A 39 17.78 13.48 8.05
CA THR A 39 18.52 12.78 6.99
C THR A 39 17.62 12.17 5.89
N LEU A 40 16.33 11.91 6.17
CA LEU A 40 15.34 11.60 5.12
C LEU A 40 15.11 12.84 4.23
N LEU A 41 14.77 13.98 4.86
CA LEU A 41 14.55 15.26 4.18
C LEU A 41 15.78 15.73 3.39
N ASN A 42 17.00 15.43 3.86
CA ASN A 42 18.24 15.81 3.19
C ASN A 42 18.44 15.13 1.81
N LEU A 43 17.76 13.99 1.54
CA LEU A 43 17.66 13.41 0.19
C LEU A 43 16.62 14.18 -0.65
N PHE A 44 15.42 14.41 -0.10
CA PHE A 44 14.34 15.09 -0.83
C PHE A 44 14.67 16.55 -1.18
N ASP A 45 15.53 17.21 -0.39
CA ASP A 45 16.13 18.51 -0.67
C ASP A 45 17.00 18.57 -1.95
N VAL A 46 17.40 17.40 -2.49
CA VAL A 46 18.15 17.25 -3.76
C VAL A 46 17.40 16.41 -4.81
N ALA A 47 16.12 16.07 -4.57
CA ALA A 47 15.25 15.42 -5.57
C ALA A 47 14.98 16.29 -6.83
N GLU A 48 15.33 17.59 -6.78
CA GLU A 48 15.37 18.50 -7.94
C GLU A 48 16.48 18.17 -8.97
N GLU A 49 17.48 17.36 -8.59
CA GLU A 49 18.52 16.83 -9.48
C GLU A 49 17.99 15.63 -10.32
N ASN A 50 18.86 14.90 -11.02
CA ASN A 50 18.50 13.71 -11.81
C ASN A 50 17.63 12.71 -11.01
N PRO A 51 16.35 12.48 -11.40
CA PRO A 51 15.43 11.64 -10.63
C PRO A 51 15.80 10.15 -10.64
N LEU A 52 16.56 9.70 -11.66
CA LEU A 52 17.10 8.34 -11.72
C LEU A 52 18.04 8.02 -10.55
N GLU A 53 18.72 9.01 -9.96
CA GLU A 53 19.56 8.81 -8.77
C GLU A 53 18.73 8.28 -7.59
N PHE A 54 17.56 8.88 -7.35
CA PHE A 54 16.58 8.45 -6.35
C PHE A 54 15.93 7.11 -6.74
N ALA A 55 15.44 6.96 -7.98
CA ALA A 55 14.74 5.75 -8.42
C ALA A 55 15.63 4.49 -8.41
N LYS A 56 16.88 4.60 -8.90
CA LYS A 56 17.85 3.50 -8.92
C LYS A 56 18.36 3.15 -7.52
N CYS A 57 18.57 4.17 -6.66
CA CYS A 57 18.83 3.98 -5.23
C CYS A 57 17.72 3.17 -4.55
N MET A 58 16.45 3.57 -4.74
CA MET A 58 15.28 2.87 -4.22
C MET A 58 15.23 1.40 -4.68
N TYR A 59 15.36 1.14 -5.99
CA TYR A 59 15.36 -0.23 -6.52
C TYR A 59 16.46 -1.11 -5.88
N GLU A 60 17.71 -0.65 -5.91
CA GLU A 60 18.87 -1.43 -5.45
C GLU A 60 18.85 -1.64 -3.93
N LEU A 61 18.42 -0.65 -3.16
CA LEU A 61 18.23 -0.75 -1.72
C LEU A 61 17.14 -1.76 -1.35
N VAL A 62 15.98 -1.69 -1.99
CA VAL A 62 14.86 -2.61 -1.70
C VAL A 62 15.22 -4.04 -2.11
N LEU A 63 16.03 -4.24 -3.17
CA LEU A 63 16.57 -5.54 -3.56
C LEU A 63 17.33 -6.22 -2.41
N LYS A 64 18.25 -5.52 -1.72
CA LYS A 64 18.93 -6.08 -0.54
C LYS A 64 18.05 -6.13 0.71
N SER A 65 17.20 -5.11 0.93
CA SER A 65 16.35 -4.99 2.11
C SER A 65 15.32 -6.12 2.21
N ALA A 66 14.53 -6.34 1.16
CA ALA A 66 13.52 -7.39 1.14
C ALA A 66 14.12 -8.81 1.23
N ASN A 67 15.30 -9.04 0.64
CA ASN A 67 16.09 -10.27 0.85
C ASN A 67 16.54 -10.44 2.31
N SER A 68 17.02 -9.37 2.95
CA SER A 68 17.47 -9.37 4.35
C SER A 68 16.31 -9.62 5.34
N LEU A 69 15.13 -9.02 5.09
CA LEU A 69 13.90 -9.29 5.85
C LEU A 69 13.43 -10.74 5.68
N GLY A 70 13.52 -11.29 4.45
CA GLY A 70 13.17 -12.68 4.13
C GLY A 70 11.90 -12.83 3.27
N VAL A 71 11.52 -11.79 2.52
CA VAL A 71 10.29 -11.71 1.72
C VAL A 71 10.19 -12.85 0.70
N LEU A 72 8.96 -13.33 0.43
CA LEU A 72 8.68 -14.46 -0.47
C LEU A 72 9.22 -14.26 -1.90
N ASN A 73 9.08 -13.03 -2.43
CA ASN A 73 9.54 -12.58 -3.74
C ASN A 73 10.07 -11.13 -3.63
N PRO A 74 11.33 -10.91 -3.19
CA PRO A 74 11.84 -9.57 -2.84
C PRO A 74 11.90 -8.61 -4.03
N HIS A 75 12.04 -9.14 -5.26
CA HIS A 75 11.92 -8.39 -6.51
C HIS A 75 10.60 -7.60 -6.63
N LEU A 76 9.47 -8.15 -6.15
CA LEU A 76 8.16 -7.52 -6.31
C LEU A 76 8.12 -6.11 -5.68
N ILE A 77 8.73 -5.94 -4.51
CA ILE A 77 8.72 -4.66 -3.79
C ILE A 77 9.58 -3.63 -4.53
N ALA A 78 10.80 -4.02 -4.94
CA ALA A 78 11.71 -3.16 -5.67
C ALA A 78 11.13 -2.73 -7.03
N ASN A 79 10.53 -3.67 -7.76
CA ASN A 79 9.87 -3.41 -9.04
C ASN A 79 8.66 -2.48 -8.86
N ASN A 80 7.80 -2.74 -7.87
CA ASN A 80 6.65 -1.89 -7.54
C ASN A 80 7.06 -0.43 -7.30
N ILE A 81 8.08 -0.22 -6.47
CA ILE A 81 8.59 1.12 -6.11
C ILE A 81 9.27 1.79 -7.31
N TYR A 82 10.11 1.08 -8.06
CA TYR A 82 10.77 1.65 -9.24
C TYR A 82 9.76 2.08 -10.31
N GLN A 83 8.78 1.23 -10.63
CA GLN A 83 7.74 1.53 -11.61
C GLN A 83 6.80 2.66 -11.14
N SER A 84 6.40 2.70 -9.87
CA SER A 84 5.54 3.78 -9.36
C SER A 84 6.23 5.14 -9.34
N VAL A 85 7.52 5.19 -8.98
CA VAL A 85 8.35 6.39 -9.01
C VAL A 85 8.55 6.89 -10.45
N VAL A 86 9.06 6.05 -11.37
CA VAL A 86 9.43 6.49 -12.73
C VAL A 86 8.24 6.95 -13.57
N SER A 87 7.04 6.40 -13.33
CA SER A 87 5.81 6.80 -14.01
C SER A 87 5.18 8.06 -13.39
N ASN A 88 4.88 8.05 -12.09
CA ASN A 88 4.23 9.15 -11.37
C ASN A 88 5.24 10.23 -10.91
N LEU A 89 6.24 10.52 -11.74
CA LEU A 89 7.37 11.39 -11.44
C LEU A 89 7.00 12.89 -11.31
N ASP A 90 5.72 13.24 -11.46
CA ASP A 90 5.15 14.55 -11.16
C ASP A 90 5.27 14.95 -9.66
N ILE A 91 5.42 13.98 -8.75
CA ILE A 91 5.31 14.15 -7.29
C ILE A 91 6.64 13.94 -6.54
N LEU A 92 7.69 14.65 -6.96
CA LEU A 92 9.02 14.69 -6.32
C LEU A 92 9.04 15.37 -4.92
N HIS A 93 7.89 15.72 -4.34
CA HIS A 93 7.72 16.37 -3.02
C HIS A 93 8.17 15.45 -1.86
N SER A 94 8.66 16.02 -0.76
CA SER A 94 9.28 15.27 0.35
C SER A 94 8.43 14.14 0.95
N SER A 95 7.16 14.41 1.26
CA SER A 95 6.19 13.39 1.71
C SER A 95 5.74 12.48 0.57
N ALA A 96 5.43 13.04 -0.60
CA ALA A 96 4.93 12.30 -1.75
C ALA A 96 5.93 11.22 -2.25
N MET A 97 7.23 11.49 -2.19
CA MET A 97 8.32 10.55 -2.47
C MET A 97 8.30 9.30 -1.58
N VAL A 98 7.71 9.38 -0.38
CA VAL A 98 7.56 8.23 0.53
C VAL A 98 6.14 7.69 0.62
N ASN A 99 5.11 8.42 0.17
CA ASN A 99 3.74 7.90 0.14
C ASN A 99 3.62 6.64 -0.74
N LEU A 100 4.28 6.63 -1.90
CA LEU A 100 4.38 5.43 -2.74
C LEU A 100 5.27 4.35 -2.10
N TYR A 101 6.45 4.71 -1.58
CA TYR A 101 7.38 3.77 -0.94
C TYR A 101 6.74 3.02 0.24
N ALA A 102 6.15 3.77 1.18
CA ALA A 102 5.55 3.23 2.39
C ALA A 102 4.32 2.37 2.08
N ASN A 103 3.39 2.83 1.21
CA ASN A 103 2.23 2.01 0.85
C ASN A 103 2.64 0.74 0.07
N ALA A 104 3.49 0.85 -0.95
CA ALA A 104 3.96 -0.31 -1.71
C ALA A 104 4.66 -1.34 -0.82
N MET A 105 5.52 -0.89 0.11
CA MET A 105 6.25 -1.79 1.02
C MET A 105 5.34 -2.37 2.11
N ALA A 106 4.41 -1.60 2.69
CA ALA A 106 3.51 -2.10 3.73
C ALA A 106 2.63 -3.27 3.24
N GLY A 107 2.01 -3.14 2.07
CA GLY A 107 1.18 -4.20 1.46
C GLY A 107 2.02 -5.39 0.98
N SER A 108 3.25 -5.16 0.52
CA SER A 108 4.16 -6.22 0.09
C SER A 108 4.83 -7.00 1.24
N LEU A 109 5.17 -6.36 2.36
CA LEU A 109 5.73 -7.04 3.55
C LEU A 109 4.67 -7.91 4.25
N PHE A 110 3.39 -7.53 4.15
CA PHE A 110 2.24 -8.33 4.59
C PHE A 110 2.26 -9.77 4.07
N LEU A 111 2.83 -9.99 2.89
CA LEU A 111 2.90 -11.29 2.20
C LEU A 111 3.80 -12.33 2.88
N GLU A 112 4.75 -11.90 3.72
CA GLU A 112 5.57 -12.82 4.52
C GLU A 112 4.87 -13.26 5.82
N GLY A 113 3.68 -12.72 6.12
CA GLY A 113 2.95 -12.94 7.37
C GLY A 113 3.46 -12.10 8.57
N ILE A 114 4.43 -11.22 8.34
CA ILE A 114 4.95 -10.23 9.30
C ILE A 114 4.04 -8.98 9.36
N LEU A 115 4.56 -7.86 9.89
CA LEU A 115 3.85 -6.57 9.96
C LEU A 115 2.62 -6.64 10.89
N ASN A 116 2.84 -7.18 12.10
CA ASN A 116 1.86 -7.20 13.20
C ASN A 116 1.56 -5.78 13.74
N SER A 117 0.56 -5.66 14.61
CA SER A 117 0.08 -4.39 15.21
C SER A 117 1.15 -3.52 15.92
N ASP A 118 2.29 -4.11 16.30
CA ASP A 118 3.43 -3.44 16.93
C ASP A 118 4.73 -3.60 16.12
N ASN A 119 5.00 -4.78 15.55
CA ASN A 119 6.13 -5.05 14.65
C ASN A 119 6.12 -4.14 13.40
N ALA A 120 4.95 -3.63 12.98
CA ALA A 120 4.82 -2.60 11.97
C ALA A 120 5.69 -1.35 12.24
N ALA A 121 5.83 -0.92 13.50
CA ALA A 121 6.71 0.20 13.87
C ALA A 121 8.21 -0.15 13.71
N THR A 122 8.59 -1.39 14.05
CA THR A 122 9.96 -1.92 13.86
C THR A 122 10.31 -1.98 12.36
N LEU A 123 9.42 -2.52 11.53
CA LEU A 123 9.60 -2.57 10.07
C LEU A 123 9.63 -1.16 9.44
N ALA A 124 8.76 -0.25 9.88
CA ALA A 124 8.79 1.15 9.41
C ALA A 124 10.12 1.83 9.74
N LYS A 125 10.65 1.67 10.96
CA LYS A 125 11.98 2.15 11.34
C LYS A 125 13.10 1.51 10.52
N LYS A 126 13.10 0.18 10.33
CA LYS A 126 14.09 -0.53 9.49
C LYS A 126 14.14 0.05 8.08
N CYS A 127 12.99 0.13 7.39
CA CYS A 127 12.91 0.65 6.02
C CYS A 127 13.29 2.15 5.93
N ALA A 128 12.90 2.99 6.88
CA ALA A 128 13.23 4.42 6.90
C ALA A 128 14.70 4.71 7.26
N ASN A 129 15.28 3.95 8.19
CA ASN A 129 16.69 4.11 8.60
C ASN A 129 17.65 3.55 7.53
N ASP A 130 17.31 2.44 6.88
CA ASP A 130 18.08 1.92 5.74
C ASP A 130 18.05 2.90 4.54
N MET A 131 16.93 3.58 4.32
CA MET A 131 16.79 4.63 3.29
C MET A 131 17.81 5.76 3.45
N GLU A 132 17.89 6.41 4.63
CA GLU A 132 18.90 7.46 4.82
C GLU A 132 20.35 6.93 4.90
N ALA A 133 20.55 5.74 5.48
CA ALA A 133 21.88 5.12 5.56
C ALA A 133 22.48 4.82 4.18
N PHE A 134 21.67 4.40 3.22
CA PHE A 134 22.09 4.24 1.82
C PHE A 134 22.15 5.59 1.08
N ALA A 135 21.21 6.51 1.32
CA ALA A 135 21.22 7.84 0.70
C ALA A 135 22.53 8.63 0.95
N LYS A 136 23.16 8.44 2.11
CA LYS A 136 24.50 8.98 2.44
C LYS A 136 25.65 8.53 1.51
N LYS A 137 25.44 7.53 0.64
CA LYS A 137 26.34 7.14 -0.46
C LYS A 137 26.18 8.00 -1.73
N MET A 138 25.06 8.72 -1.85
CA MET A 138 24.62 9.44 -3.05
C MET A 138 24.55 10.96 -2.80
N VAL A 139 24.04 11.35 -1.64
CA VAL A 139 24.11 12.71 -1.05
C VAL A 139 25.55 13.01 -0.62
N GLU A 140 25.92 14.29 -0.54
CA GLU A 140 27.27 14.77 -0.17
C GLU A 140 27.20 15.83 0.95
N ILE A 141 28.35 16.21 1.52
CA ILE A 141 28.46 17.16 2.66
C ILE A 141 27.76 18.49 2.34
N GLY A 142 26.77 18.86 3.18
CA GLY A 142 25.93 20.05 3.05
C GLY A 142 24.75 20.04 4.01
N ASN B 1 -25.97 -1.96 0.23
CA ASN B 1 -25.57 -2.49 1.56
C ASN B 1 -26.54 -2.10 2.69
N LEU B 2 -27.87 -2.18 2.45
CA LEU B 2 -28.99 -1.88 3.37
C LEU B 2 -28.80 -0.66 4.31
N SER B 3 -28.14 0.39 3.82
CA SER B 3 -27.69 1.59 4.56
C SER B 3 -26.75 1.35 5.77
N ILE B 4 -26.36 0.10 6.07
CA ILE B 4 -25.48 -0.26 7.18
C ILE B 4 -24.04 0.29 6.99
N GLY B 5 -23.63 0.49 5.74
CA GLY B 5 -22.32 1.07 5.38
C GLY B 5 -22.24 2.60 5.44
N ASP B 6 -23.33 3.31 5.79
CA ASP B 6 -23.40 4.77 5.84
C ASP B 6 -24.33 5.28 6.96
N THR B 7 -23.82 5.26 8.20
CA THR B 7 -24.55 5.58 9.43
C THR B 7 -24.00 6.83 10.16
N THR B 8 -23.14 7.61 9.48
CA THR B 8 -22.41 8.79 9.99
C THR B 8 -21.76 8.59 11.38
N SER B 9 -21.19 7.41 11.61
CA SER B 9 -20.46 7.02 12.83
C SER B 9 -19.17 7.83 13.09
N ILE B 10 -18.75 8.69 12.17
CA ILE B 10 -17.52 9.51 12.23
C ILE B 10 -17.41 10.42 13.48
N ILE B 11 -18.52 10.70 14.18
CA ILE B 11 -18.52 11.39 15.49
C ILE B 11 -17.71 10.58 16.53
N GLN B 12 -17.80 9.24 16.49
CA GLN B 12 -17.03 8.34 17.37
C GLN B 12 -15.55 8.23 16.96
N LEU B 13 -15.23 8.38 15.67
CA LEU B 13 -13.85 8.42 15.18
C LEU B 13 -13.10 9.69 15.61
N PHE B 14 -13.82 10.80 15.87
CA PHE B 14 -13.23 12.07 16.31
C PHE B 14 -13.55 12.34 17.80
N LYS B 15 -12.87 11.58 18.67
CA LYS B 15 -13.10 11.56 20.13
C LYS B 15 -11.81 11.73 20.97
N ASN B 16 -10.81 12.41 20.40
CA ASN B 16 -9.53 12.77 21.02
C ASN B 16 -8.57 11.58 21.34
N PHE B 17 -8.83 10.39 20.76
CA PHE B 17 -8.03 9.17 20.96
C PHE B 17 -7.59 8.48 19.65
N THR B 18 -8.14 8.86 18.49
CA THR B 18 -7.80 8.30 17.18
C THR B 18 -8.06 9.30 16.04
N GLY B 19 -7.66 8.94 14.81
CA GLY B 19 -7.78 9.77 13.61
C GLY B 19 -6.94 9.23 12.43
N PRO B 20 -7.17 7.97 11.97
CA PRO B 20 -6.37 7.37 10.90
C PRO B 20 -6.58 8.09 9.55
N PRO B 21 -5.60 8.02 8.62
CA PRO B 21 -5.69 8.72 7.33
C PRO B 21 -6.75 8.10 6.41
N SER B 22 -7.17 8.87 5.40
CA SER B 22 -8.15 8.43 4.38
C SER B 22 -7.73 7.14 3.66
N VAL B 23 -6.43 6.93 3.46
CA VAL B 23 -5.86 5.71 2.84
C VAL B 23 -6.04 4.45 3.70
N ALA B 24 -6.14 4.58 5.03
CA ALA B 24 -6.35 3.46 5.94
C ALA B 24 -7.83 3.02 5.99
N THR B 25 -8.77 3.96 6.12
CA THR B 25 -10.21 3.66 6.17
C THR B 25 -10.73 3.03 4.86
N PHE B 26 -10.13 3.37 3.70
CA PHE B 26 -10.38 2.68 2.43
C PHE B 26 -10.14 1.16 2.52
N ILE B 27 -9.03 0.75 3.13
CA ILE B 27 -8.61 -0.66 3.25
C ILE B 27 -9.56 -1.41 4.22
N SER B 28 -9.93 -0.79 5.34
CA SER B 28 -10.95 -1.32 6.26
C SER B 28 -12.32 -1.49 5.60
N ASN B 29 -12.74 -0.51 4.77
CA ASN B 29 -13.93 -0.63 3.93
C ASN B 29 -13.80 -1.83 2.97
N PHE B 30 -12.67 -1.94 2.27
CA PHE B 30 -12.41 -3.03 1.32
C PHE B 30 -12.57 -4.41 1.97
N HIS B 31 -12.03 -4.63 3.18
CA HIS B 31 -12.23 -5.88 3.93
C HIS B 31 -13.72 -6.20 4.16
N SER B 32 -14.49 -5.22 4.64
CA SER B 32 -15.93 -5.38 4.90
C SER B 32 -16.72 -5.68 3.62
N ILE B 33 -16.42 -4.97 2.53
CA ILE B 33 -17.02 -5.19 1.21
C ILE B 33 -16.69 -6.60 0.68
N VAL B 34 -15.43 -7.03 0.76
CA VAL B 34 -14.99 -8.38 0.33
C VAL B 34 -15.70 -9.48 1.13
N GLN B 35 -15.89 -9.31 2.43
CA GLN B 35 -16.60 -10.26 3.31
C GLN B 35 -18.10 -10.37 2.96
N SER B 36 -18.78 -9.24 2.70
CA SER B 36 -20.21 -9.21 2.37
C SER B 36 -20.54 -9.73 0.97
N SER B 37 -19.71 -9.42 -0.04
CA SER B 37 -19.93 -9.83 -1.43
C SER B 37 -19.40 -11.24 -1.70
N LYS B 38 -20.29 -12.25 -1.68
CA LYS B 38 -19.95 -13.67 -1.96
C LYS B 38 -19.12 -13.84 -3.24
N THR B 39 -19.46 -13.12 -4.31
CA THR B 39 -18.79 -13.23 -5.63
C THR B 39 -17.34 -12.74 -5.63
N LEU B 40 -16.97 -11.80 -4.75
CA LEU B 40 -15.56 -11.43 -4.50
C LEU B 40 -14.80 -12.64 -3.93
N LEU B 41 -15.32 -13.22 -2.86
CA LEU B 41 -14.71 -14.37 -2.19
C LEU B 41 -14.67 -15.62 -3.07
N ASN B 42 -15.68 -15.82 -3.93
CA ASN B 42 -15.74 -16.92 -4.90
C ASN B 42 -14.61 -16.86 -5.95
N LEU B 43 -14.08 -15.67 -6.25
CA LEU B 43 -12.87 -15.50 -7.07
C LEU B 43 -11.66 -16.11 -6.35
N PHE B 44 -11.40 -15.68 -5.11
CA PHE B 44 -10.24 -16.15 -4.33
C PHE B 44 -10.36 -17.61 -3.86
N ASP B 45 -11.58 -18.17 -3.77
CA ASP B 45 -11.83 -19.57 -3.44
C ASP B 45 -11.20 -20.56 -4.45
N VAL B 46 -10.99 -20.16 -5.71
CA VAL B 46 -10.38 -20.98 -6.76
C VAL B 46 -8.84 -20.86 -6.80
N ALA B 47 -8.22 -20.23 -5.80
CA ALA B 47 -6.77 -20.01 -5.66
C ALA B 47 -5.87 -21.26 -5.85
N GLU B 48 -6.40 -22.47 -5.62
CA GLU B 48 -5.71 -23.74 -5.89
C GLU B 48 -5.45 -24.02 -7.40
N GLU B 49 -6.12 -23.30 -8.31
CA GLU B 49 -6.00 -23.45 -9.77
C GLU B 49 -4.95 -22.48 -10.38
N ASN B 50 -5.00 -22.20 -11.69
CA ASN B 50 -4.00 -21.39 -12.40
C ASN B 50 -3.91 -19.94 -11.84
N PRO B 51 -2.74 -19.51 -11.33
CA PRO B 51 -2.56 -18.16 -10.77
C PRO B 51 -2.52 -17.05 -11.85
N LEU B 52 -2.17 -17.43 -13.09
CA LEU B 52 -2.17 -16.53 -14.26
C LEU B 52 -3.55 -15.90 -14.52
N GLU B 53 -4.64 -16.62 -14.23
CA GLU B 53 -6.00 -16.10 -14.38
C GLU B 53 -6.23 -14.86 -13.52
N PHE B 54 -5.77 -14.87 -12.28
CA PHE B 54 -5.83 -13.72 -11.38
C PHE B 54 -4.94 -12.58 -11.86
N ALA B 55 -3.69 -12.89 -12.26
CA ALA B 55 -2.74 -11.90 -12.74
C ALA B 55 -3.25 -11.15 -13.98
N LYS B 56 -3.73 -11.87 -14.99
CA LYS B 56 -4.31 -11.30 -16.22
C LYS B 56 -5.62 -10.55 -15.95
N CYS B 57 -6.49 -11.09 -15.09
CA CYS B 57 -7.71 -10.43 -14.64
C CYS B 57 -7.39 -9.07 -14.01
N MET B 58 -6.50 -9.04 -13.00
CA MET B 58 -6.11 -7.80 -12.32
C MET B 58 -5.40 -6.81 -13.26
N TYR B 59 -4.52 -7.27 -14.16
CA TYR B 59 -3.85 -6.38 -15.11
C TYR B 59 -4.84 -5.66 -16.04
N GLU B 60 -5.72 -6.41 -16.72
CA GLU B 60 -6.76 -5.82 -17.60
C GLU B 60 -7.78 -4.98 -16.83
N LEU B 61 -8.18 -5.42 -15.63
CA LEU B 61 -9.08 -4.69 -14.75
C LEU B 61 -8.52 -3.32 -14.37
N VAL B 62 -7.34 -3.29 -13.75
CA VAL B 62 -6.73 -2.04 -13.24
C VAL B 62 -6.42 -1.06 -14.37
N LEU B 63 -6.07 -1.55 -15.57
CA LEU B 63 -5.85 -0.71 -16.75
C LEU B 63 -7.04 0.23 -17.02
N LYS B 64 -8.27 -0.31 -17.08
CA LYS B 64 -9.49 0.48 -17.28
C LYS B 64 -10.05 1.11 -16.00
N SER B 65 -9.91 0.47 -14.83
CA SER B 65 -10.34 1.04 -13.55
C SER B 65 -9.58 2.33 -13.21
N ALA B 66 -8.24 2.33 -13.27
CA ALA B 66 -7.44 3.51 -12.97
C ALA B 66 -7.66 4.65 -14.00
N ASN B 67 -7.88 4.32 -15.28
CA ASN B 67 -8.33 5.30 -16.28
C ASN B 67 -9.71 5.89 -15.94
N SER B 68 -10.66 5.06 -15.50
CA SER B 68 -12.02 5.48 -15.11
C SER B 68 -12.04 6.36 -13.84
N LEU B 69 -11.20 6.03 -12.85
CA LEU B 69 -10.94 6.87 -11.67
C LEU B 69 -10.10 8.14 -12.00
N GLY B 70 -9.58 8.27 -13.23
CA GLY B 70 -8.91 9.47 -13.73
C GLY B 70 -7.44 9.63 -13.30
N VAL B 71 -6.80 8.55 -12.82
CA VAL B 71 -5.43 8.54 -12.27
C VAL B 71 -4.40 8.99 -13.31
N LEU B 72 -3.36 9.70 -12.86
CA LEU B 72 -2.31 10.30 -13.71
C LEU B 72 -1.52 9.28 -14.57
N ASN B 73 -1.29 8.08 -14.03
CA ASN B 73 -0.41 7.05 -14.61
C ASN B 73 -1.01 5.64 -14.37
N PRO B 74 -2.11 5.28 -15.05
CA PRO B 74 -2.89 4.05 -14.78
C PRO B 74 -2.10 2.75 -15.02
N HIS B 75 -1.08 2.78 -15.89
CA HIS B 75 -0.13 1.69 -16.09
C HIS B 75 0.59 1.27 -14.80
N LEU B 76 0.96 2.21 -13.91
CA LEU B 76 1.76 1.88 -12.72
C LEU B 76 1.04 0.89 -11.80
N ILE B 77 -0.25 1.13 -11.54
CA ILE B 77 -1.04 0.34 -10.60
C ILE B 77 -1.29 -1.05 -11.19
N ALA B 78 -1.59 -1.11 -12.50
CA ALA B 78 -1.78 -2.37 -13.21
C ALA B 78 -0.50 -3.22 -13.23
N ASN B 79 0.64 -2.63 -13.60
CA ASN B 79 1.95 -3.28 -13.63
C ASN B 79 2.38 -3.79 -12.24
N ASN B 80 2.23 -2.95 -11.21
CA ASN B 80 2.55 -3.29 -9.83
C ASN B 80 1.71 -4.46 -9.31
N ILE B 81 0.38 -4.37 -9.43
CA ILE B 81 -0.52 -5.45 -9.00
C ILE B 81 -0.26 -6.73 -9.80
N TYR B 82 -0.07 -6.65 -11.12
CA TYR B 82 0.27 -7.80 -11.97
C TYR B 82 1.52 -8.55 -11.48
N GLN B 83 2.64 -7.84 -11.29
CA GLN B 83 3.87 -8.42 -10.73
C GLN B 83 3.67 -8.97 -9.31
N SER B 84 2.89 -8.30 -8.47
CA SER B 84 2.63 -8.75 -7.09
C SER B 84 1.75 -10.00 -7.02
N VAL B 85 0.76 -10.13 -7.91
CA VAL B 85 -0.14 -11.30 -7.99
C VAL B 85 0.62 -12.56 -8.42
N VAL B 86 1.60 -12.46 -9.32
CA VAL B 86 2.53 -13.58 -9.65
C VAL B 86 3.67 -13.76 -8.63
N SER B 87 3.59 -13.09 -7.47
CA SER B 87 4.65 -13.04 -6.44
C SER B 87 4.14 -13.22 -5.00
N ASN B 88 2.92 -13.75 -4.80
CA ASN B 88 2.37 -14.09 -3.47
C ASN B 88 1.77 -15.52 -3.41
N LEU B 89 2.32 -16.43 -4.21
CA LEU B 89 1.87 -17.82 -4.39
C LEU B 89 1.77 -18.64 -3.09
N ASP B 90 2.53 -18.28 -2.05
CA ASP B 90 2.51 -18.96 -0.74
C ASP B 90 1.42 -18.43 0.22
N ILE B 91 0.69 -17.36 -0.17
CA ILE B 91 -0.29 -16.63 0.67
C ILE B 91 -1.51 -16.16 -0.17
N LEU B 92 -2.01 -17.03 -1.07
CA LEU B 92 -3.19 -16.78 -1.92
C LEU B 92 -4.54 -16.72 -1.15
N HIS B 93 -4.52 -16.33 0.14
CA HIS B 93 -5.68 -16.08 0.99
C HIS B 93 -6.63 -15.03 0.37
N SER B 94 -7.93 -15.08 0.68
CA SER B 94 -8.94 -14.11 0.25
C SER B 94 -8.58 -12.66 0.58
N SER B 95 -8.31 -12.36 1.85
CA SER B 95 -7.89 -11.02 2.30
C SER B 95 -6.50 -10.63 1.79
N ALA B 96 -5.59 -11.58 1.63
CA ALA B 96 -4.21 -11.34 1.17
C ALA B 96 -4.14 -11.00 -0.33
N MET B 97 -4.86 -11.72 -1.18
CA MET B 97 -4.99 -11.46 -2.62
C MET B 97 -5.54 -10.05 -2.88
N VAL B 98 -6.61 -9.67 -2.17
CA VAL B 98 -7.19 -8.33 -2.31
C VAL B 98 -6.36 -7.24 -1.62
N ASN B 99 -5.53 -7.56 -0.62
CA ASN B 99 -4.71 -6.57 0.09
C ASN B 99 -3.76 -5.82 -0.85
N LEU B 100 -3.11 -6.56 -1.78
CA LEU B 100 -2.24 -5.98 -2.81
C LEU B 100 -3.00 -5.03 -3.72
N TYR B 101 -4.14 -5.49 -4.25
CA TYR B 101 -5.02 -4.67 -5.10
C TYR B 101 -5.46 -3.39 -4.37
N ALA B 102 -6.06 -3.54 -3.19
CA ALA B 102 -6.62 -2.46 -2.40
C ALA B 102 -5.56 -1.44 -1.96
N ASN B 103 -4.46 -1.88 -1.34
CA ASN B 103 -3.45 -0.97 -0.78
C ASN B 103 -2.62 -0.26 -1.87
N ALA B 104 -2.31 -0.92 -2.99
CA ALA B 104 -1.67 -0.26 -4.14
C ALA B 104 -2.60 0.80 -4.77
N MET B 105 -3.88 0.49 -4.96
CA MET B 105 -4.88 1.44 -5.45
C MET B 105 -5.03 2.62 -4.47
N ALA B 106 -5.16 2.34 -3.16
CA ALA B 106 -5.33 3.34 -2.11
C ALA B 106 -4.18 4.37 -2.10
N GLY B 107 -2.92 3.91 -2.11
CA GLY B 107 -1.74 4.78 -2.16
C GLY B 107 -1.66 5.62 -3.44
N SER B 108 -1.95 5.02 -4.59
CA SER B 108 -1.97 5.71 -5.89
C SER B 108 -3.08 6.77 -6.01
N LEU B 109 -4.24 6.54 -5.38
CA LEU B 109 -5.31 7.54 -5.27
C LEU B 109 -4.92 8.66 -4.29
N PHE B 110 -4.42 8.31 -3.10
CA PHE B 110 -4.05 9.25 -2.03
C PHE B 110 -3.08 10.35 -2.49
N LEU B 111 -1.98 9.97 -3.16
CA LEU B 111 -0.92 10.91 -3.58
C LEU B 111 -1.42 12.03 -4.51
N GLU B 112 -2.48 11.77 -5.28
CA GLU B 112 -3.01 12.67 -6.31
C GLU B 112 -4.11 13.62 -5.77
N GLY B 113 -4.55 13.41 -4.52
CA GLY B 113 -5.61 14.20 -3.86
C GLY B 113 -7.02 13.59 -4.01
N ILE B 114 -7.15 12.55 -4.83
CA ILE B 114 -8.29 11.62 -4.83
C ILE B 114 -8.29 10.84 -3.50
N LEU B 115 -9.42 10.21 -3.16
CA LEU B 115 -9.63 9.37 -1.96
C LEU B 115 -9.62 10.21 -0.65
N ASN B 116 -10.74 10.10 0.09
CA ASN B 116 -11.08 10.97 1.24
C ASN B 116 -11.82 10.13 2.30
N SER B 117 -11.90 10.60 3.54
CA SER B 117 -12.36 9.82 4.72
C SER B 117 -13.77 9.22 4.63
N ASP B 118 -14.62 9.71 3.72
CA ASP B 118 -15.96 9.16 3.42
C ASP B 118 -16.09 8.67 1.96
N ASN B 119 -15.53 9.40 0.99
CA ASN B 119 -15.50 9.01 -0.43
C ASN B 119 -14.73 7.69 -0.67
N ALA B 120 -13.81 7.33 0.23
CA ALA B 120 -13.14 6.04 0.26
C ALA B 120 -14.09 4.83 0.23
N ALA B 121 -15.29 4.93 0.83
CA ALA B 121 -16.30 3.87 0.77
C ALA B 121 -16.84 3.68 -0.67
N THR B 122 -17.13 4.78 -1.38
CA THR B 122 -17.59 4.76 -2.79
C THR B 122 -16.51 4.18 -3.71
N LEU B 123 -15.26 4.64 -3.56
CA LEU B 123 -14.12 4.16 -4.35
C LEU B 123 -13.84 2.67 -4.07
N ALA B 124 -13.79 2.25 -2.81
CA ALA B 124 -13.60 0.85 -2.44
C ALA B 124 -14.73 -0.03 -3.00
N LYS B 125 -16.00 0.39 -2.92
CA LYS B 125 -17.13 -0.35 -3.49
C LYS B 125 -17.03 -0.53 -5.00
N LYS B 126 -16.82 0.53 -5.78
CA LYS B 126 -16.73 0.40 -7.25
C LYS B 126 -15.51 -0.42 -7.69
N CYS B 127 -14.35 -0.21 -7.05
CA CYS B 127 -13.14 -1.01 -7.29
C CYS B 127 -13.32 -2.50 -6.95
N ALA B 128 -13.96 -2.83 -5.82
CA ALA B 128 -14.27 -4.21 -5.44
C ALA B 128 -15.32 -4.85 -6.37
N ASN B 129 -16.44 -4.16 -6.62
CA ASN B 129 -17.52 -4.69 -7.46
C ASN B 129 -17.08 -4.94 -8.92
N ASP B 130 -16.15 -4.13 -9.44
CA ASP B 130 -15.57 -4.37 -10.77
C ASP B 130 -14.66 -5.64 -10.81
N MET B 131 -14.07 -6.06 -9.68
CA MET B 131 -13.30 -7.31 -9.58
C MET B 131 -14.17 -8.54 -9.84
N GLU B 132 -15.29 -8.71 -9.12
CA GLU B 132 -16.23 -9.81 -9.40
C GLU B 132 -16.92 -9.68 -10.75
N ALA B 133 -17.20 -8.45 -11.20
CA ALA B 133 -17.81 -8.21 -12.51
C ALA B 133 -16.90 -8.63 -13.68
N PHE B 134 -15.57 -8.58 -13.52
CA PHE B 134 -14.63 -9.06 -14.52
C PHE B 134 -14.28 -10.55 -14.36
N ALA B 135 -14.33 -11.09 -13.13
CA ALA B 135 -14.21 -12.54 -12.89
C ALA B 135 -15.33 -13.34 -13.57
N LYS B 136 -16.60 -12.96 -13.35
CA LYS B 136 -17.79 -13.58 -13.98
C LYS B 136 -17.89 -13.35 -15.50
N LYS B 137 -16.94 -12.58 -16.07
CA LYS B 137 -16.79 -12.28 -17.51
C LYS B 137 -15.69 -13.13 -18.18
N MET B 138 -15.02 -14.02 -17.43
CA MET B 138 -14.05 -15.00 -17.96
C MET B 138 -14.45 -16.48 -17.70
N VAL B 139 -15.39 -16.75 -16.78
CA VAL B 139 -15.96 -18.10 -16.58
C VAL B 139 -16.80 -18.56 -17.77
N GLU B 140 -17.01 -19.88 -17.90
CA GLU B 140 -17.90 -20.49 -18.90
C GLU B 140 -19.39 -20.16 -18.70
N ILE B 141 -20.22 -20.44 -19.72
CA ILE B 141 -21.66 -20.16 -19.77
C ILE B 141 -22.44 -21.49 -19.75
N GLY B 142 -23.55 -21.52 -19.00
CA GLY B 142 -24.43 -22.69 -18.83
C GLY B 142 -25.80 -22.34 -18.23
N ASN A 1 -3.86 19.26 -4.34
CA ASN A 1 -3.26 19.95 -3.17
C ASN A 1 -1.78 19.55 -2.89
N LEU A 2 -1.02 19.03 -3.87
CA LEU A 2 0.42 18.71 -3.82
C LEU A 2 0.92 18.00 -2.53
N SER A 3 0.12 17.10 -1.98
CA SER A 3 0.38 16.37 -0.72
C SER A 3 0.59 17.28 0.52
N ILE A 4 0.02 18.48 0.50
CA ILE A 4 0.00 19.44 1.63
C ILE A 4 -1.33 19.39 2.39
N GLY A 5 -2.42 18.95 1.74
CA GLY A 5 -3.77 18.89 2.34
C GLY A 5 -3.95 17.81 3.41
N ASP A 6 -3.22 16.71 3.30
CA ASP A 6 -3.17 15.61 4.27
C ASP A 6 -2.15 15.87 5.41
N THR A 7 -2.57 15.64 6.65
CA THR A 7 -1.75 15.75 7.87
C THR A 7 -2.26 14.77 8.94
N THR A 8 -1.75 13.54 8.91
CA THR A 8 -2.13 12.47 9.86
C THR A 8 -1.82 12.81 11.33
N SER A 9 -2.62 12.32 12.28
CA SER A 9 -2.51 12.59 13.73
C SER A 9 -1.83 11.49 14.55
N ILE A 10 -1.17 10.52 13.89
CA ILE A 10 -0.46 9.38 14.51
C ILE A 10 0.60 9.77 15.56
N ILE A 11 1.07 11.03 15.55
CA ILE A 11 1.99 11.61 16.54
C ILE A 11 1.41 11.52 17.96
N GLN A 12 0.08 11.67 18.10
CA GLN A 12 -0.63 11.51 19.37
C GLN A 12 -0.91 10.03 19.69
N LEU A 13 -1.31 9.24 18.68
CA LEU A 13 -1.62 7.80 18.83
C LEU A 13 -0.40 6.98 19.28
N PHE A 14 0.82 7.41 18.92
CA PHE A 14 2.09 6.79 19.30
C PHE A 14 2.23 6.53 20.82
N LYS A 15 1.62 7.38 21.67
CA LYS A 15 1.68 7.27 23.15
C LYS A 15 0.95 6.05 23.71
N ASN A 16 -0.03 5.50 22.99
CA ASN A 16 -0.78 4.30 23.39
C ASN A 16 -0.49 3.10 22.47
N PHE A 17 -0.11 3.34 21.20
CA PHE A 17 0.25 2.33 20.20
C PHE A 17 -0.84 1.26 19.95
N THR A 18 -2.12 1.59 20.23
CA THR A 18 -3.27 0.67 20.14
C THR A 18 -4.49 1.32 19.45
N GLY A 19 -5.17 0.56 18.59
CA GLY A 19 -6.29 1.00 17.76
C GLY A 19 -6.06 0.76 16.27
N PRO A 20 -5.04 1.39 15.63
CA PRO A 20 -4.72 1.16 14.22
C PRO A 20 -4.00 -0.20 14.02
N PRO A 21 -4.01 -0.76 12.79
CA PRO A 21 -3.44 -2.08 12.48
C PRO A 21 -1.91 -2.11 12.48
N SER A 22 -1.33 -3.32 12.48
CA SER A 22 0.12 -3.57 12.40
C SER A 22 0.80 -3.00 11.14
N VAL A 23 0.05 -2.80 10.04
CA VAL A 23 0.55 -2.11 8.84
C VAL A 23 0.67 -0.59 9.02
N ALA A 24 -0.17 0.01 9.85
CA ALA A 24 -0.14 1.45 10.11
C ALA A 24 1.14 1.87 10.84
N THR A 25 1.55 1.10 11.87
CA THR A 25 2.77 1.40 12.65
C THR A 25 4.06 1.31 11.82
N PHE A 26 4.06 0.66 10.65
CA PHE A 26 5.16 0.77 9.68
C PHE A 26 5.11 2.10 8.93
N ILE A 27 4.01 2.40 8.19
CA ILE A 27 3.93 3.58 7.33
C ILE A 27 4.02 4.90 8.12
N SER A 28 3.46 4.93 9.33
CA SER A 28 3.52 6.06 10.25
C SER A 28 4.94 6.33 10.75
N ASN A 29 5.68 5.29 11.16
CA ASN A 29 7.10 5.44 11.51
C ASN A 29 7.91 5.93 10.31
N PHE A 30 7.72 5.33 9.12
CA PHE A 30 8.46 5.73 7.91
C PHE A 30 8.29 7.23 7.61
N HIS A 31 7.06 7.75 7.60
CA HIS A 31 6.78 9.17 7.38
C HIS A 31 7.37 10.09 8.46
N SER A 32 7.27 9.71 9.74
CA SER A 32 7.89 10.48 10.83
C SER A 32 9.42 10.51 10.72
N ILE A 33 10.06 9.37 10.39
CA ILE A 33 11.51 9.29 10.17
C ILE A 33 11.95 10.23 9.03
N VAL A 34 11.21 10.28 7.93
CA VAL A 34 11.47 11.21 6.81
C VAL A 34 11.47 12.67 7.30
N GLN A 35 10.42 13.11 8.00
CA GLN A 35 10.35 14.46 8.58
C GLN A 35 11.45 14.75 9.64
N SER A 36 11.96 13.73 10.31
CA SER A 36 13.02 13.84 11.33
C SER A 36 14.46 13.70 10.79
N SER A 37 14.66 13.46 9.48
CA SER A 37 15.97 13.13 8.89
C SER A 37 16.26 13.96 7.64
N LYS A 38 17.11 14.99 7.78
CA LYS A 38 17.61 15.85 6.69
C LYS A 38 18.21 15.08 5.51
N THR A 39 18.80 13.91 5.77
CA THR A 39 19.45 13.06 4.75
C THR A 39 18.44 12.27 3.88
N LEU A 40 17.21 12.03 4.35
CA LEU A 40 16.08 11.60 3.49
C LEU A 40 15.73 12.73 2.51
N LEU A 41 15.44 13.92 3.06
CA LEU A 41 15.03 15.11 2.31
C LEU A 41 16.06 15.56 1.27
N ASN A 42 17.37 15.37 1.53
CA ASN A 42 18.44 15.70 0.59
C ASN A 42 18.29 15.04 -0.79
N LEU A 43 17.76 13.81 -0.86
CA LEU A 43 17.50 13.12 -2.13
C LEU A 43 16.34 13.80 -2.89
N PHE A 44 15.25 14.14 -2.19
CA PHE A 44 14.07 14.77 -2.77
C PHE A 44 14.31 16.24 -3.15
N ASP A 45 15.26 16.92 -2.49
CA ASP A 45 15.73 18.27 -2.83
C ASP A 45 16.36 18.34 -4.24
N VAL A 46 17.01 17.25 -4.68
CA VAL A 46 17.67 17.13 -6.00
C VAL A 46 16.86 16.31 -7.01
N ALA A 47 15.70 15.75 -6.62
CA ALA A 47 14.80 15.00 -7.50
C ALA A 47 14.22 15.81 -8.69
N GLU A 48 14.38 17.14 -8.70
CA GLU A 48 14.10 18.00 -9.87
C GLU A 48 15.07 17.73 -11.06
N GLU A 49 16.29 17.25 -10.78
CA GLU A 49 17.25 16.78 -11.79
C GLU A 49 16.90 15.37 -12.32
N ASN A 50 17.82 14.70 -13.04
CA ASN A 50 17.62 13.37 -13.67
C ASN A 50 16.86 12.37 -12.77
N PRO A 51 15.58 12.04 -13.08
CA PRO A 51 14.75 11.18 -12.24
C PRO A 51 15.20 9.71 -12.25
N LEU A 52 15.86 9.28 -13.32
CA LEU A 52 16.45 7.95 -13.47
C LEU A 52 17.45 7.62 -12.34
N GLU A 53 18.21 8.60 -11.87
CA GLU A 53 19.19 8.42 -10.78
C GLU A 53 18.50 8.03 -9.46
N PHE A 54 17.43 8.72 -9.10
CA PHE A 54 16.58 8.39 -7.94
C PHE A 54 15.88 7.03 -8.12
N ALA A 55 15.29 6.79 -9.29
CA ALA A 55 14.59 5.53 -9.59
C ALA A 55 15.53 4.30 -9.52
N LYS A 56 16.72 4.39 -10.12
CA LYS A 56 17.75 3.34 -10.08
C LYS A 56 18.36 3.18 -8.69
N CYS A 57 18.61 4.27 -7.96
CA CYS A 57 19.05 4.22 -6.56
C CYS A 57 18.08 3.41 -5.69
N MET A 58 16.78 3.70 -5.81
CA MET A 58 15.72 2.93 -5.14
C MET A 58 15.69 1.46 -5.58
N TYR A 59 15.69 1.18 -6.89
CA TYR A 59 15.64 -0.19 -7.41
C TYR A 59 16.83 -1.05 -6.95
N GLU A 60 18.06 -0.57 -7.12
CA GLU A 60 19.28 -1.30 -6.70
C GLU A 60 19.33 -1.51 -5.19
N LEU A 61 18.95 -0.51 -4.39
CA LEU A 61 18.86 -0.63 -2.94
C LEU A 61 17.86 -1.71 -2.52
N VAL A 62 16.61 -1.59 -2.98
CA VAL A 62 15.51 -2.50 -2.62
C VAL A 62 15.82 -3.94 -3.01
N LEU A 63 16.49 -4.18 -4.16
CA LEU A 63 16.91 -5.52 -4.57
C LEU A 63 17.75 -6.24 -3.50
N LYS A 64 18.80 -5.59 -2.97
CA LYS A 64 19.63 -6.18 -1.90
C LYS A 64 19.00 -6.10 -0.51
N SER A 65 18.24 -5.04 -0.19
CA SER A 65 17.50 -4.93 1.06
C SER A 65 16.49 -6.07 1.22
N ALA A 66 15.61 -6.29 0.24
CA ALA A 66 14.60 -7.35 0.28
C ALA A 66 15.21 -8.77 0.32
N ASN A 67 16.29 -9.01 -0.42
CA ASN A 67 17.07 -10.26 -0.30
C ASN A 67 17.62 -10.46 1.12
N SER A 68 18.18 -9.40 1.73
CA SER A 68 18.71 -9.43 3.11
C SER A 68 17.62 -9.62 4.17
N LEU A 69 16.42 -9.04 3.97
CA LEU A 69 15.22 -9.27 4.78
C LEU A 69 14.68 -10.73 4.67
N GLY A 70 15.14 -11.53 3.71
CA GLY A 70 14.69 -12.90 3.47
C GLY A 70 13.34 -12.99 2.75
N VAL A 71 12.98 -11.97 1.98
CA VAL A 71 11.72 -11.88 1.22
C VAL A 71 11.57 -13.04 0.22
N LEU A 72 10.33 -13.53 0.03
CA LEU A 72 9.97 -14.62 -0.89
C LEU A 72 10.30 -14.31 -2.37
N ASN A 73 9.91 -13.13 -2.84
CA ASN A 73 10.12 -12.64 -4.22
C ASN A 73 10.61 -11.16 -4.18
N PRO A 74 11.89 -10.91 -3.83
CA PRO A 74 12.40 -9.55 -3.55
C PRO A 74 12.31 -8.58 -4.74
N HIS A 75 12.31 -9.12 -5.96
CA HIS A 75 12.06 -8.36 -7.19
C HIS A 75 10.72 -7.61 -7.20
N LEU A 76 9.65 -8.16 -6.59
CA LEU A 76 8.31 -7.56 -6.64
C LEU A 76 8.30 -6.15 -6.03
N ILE A 77 8.96 -5.95 -4.88
CA ILE A 77 9.03 -4.67 -4.18
C ILE A 77 9.77 -3.64 -5.05
N ALA A 78 10.93 -4.02 -5.60
CA ALA A 78 11.73 -3.14 -6.46
C ALA A 78 10.98 -2.76 -7.76
N ASN A 79 10.30 -3.72 -8.38
CA ASN A 79 9.47 -3.48 -9.57
C ASN A 79 8.28 -2.55 -9.24
N ASN A 80 7.63 -2.72 -8.08
CA ASN A 80 6.54 -1.86 -7.63
C ASN A 80 7.01 -0.41 -7.48
N ILE A 81 8.11 -0.21 -6.74
CA ILE A 81 8.68 1.13 -6.48
C ILE A 81 9.21 1.78 -7.74
N TYR A 82 9.98 1.06 -8.58
CA TYR A 82 10.54 1.63 -9.81
C TYR A 82 9.44 2.09 -10.79
N GLN A 83 8.41 1.25 -11.01
CA GLN A 83 7.27 1.63 -11.85
C GLN A 83 6.43 2.74 -11.23
N SER A 84 6.18 2.73 -9.92
CA SER A 84 5.41 3.80 -9.28
C SER A 84 6.17 5.13 -9.27
N VAL A 85 7.49 5.13 -9.05
CA VAL A 85 8.37 6.31 -9.16
C VAL A 85 8.32 6.91 -10.55
N VAL A 86 8.63 6.16 -11.61
CA VAL A 86 8.66 6.67 -13.00
C VAL A 86 7.27 7.11 -13.50
N SER A 87 6.21 6.69 -12.82
CA SER A 87 4.81 6.99 -13.17
C SER A 87 4.19 8.17 -12.40
N ASN A 88 4.42 8.28 -11.08
CA ASN A 88 3.95 9.41 -10.25
C ASN A 88 4.91 10.62 -10.30
N LEU A 89 5.83 10.62 -11.25
CA LEU A 89 6.89 11.60 -11.52
C LEU A 89 6.41 13.07 -11.71
N ASP A 90 5.11 13.31 -11.84
CA ASP A 90 4.51 14.65 -11.82
C ASP A 90 4.60 15.35 -10.45
N ILE A 91 4.83 14.59 -9.36
CA ILE A 91 4.81 15.04 -7.96
C ILE A 91 6.04 14.53 -7.17
N LEU A 92 7.22 14.98 -7.57
CA LEU A 92 8.54 14.67 -6.98
C LEU A 92 8.78 15.27 -5.55
N HIS A 93 7.71 15.59 -4.82
CA HIS A 93 7.77 16.32 -3.54
C HIS A 93 8.32 15.46 -2.37
N SER A 94 8.90 16.09 -1.35
CA SER A 94 9.60 15.41 -0.24
C SER A 94 8.74 14.41 0.54
N SER A 95 7.44 14.67 0.70
CA SER A 95 6.45 13.71 1.25
C SER A 95 5.91 12.77 0.17
N ALA A 96 5.59 13.29 -1.01
CA ALA A 96 5.01 12.53 -2.12
C ALA A 96 5.88 11.34 -2.58
N MET A 97 7.20 11.53 -2.63
CA MET A 97 8.18 10.49 -3.01
C MET A 97 8.20 9.29 -2.05
N VAL A 98 7.74 9.46 -0.80
CA VAL A 98 7.75 8.41 0.23
C VAL A 98 6.36 7.91 0.59
N ASN A 99 5.28 8.65 0.31
CA ASN A 99 3.91 8.14 0.48
C ASN A 99 3.67 6.85 -0.32
N LEU A 100 4.08 6.81 -1.59
CA LEU A 100 3.90 5.64 -2.44
C LEU A 100 4.85 4.50 -2.03
N TYR A 101 6.12 4.80 -1.72
CA TYR A 101 7.09 3.81 -1.22
C TYR A 101 6.62 3.18 0.10
N ALA A 102 6.17 3.96 1.08
CA ALA A 102 5.68 3.48 2.36
C ALA A 102 4.54 2.47 2.19
N ASN A 103 3.46 2.83 1.46
CA ASN A 103 2.38 1.89 1.18
C ASN A 103 2.87 0.68 0.36
N ALA A 104 3.59 0.87 -0.75
CA ALA A 104 4.05 -0.23 -1.61
C ALA A 104 4.92 -1.27 -0.87
N MET A 105 5.86 -0.80 -0.04
CA MET A 105 6.66 -1.63 0.86
C MET A 105 5.79 -2.34 1.91
N ALA A 106 4.89 -1.62 2.58
CA ALA A 106 4.05 -2.15 3.66
C ALA A 106 3.14 -3.30 3.20
N GLY A 107 2.44 -3.12 2.06
CA GLY A 107 1.56 -4.15 1.51
C GLY A 107 2.31 -5.38 1.01
N SER A 108 3.48 -5.18 0.39
CA SER A 108 4.39 -6.26 0.00
C SER A 108 4.83 -7.10 1.23
N LEU A 109 5.36 -6.43 2.27
CA LEU A 109 5.77 -7.06 3.55
C LEU A 109 4.63 -7.81 4.24
N PHE A 110 3.39 -7.33 4.12
CA PHE A 110 2.18 -7.94 4.68
C PHE A 110 2.00 -9.38 4.17
N LEU A 111 2.04 -9.61 2.86
CA LEU A 111 1.85 -10.95 2.27
C LEU A 111 3.11 -11.83 2.29
N GLU A 112 4.28 -11.23 2.49
CA GLU A 112 5.56 -11.93 2.61
C GLU A 112 5.75 -12.63 3.98
N GLY A 113 4.79 -12.50 4.91
CA GLY A 113 4.83 -13.13 6.23
C GLY A 113 5.70 -12.37 7.24
N ILE A 114 5.80 -11.04 7.08
CA ILE A 114 6.64 -10.13 7.89
C ILE A 114 5.75 -9.00 8.46
N LEU A 115 6.30 -7.86 8.87
CA LEU A 115 5.53 -6.66 9.30
C LEU A 115 4.57 -6.96 10.49
N ASN A 116 5.10 -7.65 11.51
CA ASN A 116 4.43 -7.87 12.80
C ASN A 116 4.19 -6.53 13.55
N SER A 117 3.30 -6.53 14.56
CA SER A 117 2.86 -5.32 15.28
C SER A 117 3.96 -4.43 15.86
N ASP A 118 5.09 -5.01 16.27
CA ASP A 118 6.28 -4.31 16.79
C ASP A 118 7.42 -4.24 15.76
N ASN A 119 7.65 -5.32 15.00
CA ASN A 119 8.63 -5.39 13.92
C ASN A 119 8.36 -4.35 12.82
N ALA A 120 7.12 -3.91 12.65
CA ALA A 120 6.72 -2.79 11.79
C ALA A 120 7.57 -1.52 11.98
N ALA A 121 7.87 -1.13 13.23
CA ALA A 121 8.75 0.00 13.53
C ALA A 121 10.22 -0.29 13.16
N THR A 122 10.69 -1.51 13.39
CA THR A 122 12.04 -1.98 13.02
C THR A 122 12.25 -1.97 11.51
N LEU A 123 11.31 -2.54 10.73
CA LEU A 123 11.34 -2.53 9.27
C LEU A 123 11.24 -1.11 8.70
N ALA A 124 10.41 -0.25 9.28
CA ALA A 124 10.30 1.16 8.87
C ALA A 124 11.65 1.89 9.06
N LYS A 125 12.30 1.73 10.22
CA LYS A 125 13.67 2.23 10.46
C LYS A 125 14.68 1.63 9.50
N LYS A 126 14.70 0.31 9.27
CA LYS A 126 15.60 -0.35 8.32
C LYS A 126 15.49 0.27 6.92
N CYS A 127 14.30 0.26 6.33
CA CYS A 127 14.08 0.80 4.98
C CYS A 127 14.39 2.30 4.87
N ALA A 128 13.96 3.13 5.83
CA ALA A 128 14.23 4.57 5.82
C ALA A 128 15.71 4.91 6.03
N ASN A 129 16.39 4.25 6.98
CA ASN A 129 17.82 4.47 7.23
C ASN A 129 18.68 3.94 6.07
N ASP A 130 18.32 2.80 5.47
CA ASP A 130 18.97 2.28 4.26
C ASP A 130 18.82 3.25 3.07
N MET A 131 17.65 3.89 2.93
CA MET A 131 17.39 4.89 1.89
C MET A 131 18.37 6.06 1.94
N GLU A 132 18.51 6.75 3.08
CA GLU A 132 19.52 7.81 3.21
C GLU A 132 20.97 7.28 3.17
N ALA A 133 21.23 6.08 3.69
CA ALA A 133 22.56 5.46 3.65
C ALA A 133 23.05 5.13 2.23
N PHE A 134 22.15 5.05 1.24
CA PHE A 134 22.50 4.88 -0.18
C PHE A 134 22.32 6.18 -0.98
N ALA A 135 21.44 7.10 -0.55
CA ALA A 135 21.37 8.46 -1.09
C ALA A 135 22.69 9.22 -0.91
N LYS A 136 23.34 9.12 0.27
CA LYS A 136 24.62 9.81 0.55
C LYS A 136 25.77 9.43 -0.40
N LYS A 137 25.71 8.25 -1.03
CA LYS A 137 26.64 7.77 -2.06
C LYS A 137 26.35 8.35 -3.46
N MET A 138 25.09 8.68 -3.74
CA MET A 138 24.61 9.19 -5.04
C MET A 138 24.58 10.72 -5.11
N VAL A 139 24.29 11.41 -4.01
CA VAL A 139 24.33 12.88 -3.90
C VAL A 139 25.77 13.40 -4.02
N GLU A 140 25.99 14.38 -4.91
CA GLU A 140 27.30 14.99 -5.18
C GLU A 140 27.77 15.95 -4.05
N ILE A 141 29.01 16.44 -4.15
CA ILE A 141 29.61 17.47 -3.27
C ILE A 141 28.71 18.73 -3.22
N GLY A 142 28.49 19.28 -2.02
CA GLY A 142 27.69 20.49 -1.76
C GLY A 142 27.66 20.88 -0.29
N ASN B 1 -15.14 -3.89 36.52
CA ASN B 1 -15.32 -2.47 36.11
C ASN B 1 -16.65 -2.15 35.42
N LEU B 2 -17.36 -3.11 34.78
CA LEU B 2 -18.65 -2.97 34.07
C LEU B 2 -18.56 -2.14 32.77
N SER B 3 -18.16 -0.86 32.85
CA SER B 3 -18.05 0.08 31.73
C SER B 3 -16.71 -0.03 30.95
N ILE B 4 -16.17 -1.25 30.82
CA ILE B 4 -14.86 -1.56 30.20
C ILE B 4 -14.69 -1.15 28.72
N GLY B 5 -15.74 -0.67 28.05
CA GLY B 5 -15.67 -0.03 26.72
C GLY B 5 -15.03 1.37 26.72
N ASP B 6 -14.75 1.95 27.90
CA ASP B 6 -14.03 3.23 28.08
C ASP B 6 -12.52 3.14 27.73
N THR B 7 -12.22 3.02 26.43
CA THR B 7 -10.85 2.87 25.86
C THR B 7 -10.52 3.90 24.78
N THR B 8 -11.40 4.86 24.53
CA THR B 8 -11.31 5.87 23.44
C THR B 8 -11.79 7.24 23.92
N SER B 9 -11.11 8.31 23.52
CA SER B 9 -11.35 9.71 23.95
C SER B 9 -11.41 10.73 22.81
N ILE B 10 -11.46 10.26 21.55
CA ILE B 10 -11.50 11.10 20.33
C ILE B 10 -12.63 12.14 20.30
N ILE B 11 -13.70 11.96 21.09
CA ILE B 11 -14.82 12.90 21.26
C ILE B 11 -14.32 14.31 21.61
N GLN B 12 -13.27 14.41 22.45
CA GLN B 12 -12.67 15.70 22.84
C GLN B 12 -11.77 16.27 21.74
N LEU B 13 -10.95 15.41 21.11
CA LEU B 13 -10.06 15.79 20.00
C LEU B 13 -10.83 16.23 18.73
N PHE B 14 -12.07 15.78 18.56
CA PHE B 14 -12.97 16.09 17.44
C PHE B 14 -13.17 17.60 17.19
N LYS B 15 -12.94 18.45 18.20
CA LYS B 15 -12.99 19.92 18.07
C LYS B 15 -12.05 20.45 16.97
N ASN B 16 -10.76 20.04 16.99
CA ASN B 16 -9.71 20.55 16.09
C ASN B 16 -8.33 19.82 16.20
N PHE B 17 -8.28 18.58 16.71
CA PHE B 17 -7.02 17.85 16.96
C PHE B 17 -6.93 16.46 16.31
N THR B 18 -8.03 15.73 16.07
CA THR B 18 -8.00 14.46 15.34
C THR B 18 -7.69 14.65 13.84
N GLY B 19 -7.06 13.64 13.24
CA GLY B 19 -6.72 13.57 11.82
C GLY B 19 -6.36 12.14 11.38
N PRO B 20 -7.26 11.14 11.56
CA PRO B 20 -6.97 9.74 11.26
C PRO B 20 -6.68 9.51 9.76
N PRO B 21 -5.92 8.44 9.40
CA PRO B 21 -5.49 8.18 8.03
C PRO B 21 -6.66 7.84 7.09
N SER B 22 -7.06 8.80 6.25
CA SER B 22 -8.05 8.65 5.19
C SER B 22 -7.69 7.61 4.13
N VAL B 23 -6.42 7.21 4.03
CA VAL B 23 -5.94 6.12 3.17
C VAL B 23 -6.21 4.73 3.76
N ALA B 24 -6.18 4.57 5.09
CA ALA B 24 -6.36 3.27 5.75
C ALA B 24 -7.81 2.74 5.62
N THR B 25 -8.81 3.63 5.67
CA THR B 25 -10.22 3.23 5.58
C THR B 25 -10.58 2.60 4.23
N PHE B 26 -9.93 2.94 3.12
CA PHE B 26 -10.10 2.25 1.83
C PHE B 26 -9.69 0.77 1.94
N ILE B 27 -8.52 0.51 2.53
CA ILE B 27 -7.93 -0.83 2.69
C ILE B 27 -8.83 -1.68 3.61
N SER B 28 -9.28 -1.11 4.73
CA SER B 28 -10.23 -1.76 5.64
C SER B 28 -11.62 -1.99 5.02
N ASN B 29 -12.13 -1.04 4.23
CA ASN B 29 -13.39 -1.20 3.48
C ASN B 29 -13.30 -2.37 2.50
N PHE B 30 -12.18 -2.53 1.77
CA PHE B 30 -12.02 -3.62 0.81
C PHE B 30 -12.24 -5.00 1.44
N HIS B 31 -11.73 -5.23 2.66
CA HIS B 31 -11.99 -6.46 3.44
C HIS B 31 -13.48 -6.65 3.75
N SER B 32 -14.17 -5.59 4.20
CA SER B 32 -15.63 -5.62 4.45
C SER B 32 -16.44 -5.89 3.18
N ILE B 33 -16.08 -5.27 2.05
CA ILE B 33 -16.77 -5.41 0.77
C ILE B 33 -16.62 -6.83 0.22
N VAL B 34 -15.45 -7.47 0.39
CA VAL B 34 -15.26 -8.91 0.11
C VAL B 34 -16.27 -9.75 0.90
N GLN B 35 -16.39 -9.53 2.22
CA GLN B 35 -17.34 -10.26 3.07
C GLN B 35 -18.81 -10.02 2.68
N SER B 36 -19.16 -8.80 2.24
CA SER B 36 -20.53 -8.41 1.84
C SER B 36 -21.01 -8.97 0.49
N SER B 37 -20.11 -9.50 -0.36
CA SER B 37 -20.41 -9.87 -1.75
C SER B 37 -19.85 -11.25 -2.11
N LYS B 38 -20.69 -12.29 -2.05
CA LYS B 38 -20.32 -13.71 -2.27
C LYS B 38 -19.46 -13.95 -3.52
N THR B 39 -19.79 -13.32 -4.64
CA THR B 39 -19.05 -13.45 -5.92
C THR B 39 -17.57 -13.04 -5.81
N LEU B 40 -17.24 -12.12 -4.89
CA LEU B 40 -15.88 -11.70 -4.58
C LEU B 40 -15.09 -12.79 -3.84
N LEU B 41 -15.69 -13.43 -2.82
CA LEU B 41 -15.11 -14.61 -2.16
C LEU B 41 -14.95 -15.79 -3.13
N ASN B 42 -15.93 -15.99 -4.03
CA ASN B 42 -15.97 -17.09 -4.99
C ASN B 42 -14.73 -17.11 -5.92
N LEU B 43 -14.19 -15.93 -6.26
CA LEU B 43 -12.91 -15.76 -6.97
C LEU B 43 -11.75 -16.40 -6.18
N PHE B 44 -11.63 -16.06 -4.89
CA PHE B 44 -10.55 -16.56 -4.04
C PHE B 44 -10.72 -18.03 -3.61
N ASP B 45 -11.97 -18.52 -3.58
CA ASP B 45 -12.30 -19.94 -3.38
C ASP B 45 -11.72 -20.86 -4.50
N VAL B 46 -11.36 -20.28 -5.67
CA VAL B 46 -10.69 -20.98 -6.78
C VAL B 46 -9.26 -20.46 -7.05
N ALA B 47 -8.69 -19.64 -6.16
CA ALA B 47 -7.33 -19.11 -6.32
C ALA B 47 -6.22 -20.19 -6.33
N GLU B 48 -6.53 -21.43 -5.91
CA GLU B 48 -5.66 -22.61 -6.07
C GLU B 48 -5.53 -23.12 -7.53
N GLU B 49 -6.36 -22.61 -8.46
CA GLU B 49 -6.25 -22.84 -9.91
C GLU B 49 -5.17 -21.96 -10.57
N ASN B 50 -5.12 -21.89 -11.91
CA ASN B 50 -4.11 -21.14 -12.69
C ASN B 50 -3.93 -19.67 -12.22
N PRO B 51 -2.77 -19.28 -11.67
CA PRO B 51 -2.56 -17.96 -11.08
C PRO B 51 -2.52 -16.82 -12.11
N LEU B 52 -2.12 -17.14 -13.35
CA LEU B 52 -2.09 -16.22 -14.48
C LEU B 52 -3.48 -15.62 -14.78
N GLU B 53 -4.56 -16.38 -14.59
CA GLU B 53 -5.93 -15.90 -14.83
C GLU B 53 -6.26 -14.68 -13.95
N PHE B 54 -5.95 -14.76 -12.65
CA PHE B 54 -6.21 -13.69 -11.69
C PHE B 54 -5.29 -12.49 -11.95
N ALA B 55 -3.99 -12.74 -12.18
CA ALA B 55 -3.02 -11.69 -12.48
C ALA B 55 -3.39 -10.90 -13.75
N LYS B 56 -3.64 -11.60 -14.86
CA LYS B 56 -4.00 -11.00 -16.16
C LYS B 56 -5.36 -10.28 -16.11
N CYS B 57 -6.34 -10.85 -15.41
CA CYS B 57 -7.61 -10.20 -15.08
C CYS B 57 -7.37 -8.87 -14.35
N MET B 58 -6.63 -8.89 -13.22
CA MET B 58 -6.33 -7.69 -12.45
C MET B 58 -5.58 -6.62 -13.26
N TYR B 59 -4.58 -6.99 -14.06
CA TYR B 59 -3.88 -6.04 -14.94
C TYR B 59 -4.84 -5.33 -15.90
N GLU B 60 -5.62 -6.09 -16.68
CA GLU B 60 -6.50 -5.54 -17.70
C GLU B 60 -7.68 -4.75 -17.10
N LEU B 61 -8.19 -5.20 -15.96
CA LEU B 61 -9.26 -4.53 -15.21
C LEU B 61 -8.78 -3.21 -14.57
N VAL B 62 -7.61 -3.21 -13.93
CA VAL B 62 -7.04 -1.98 -13.34
C VAL B 62 -6.70 -0.96 -14.42
N LEU B 63 -6.29 -1.40 -15.62
CA LEU B 63 -6.11 -0.52 -16.79
C LEU B 63 -7.37 0.32 -17.09
N LYS B 64 -8.56 -0.29 -17.15
CA LYS B 64 -9.83 0.45 -17.34
C LYS B 64 -10.28 1.20 -16.08
N SER B 65 -10.10 0.60 -14.89
CA SER B 65 -10.57 1.15 -13.61
C SER B 65 -9.85 2.46 -13.27
N ALA B 66 -8.52 2.46 -13.25
CA ALA B 66 -7.74 3.65 -12.92
C ALA B 66 -7.84 4.75 -14.01
N ASN B 67 -8.11 4.40 -15.27
CA ASN B 67 -8.51 5.38 -16.30
C ASN B 67 -9.88 6.03 -15.96
N SER B 68 -10.86 5.25 -15.51
CA SER B 68 -12.18 5.74 -15.08
C SER B 68 -12.09 6.65 -13.83
N LEU B 69 -11.22 6.32 -12.86
CA LEU B 69 -10.88 7.18 -11.72
C LEU B 69 -9.99 8.40 -12.11
N GLY B 70 -9.51 8.49 -13.36
CA GLY B 70 -8.79 9.66 -13.90
C GLY B 70 -7.35 9.81 -13.42
N VAL B 71 -6.69 8.70 -13.07
CA VAL B 71 -5.36 8.71 -12.40
C VAL B 71 -4.23 9.25 -13.30
N LEU B 72 -3.21 9.88 -12.68
CA LEU B 72 -1.99 10.42 -13.33
C LEU B 72 -1.29 9.39 -14.25
N ASN B 73 -1.20 8.14 -13.78
CA ASN B 73 -0.66 7.00 -14.54
C ASN B 73 -1.37 5.70 -14.12
N PRO B 74 -2.47 5.30 -14.80
CA PRO B 74 -3.25 4.12 -14.43
C PRO B 74 -2.45 2.80 -14.60
N HIS B 75 -1.49 2.79 -15.53
CA HIS B 75 -0.56 1.69 -15.75
C HIS B 75 0.27 1.32 -14.51
N LEU B 76 0.64 2.28 -13.64
CA LEU B 76 1.44 1.98 -12.44
C LEU B 76 0.73 1.01 -11.50
N ILE B 77 -0.59 1.21 -11.32
CA ILE B 77 -1.44 0.41 -10.45
C ILE B 77 -1.61 -1.00 -11.06
N ALA B 78 -1.82 -1.08 -12.38
CA ALA B 78 -1.93 -2.37 -13.06
C ALA B 78 -0.63 -3.17 -12.99
N ASN B 79 0.52 -2.53 -13.26
CA ASN B 79 1.83 -3.17 -13.27
C ASN B 79 2.25 -3.62 -11.86
N ASN B 80 2.09 -2.79 -10.82
CA ASN B 80 2.49 -3.16 -9.46
C ASN B 80 1.58 -4.24 -8.85
N ILE B 81 0.27 -4.22 -9.12
CA ILE B 81 -0.64 -5.31 -8.74
C ILE B 81 -0.27 -6.61 -9.48
N TYR B 82 -0.08 -6.57 -10.81
CA TYR B 82 0.29 -7.77 -11.59
C TYR B 82 1.57 -8.46 -11.06
N GLN B 83 2.65 -7.69 -10.91
CA GLN B 83 3.93 -8.21 -10.43
C GLN B 83 3.88 -8.70 -8.98
N SER B 84 3.10 -8.05 -8.12
CA SER B 84 2.88 -8.53 -6.74
C SER B 84 2.06 -9.81 -6.71
N VAL B 85 0.92 -9.85 -7.40
CA VAL B 85 0.00 -11.00 -7.45
C VAL B 85 0.71 -12.28 -7.87
N VAL B 86 1.49 -12.24 -8.96
CA VAL B 86 2.23 -13.42 -9.46
C VAL B 86 3.41 -13.83 -8.55
N SER B 87 3.82 -12.97 -7.62
CA SER B 87 4.98 -13.15 -6.73
C SER B 87 4.63 -13.52 -5.28
N ASN B 88 3.51 -13.03 -4.75
CA ASN B 88 3.02 -13.32 -3.38
C ASN B 88 2.17 -14.61 -3.30
N LEU B 89 2.38 -15.53 -4.25
CA LEU B 89 1.70 -16.82 -4.40
C LEU B 89 1.77 -17.78 -3.18
N ASP B 90 2.62 -17.49 -2.20
CA ASP B 90 2.74 -18.27 -0.96
C ASP B 90 1.43 -18.34 -0.14
N ILE B 91 0.60 -17.30 -0.19
CA ILE B 91 -0.70 -17.21 0.52
C ILE B 91 -1.79 -16.50 -0.31
N LEU B 92 -2.43 -17.23 -1.23
CA LEU B 92 -3.56 -16.74 -2.04
C LEU B 92 -4.90 -16.62 -1.27
N HIS B 93 -4.85 -16.27 0.02
CA HIS B 93 -6.00 -16.15 0.93
C HIS B 93 -7.02 -15.08 0.47
N SER B 94 -8.29 -15.23 0.86
CA SER B 94 -9.37 -14.31 0.45
C SER B 94 -9.14 -12.84 0.86
N SER B 95 -8.66 -12.61 2.08
CA SER B 95 -8.21 -11.29 2.55
C SER B 95 -6.84 -10.89 2.01
N ALA B 96 -5.94 -11.86 1.76
CA ALA B 96 -4.59 -11.61 1.28
C ALA B 96 -4.56 -11.06 -0.17
N MET B 97 -5.27 -11.70 -1.11
CA MET B 97 -5.30 -11.28 -2.52
C MET B 97 -5.76 -9.83 -2.68
N VAL B 98 -6.72 -9.37 -1.87
CA VAL B 98 -7.17 -7.98 -1.87
C VAL B 98 -6.29 -7.03 -1.06
N ASN B 99 -5.48 -7.52 -0.11
CA ASN B 99 -4.65 -6.67 0.75
C ASN B 99 -3.69 -5.81 -0.10
N LEU B 100 -2.93 -6.45 -0.99
CA LEU B 100 -2.00 -5.77 -1.90
C LEU B 100 -2.71 -4.96 -2.98
N TYR B 101 -3.80 -5.47 -3.57
CA TYR B 101 -4.64 -4.73 -4.51
C TYR B 101 -5.12 -3.40 -3.88
N ALA B 102 -5.74 -3.50 -2.70
CA ALA B 102 -6.32 -2.38 -1.99
C ALA B 102 -5.25 -1.39 -1.50
N ASN B 103 -4.16 -1.87 -0.92
CA ASN B 103 -3.05 -1.03 -0.47
C ASN B 103 -2.37 -0.26 -1.63
N ALA B 104 -2.07 -0.95 -2.73
CA ALA B 104 -1.44 -0.33 -3.90
C ALA B 104 -2.34 0.75 -4.52
N MET B 105 -3.63 0.46 -4.67
CA MET B 105 -4.62 1.41 -5.18
C MET B 105 -4.89 2.56 -4.19
N ALA B 106 -4.95 2.30 -2.89
CA ALA B 106 -5.08 3.36 -1.87
C ALA B 106 -3.91 4.34 -1.92
N GLY B 107 -2.66 3.85 -1.92
CA GLY B 107 -1.45 4.67 -1.93
C GLY B 107 -1.32 5.59 -3.16
N SER B 108 -1.69 5.09 -4.34
CA SER B 108 -1.66 5.86 -5.60
C SER B 108 -2.81 6.87 -5.72
N LEU B 109 -4.05 6.47 -5.41
CA LEU B 109 -5.22 7.36 -5.43
C LEU B 109 -5.11 8.50 -4.40
N PHE B 110 -4.53 8.22 -3.23
CA PHE B 110 -4.19 9.22 -2.19
C PHE B 110 -3.28 10.32 -2.75
N LEU B 111 -2.22 9.92 -3.47
CA LEU B 111 -1.23 10.83 -4.04
C LEU B 111 -1.75 11.63 -5.25
N GLU B 112 -2.61 11.03 -6.07
CA GLU B 112 -3.24 11.69 -7.22
C GLU B 112 -4.08 12.90 -6.78
N GLY B 113 -4.99 12.72 -5.81
CA GLY B 113 -5.83 13.80 -5.26
C GLY B 113 -7.29 13.40 -4.93
N ILE B 114 -7.76 12.24 -5.39
CA ILE B 114 -9.05 11.65 -4.95
C ILE B 114 -8.91 11.03 -3.54
N LEU B 115 -9.76 10.05 -3.17
CA LEU B 115 -9.62 9.20 -1.98
C LEU B 115 -9.69 9.98 -0.64
N ASN B 116 -10.83 10.65 -0.43
CA ASN B 116 -11.15 11.43 0.76
C ASN B 116 -11.68 10.54 1.91
N SER B 117 -11.80 11.09 3.13
CA SER B 117 -12.13 10.35 4.37
C SER B 117 -13.45 9.56 4.36
N ASP B 118 -14.40 9.86 3.47
CA ASP B 118 -15.63 9.09 3.24
C ASP B 118 -15.75 8.56 1.80
N ASN B 119 -15.27 9.32 0.80
CA ASN B 119 -15.20 8.93 -0.60
C ASN B 119 -14.35 7.65 -0.81
N ALA B 120 -13.36 7.40 0.05
CA ALA B 120 -12.59 6.15 0.10
C ALA B 120 -13.46 4.88 0.14
N ALA B 121 -14.61 4.89 0.81
CA ALA B 121 -15.55 3.77 0.80
C ALA B 121 -16.21 3.56 -0.58
N THR B 122 -16.57 4.65 -1.27
CA THR B 122 -17.11 4.63 -2.64
C THR B 122 -16.08 4.12 -3.65
N LEU B 123 -14.84 4.62 -3.58
CA LEU B 123 -13.74 4.15 -4.43
C LEU B 123 -13.43 2.66 -4.16
N ALA B 124 -13.34 2.26 -2.89
CA ALA B 124 -13.15 0.85 -2.52
C ALA B 124 -14.27 -0.04 -3.09
N LYS B 125 -15.55 0.37 -2.97
CA LYS B 125 -16.68 -0.37 -3.56
C LYS B 125 -16.61 -0.49 -5.08
N LYS B 126 -16.38 0.60 -5.82
CA LYS B 126 -16.35 0.51 -7.30
C LYS B 126 -15.14 -0.26 -7.84
N CYS B 127 -13.99 -0.21 -7.17
CA CYS B 127 -12.83 -1.06 -7.48
C CYS B 127 -13.09 -2.56 -7.14
N ALA B 128 -13.63 -2.85 -5.96
CA ALA B 128 -13.92 -4.22 -5.51
C ALA B 128 -15.06 -4.88 -6.32
N ASN B 129 -16.17 -4.19 -6.52
CA ASN B 129 -17.31 -4.73 -7.29
C ASN B 129 -16.95 -5.00 -8.76
N ASP B 130 -16.02 -4.22 -9.34
CA ASP B 130 -15.47 -4.51 -10.67
C ASP B 130 -14.65 -5.81 -10.72
N MET B 131 -13.93 -6.16 -9.63
CA MET B 131 -13.15 -7.40 -9.53
C MET B 131 -14.03 -8.65 -9.65
N GLU B 132 -15.15 -8.72 -8.91
CA GLU B 132 -16.12 -9.81 -9.05
C GLU B 132 -16.92 -9.75 -10.37
N ALA B 133 -17.20 -8.55 -10.89
CA ALA B 133 -17.87 -8.37 -12.19
C ALA B 133 -17.05 -8.88 -13.39
N PHE B 134 -15.72 -9.02 -13.25
CA PHE B 134 -14.85 -9.64 -14.25
C PHE B 134 -14.55 -11.11 -13.93
N ALA B 135 -14.52 -11.51 -12.64
CA ALA B 135 -14.42 -12.92 -12.25
C ALA B 135 -15.55 -13.78 -12.84
N LYS B 136 -16.80 -13.29 -12.83
CA LYS B 136 -17.96 -13.96 -13.44
C LYS B 136 -17.91 -14.06 -14.98
N LYS B 137 -17.01 -13.33 -15.64
CA LYS B 137 -16.66 -13.47 -17.08
C LYS B 137 -15.51 -14.47 -17.30
N MET B 138 -14.53 -14.50 -16.40
CA MET B 138 -13.34 -15.37 -16.48
C MET B 138 -13.61 -16.83 -16.08
N VAL B 139 -14.55 -17.08 -15.15
CA VAL B 139 -14.96 -18.44 -14.74
C VAL B 139 -15.50 -19.26 -15.93
N GLU B 140 -15.34 -20.59 -15.89
CA GLU B 140 -15.84 -21.51 -16.92
C GLU B 140 -17.38 -21.44 -17.10
N ILE B 141 -17.86 -21.86 -18.28
CA ILE B 141 -19.26 -21.71 -18.71
C ILE B 141 -19.83 -23.09 -19.07
N GLY B 142 -20.92 -23.48 -18.40
CA GLY B 142 -21.61 -24.78 -18.55
C GLY B 142 -22.85 -24.92 -17.66
N ASN A 1 18.90 10.00 23.69
CA ASN A 1 17.80 10.60 22.90
C ASN A 1 17.24 11.86 23.58
N LEU A 2 18.02 12.96 23.58
CA LEU A 2 17.82 14.31 24.16
C LEU A 2 17.15 14.46 25.55
N SER A 3 15.93 13.95 25.74
CA SER A 3 15.12 14.07 26.97
C SER A 3 14.49 12.74 27.43
N ILE A 4 14.59 11.67 26.61
CA ILE A 4 14.10 10.29 26.82
C ILE A 4 12.56 10.15 26.89
N GLY A 5 11.88 11.02 27.64
CA GLY A 5 10.41 11.11 27.71
C GLY A 5 9.77 11.81 26.50
N ASP A 6 10.58 12.26 25.54
CA ASP A 6 10.16 12.87 24.27
C ASP A 6 10.84 12.12 23.10
N THR A 7 10.02 11.59 22.19
CA THR A 7 10.44 10.79 21.02
C THR A 7 9.74 11.25 19.73
N THR A 8 8.49 11.70 19.84
CA THR A 8 7.65 12.28 18.78
C THR A 8 6.73 13.35 19.39
N SER A 9 6.31 14.34 18.59
CA SER A 9 5.32 15.36 19.00
C SER A 9 3.92 14.79 19.28
N ILE A 10 2.96 15.65 19.62
CA ILE A 10 1.58 15.31 20.04
C ILE A 10 0.81 14.42 19.06
N ILE A 11 1.23 14.33 17.80
CA ILE A 11 0.72 13.42 16.78
C ILE A 11 0.66 11.97 17.29
N GLN A 12 1.71 11.51 17.99
CA GLN A 12 1.84 10.14 18.47
C GLN A 12 0.99 9.84 19.73
N LEU A 13 0.60 10.88 20.50
CA LEU A 13 -0.32 10.77 21.65
C LEU A 13 -1.75 10.35 21.28
N PHE A 14 -2.10 10.29 19.99
CA PHE A 14 -3.46 10.01 19.50
C PHE A 14 -3.62 8.58 18.92
N LYS A 15 -2.56 7.75 18.92
CA LYS A 15 -2.53 6.38 18.37
C LYS A 15 -2.94 5.29 19.40
N ASN A 16 -3.71 5.66 20.41
CA ASN A 16 -4.07 4.82 21.57
C ASN A 16 -5.57 4.84 21.94
N PHE A 17 -6.42 5.47 21.13
CA PHE A 17 -7.88 5.59 21.35
C PHE A 17 -8.74 4.72 20.40
N THR A 18 -8.15 4.26 19.29
CA THR A 18 -8.79 3.41 18.27
C THR A 18 -8.06 2.06 18.13
N GLY A 19 -8.64 1.15 17.34
CA GLY A 19 -8.09 -0.19 17.07
C GLY A 19 -7.85 -0.45 15.57
N PRO A 20 -6.97 0.34 14.90
CA PRO A 20 -6.69 0.19 13.47
C PRO A 20 -5.90 -1.12 13.18
N PRO A 21 -5.89 -1.59 11.91
CA PRO A 21 -5.21 -2.84 11.54
C PRO A 21 -3.68 -2.70 11.59
N SER A 22 -2.97 -3.83 11.68
CA SER A 22 -1.49 -3.89 11.73
C SER A 22 -0.80 -3.31 10.48
N VAL A 23 -1.50 -3.25 9.35
CA VAL A 23 -1.03 -2.56 8.13
C VAL A 23 -1.03 -1.03 8.30
N ALA A 24 -1.97 -0.48 9.08
CA ALA A 24 -2.08 0.95 9.35
C ALA A 24 -1.04 1.43 10.37
N THR A 25 -0.73 0.63 11.40
CA THR A 25 0.29 1.00 12.41
C THR A 25 1.70 1.13 11.81
N PHE A 26 2.06 0.39 10.76
CA PHE A 26 3.29 0.62 10.00
C PHE A 26 3.27 1.98 9.28
N ILE A 27 2.28 2.24 8.43
CA ILE A 27 2.26 3.47 7.60
C ILE A 27 2.15 4.74 8.45
N SER A 28 1.35 4.72 9.53
CA SER A 28 1.26 5.83 10.48
C SER A 28 2.60 6.12 11.17
N ASN A 29 3.36 5.08 11.56
CA ASN A 29 4.74 5.27 12.03
C ASN A 29 5.63 5.82 10.92
N PHE A 30 5.61 5.27 9.70
CA PHE A 30 6.47 5.72 8.60
C PHE A 30 6.30 7.22 8.26
N HIS A 31 5.07 7.68 8.06
CA HIS A 31 4.77 9.10 7.81
C HIS A 31 5.10 10.01 9.02
N SER A 32 4.92 9.51 10.25
CA SER A 32 5.31 10.24 11.47
C SER A 32 6.84 10.38 11.60
N ILE A 33 7.60 9.31 11.35
CA ILE A 33 9.08 9.31 11.33
C ILE A 33 9.59 10.29 10.26
N VAL A 34 8.99 10.29 9.06
CA VAL A 34 9.28 11.27 8.00
C VAL A 34 9.13 12.71 8.51
N GLN A 35 8.03 13.05 9.20
CA GLN A 35 7.87 14.38 9.81
C GLN A 35 8.86 14.68 10.95
N SER A 36 9.21 13.69 11.77
CA SER A 36 10.15 13.83 12.90
C SER A 36 11.63 13.97 12.50
N SER A 37 12.03 13.51 11.31
CA SER A 37 13.43 13.31 10.93
C SER A 37 13.79 14.07 9.65
N LYS A 38 14.46 15.23 9.84
CA LYS A 38 14.89 16.16 8.78
C LYS A 38 15.61 15.49 7.61
N THR A 39 16.37 14.43 7.85
CA THR A 39 17.14 13.69 6.83
C THR A 39 16.26 13.01 5.76
N LEU A 40 15.02 12.61 6.08
CA LEU A 40 14.04 12.16 5.07
C LEU A 40 13.64 13.32 4.16
N LEU A 41 13.21 14.44 4.76
CA LEU A 41 12.83 15.67 4.04
C LEU A 41 13.99 16.23 3.20
N ASN A 42 15.24 16.08 3.63
CA ASN A 42 16.42 16.51 2.88
C ASN A 42 16.55 15.82 1.51
N LEU A 43 16.11 14.55 1.40
CA LEU A 43 16.05 13.80 0.14
C LEU A 43 14.95 14.36 -0.79
N PHE A 44 13.78 14.68 -0.23
CA PHE A 44 12.63 15.17 -0.99
C PHE A 44 12.74 16.66 -1.35
N ASP A 45 13.48 17.45 -0.58
CA ASP A 45 13.83 18.86 -0.87
C ASP A 45 14.69 19.02 -2.14
N VAL A 46 15.42 17.98 -2.54
CA VAL A 46 16.20 17.93 -3.80
C VAL A 46 15.52 17.11 -4.90
N ALA A 47 14.26 16.72 -4.73
CA ALA A 47 13.53 15.90 -5.70
C ALA A 47 13.32 16.54 -7.10
N GLU A 48 13.56 17.86 -7.23
CA GLU A 48 13.60 18.55 -8.53
C GLU A 48 14.80 18.14 -9.41
N GLU A 49 15.85 17.57 -8.82
CA GLU A 49 16.99 16.94 -9.53
C GLU A 49 16.59 15.60 -10.20
N ASN A 50 17.53 14.97 -10.94
CA ASN A 50 17.34 13.74 -11.73
C ASN A 50 16.49 12.66 -11.03
N PRO A 51 15.22 12.44 -11.44
CA PRO A 51 14.28 11.61 -10.70
C PRO A 51 14.59 10.10 -10.75
N LEU A 52 15.35 9.66 -11.74
CA LEU A 52 15.88 8.29 -11.84
C LEU A 52 16.72 7.90 -10.61
N GLU A 53 17.45 8.85 -10.00
CA GLU A 53 18.28 8.60 -8.82
C GLU A 53 17.46 8.02 -7.67
N PHE A 54 16.27 8.57 -7.41
CA PHE A 54 15.39 8.13 -6.33
C PHE A 54 14.79 6.76 -6.62
N ALA A 55 14.24 6.55 -7.83
CA ALA A 55 13.69 5.27 -8.25
C ALA A 55 14.73 4.14 -8.19
N LYS A 56 15.93 4.36 -8.77
CA LYS A 56 17.03 3.36 -8.81
C LYS A 56 17.64 3.10 -7.43
N CYS A 57 17.77 4.14 -6.58
CA CYS A 57 18.12 4.00 -5.16
C CYS A 57 17.11 3.09 -4.44
N MET A 58 15.81 3.42 -4.52
CA MET A 58 14.75 2.65 -3.88
C MET A 58 14.68 1.20 -4.39
N TYR A 59 14.88 0.96 -5.70
CA TYR A 59 14.99 -0.40 -6.24
C TYR A 59 16.12 -1.20 -5.58
N GLU A 60 17.37 -0.71 -5.63
CA GLU A 60 18.52 -1.49 -5.15
C GLU A 60 18.58 -1.61 -3.62
N LEU A 61 18.11 -0.58 -2.90
CA LEU A 61 17.91 -0.61 -1.45
C LEU A 61 16.87 -1.65 -1.06
N VAL A 62 15.70 -1.64 -1.69
CA VAL A 62 14.64 -2.62 -1.39
C VAL A 62 15.05 -4.04 -1.78
N LEU A 63 15.86 -4.23 -2.84
CA LEU A 63 16.43 -5.53 -3.20
C LEU A 63 17.21 -6.16 -2.03
N LYS A 64 18.05 -5.39 -1.33
CA LYS A 64 18.79 -5.89 -0.14
C LYS A 64 17.93 -5.92 1.12
N SER A 65 17.08 -4.92 1.37
CA SER A 65 16.21 -4.86 2.55
C SER A 65 15.21 -6.01 2.58
N ALA A 66 14.52 -6.29 1.47
CA ALA A 66 13.55 -7.39 1.38
C ALA A 66 14.21 -8.77 1.58
N ASN A 67 15.40 -8.99 1.02
CA ASN A 67 16.20 -10.19 1.30
C ASN A 67 16.61 -10.29 2.78
N SER A 68 17.05 -9.17 3.39
CA SER A 68 17.44 -9.11 4.80
C SER A 68 16.28 -9.39 5.77
N LEU A 69 15.08 -8.87 5.47
CA LEU A 69 13.82 -9.16 6.18
C LEU A 69 13.24 -10.55 5.84
N GLY A 70 13.84 -11.29 4.91
CA GLY A 70 13.48 -12.67 4.57
C GLY A 70 12.22 -12.82 3.70
N VAL A 71 11.83 -11.76 2.97
CA VAL A 71 10.62 -11.69 2.12
C VAL A 71 10.55 -12.83 1.10
N LEU A 72 9.34 -13.34 0.85
CA LEU A 72 9.06 -14.50 0.00
C LEU A 72 9.48 -14.29 -1.47
N ASN A 73 9.19 -13.11 -2.03
CA ASN A 73 9.59 -12.68 -3.38
C ASN A 73 10.09 -11.21 -3.33
N PRO A 74 11.37 -10.96 -3.00
CA PRO A 74 11.88 -9.60 -2.71
C PRO A 74 11.82 -8.66 -3.93
N HIS A 75 11.90 -9.22 -5.14
CA HIS A 75 11.73 -8.51 -6.41
C HIS A 75 10.39 -7.75 -6.50
N LEU A 76 9.30 -8.29 -5.93
CA LEU A 76 7.97 -7.68 -6.03
C LEU A 76 7.95 -6.27 -5.41
N ILE A 77 8.61 -6.09 -4.26
CA ILE A 77 8.63 -4.82 -3.55
C ILE A 77 9.48 -3.79 -4.30
N ALA A 78 10.67 -4.19 -4.73
CA ALA A 78 11.58 -3.33 -5.48
C ALA A 78 10.97 -2.86 -6.80
N ASN A 79 10.33 -3.76 -7.56
CA ASN A 79 9.62 -3.40 -8.78
C ASN A 79 8.40 -2.52 -8.51
N ASN A 80 7.58 -2.83 -7.49
CA ASN A 80 6.42 -2.01 -7.12
C ASN A 80 6.82 -0.55 -6.84
N ILE A 81 7.85 -0.35 -6.03
CA ILE A 81 8.31 0.98 -5.63
C ILE A 81 9.02 1.67 -6.81
N TYR A 82 9.83 0.97 -7.60
CA TYR A 82 10.44 1.53 -8.83
C TYR A 82 9.39 2.01 -9.84
N GLN A 83 8.46 1.15 -10.24
CA GLN A 83 7.44 1.45 -11.26
C GLN A 83 6.47 2.56 -10.82
N SER A 84 6.12 2.62 -9.53
CA SER A 84 5.28 3.70 -9.00
C SER A 84 6.03 5.03 -8.87
N VAL A 85 7.24 5.04 -8.28
CA VAL A 85 8.04 6.26 -8.13
C VAL A 85 8.43 6.85 -9.49
N VAL A 86 8.83 6.03 -10.47
CA VAL A 86 9.14 6.48 -11.84
C VAL A 86 7.89 6.92 -12.64
N SER A 87 6.68 6.59 -12.16
CA SER A 87 5.42 7.05 -12.73
C SER A 87 4.94 8.39 -12.13
N ASN A 88 4.97 8.55 -10.80
CA ASN A 88 4.48 9.75 -10.10
C ASN A 88 5.50 10.92 -10.09
N LEU A 89 6.29 11.08 -11.15
CA LEU A 89 7.20 12.23 -11.37
C LEU A 89 6.50 13.59 -11.35
N ASP A 90 5.18 13.64 -11.59
CA ASP A 90 4.37 14.88 -11.47
C ASP A 90 4.07 15.27 -10.00
N ILE A 91 4.35 14.39 -9.03
CA ILE A 91 4.15 14.63 -7.58
C ILE A 91 5.24 13.92 -6.74
N LEU A 92 6.41 14.55 -6.71
CA LEU A 92 7.59 14.12 -5.93
C LEU A 92 7.61 14.73 -4.51
N HIS A 93 6.43 15.04 -3.96
CA HIS A 93 6.24 15.71 -2.66
C HIS A 93 6.77 14.91 -1.47
N SER A 94 7.05 15.57 -0.34
CA SER A 94 7.67 14.97 0.86
C SER A 94 6.88 13.83 1.51
N SER A 95 5.56 13.78 1.34
CA SER A 95 4.69 12.67 1.77
C SER A 95 4.20 11.80 0.59
N ALA A 96 4.35 12.26 -0.65
CA ALA A 96 4.00 11.52 -1.86
C ALA A 96 5.08 10.47 -2.23
N MET A 97 6.36 10.83 -2.08
CA MET A 97 7.52 9.93 -2.25
C MET A 97 7.45 8.69 -1.35
N VAL A 98 6.75 8.80 -0.22
CA VAL A 98 6.65 7.77 0.82
C VAL A 98 5.25 7.18 0.99
N ASN A 99 4.18 7.79 0.46
CA ASN A 99 2.85 7.17 0.37
C ASN A 99 2.89 5.83 -0.40
N LEU A 100 3.70 5.80 -1.47
CA LEU A 100 4.01 4.61 -2.26
C LEU A 100 4.81 3.59 -1.45
N TYR A 101 5.97 3.98 -0.91
CA TYR A 101 6.84 3.09 -0.12
C TYR A 101 6.06 2.49 1.05
N ALA A 102 5.36 3.31 1.83
CA ALA A 102 4.65 2.91 3.04
C ALA A 102 3.57 1.85 2.74
N ASN A 103 2.63 2.13 1.84
CA ASN A 103 1.58 1.17 1.49
C ASN A 103 2.11 -0.08 0.78
N ALA A 104 3.09 0.05 -0.13
CA ALA A 104 3.68 -1.10 -0.81
C ALA A 104 4.42 -2.03 0.16
N MET A 105 5.29 -1.48 1.02
CA MET A 105 6.07 -2.23 2.01
C MET A 105 5.17 -2.86 3.09
N ALA A 106 4.18 -2.12 3.61
CA ALA A 106 3.19 -2.67 4.53
C ALA A 106 2.36 -3.80 3.88
N GLY A 107 1.97 -3.63 2.61
CA GLY A 107 1.24 -4.64 1.85
C GLY A 107 2.04 -5.93 1.66
N SER A 108 3.32 -5.81 1.29
CA SER A 108 4.21 -6.95 0.98
C SER A 108 4.76 -7.68 2.21
N LEU A 109 5.10 -6.98 3.30
CA LEU A 109 5.53 -7.60 4.56
C LEU A 109 4.42 -8.46 5.21
N PHE A 110 3.15 -8.15 4.92
CA PHE A 110 2.00 -8.99 5.27
C PHE A 110 2.01 -10.38 4.57
N LEU A 111 2.70 -10.52 3.44
CA LEU A 111 2.61 -11.69 2.55
C LEU A 111 3.53 -12.84 2.98
N GLU A 112 4.74 -12.53 3.48
CA GLU A 112 5.63 -13.56 4.03
C GLU A 112 5.18 -13.97 5.44
N GLY A 113 4.75 -13.01 6.27
CA GLY A 113 4.19 -13.26 7.61
C GLY A 113 4.75 -12.38 8.75
N ILE A 114 5.20 -11.15 8.46
CA ILE A 114 5.72 -10.20 9.45
C ILE A 114 4.68 -9.08 9.69
N LEU A 115 5.10 -7.87 10.06
CA LEU A 115 4.24 -6.68 10.27
C LEU A 115 3.20 -6.85 11.38
N ASN A 116 3.56 -7.56 12.45
CA ASN A 116 2.71 -7.82 13.63
C ASN A 116 2.28 -6.50 14.33
N SER A 117 1.25 -6.55 15.16
CA SER A 117 0.52 -5.38 15.71
C SER A 117 1.39 -4.25 16.29
N ASP A 118 2.51 -4.59 16.95
CA ASP A 118 3.50 -3.66 17.51
C ASP A 118 4.84 -3.69 16.75
N ASN A 119 5.24 -4.86 16.22
CA ASN A 119 6.42 -5.03 15.36
C ASN A 119 6.37 -4.16 14.09
N ALA A 120 5.18 -3.80 13.62
CA ALA A 120 4.95 -2.81 12.57
C ALA A 120 5.68 -1.48 12.79
N ALA A 121 5.79 -0.99 14.04
CA ALA A 121 6.56 0.21 14.37
C ALA A 121 8.08 -0.02 14.22
N THR A 122 8.57 -1.20 14.59
CA THR A 122 9.98 -1.62 14.41
C THR A 122 10.34 -1.71 12.93
N LEU A 123 9.51 -2.36 12.12
CA LEU A 123 9.73 -2.45 10.66
C LEU A 123 9.63 -1.08 9.98
N ALA A 124 8.70 -0.21 10.41
CA ALA A 124 8.60 1.16 9.92
C ALA A 124 9.87 1.96 10.23
N LYS A 125 10.40 1.90 11.45
CA LYS A 125 11.70 2.48 11.81
C LYS A 125 12.84 1.91 11.00
N LYS A 126 12.96 0.58 10.84
CA LYS A 126 13.99 -0.06 10.02
C LYS A 126 14.01 0.50 8.59
N CYS A 127 12.88 0.44 7.89
CA CYS A 127 12.79 0.93 6.50
C CYS A 127 12.97 2.45 6.37
N ALA A 128 12.38 3.27 7.24
CA ALA A 128 12.53 4.73 7.20
C ALA A 128 13.96 5.19 7.56
N ASN A 129 14.63 4.54 8.52
CA ASN A 129 16.02 4.81 8.85
C ASN A 129 16.98 4.31 7.76
N ASP A 130 16.71 3.16 7.13
CA ASP A 130 17.49 2.68 5.99
C ASP A 130 17.37 3.62 4.76
N MET A 131 16.19 4.20 4.52
CA MET A 131 15.96 5.19 3.45
C MET A 131 16.92 6.39 3.57
N GLU A 132 17.02 7.02 4.75
CA GLU A 132 17.94 8.15 4.95
C GLU A 132 19.40 7.74 5.14
N ALA A 133 19.69 6.60 5.79
CA ALA A 133 21.04 6.09 5.96
C ALA A 133 21.70 5.72 4.63
N PHE A 134 20.93 5.18 3.67
CA PHE A 134 21.39 4.97 2.31
C PHE A 134 21.49 6.27 1.51
N ALA A 135 20.59 7.25 1.73
CA ALA A 135 20.61 8.54 1.03
C ALA A 135 21.95 9.30 1.14
N LYS A 136 22.71 9.15 2.24
CA LYS A 136 24.10 9.65 2.38
C LYS A 136 25.04 9.26 1.22
N LYS A 137 24.77 8.14 0.52
CA LYS A 137 25.53 7.65 -0.65
C LYS A 137 25.20 8.39 -1.96
N MET A 138 24.06 9.08 -2.02
CA MET A 138 23.52 9.74 -3.22
C MET A 138 23.47 11.27 -3.07
N VAL A 139 23.20 11.76 -1.86
CA VAL A 139 23.40 13.15 -1.42
C VAL A 139 24.90 13.49 -1.41
N GLU A 140 25.24 14.76 -1.63
CA GLU A 140 26.62 15.29 -1.62
C GLU A 140 26.66 16.74 -1.07
N ILE A 141 27.86 17.30 -0.87
CA ILE A 141 28.08 18.65 -0.32
C ILE A 141 27.37 19.71 -1.19
N GLY A 142 26.37 20.39 -0.63
CA GLY A 142 25.58 21.45 -1.27
C GLY A 142 24.10 21.09 -1.41
N ASN B 1 -28.13 -12.59 -2.60
CA ASN B 1 -29.03 -11.43 -2.36
C ASN B 1 -28.28 -10.08 -2.48
N LEU B 2 -27.52 -9.87 -3.57
CA LEU B 2 -26.70 -8.68 -3.90
C LEU B 2 -26.02 -7.94 -2.72
N SER B 3 -25.55 -8.67 -1.71
CA SER B 3 -24.99 -8.16 -0.44
C SER B 3 -25.91 -7.21 0.36
N ILE B 4 -27.21 -7.17 0.05
CA ILE B 4 -28.25 -6.43 0.81
C ILE B 4 -28.83 -7.29 1.94
N GLY B 5 -28.86 -8.62 1.76
CA GLY B 5 -29.46 -9.59 2.68
C GLY B 5 -28.66 -9.90 3.95
N ASP B 6 -27.53 -9.24 4.18
CA ASP B 6 -26.66 -9.42 5.35
C ASP B 6 -26.08 -8.09 5.87
N THR B 7 -26.51 -7.70 7.07
CA THR B 7 -26.11 -6.48 7.80
C THR B 7 -26.13 -6.77 9.31
N THR B 8 -24.95 -6.87 9.91
CA THR B 8 -24.81 -6.97 11.38
C THR B 8 -25.14 -5.63 12.09
N SER B 9 -25.10 -5.61 13.42
CA SER B 9 -25.37 -4.44 14.27
C SER B 9 -24.40 -3.27 14.06
N ILE B 10 -24.71 -2.11 14.68
CA ILE B 10 -23.96 -0.84 14.53
C ILE B 10 -22.47 -0.91 14.88
N ILE B 11 -22.01 -1.97 15.56
CA ILE B 11 -20.60 -2.24 15.87
C ILE B 11 -19.71 -2.12 14.62
N GLN B 12 -20.15 -2.69 13.48
CA GLN B 12 -19.34 -2.70 12.26
C GLN B 12 -19.27 -1.34 11.55
N LEU B 13 -20.20 -0.41 11.86
CA LEU B 13 -20.15 1.00 11.44
C LEU B 13 -19.28 1.82 12.41
N PHE B 14 -19.37 1.55 13.72
CA PHE B 14 -18.59 2.21 14.78
C PHE B 14 -17.09 1.89 14.73
N LYS B 15 -16.72 0.66 14.32
CA LYS B 15 -15.35 0.14 14.26
C LYS B 15 -14.35 0.96 13.41
N ASN B 16 -14.82 1.80 12.49
CA ASN B 16 -14.02 2.78 11.76
C ASN B 16 -14.87 4.02 11.42
N PHE B 17 -14.49 5.19 11.96
CA PHE B 17 -15.22 6.47 11.77
C PHE B 17 -14.31 7.70 11.89
N THR B 18 -13.52 7.80 12.97
CA THR B 18 -12.56 8.90 13.21
C THR B 18 -11.37 8.43 14.03
N GLY B 19 -10.18 8.97 13.76
CA GLY B 19 -8.89 8.58 14.36
C GLY B 19 -7.84 8.14 13.32
N PRO B 20 -8.05 7.03 12.59
CA PRO B 20 -7.16 6.60 11.51
C PRO B 20 -7.30 7.48 10.25
N PRO B 21 -6.30 7.48 9.34
CA PRO B 21 -6.31 8.29 8.13
C PRO B 21 -7.25 7.73 7.04
N SER B 22 -7.56 8.58 6.04
CA SER B 22 -8.37 8.23 4.84
C SER B 22 -7.87 6.95 4.14
N VAL B 23 -6.54 6.80 4.04
CA VAL B 23 -5.87 5.66 3.41
C VAL B 23 -6.08 4.33 4.13
N ALA B 24 -6.32 4.34 5.45
CA ALA B 24 -6.62 3.14 6.24
C ALA B 24 -8.09 2.73 6.10
N THR B 25 -9.04 3.68 6.19
CA THR B 25 -10.47 3.38 6.04
C THR B 25 -10.83 2.86 4.64
N PHE B 26 -10.11 3.25 3.58
CA PHE B 26 -10.22 2.62 2.25
C PHE B 26 -9.98 1.10 2.31
N ILE B 27 -8.88 0.66 2.92
CA ILE B 27 -8.51 -0.76 3.03
C ILE B 27 -9.55 -1.52 3.88
N SER B 28 -9.99 -0.94 5.00
CA SER B 28 -11.05 -1.52 5.85
C SER B 28 -12.40 -1.63 5.11
N ASN B 29 -12.76 -0.64 4.29
CA ASN B 29 -13.95 -0.72 3.42
C ASN B 29 -13.81 -1.82 2.37
N PHE B 30 -12.65 -1.94 1.70
CA PHE B 30 -12.41 -3.02 0.72
C PHE B 30 -12.59 -4.41 1.37
N HIS B 31 -12.03 -4.63 2.56
CA HIS B 31 -12.20 -5.86 3.34
C HIS B 31 -13.65 -6.11 3.79
N SER B 32 -14.35 -5.05 4.23
CA SER B 32 -15.78 -5.07 4.58
C SER B 32 -16.65 -5.53 3.39
N ILE B 33 -16.43 -4.97 2.20
CA ILE B 33 -17.14 -5.37 0.98
C ILE B 33 -16.79 -6.83 0.62
N VAL B 34 -15.50 -7.20 0.67
CA VAL B 34 -15.01 -8.56 0.39
C VAL B 34 -15.72 -9.64 1.20
N GLN B 35 -15.83 -9.49 2.52
CA GLN B 35 -16.43 -10.52 3.38
C GLN B 35 -17.97 -10.61 3.25
N SER B 36 -18.63 -9.57 2.76
CA SER B 36 -20.08 -9.55 2.50
C SER B 36 -20.43 -10.14 1.13
N SER B 37 -19.70 -9.74 0.08
CA SER B 37 -19.95 -10.12 -1.32
C SER B 37 -19.37 -11.49 -1.67
N LYS B 38 -20.19 -12.54 -1.64
CA LYS B 38 -19.82 -13.93 -1.97
C LYS B 38 -19.10 -14.05 -3.33
N THR B 39 -19.53 -13.30 -4.34
CA THR B 39 -18.90 -13.29 -5.69
C THR B 39 -17.46 -12.76 -5.67
N LEU B 40 -17.14 -11.84 -4.74
CA LEU B 40 -15.78 -11.37 -4.49
C LEU B 40 -14.92 -12.50 -3.89
N LEU B 41 -15.44 -13.16 -2.86
CA LEU B 41 -14.77 -14.27 -2.17
C LEU B 41 -14.58 -15.50 -3.07
N ASN B 42 -15.50 -15.75 -4.00
CA ASN B 42 -15.40 -16.82 -5.01
C ASN B 42 -14.13 -16.72 -5.87
N LEU B 43 -13.69 -15.51 -6.21
CA LEU B 43 -12.44 -15.26 -6.96
C LEU B 43 -11.22 -15.85 -6.19
N PHE B 44 -11.16 -15.60 -4.89
CA PHE B 44 -10.08 -16.06 -4.02
C PHE B 44 -10.27 -17.52 -3.54
N ASP B 45 -11.49 -18.06 -3.58
CA ASP B 45 -11.78 -19.46 -3.28
C ASP B 45 -11.24 -20.42 -4.36
N VAL B 46 -11.32 -20.04 -5.65
CA VAL B 46 -10.74 -20.81 -6.77
C VAL B 46 -9.21 -20.63 -6.93
N ALA B 47 -8.53 -20.01 -5.97
CA ALA B 47 -7.10 -19.72 -6.00
C ALA B 47 -6.17 -20.94 -6.26
N GLU B 48 -6.63 -22.17 -5.97
CA GLU B 48 -5.88 -23.39 -6.31
C GLU B 48 -5.75 -23.64 -7.83
N GLU B 49 -6.56 -22.99 -8.66
CA GLU B 49 -6.48 -23.03 -10.14
C GLU B 49 -5.37 -22.11 -10.69
N ASN B 50 -5.20 -22.10 -12.02
CA ASN B 50 -4.07 -21.46 -12.73
C ASN B 50 -3.88 -19.96 -12.36
N PRO B 51 -2.82 -19.56 -11.62
CA PRO B 51 -2.76 -18.26 -10.95
C PRO B 51 -2.61 -17.05 -11.90
N LEU B 52 -2.13 -17.27 -13.13
CA LEU B 52 -2.11 -16.27 -14.21
C LEU B 52 -3.49 -15.65 -14.49
N GLU B 53 -4.58 -16.42 -14.28
CA GLU B 53 -5.96 -15.93 -14.44
C GLU B 53 -6.21 -14.65 -13.63
N PHE B 54 -5.75 -14.64 -12.37
CA PHE B 54 -5.98 -13.55 -11.43
C PHE B 54 -5.08 -12.35 -11.74
N ALA B 55 -3.79 -12.58 -11.97
CA ALA B 55 -2.84 -11.53 -12.33
C ALA B 55 -3.24 -10.82 -13.64
N LYS B 56 -3.59 -11.57 -14.69
CA LYS B 56 -4.00 -11.02 -16.00
C LYS B 56 -5.36 -10.31 -15.93
N CYS B 57 -6.33 -10.87 -15.20
CA CYS B 57 -7.60 -10.21 -14.87
C CYS B 57 -7.34 -8.84 -14.22
N MET B 58 -6.57 -8.81 -13.13
CA MET B 58 -6.28 -7.59 -12.39
C MET B 58 -5.52 -6.55 -13.25
N TYR B 59 -4.55 -6.98 -14.07
CA TYR B 59 -3.86 -6.07 -15.00
C TYR B 59 -4.84 -5.35 -15.95
N GLU B 60 -5.65 -6.12 -16.70
CA GLU B 60 -6.59 -5.57 -17.69
C GLU B 60 -7.70 -4.72 -17.03
N LEU B 61 -8.22 -5.18 -15.89
CA LEU B 61 -9.25 -4.49 -15.13
C LEU B 61 -8.76 -3.15 -14.55
N VAL B 62 -7.55 -3.13 -13.99
CA VAL B 62 -6.94 -1.90 -13.45
C VAL B 62 -6.59 -0.93 -14.57
N LEU B 63 -6.19 -1.42 -15.76
CA LEU B 63 -5.96 -0.59 -16.94
C LEU B 63 -7.19 0.27 -17.30
N LYS B 64 -8.40 -0.32 -17.33
CA LYS B 64 -9.66 0.43 -17.55
C LYS B 64 -10.10 1.21 -16.31
N SER B 65 -9.99 0.63 -15.11
CA SER B 65 -10.48 1.21 -13.85
C SER B 65 -9.72 2.48 -13.47
N ALA B 66 -8.39 2.44 -13.41
CA ALA B 66 -7.57 3.60 -13.05
C ALA B 66 -7.76 4.77 -14.04
N ASN B 67 -7.88 4.48 -15.35
CA ASN B 67 -8.29 5.47 -16.35
C ASN B 67 -9.67 6.09 -16.05
N SER B 68 -10.67 5.25 -15.71
CA SER B 68 -12.03 5.71 -15.33
C SER B 68 -12.06 6.57 -14.05
N LEU B 69 -11.23 6.23 -13.05
CA LEU B 69 -11.04 7.04 -11.83
C LEU B 69 -10.28 8.37 -12.09
N GLY B 70 -9.67 8.54 -13.27
CA GLY B 70 -8.90 9.75 -13.63
C GLY B 70 -7.48 9.78 -13.05
N VAL B 71 -6.90 8.61 -12.76
CA VAL B 71 -5.52 8.44 -12.27
C VAL B 71 -4.50 9.01 -13.28
N LEU B 72 -3.40 9.60 -12.77
CA LEU B 72 -2.41 10.32 -13.58
C LEU B 72 -1.48 9.36 -14.36
N ASN B 73 -1.09 8.23 -13.76
CA ASN B 73 -0.31 7.15 -14.38
C ASN B 73 -0.99 5.76 -14.13
N PRO B 74 -2.10 5.44 -14.84
CA PRO B 74 -2.93 4.26 -14.55
C PRO B 74 -2.21 2.92 -14.75
N HIS B 75 -1.21 2.87 -15.65
CA HIS B 75 -0.34 1.69 -15.85
C HIS B 75 0.38 1.24 -14.57
N LEU B 76 0.76 2.17 -13.68
CA LEU B 76 1.57 1.85 -12.49
C LEU B 76 0.86 0.85 -11.57
N ILE B 77 -0.44 1.03 -11.32
CA ILE B 77 -1.23 0.18 -10.42
C ILE B 77 -1.44 -1.20 -11.06
N ALA B 78 -1.74 -1.23 -12.37
CA ALA B 78 -1.90 -2.48 -13.13
C ALA B 78 -0.60 -3.31 -13.13
N ASN B 79 0.54 -2.69 -13.43
CA ASN B 79 1.84 -3.35 -13.43
C ASN B 79 2.25 -3.81 -12.01
N ASN B 80 2.05 -2.97 -11.00
CA ASN B 80 2.33 -3.32 -9.60
C ASN B 80 1.50 -4.53 -9.15
N ILE B 81 0.16 -4.47 -9.29
CA ILE B 81 -0.71 -5.59 -8.90
C ILE B 81 -0.38 -6.86 -9.71
N TYR B 82 -0.10 -6.76 -11.01
CA TYR B 82 0.35 -7.90 -11.82
C TYR B 82 1.62 -8.55 -11.25
N GLN B 83 2.69 -7.76 -11.04
CA GLN B 83 3.98 -8.25 -10.53
C GLN B 83 3.93 -8.76 -9.09
N SER B 84 3.11 -8.16 -8.22
CA SER B 84 2.95 -8.59 -6.82
C SER B 84 2.06 -9.82 -6.70
N VAL B 85 0.95 -9.89 -7.43
CA VAL B 85 0.04 -11.05 -7.41
C VAL B 85 0.67 -12.28 -8.08
N VAL B 86 1.42 -12.12 -9.18
CA VAL B 86 2.21 -13.23 -9.77
C VAL B 86 3.41 -13.65 -8.89
N SER B 87 3.73 -12.87 -7.85
CA SER B 87 4.77 -13.18 -6.85
C SER B 87 4.23 -13.79 -5.55
N ASN B 88 2.98 -13.56 -5.16
CA ASN B 88 2.42 -13.95 -3.85
C ASN B 88 1.64 -15.29 -3.85
N LEU B 89 1.94 -16.17 -4.80
CA LEU B 89 1.31 -17.48 -5.00
C LEU B 89 1.28 -18.41 -3.76
N ASP B 90 2.14 -18.17 -2.77
CA ASP B 90 2.15 -18.90 -1.49
C ASP B 90 1.07 -18.42 -0.48
N ILE B 91 0.42 -17.27 -0.72
CA ILE B 91 -0.56 -16.62 0.17
C ILE B 91 -1.74 -16.00 -0.62
N LEU B 92 -2.36 -16.80 -1.49
CA LEU B 92 -3.57 -16.45 -2.25
C LEU B 92 -4.86 -16.39 -1.38
N HIS B 93 -4.73 -16.03 -0.11
CA HIS B 93 -5.78 -16.00 0.91
C HIS B 93 -6.86 -14.94 0.61
N SER B 94 -8.09 -15.14 1.12
CA SER B 94 -9.25 -14.27 0.87
C SER B 94 -9.06 -12.79 1.23
N SER B 95 -8.20 -12.49 2.21
CA SER B 95 -7.78 -11.13 2.55
C SER B 95 -6.41 -10.76 1.95
N ALA B 96 -5.42 -11.65 2.01
CA ALA B 96 -4.07 -11.39 1.51
C ALA B 96 -4.01 -11.08 -0.01
N MET B 97 -4.85 -11.74 -0.81
CA MET B 97 -4.92 -11.51 -2.26
C MET B 97 -5.53 -10.13 -2.61
N VAL B 98 -6.62 -9.72 -1.93
CA VAL B 98 -7.17 -8.37 -2.10
C VAL B 98 -6.27 -7.30 -1.48
N ASN B 99 -5.49 -7.61 -0.44
CA ASN B 99 -4.61 -6.66 0.24
C ASN B 99 -3.63 -5.97 -0.71
N LEU B 100 -3.13 -6.68 -1.73
CA LEU B 100 -2.28 -6.09 -2.77
C LEU B 100 -3.04 -5.09 -3.65
N TYR B 101 -4.24 -5.46 -4.12
CA TYR B 101 -5.12 -4.56 -4.88
C TYR B 101 -5.47 -3.31 -4.04
N ALA B 102 -5.86 -3.51 -2.79
CA ALA B 102 -6.22 -2.48 -1.84
C ALA B 102 -5.04 -1.55 -1.51
N ASN B 103 -3.89 -2.06 -1.07
CA ASN B 103 -2.72 -1.21 -0.73
C ASN B 103 -2.19 -0.43 -1.93
N ALA B 104 -2.11 -1.04 -3.11
CA ALA B 104 -1.64 -0.37 -4.33
C ALA B 104 -2.56 0.80 -4.71
N MET B 105 -3.89 0.58 -4.71
CA MET B 105 -4.87 1.64 -4.95
C MET B 105 -4.84 2.71 -3.83
N ALA B 106 -4.82 2.30 -2.56
CA ALA B 106 -4.82 3.21 -1.40
C ALA B 106 -3.66 4.22 -1.45
N GLY B 107 -2.44 3.74 -1.71
CA GLY B 107 -1.26 4.60 -1.87
C GLY B 107 -1.32 5.46 -3.13
N SER B 108 -1.77 4.90 -4.27
CA SER B 108 -1.80 5.59 -5.56
C SER B 108 -2.83 6.71 -5.63
N LEU B 109 -4.06 6.48 -5.16
CA LEU B 109 -5.17 7.44 -5.23
C LEU B 109 -4.91 8.72 -4.41
N PHE B 110 -4.14 8.61 -3.33
CA PHE B 110 -3.68 9.72 -2.49
C PHE B 110 -2.86 10.75 -3.31
N LEU B 111 -2.03 10.26 -4.24
CA LEU B 111 -1.09 11.05 -5.04
C LEU B 111 -1.81 11.94 -6.06
N GLU B 112 -2.87 11.42 -6.69
CA GLU B 112 -3.54 12.08 -7.83
C GLU B 112 -4.61 13.09 -7.37
N GLY B 113 -4.76 13.30 -6.05
CA GLY B 113 -5.72 14.24 -5.45
C GLY B 113 -7.10 13.64 -5.16
N ILE B 114 -7.19 12.31 -5.05
CA ILE B 114 -8.42 11.54 -4.80
C ILE B 114 -8.36 10.92 -3.38
N LEU B 115 -9.26 9.99 -3.04
CA LEU B 115 -9.26 9.24 -1.77
C LEU B 115 -9.40 10.16 -0.52
N ASN B 116 -10.59 10.72 -0.34
CA ASN B 116 -10.96 11.52 0.84
C ASN B 116 -11.79 10.67 1.86
N SER B 117 -11.94 11.15 3.09
CA SER B 117 -12.36 10.36 4.28
C SER B 117 -13.68 9.57 4.16
N ASP B 118 -14.61 9.99 3.31
CA ASP B 118 -15.86 9.25 3.00
C ASP B 118 -15.91 8.76 1.54
N ASN B 119 -15.28 9.48 0.60
CA ASN B 119 -15.02 9.06 -0.78
C ASN B 119 -14.26 7.72 -0.87
N ALA B 120 -13.42 7.41 0.12
CA ALA B 120 -12.72 6.14 0.27
C ALA B 120 -13.67 4.91 0.18
N ALA B 121 -14.87 4.98 0.75
CA ALA B 121 -15.87 3.91 0.65
C ALA B 121 -16.40 3.73 -0.79
N THR B 122 -16.61 4.83 -1.52
CA THR B 122 -17.02 4.82 -2.94
C THR B 122 -15.93 4.23 -3.83
N LEU B 123 -14.68 4.66 -3.67
CA LEU B 123 -13.56 4.12 -4.45
C LEU B 123 -13.30 2.64 -4.14
N ALA B 124 -13.39 2.22 -2.87
CA ALA B 124 -13.34 0.81 -2.50
C ALA B 124 -14.47 -0.01 -3.14
N LYS B 125 -15.72 0.50 -3.12
CA LYS B 125 -16.86 -0.13 -3.83
C LYS B 125 -16.65 -0.23 -5.34
N LYS B 126 -16.14 0.81 -6.01
CA LYS B 126 -15.82 0.78 -7.45
C LYS B 126 -14.83 -0.35 -7.77
N CYS B 127 -13.70 -0.40 -7.07
CA CYS B 127 -12.69 -1.44 -7.25
C CYS B 127 -13.22 -2.85 -6.94
N ALA B 128 -13.94 -3.03 -5.83
CA ALA B 128 -14.52 -4.32 -5.44
C ALA B 128 -15.61 -4.81 -6.41
N ASN B 129 -16.58 -3.96 -6.77
CA ASN B 129 -17.65 -4.33 -7.69
C ASN B 129 -17.10 -4.66 -9.08
N ASP B 130 -16.07 -3.96 -9.55
CA ASP B 130 -15.36 -4.32 -10.79
C ASP B 130 -14.61 -5.66 -10.68
N MET B 131 -13.97 -5.94 -9.53
CA MET B 131 -13.21 -7.18 -9.28
C MET B 131 -14.10 -8.43 -9.41
N GLU B 132 -15.28 -8.47 -8.78
CA GLU B 132 -16.23 -9.58 -8.96
C GLU B 132 -16.95 -9.58 -10.32
N ALA B 133 -17.18 -8.40 -10.91
CA ALA B 133 -17.78 -8.30 -12.25
C ALA B 133 -16.90 -8.91 -13.36
N PHE B 134 -15.58 -8.94 -13.18
CA PHE B 134 -14.68 -9.64 -14.10
C PHE B 134 -14.46 -11.12 -13.71
N ALA B 135 -14.57 -11.48 -12.42
CA ALA B 135 -14.52 -12.88 -12.00
C ALA B 135 -15.65 -13.74 -12.63
N LYS B 136 -16.89 -13.22 -12.67
CA LYS B 136 -18.03 -13.89 -13.32
C LYS B 136 -17.95 -13.97 -14.85
N LYS B 137 -17.04 -13.20 -15.48
CA LYS B 137 -16.66 -13.32 -16.91
C LYS B 137 -15.57 -14.37 -17.13
N MET B 138 -14.58 -14.43 -16.23
CA MET B 138 -13.44 -15.35 -16.31
C MET B 138 -13.80 -16.80 -15.94
N VAL B 139 -14.73 -17.02 -15.00
CA VAL B 139 -15.18 -18.36 -14.57
C VAL B 139 -15.72 -19.19 -15.74
N GLU B 140 -15.33 -20.46 -15.81
CA GLU B 140 -15.82 -21.41 -16.83
C GLU B 140 -17.20 -21.99 -16.42
N ILE B 141 -18.07 -22.25 -17.40
CA ILE B 141 -19.46 -22.72 -17.19
C ILE B 141 -19.73 -23.96 -18.06
N GLY B 142 -20.39 -24.97 -17.48
CA GLY B 142 -20.75 -26.25 -18.13
C GLY B 142 -21.61 -27.14 -17.24
N ASN A 1 5.56 24.47 2.87
CA ASN A 1 5.10 23.27 3.62
C ASN A 1 3.70 22.76 3.22
N LEU A 2 2.79 23.59 2.66
CA LEU A 2 1.36 23.33 2.38
C LEU A 2 0.57 22.73 3.58
N SER A 3 0.66 21.42 3.80
CA SER A 3 -0.07 20.64 4.81
C SER A 3 0.84 19.71 5.64
N ILE A 4 2.14 19.65 5.32
CA ILE A 4 3.16 18.87 6.05
C ILE A 4 3.62 19.62 7.32
N GLY A 5 3.31 20.92 7.44
CA GLY A 5 3.69 21.80 8.55
C GLY A 5 2.68 21.89 9.70
N ASP A 6 1.55 21.17 9.63
CA ASP A 6 0.52 21.11 10.67
C ASP A 6 0.02 19.67 10.87
N THR A 7 0.40 19.06 12.00
CA THR A 7 0.09 17.67 12.36
C THR A 7 0.11 17.51 13.88
N THR A 8 -1.07 17.49 14.50
CA THR A 8 -1.23 17.30 15.96
C THR A 8 -0.75 15.91 16.37
N SER A 9 0.00 15.84 17.49
CA SER A 9 0.53 14.59 18.05
C SER A 9 -0.56 13.60 18.52
N ILE A 10 -0.15 12.41 18.97
CA ILE A 10 -1.00 11.31 19.44
C ILE A 10 -2.01 11.68 20.53
N ILE A 11 -1.84 12.84 21.19
CA ILE A 11 -2.81 13.48 22.10
C ILE A 11 -4.22 13.51 21.49
N GLN A 12 -4.32 13.87 20.20
CA GLN A 12 -5.61 13.96 19.50
C GLN A 12 -6.09 12.59 18.99
N LEU A 13 -5.19 11.71 18.57
CA LEU A 13 -5.52 10.33 18.15
C LEU A 13 -5.98 9.45 19.32
N PHE A 14 -5.54 9.73 20.55
CA PHE A 14 -5.94 9.04 21.78
C PHE A 14 -7.43 9.19 22.12
N LYS A 15 -8.12 10.22 21.58
CA LYS A 15 -9.60 10.31 21.60
C LYS A 15 -10.21 9.01 21.09
N ASN A 16 -11.17 8.47 21.84
CA ASN A 16 -11.86 7.19 21.55
C ASN A 16 -10.96 5.93 21.73
N PHE A 17 -9.79 6.07 22.38
CA PHE A 17 -8.73 5.06 22.54
C PHE A 17 -7.89 4.87 21.26
N THR A 18 -6.88 3.99 21.28
CA THR A 18 -5.94 3.79 20.15
C THR A 18 -5.49 2.34 20.00
N GLY A 19 -5.18 1.95 18.75
CA GLY A 19 -4.71 0.60 18.38
C GLY A 19 -4.70 0.35 16.86
N PRO A 20 -4.07 1.23 16.04
CA PRO A 20 -4.09 1.12 14.57
C PRO A 20 -3.33 -0.13 14.06
N PRO A 21 -3.59 -0.58 12.81
CA PRO A 21 -2.97 -1.79 12.24
C PRO A 21 -1.46 -1.64 12.00
N SER A 22 -0.74 -2.75 11.88
CA SER A 22 0.71 -2.77 11.64
C SER A 22 1.14 -2.08 10.34
N VAL A 23 0.28 -2.06 9.31
CA VAL A 23 0.51 -1.29 8.08
C VAL A 23 0.53 0.23 8.36
N ALA A 24 -0.30 0.70 9.29
CA ALA A 24 -0.36 2.10 9.70
C ALA A 24 0.82 2.48 10.62
N THR A 25 1.16 1.64 11.62
CA THR A 25 2.30 1.92 12.51
C THR A 25 3.65 1.97 11.77
N PHE A 26 3.82 1.19 10.70
CA PHE A 26 4.97 1.33 9.77
C PHE A 26 4.98 2.68 9.06
N ILE A 27 3.93 3.03 8.31
CA ILE A 27 3.94 4.26 7.48
C ILE A 27 3.98 5.54 8.33
N SER A 28 3.32 5.55 9.51
CA SER A 28 3.39 6.67 10.46
C SER A 28 4.79 6.84 11.06
N ASN A 29 5.49 5.74 11.37
CA ASN A 29 6.93 5.81 11.70
C ASN A 29 7.74 6.34 10.53
N PHE A 30 7.57 5.80 9.32
CA PHE A 30 8.35 6.19 8.14
C PHE A 30 8.22 7.69 7.84
N HIS A 31 6.98 8.22 7.79
CA HIS A 31 6.72 9.64 7.53
C HIS A 31 7.28 10.54 8.65
N SER A 32 7.26 10.09 9.92
CA SER A 32 7.90 10.79 11.04
C SER A 32 9.43 10.80 10.93
N ILE A 33 10.05 9.66 10.58
CA ILE A 33 11.50 9.53 10.36
C ILE A 33 11.97 10.44 9.21
N VAL A 34 11.19 10.53 8.12
CA VAL A 34 11.44 11.45 7.00
C VAL A 34 11.54 12.90 7.49
N GLN A 35 10.67 13.35 8.40
CA GLN A 35 10.73 14.69 9.00
C GLN A 35 11.90 14.84 9.99
N SER A 36 12.16 13.83 10.83
CA SER A 36 13.18 13.88 11.90
C SER A 36 14.63 13.80 11.41
N SER A 37 14.88 13.16 10.26
CA SER A 37 16.23 12.87 9.76
C SER A 37 16.52 13.67 8.48
N LYS A 38 17.27 14.78 8.61
CA LYS A 38 17.64 15.70 7.52
C LYS A 38 18.12 14.99 6.25
N THR A 39 18.98 13.99 6.39
CA THR A 39 19.55 13.22 5.26
C THR A 39 18.49 12.49 4.42
N LEU A 40 17.33 12.15 5.00
CA LEU A 40 16.18 11.58 4.29
C LEU A 40 15.55 12.63 3.35
N LEU A 41 15.25 13.84 3.86
CA LEU A 41 14.78 14.96 3.04
C LEU A 41 15.81 15.35 1.96
N ASN A 42 17.10 15.27 2.30
CA ASN A 42 18.20 15.63 1.41
C ASN A 42 18.25 14.80 0.11
N LEU A 43 17.76 13.54 0.12
CA LEU A 43 17.57 12.77 -1.12
C LEU A 43 16.51 13.42 -2.03
N PHE A 44 15.33 13.74 -1.48
CA PHE A 44 14.22 14.32 -2.25
C PHE A 44 14.48 15.77 -2.67
N ASP A 45 15.30 16.52 -1.94
CA ASP A 45 15.72 17.88 -2.30
C ASP A 45 16.47 17.96 -3.66
N VAL A 46 17.06 16.85 -4.11
CA VAL A 46 17.70 16.71 -5.44
C VAL A 46 16.67 16.65 -6.60
N ALA A 47 15.36 16.71 -6.32
CA ALA A 47 14.26 16.59 -7.31
C ALA A 47 14.36 17.46 -8.58
N GLU A 48 15.09 18.59 -8.56
CA GLU A 48 15.35 19.41 -9.75
C GLU A 48 16.29 18.74 -10.80
N GLU A 49 17.06 17.73 -10.41
CA GLU A 49 17.97 16.95 -11.28
C GLU A 49 17.24 15.78 -11.98
N ASN A 50 18.00 14.96 -12.74
CA ASN A 50 17.53 13.74 -13.40
C ASN A 50 16.71 12.82 -12.45
N PRO A 51 15.41 12.61 -12.69
CA PRO A 51 14.56 11.82 -11.79
C PRO A 51 14.83 10.30 -11.81
N LEU A 52 15.54 9.79 -12.82
CA LEU A 52 15.98 8.38 -12.86
C LEU A 52 16.87 8.02 -11.66
N GLU A 53 17.57 9.00 -11.08
CA GLU A 53 18.38 8.83 -9.86
C GLU A 53 17.59 8.14 -8.74
N PHE A 54 16.34 8.56 -8.50
CA PHE A 54 15.51 8.02 -7.42
C PHE A 54 14.97 6.62 -7.75
N ALA A 55 14.42 6.43 -8.95
CA ALA A 55 13.90 5.14 -9.38
C ALA A 55 14.99 4.05 -9.39
N LYS A 56 16.17 4.34 -9.94
CA LYS A 56 17.30 3.40 -10.02
C LYS A 56 17.94 3.15 -8.66
N CYS A 57 18.09 4.18 -7.81
CA CYS A 57 18.49 4.04 -6.40
C CYS A 57 17.56 3.10 -5.65
N MET A 58 16.25 3.39 -5.67
CA MET A 58 15.23 2.58 -4.98
C MET A 58 15.19 1.14 -5.50
N TYR A 59 15.23 0.92 -6.82
CA TYR A 59 15.27 -0.44 -7.39
C TYR A 59 16.49 -1.24 -6.89
N GLU A 60 17.70 -0.69 -7.02
CA GLU A 60 18.93 -1.40 -6.67
C GLU A 60 19.08 -1.62 -5.15
N LEU A 61 18.71 -0.62 -4.34
CA LEU A 61 18.67 -0.70 -2.89
C LEU A 61 17.66 -1.75 -2.41
N VAL A 62 16.43 -1.70 -2.93
CA VAL A 62 15.37 -2.64 -2.53
C VAL A 62 15.69 -4.06 -2.98
N LEU A 63 16.41 -4.26 -4.11
CA LEU A 63 16.94 -5.57 -4.50
C LEU A 63 17.82 -6.19 -3.40
N LYS A 64 18.82 -5.46 -2.88
CA LYS A 64 19.68 -5.96 -1.78
C LYS A 64 18.95 -6.04 -0.44
N SER A 65 18.12 -5.04 -0.12
CA SER A 65 17.40 -4.93 1.16
C SER A 65 16.37 -6.05 1.31
N ALA A 66 15.51 -6.26 0.30
CA ALA A 66 14.53 -7.34 0.32
C ALA A 66 15.18 -8.73 0.40
N ASN A 67 16.27 -8.98 -0.34
CA ASN A 67 17.08 -10.21 -0.17
C ASN A 67 17.61 -10.37 1.27
N SER A 68 18.13 -9.29 1.88
CA SER A 68 18.65 -9.30 3.26
C SER A 68 17.57 -9.52 4.32
N LEU A 69 16.38 -8.96 4.14
CA LEU A 69 15.18 -9.23 4.95
C LEU A 69 14.61 -10.66 4.73
N GLY A 70 15.09 -11.39 3.73
CA GLY A 70 14.65 -12.75 3.40
C GLY A 70 13.37 -12.83 2.58
N VAL A 71 12.99 -11.73 1.90
CA VAL A 71 11.75 -11.59 1.11
C VAL A 71 11.62 -12.69 0.04
N LEU A 72 10.45 -13.31 -0.03
CA LEU A 72 10.12 -14.44 -0.92
C LEU A 72 10.37 -14.17 -2.41
N ASN A 73 9.97 -12.98 -2.89
CA ASN A 73 10.14 -12.48 -4.27
C ASN A 73 10.61 -11.01 -4.23
N PRO A 74 11.92 -10.74 -4.03
CA PRO A 74 12.44 -9.39 -3.77
C PRO A 74 12.28 -8.43 -4.96
N HIS A 75 12.21 -8.98 -6.18
CA HIS A 75 11.91 -8.23 -7.41
C HIS A 75 10.58 -7.46 -7.33
N LEU A 76 9.54 -8.01 -6.68
CA LEU A 76 8.22 -7.39 -6.63
C LEU A 76 8.26 -5.98 -6.02
N ILE A 77 9.01 -5.81 -4.93
CA ILE A 77 9.07 -4.56 -4.18
C ILE A 77 9.88 -3.51 -4.96
N ALA A 78 11.02 -3.93 -5.53
CA ALA A 78 11.88 -3.07 -6.36
C ALA A 78 11.14 -2.61 -7.63
N ASN A 79 10.47 -3.52 -8.35
CA ASN A 79 9.68 -3.21 -9.54
C ASN A 79 8.50 -2.29 -9.20
N ASN A 80 7.79 -2.52 -8.08
CA ASN A 80 6.70 -1.66 -7.64
C ASN A 80 7.16 -0.21 -7.48
N ILE A 81 8.20 0.00 -6.66
CA ILE A 81 8.68 1.35 -6.34
C ILE A 81 9.29 2.03 -7.58
N TYR A 82 10.03 1.30 -8.43
CA TYR A 82 10.55 1.82 -9.70
C TYR A 82 9.43 2.34 -10.62
N GLN A 83 8.41 1.51 -10.90
CA GLN A 83 7.27 1.89 -11.74
C GLN A 83 6.44 3.03 -11.12
N SER A 84 6.21 3.00 -9.81
CA SER A 84 5.53 4.07 -9.07
C SER A 84 6.24 5.42 -9.23
N VAL A 85 7.56 5.47 -9.02
CA VAL A 85 8.33 6.72 -9.18
C VAL A 85 8.23 7.24 -10.61
N VAL A 86 8.65 6.46 -11.62
CA VAL A 86 8.69 6.92 -13.04
C VAL A 86 7.31 7.37 -13.54
N SER A 87 6.22 6.81 -13.00
CA SER A 87 4.84 7.17 -13.33
C SER A 87 4.27 8.40 -12.61
N ASN A 88 4.74 8.73 -11.40
CA ASN A 88 4.25 9.87 -10.60
C ASN A 88 5.30 10.99 -10.49
N LEU A 89 6.12 11.16 -11.53
CA LEU A 89 7.07 12.27 -11.70
C LEU A 89 6.44 13.68 -11.70
N ASP A 90 5.11 13.80 -11.64
CA ASP A 90 4.38 15.04 -11.35
C ASP A 90 4.50 15.53 -9.89
N ILE A 91 4.84 14.64 -8.94
CA ILE A 91 4.78 14.90 -7.48
C ILE A 91 6.10 14.62 -6.74
N LEU A 92 7.21 15.19 -7.22
CA LEU A 92 8.55 15.04 -6.63
C LEU A 92 8.75 15.74 -5.24
N HIS A 93 7.66 16.07 -4.53
CA HIS A 93 7.66 16.58 -3.15
C HIS A 93 8.28 15.57 -2.16
N SER A 94 8.93 16.05 -1.10
CA SER A 94 9.61 15.21 -0.08
C SER A 94 8.71 14.15 0.56
N SER A 95 7.56 14.54 1.10
CA SER A 95 6.57 13.64 1.70
C SER A 95 5.73 12.85 0.67
N ALA A 96 5.90 13.13 -0.63
CA ALA A 96 5.08 12.57 -1.71
C ALA A 96 5.83 11.51 -2.53
N MET A 97 7.13 11.71 -2.80
CA MET A 97 8.04 10.68 -3.31
C MET A 97 8.06 9.44 -2.43
N VAL A 98 8.10 9.65 -1.11
CA VAL A 98 8.21 8.58 -0.11
C VAL A 98 6.87 7.95 0.27
N ASN A 99 5.74 8.61 -0.01
CA ASN A 99 4.41 8.03 0.22
C ASN A 99 4.19 6.75 -0.62
N LEU A 100 4.71 6.75 -1.84
CA LEU A 100 4.78 5.58 -2.72
C LEU A 100 5.66 4.46 -2.13
N TYR A 101 6.89 4.81 -1.73
CA TYR A 101 7.80 3.86 -1.06
C TYR A 101 7.13 3.23 0.16
N ALA A 102 6.57 4.06 1.05
CA ALA A 102 5.97 3.65 2.31
C ALA A 102 4.81 2.65 2.13
N ASN A 103 3.80 2.98 1.31
CA ASN A 103 2.66 2.09 1.11
C ASN A 103 3.03 0.79 0.35
N ALA A 104 3.89 0.88 -0.67
CA ALA A 104 4.35 -0.28 -1.43
C ALA A 104 5.19 -1.23 -0.57
N MET A 105 6.15 -0.71 0.20
CA MET A 105 6.98 -1.49 1.11
C MET A 105 6.13 -2.15 2.20
N ALA A 106 5.25 -1.39 2.87
CA ALA A 106 4.38 -1.91 3.93
C ALA A 106 3.48 -3.05 3.45
N GLY A 107 2.79 -2.89 2.31
CA GLY A 107 1.93 -3.92 1.72
C GLY A 107 2.70 -5.16 1.27
N SER A 108 3.90 -4.98 0.71
CA SER A 108 4.78 -6.09 0.32
C SER A 108 5.27 -6.91 1.52
N LEU A 109 5.73 -6.24 2.58
CA LEU A 109 6.16 -6.88 3.84
C LEU A 109 5.00 -7.63 4.53
N PHE A 110 3.78 -7.09 4.44
CA PHE A 110 2.56 -7.70 4.96
C PHE A 110 2.30 -9.11 4.39
N LEU A 111 2.47 -9.27 3.07
CA LEU A 111 2.23 -10.54 2.37
C LEU A 111 3.51 -11.39 2.17
N GLU A 112 4.68 -10.89 2.54
CA GLU A 112 5.88 -11.72 2.69
C GLU A 112 5.73 -12.62 3.92
N GLY A 113 5.42 -12.03 5.08
CA GLY A 113 5.35 -12.72 6.38
C GLY A 113 6.10 -12.00 7.51
N ILE A 114 6.21 -10.66 7.46
CA ILE A 114 6.94 -9.83 8.44
C ILE A 114 5.99 -8.76 9.01
N LEU A 115 6.49 -7.57 9.39
CA LEU A 115 5.69 -6.41 9.79
C LEU A 115 4.78 -6.65 11.01
N ASN A 116 5.31 -7.31 12.05
CA ASN A 116 4.61 -7.58 13.32
C ASN A 116 4.17 -6.27 14.04
N SER A 117 3.25 -6.38 15.00
CA SER A 117 2.60 -5.25 15.69
C SER A 117 3.54 -4.16 16.24
N ASP A 118 4.72 -4.55 16.73
CA ASP A 118 5.79 -3.66 17.20
C ASP A 118 6.98 -3.57 16.23
N ASN A 119 7.31 -4.69 15.56
CA ASN A 119 8.40 -4.77 14.58
C ASN A 119 8.17 -3.88 13.34
N ALA A 120 6.93 -3.46 13.07
CA ALA A 120 6.59 -2.44 12.08
C ALA A 120 7.41 -1.14 12.23
N ALA A 121 7.65 -0.67 13.46
CA ALA A 121 8.53 0.48 13.72
C ALA A 121 10.01 0.19 13.42
N THR A 122 10.47 -1.03 13.70
CA THR A 122 11.83 -1.51 13.39
C THR A 122 12.05 -1.58 11.87
N LEU A 123 11.12 -2.17 11.11
CA LEU A 123 11.19 -2.22 9.66
C LEU A 123 11.11 -0.83 9.01
N ALA A 124 10.28 0.07 9.55
CA ALA A 124 10.25 1.47 9.11
C ALA A 124 11.60 2.16 9.31
N LYS A 125 12.23 2.03 10.49
CA LYS A 125 13.59 2.53 10.75
C LYS A 125 14.64 1.90 9.83
N LYS A 126 14.63 0.57 9.64
CA LYS A 126 15.56 -0.14 8.72
C LYS A 126 15.49 0.43 7.31
N CYS A 127 14.31 0.41 6.69
CA CYS A 127 14.14 0.86 5.31
C CYS A 127 14.39 2.37 5.13
N ALA A 128 13.99 3.21 6.08
CA ALA A 128 14.29 4.65 6.07
C ALA A 128 15.79 4.95 6.22
N ASN A 129 16.47 4.31 7.18
CA ASN A 129 17.92 4.47 7.37
C ASN A 129 18.72 3.98 6.16
N ASP A 130 18.29 2.90 5.49
CA ASP A 130 18.86 2.44 4.23
C ASP A 130 18.64 3.43 3.07
N MET A 131 17.47 4.08 2.99
CA MET A 131 17.16 5.11 1.98
C MET A 131 18.13 6.31 2.06
N GLU A 132 18.36 6.88 3.25
CA GLU A 132 19.31 7.98 3.43
C GLU A 132 20.79 7.52 3.39
N ALA A 133 21.11 6.28 3.76
CA ALA A 133 22.45 5.72 3.60
C ALA A 133 22.85 5.59 2.11
N PHE A 134 21.92 5.17 1.24
CA PHE A 134 22.17 5.12 -0.21
C PHE A 134 22.18 6.51 -0.86
N ALA A 135 21.49 7.52 -0.28
CA ALA A 135 21.61 8.91 -0.72
C ALA A 135 23.06 9.40 -0.73
N LYS A 136 23.83 9.08 0.33
CA LYS A 136 25.27 9.40 0.46
C LYS A 136 26.21 8.67 -0.53
N LYS A 137 25.71 7.71 -1.32
CA LYS A 137 26.42 7.10 -2.47
C LYS A 137 26.12 7.81 -3.81
N MET A 138 25.14 8.74 -3.83
CA MET A 138 24.62 9.40 -5.04
C MET A 138 24.81 10.93 -4.98
N VAL A 139 24.61 11.53 -3.81
CA VAL A 139 24.88 12.94 -3.48
C VAL A 139 26.40 13.18 -3.36
N GLU A 140 26.88 14.33 -3.84
CA GLU A 140 28.30 14.74 -3.82
C GLU A 140 28.79 15.14 -2.40
N ILE A 141 30.08 15.46 -2.25
CA ILE A 141 30.68 15.99 -1.01
C ILE A 141 29.92 17.24 -0.52
N GLY A 142 29.53 17.25 0.75
CA GLY A 142 28.82 18.36 1.41
C GLY A 142 28.37 18.02 2.84
N ASN B 1 -11.39 22.29 20.51
CA ASN B 1 -12.20 23.42 21.03
C ASN B 1 -12.11 23.47 22.57
N LEU B 2 -10.94 23.88 23.09
CA LEU B 2 -10.44 23.79 24.47
C LEU B 2 -10.57 22.41 25.14
N SER B 3 -11.80 21.95 25.36
CA SER B 3 -12.23 20.59 25.69
C SER B 3 -13.76 20.47 25.62
N ILE B 4 -14.47 21.49 26.13
CA ILE B 4 -15.93 21.55 26.27
C ILE B 4 -16.74 21.44 24.97
N GLY B 5 -16.10 21.54 23.80
CA GLY B 5 -16.73 21.33 22.49
C GLY B 5 -16.68 19.87 21.98
N ASP B 6 -16.06 18.95 22.73
CA ASP B 6 -15.73 17.58 22.28
C ASP B 6 -15.80 16.53 23.42
N THR B 7 -16.76 16.70 24.34
CA THR B 7 -17.01 15.86 25.54
C THR B 7 -18.19 14.88 25.42
N THR B 8 -18.59 14.50 24.20
CA THR B 8 -19.69 13.54 23.92
C THR B 8 -19.56 12.22 24.71
N SER B 9 -20.70 11.66 25.14
CA SER B 9 -20.80 10.38 25.87
C SER B 9 -20.30 9.15 25.09
N ILE B 10 -20.28 7.99 25.75
CA ILE B 10 -19.71 6.70 25.32
C ILE B 10 -20.05 6.26 23.88
N ILE B 11 -21.19 6.69 23.34
CA ILE B 11 -21.59 6.49 21.93
C ILE B 11 -20.48 6.91 20.95
N GLN B 12 -19.89 8.09 21.17
CA GLN B 12 -18.85 8.65 20.30
C GLN B 12 -17.49 7.96 20.49
N LEU B 13 -17.22 7.41 21.68
CA LEU B 13 -16.03 6.59 21.96
C LEU B 13 -16.14 5.19 21.31
N PHE B 14 -17.32 4.58 21.34
CA PHE B 14 -17.59 3.30 20.67
C PHE B 14 -17.51 3.41 19.15
N LYS B 15 -18.11 4.48 18.57
CA LYS B 15 -18.15 4.74 17.13
C LYS B 15 -16.73 4.96 16.55
N ASN B 16 -16.21 3.93 15.88
CA ASN B 16 -14.86 3.87 15.30
C ASN B 16 -13.74 4.23 16.29
N PHE B 17 -13.43 3.31 17.22
CA PHE B 17 -12.44 3.49 18.30
C PHE B 17 -11.08 4.05 17.82
N THR B 18 -10.47 3.43 16.80
CA THR B 18 -9.16 3.83 16.27
C THR B 18 -9.20 5.13 15.45
N GLY B 19 -8.03 5.73 15.20
CA GLY B 19 -7.87 6.96 14.40
C GLY B 19 -6.99 6.78 13.15
N PRO B 20 -7.27 5.81 12.27
CA PRO B 20 -6.45 5.54 11.08
C PRO B 20 -6.62 6.63 9.99
N PRO B 21 -5.65 6.77 9.07
CA PRO B 21 -5.70 7.78 8.00
C PRO B 21 -6.73 7.44 6.90
N SER B 22 -7.04 8.45 6.07
CA SER B 22 -7.96 8.37 4.92
C SER B 22 -7.59 7.32 3.85
N VAL B 23 -6.33 6.85 3.84
CA VAL B 23 -5.83 5.80 2.94
C VAL B 23 -5.98 4.38 3.49
N ALA B 24 -5.93 4.22 4.82
CA ALA B 24 -6.12 2.91 5.47
C ALA B 24 -7.59 2.45 5.42
N THR B 25 -8.56 3.38 5.57
CA THR B 25 -9.99 3.04 5.54
C THR B 25 -10.44 2.43 4.20
N PHE B 26 -9.82 2.79 3.07
CA PHE B 26 -10.07 2.14 1.77
C PHE B 26 -9.74 0.63 1.81
N ILE B 27 -8.58 0.30 2.36
CA ILE B 27 -8.07 -1.07 2.48
C ILE B 27 -8.97 -1.89 3.42
N SER B 28 -9.34 -1.34 4.57
CA SER B 28 -10.29 -1.95 5.52
C SER B 28 -11.72 -2.11 4.94
N ASN B 29 -12.19 -1.13 4.14
CA ASN B 29 -13.47 -1.24 3.44
C ASN B 29 -13.47 -2.42 2.47
N PHE B 30 -12.39 -2.66 1.72
CA PHE B 30 -12.30 -3.81 0.81
C PHE B 30 -12.56 -5.14 1.55
N HIS B 31 -11.95 -5.36 2.72
CA HIS B 31 -12.18 -6.55 3.56
C HIS B 31 -13.65 -6.70 4.01
N SER B 32 -14.36 -5.60 4.26
CA SER B 32 -15.79 -5.59 4.58
C SER B 32 -16.66 -5.91 3.35
N ILE B 33 -16.38 -5.29 2.20
CA ILE B 33 -17.07 -5.52 0.92
C ILE B 33 -16.96 -6.99 0.48
N VAL B 34 -15.80 -7.63 0.71
CA VAL B 34 -15.59 -9.06 0.50
C VAL B 34 -16.60 -9.93 1.28
N GLN B 35 -16.96 -9.57 2.51
CA GLN B 35 -17.99 -10.27 3.29
C GLN B 35 -19.42 -9.93 2.81
N SER B 36 -19.67 -8.69 2.38
CA SER B 36 -20.97 -8.24 1.85
C SER B 36 -21.37 -8.87 0.51
N SER B 37 -20.42 -9.42 -0.25
CA SER B 37 -20.61 -9.86 -1.64
C SER B 37 -19.97 -11.24 -1.89
N LYS B 38 -20.78 -12.30 -1.88
CA LYS B 38 -20.37 -13.70 -2.15
C LYS B 38 -19.51 -13.86 -3.40
N THR B 39 -19.76 -13.07 -4.44
CA THR B 39 -19.01 -13.15 -5.70
C THR B 39 -17.53 -12.71 -5.59
N LEU B 40 -17.16 -11.89 -4.58
CA LEU B 40 -15.74 -11.70 -4.21
C LEU B 40 -15.14 -13.00 -3.63
N LEU B 41 -15.83 -13.61 -2.66
CA LEU B 41 -15.40 -14.87 -2.03
C LEU B 41 -15.25 -16.01 -3.05
N ASN B 42 -16.12 -16.05 -4.07
CA ASN B 42 -16.11 -17.04 -5.14
C ASN B 42 -14.80 -17.03 -5.97
N LEU B 43 -14.15 -15.87 -6.13
CA LEU B 43 -12.80 -15.75 -6.71
C LEU B 43 -11.78 -16.48 -5.83
N PHE B 44 -11.75 -16.15 -4.53
CA PHE B 44 -10.77 -16.69 -3.58
C PHE B 44 -10.95 -18.20 -3.31
N ASP B 45 -12.18 -18.71 -3.38
CA ASP B 45 -12.50 -20.14 -3.30
C ASP B 45 -11.86 -20.98 -4.45
N VAL B 46 -11.39 -20.31 -5.50
CA VAL B 46 -10.72 -20.90 -6.69
C VAL B 46 -9.23 -20.52 -6.74
N ALA B 47 -8.70 -19.76 -5.77
CA ALA B 47 -7.32 -19.28 -5.75
C ALA B 47 -6.23 -20.37 -5.78
N GLU B 48 -6.56 -21.63 -5.44
CA GLU B 48 -5.68 -22.79 -5.58
C GLU B 48 -5.40 -23.18 -7.06
N GLU B 49 -6.27 -22.78 -7.99
CA GLU B 49 -6.12 -22.94 -9.45
C GLU B 49 -5.10 -21.94 -10.06
N ASN B 50 -4.95 -21.94 -11.40
CA ASN B 50 -3.97 -21.13 -12.16
C ASN B 50 -3.88 -19.65 -11.70
N PRO B 51 -2.76 -19.21 -11.07
CA PRO B 51 -2.63 -17.85 -10.53
C PRO B 51 -2.53 -16.76 -11.62
N LEU B 52 -2.12 -17.13 -12.83
CA LEU B 52 -2.10 -16.25 -14.01
C LEU B 52 -3.49 -15.67 -14.31
N GLU B 53 -4.57 -16.42 -14.08
CA GLU B 53 -5.94 -15.95 -14.32
C GLU B 53 -6.26 -14.70 -13.51
N PHE B 54 -5.86 -14.67 -12.22
CA PHE B 54 -6.07 -13.54 -11.33
C PHE B 54 -5.17 -12.37 -11.73
N ALA B 55 -3.85 -12.60 -11.89
CA ALA B 55 -2.90 -11.56 -12.27
C ALA B 55 -3.26 -10.87 -13.61
N LYS B 56 -3.59 -11.65 -14.65
CA LYS B 56 -3.98 -11.14 -15.97
C LYS B 56 -5.32 -10.41 -15.95
N CYS B 57 -6.32 -10.93 -15.23
CA CYS B 57 -7.59 -10.24 -14.98
C CYS B 57 -7.36 -8.89 -14.29
N MET B 58 -6.59 -8.88 -13.20
CA MET B 58 -6.29 -7.67 -12.42
C MET B 58 -5.51 -6.63 -13.23
N TYR B 59 -4.52 -7.02 -14.05
CA TYR B 59 -3.85 -6.11 -14.98
C TYR B 59 -4.84 -5.44 -15.95
N GLU B 60 -5.63 -6.24 -16.67
CA GLU B 60 -6.55 -5.75 -17.72
C GLU B 60 -7.70 -4.90 -17.13
N LEU B 61 -8.20 -5.29 -15.96
CA LEU B 61 -9.23 -4.57 -15.21
C LEU B 61 -8.73 -3.23 -14.65
N VAL B 62 -7.52 -3.19 -14.09
CA VAL B 62 -6.93 -1.95 -13.57
C VAL B 62 -6.60 -0.96 -14.71
N LEU B 63 -6.25 -1.47 -15.90
CA LEU B 63 -6.07 -0.66 -17.11
C LEU B 63 -7.31 0.18 -17.45
N LYS B 64 -8.54 -0.36 -17.30
CA LYS B 64 -9.79 0.42 -17.44
C LYS B 64 -10.18 1.16 -16.16
N SER B 65 -9.99 0.55 -14.98
CA SER B 65 -10.44 1.10 -13.69
C SER B 65 -9.70 2.38 -13.30
N ALA B 66 -8.37 2.39 -13.29
CA ALA B 66 -7.59 3.58 -12.95
C ALA B 66 -7.76 4.72 -13.98
N ASN B 67 -8.00 4.39 -15.25
CA ASN B 67 -8.45 5.36 -16.26
C ASN B 67 -9.82 5.98 -15.91
N SER B 68 -10.79 5.15 -15.49
CA SER B 68 -12.13 5.58 -15.05
C SER B 68 -12.10 6.46 -13.78
N LEU B 69 -11.22 6.16 -12.83
CA LEU B 69 -10.93 7.01 -11.65
C LEU B 69 -10.13 8.28 -12.02
N GLY B 70 -9.64 8.41 -13.25
CA GLY B 70 -8.96 9.61 -13.77
C GLY B 70 -7.49 9.76 -13.38
N VAL B 71 -6.85 8.67 -12.91
CA VAL B 71 -5.48 8.64 -12.38
C VAL B 71 -4.43 9.08 -13.41
N LEU B 72 -3.37 9.78 -12.98
CA LEU B 72 -2.28 10.31 -13.82
C LEU B 72 -1.62 9.24 -14.73
N ASN B 73 -1.26 8.09 -14.16
CA ASN B 73 -0.58 6.98 -14.83
C ASN B 73 -1.22 5.63 -14.43
N PRO B 74 -2.33 5.21 -15.05
CA PRO B 74 -3.07 4.00 -14.69
C PRO B 74 -2.26 2.70 -14.89
N HIS B 75 -1.29 2.74 -15.81
CA HIS B 75 -0.33 1.66 -16.06
C HIS B 75 0.49 1.26 -14.81
N LEU B 76 0.83 2.21 -13.93
CA LEU B 76 1.64 1.91 -12.73
C LEU B 76 0.92 0.91 -11.82
N ILE B 77 -0.38 1.14 -11.59
CA ILE B 77 -1.17 0.31 -10.69
C ILE B 77 -1.37 -1.08 -11.30
N ALA B 78 -1.67 -1.15 -12.61
CA ALA B 78 -1.82 -2.41 -13.33
C ALA B 78 -0.53 -3.25 -13.31
N ASN B 79 0.63 -2.65 -13.62
CA ASN B 79 1.91 -3.35 -13.64
C ASN B 79 2.37 -3.76 -12.22
N ASN B 80 2.21 -2.87 -11.23
CA ASN B 80 2.55 -3.16 -9.83
C ASN B 80 1.73 -4.33 -9.30
N ILE B 81 0.40 -4.28 -9.46
CA ILE B 81 -0.50 -5.35 -9.04
C ILE B 81 -0.16 -6.66 -9.79
N TYR B 82 0.08 -6.63 -11.11
CA TYR B 82 0.49 -7.82 -11.85
C TYR B 82 1.74 -8.48 -11.25
N GLN B 83 2.82 -7.71 -11.02
CA GLN B 83 4.07 -8.21 -10.46
C GLN B 83 3.94 -8.69 -9.00
N SER B 84 3.21 -7.97 -8.15
CA SER B 84 3.05 -8.36 -6.73
C SER B 84 2.10 -9.56 -6.56
N VAL B 85 0.97 -9.58 -7.26
CA VAL B 85 0.00 -10.69 -7.24
C VAL B 85 0.65 -12.00 -7.70
N VAL B 86 1.43 -11.98 -8.79
CA VAL B 86 2.15 -13.16 -9.29
C VAL B 86 3.39 -13.55 -8.43
N SER B 87 3.74 -12.73 -7.42
CA SER B 87 4.89 -12.94 -6.54
C SER B 87 4.54 -13.38 -5.11
N ASN B 88 3.41 -12.93 -4.55
CA ASN B 88 2.93 -13.32 -3.21
C ASN B 88 2.06 -14.60 -3.24
N LEU B 89 2.34 -15.51 -4.17
CA LEU B 89 1.71 -16.85 -4.32
C LEU B 89 1.83 -17.77 -3.09
N ASP B 90 2.67 -17.43 -2.11
CA ASP B 90 2.72 -18.15 -0.82
C ASP B 90 1.54 -17.80 0.13
N ILE B 91 0.77 -16.75 -0.16
CA ILE B 91 -0.38 -16.29 0.63
C ILE B 91 -1.59 -15.94 -0.28
N LEU B 92 -2.10 -16.96 -0.96
CA LEU B 92 -3.32 -16.94 -1.80
C LEU B 92 -4.64 -16.75 -0.99
N HIS B 93 -4.57 -16.15 0.21
CA HIS B 93 -5.69 -15.97 1.14
C HIS B 93 -6.75 -14.99 0.61
N SER B 94 -7.98 -15.10 1.11
CA SER B 94 -9.13 -14.23 0.79
C SER B 94 -8.83 -12.73 0.85
N SER B 95 -8.49 -12.21 2.03
CA SER B 95 -8.08 -10.81 2.23
C SER B 95 -6.77 -10.49 1.52
N ALA B 96 -5.78 -11.40 1.57
CA ALA B 96 -4.44 -11.19 1.02
C ALA B 96 -4.42 -10.94 -0.50
N MET B 97 -5.18 -11.71 -1.29
CA MET B 97 -5.19 -11.59 -2.76
C MET B 97 -5.57 -10.18 -3.25
N VAL B 98 -6.40 -9.47 -2.46
CA VAL B 98 -6.83 -8.09 -2.72
C VAL B 98 -6.17 -7.06 -1.80
N ASN B 99 -5.34 -7.46 -0.82
CA ASN B 99 -4.62 -6.52 0.03
C ASN B 99 -3.56 -5.73 -0.78
N LEU B 100 -2.90 -6.38 -1.73
CA LEU B 100 -1.99 -5.70 -2.69
C LEU B 100 -2.75 -4.75 -3.60
N TYR B 101 -3.85 -5.24 -4.19
CA TYR B 101 -4.74 -4.46 -5.05
C TYR B 101 -5.22 -3.19 -4.32
N ALA B 102 -5.77 -3.36 -3.13
CA ALA B 102 -6.32 -2.28 -2.33
C ALA B 102 -5.24 -1.30 -1.87
N ASN B 103 -4.10 -1.77 -1.36
CA ASN B 103 -3.03 -0.88 -0.88
C ASN B 103 -2.38 -0.08 -2.01
N ALA B 104 -2.05 -0.72 -3.14
CA ALA B 104 -1.50 -0.05 -4.32
C ALA B 104 -2.45 1.01 -4.89
N MET B 105 -3.73 0.69 -5.04
CA MET B 105 -4.76 1.63 -5.51
C MET B 105 -4.99 2.76 -4.49
N ALA B 106 -5.06 2.46 -3.18
CA ALA B 106 -5.21 3.47 -2.14
C ALA B 106 -4.08 4.50 -2.17
N GLY B 107 -2.82 4.03 -2.29
CA GLY B 107 -1.64 4.88 -2.41
C GLY B 107 -1.63 5.76 -3.66
N SER B 108 -1.90 5.19 -4.84
CA SER B 108 -1.93 5.93 -6.11
C SER B 108 -3.02 7.00 -6.17
N LEU B 109 -4.15 6.78 -5.48
CA LEU B 109 -5.23 7.75 -5.33
C LEU B 109 -4.84 8.85 -4.32
N PHE B 110 -4.35 8.46 -3.13
CA PHE B 110 -3.96 9.37 -2.04
C PHE B 110 -2.98 10.46 -2.50
N LEU B 111 -1.90 10.06 -3.18
CA LEU B 111 -0.82 10.96 -3.61
C LEU B 111 -1.28 12.05 -4.62
N GLU B 112 -2.37 11.78 -5.35
CA GLU B 112 -2.93 12.68 -6.38
C GLU B 112 -3.99 13.64 -5.81
N GLY B 113 -4.39 13.46 -4.55
CA GLY B 113 -5.42 14.25 -3.85
C GLY B 113 -6.84 13.66 -3.95
N ILE B 114 -7.01 12.61 -4.77
CA ILE B 114 -8.18 11.72 -4.76
C ILE B 114 -8.18 10.89 -3.46
N LEU B 115 -9.30 10.27 -3.12
CA LEU B 115 -9.51 9.40 -1.94
C LEU B 115 -9.45 10.17 -0.60
N ASN B 116 -10.52 10.02 0.19
CA ASN B 116 -10.81 10.80 1.39
C ASN B 116 -11.56 9.92 2.41
N SER B 117 -11.62 10.31 3.69
CA SER B 117 -12.13 9.47 4.79
C SER B 117 -13.57 8.94 4.63
N ASP B 118 -14.39 9.54 3.75
CA ASP B 118 -15.73 9.05 3.39
C ASP B 118 -15.82 8.63 1.91
N ASN B 119 -15.22 9.37 0.96
CA ASN B 119 -15.23 9.03 -0.47
C ASN B 119 -14.47 7.71 -0.78
N ALA B 120 -13.52 7.33 0.08
CA ALA B 120 -12.85 6.03 0.01
C ALA B 120 -13.83 4.83 0.05
N ALA B 121 -14.99 4.95 0.70
CA ALA B 121 -16.01 3.90 0.68
C ALA B 121 -16.61 3.70 -0.72
N THR B 122 -16.90 4.80 -1.44
CA THR B 122 -17.39 4.78 -2.83
C THR B 122 -16.35 4.19 -3.79
N LEU B 123 -15.10 4.66 -3.69
CA LEU B 123 -14.01 4.18 -4.51
C LEU B 123 -13.68 2.71 -4.22
N ALA B 124 -13.62 2.30 -2.95
CA ALA B 124 -13.42 0.90 -2.57
C ALA B 124 -14.54 0.00 -3.11
N LYS B 125 -15.82 0.40 -2.98
CA LYS B 125 -16.95 -0.36 -3.55
C LYS B 125 -16.86 -0.49 -5.07
N LYS B 126 -16.67 0.60 -5.83
CA LYS B 126 -16.63 0.50 -7.30
C LYS B 126 -15.44 -0.32 -7.81
N CYS B 127 -14.26 -0.20 -7.17
CA CYS B 127 -13.10 -1.03 -7.46
C CYS B 127 -13.28 -2.52 -7.07
N ALA B 128 -13.83 -2.82 -5.89
CA ALA B 128 -14.06 -4.19 -5.43
C ALA B 128 -15.18 -4.90 -6.22
N ASN B 129 -16.30 -4.20 -6.48
CA ASN B 129 -17.39 -4.74 -7.30
C ASN B 129 -16.93 -5.00 -8.75
N ASP B 130 -16.07 -4.14 -9.30
CA ASP B 130 -15.43 -4.38 -10.61
C ASP B 130 -14.59 -5.67 -10.64
N MET B 131 -13.96 -6.07 -9.52
CA MET B 131 -13.24 -7.35 -9.43
C MET B 131 -14.16 -8.54 -9.71
N GLU B 132 -15.26 -8.67 -8.96
CA GLU B 132 -16.21 -9.78 -9.18
C GLU B 132 -16.97 -9.67 -10.50
N ALA B 133 -17.28 -8.45 -10.96
CA ALA B 133 -17.92 -8.19 -12.25
C ALA B 133 -17.06 -8.57 -13.47
N PHE B 134 -15.77 -8.86 -13.28
CA PHE B 134 -14.84 -9.33 -14.32
C PHE B 134 -14.30 -10.75 -14.04
N ALA B 135 -14.24 -11.18 -12.77
CA ALA B 135 -14.02 -12.58 -12.41
C ALA B 135 -15.17 -13.49 -12.86
N LYS B 136 -16.44 -13.04 -12.80
CA LYS B 136 -17.61 -13.83 -13.26
C LYS B 136 -17.57 -14.19 -14.76
N LYS B 137 -16.84 -13.43 -15.58
CA LYS B 137 -16.53 -13.72 -17.00
C LYS B 137 -15.44 -14.80 -17.18
N MET B 138 -14.65 -15.08 -16.15
CA MET B 138 -13.49 -15.99 -16.16
C MET B 138 -13.77 -17.30 -15.41
N VAL B 139 -14.62 -17.28 -14.39
CA VAL B 139 -15.10 -18.46 -13.62
C VAL B 139 -16.15 -19.23 -14.46
N GLU B 140 -15.68 -19.91 -15.50
CA GLU B 140 -16.46 -20.82 -16.36
C GLU B 140 -15.53 -21.87 -17.04
N ILE B 141 -16.09 -22.78 -17.84
CA ILE B 141 -15.33 -23.84 -18.53
C ILE B 141 -14.50 -23.25 -19.69
N GLY B 142 -13.24 -23.69 -19.81
CA GLY B 142 -12.30 -23.32 -20.89
C GLY B 142 -11.99 -21.82 -20.99
N ASN A 1 -8.35 16.40 -9.76
CA ASN A 1 -9.15 17.43 -9.04
C ASN A 1 -8.37 18.68 -8.62
N LEU A 2 -7.09 18.59 -8.22
CA LEU A 2 -6.21 19.74 -7.93
C LEU A 2 -6.75 20.68 -6.82
N SER A 3 -7.03 20.11 -5.65
CA SER A 3 -7.50 20.87 -4.47
C SER A 3 -6.94 20.34 -3.14
N ILE A 4 -6.92 19.01 -2.93
CA ILE A 4 -6.43 18.28 -1.74
C ILE A 4 -7.24 18.54 -0.44
N GLY A 5 -7.81 19.72 -0.25
CA GLY A 5 -8.68 20.07 0.88
C GLY A 5 -10.17 19.76 0.65
N ASP A 6 -10.57 19.49 -0.59
CA ASP A 6 -11.93 19.05 -0.98
C ASP A 6 -12.19 17.57 -0.61
N THR A 7 -12.24 17.27 0.69
CA THR A 7 -12.38 15.92 1.26
C THR A 7 -13.65 15.73 2.10
N THR A 8 -14.54 16.73 2.13
CA THR A 8 -15.81 16.80 2.89
C THR A 8 -15.59 16.89 4.42
N SER A 9 -16.47 17.63 5.11
CA SER A 9 -16.43 17.82 6.57
C SER A 9 -16.76 16.53 7.35
N ILE A 10 -16.51 16.55 8.66
CA ILE A 10 -16.66 15.42 9.60
C ILE A 10 -18.06 14.77 9.63
N ILE A 11 -19.07 15.45 9.07
CA ILE A 11 -20.46 14.98 8.90
C ILE A 11 -20.51 13.60 8.21
N GLN A 12 -19.69 13.38 7.18
CA GLN A 12 -19.58 12.09 6.48
C GLN A 12 -18.62 11.11 7.19
N LEU A 13 -17.57 11.59 7.86
CA LEU A 13 -16.61 10.75 8.60
C LEU A 13 -17.28 10.02 9.78
N PHE A 14 -18.29 10.65 10.39
CA PHE A 14 -19.07 10.11 11.51
C PHE A 14 -19.92 8.87 11.16
N LYS A 15 -20.20 8.61 9.87
CA LYS A 15 -21.22 7.65 9.41
C LYS A 15 -21.02 6.20 9.92
N ASN A 16 -19.84 5.61 9.69
CA ASN A 16 -19.46 4.24 10.09
C ASN A 16 -17.99 3.88 9.72
N PHE A 17 -17.04 4.79 10.02
CA PHE A 17 -15.63 4.68 9.57
C PHE A 17 -14.63 4.59 10.74
N THR A 18 -14.82 3.56 11.58
CA THR A 18 -13.93 3.16 12.69
C THR A 18 -13.57 1.68 12.63
N GLY A 19 -12.40 1.31 13.18
CA GLY A 19 -11.85 -0.06 13.14
C GLY A 19 -10.48 -0.15 12.45
N PRO A 20 -9.44 0.56 12.94
CA PRO A 20 -8.12 0.59 12.30
C PRO A 20 -7.42 -0.79 12.32
N PRO A 21 -7.04 -1.36 11.15
CA PRO A 21 -6.33 -2.65 11.07
C PRO A 21 -4.87 -2.55 11.52
N SER A 22 -4.20 -3.71 11.63
CA SER A 22 -2.75 -3.83 11.93
C SER A 22 -1.82 -3.07 10.97
N VAL A 23 -2.28 -2.79 9.74
CA VAL A 23 -1.56 -2.00 8.74
C VAL A 23 -1.75 -0.48 8.89
N ALA A 24 -2.80 -0.03 9.57
CA ALA A 24 -3.05 1.41 9.78
C ALA A 24 -1.95 2.05 10.63
N THR A 25 -1.49 1.38 11.70
CA THR A 25 -0.37 1.85 12.53
C THR A 25 0.92 1.99 11.72
N PHE A 26 1.21 1.07 10.78
CA PHE A 26 2.38 1.18 9.88
C PHE A 26 2.32 2.48 9.07
N ILE A 27 1.27 2.68 8.26
CA ILE A 27 1.19 3.84 7.35
C ILE A 27 1.07 5.17 8.10
N SER A 28 0.38 5.21 9.24
CA SER A 28 0.31 6.41 10.11
C SER A 28 1.69 6.80 10.66
N ASN A 29 2.40 5.86 11.31
CA ASN A 29 3.69 6.20 11.92
C ASN A 29 4.81 6.40 10.88
N PHE A 30 4.76 5.74 9.72
CA PHE A 30 5.67 6.01 8.60
C PHE A 30 5.56 7.48 8.13
N HIS A 31 4.34 7.98 7.93
CA HIS A 31 4.08 9.39 7.60
C HIS A 31 4.51 10.37 8.72
N SER A 32 4.38 9.95 9.99
CA SER A 32 4.87 10.74 11.13
C SER A 32 6.41 10.83 11.15
N ILE A 33 7.13 9.72 10.96
CA ILE A 33 8.61 9.67 10.88
C ILE A 33 9.14 10.62 9.79
N VAL A 34 8.49 10.64 8.61
CA VAL A 34 8.81 11.54 7.48
C VAL A 34 8.84 13.02 7.88
N GLN A 35 7.96 13.46 8.79
CA GLN A 35 7.91 14.84 9.32
C GLN A 35 8.82 15.03 10.56
N SER A 36 8.92 14.03 11.44
CA SER A 36 9.68 14.09 12.69
C SER A 36 11.21 13.99 12.51
N SER A 37 11.69 13.37 11.44
CA SER A 37 13.10 13.06 11.22
C SER A 37 13.67 13.83 10.03
N LYS A 38 14.46 14.87 10.33
CA LYS A 38 15.14 15.76 9.37
C LYS A 38 15.91 15.02 8.26
N THR A 39 16.44 13.84 8.55
CA THR A 39 17.19 13.02 7.59
C THR A 39 16.34 12.44 6.46
N LEU A 40 15.02 12.26 6.64
CA LEU A 40 14.09 12.00 5.51
C LEU A 40 13.93 13.27 4.65
N LEU A 41 13.72 14.43 5.28
CA LEU A 41 13.59 15.71 4.59
C LEU A 41 14.82 16.06 3.74
N ASN A 42 16.01 15.62 4.15
CA ASN A 42 17.26 15.78 3.41
C ASN A 42 17.26 15.07 2.02
N LEU A 43 16.47 14.00 1.84
CA LEU A 43 16.20 13.38 0.53
C LEU A 43 15.37 14.34 -0.34
N PHE A 44 14.24 14.83 0.20
CA PHE A 44 13.30 15.67 -0.55
C PHE A 44 13.88 17.06 -0.87
N ASP A 45 14.84 17.55 -0.09
CA ASP A 45 15.65 18.74 -0.38
C ASP A 45 16.49 18.64 -1.68
N VAL A 46 16.63 17.44 -2.25
CA VAL A 46 17.24 17.19 -3.58
C VAL A 46 16.28 16.49 -4.57
N ALA A 47 14.97 16.49 -4.30
CA ALA A 47 13.94 15.98 -5.23
C ALA A 47 13.90 16.68 -6.61
N GLU A 48 14.57 17.83 -6.75
CA GLU A 48 14.80 18.54 -8.02
C GLU A 48 15.81 17.86 -8.98
N GLU A 49 16.60 16.88 -8.49
CA GLU A 49 17.54 16.07 -9.30
C GLU A 49 16.81 15.07 -10.23
N ASN A 50 17.58 14.32 -11.03
CA ASN A 50 17.05 13.31 -11.97
C ASN A 50 16.15 12.26 -11.27
N PRO A 51 15.02 11.85 -11.89
CA PRO A 51 14.04 10.96 -11.26
C PRO A 51 14.57 9.53 -11.05
N LEU A 52 15.47 9.09 -11.92
CA LEU A 52 16.16 7.80 -11.84
C LEU A 52 16.93 7.63 -10.52
N GLU A 53 17.48 8.72 -9.96
CA GLU A 53 18.30 8.67 -8.74
C GLU A 53 17.48 8.21 -7.52
N PHE A 54 16.28 8.77 -7.32
CA PHE A 54 15.37 8.38 -6.24
C PHE A 54 14.85 6.95 -6.45
N ALA A 55 14.40 6.65 -7.68
CA ALA A 55 13.89 5.33 -8.04
C ALA A 55 14.94 4.22 -7.83
N LYS A 56 16.18 4.42 -8.29
CA LYS A 56 17.29 3.47 -8.06
C LYS A 56 17.68 3.36 -6.59
N CYS A 57 17.76 4.47 -5.85
CA CYS A 57 18.00 4.45 -4.41
C CYS A 57 16.97 3.57 -3.69
N MET A 58 15.68 3.80 -3.97
CA MET A 58 14.56 3.00 -3.43
C MET A 58 14.64 1.53 -3.87
N TYR A 59 14.89 1.23 -5.15
CA TYR A 59 14.98 -0.15 -5.65
C TYR A 59 16.12 -0.94 -4.97
N GLU A 60 17.35 -0.41 -4.98
CA GLU A 60 18.53 -1.09 -4.40
C GLU A 60 18.40 -1.28 -2.89
N LEU A 61 17.81 -0.29 -2.20
CA LEU A 61 17.48 -0.39 -0.78
C LEU A 61 16.45 -1.47 -0.50
N VAL A 62 15.31 -1.42 -1.19
CA VAL A 62 14.18 -2.34 -0.97
C VAL A 62 14.56 -3.78 -1.30
N LEU A 63 15.44 -4.02 -2.28
CA LEU A 63 16.02 -5.34 -2.54
C LEU A 63 16.67 -5.94 -1.28
N LYS A 64 17.66 -5.26 -0.69
CA LYS A 64 18.35 -5.75 0.51
C LYS A 64 17.48 -5.73 1.77
N SER A 65 16.58 -4.76 1.93
CA SER A 65 15.61 -4.73 3.03
C SER A 65 14.67 -5.93 2.99
N ALA A 66 14.01 -6.20 1.86
CA ALA A 66 13.07 -7.30 1.74
C ALA A 66 13.74 -8.68 1.90
N ASN A 67 14.96 -8.87 1.37
CA ASN A 67 15.79 -10.05 1.66
C ASN A 67 16.14 -10.18 3.14
N SER A 68 16.54 -9.09 3.81
CA SER A 68 16.91 -9.07 5.23
C SER A 68 15.72 -9.37 6.17
N LEU A 69 14.54 -8.80 5.88
CA LEU A 69 13.29 -9.09 6.60
C LEU A 69 12.83 -10.55 6.41
N GLY A 70 13.01 -11.10 5.20
CA GLY A 70 12.73 -12.51 4.87
C GLY A 70 11.58 -12.74 3.87
N VAL A 71 11.24 -11.72 3.07
CA VAL A 71 10.11 -11.69 2.13
C VAL A 71 10.19 -12.83 1.11
N LEU A 72 9.04 -13.41 0.74
CA LEU A 72 8.91 -14.53 -0.21
C LEU A 72 9.50 -14.23 -1.60
N ASN A 73 9.25 -13.02 -2.11
CA ASN A 73 9.66 -12.54 -3.44
C ASN A 73 10.10 -11.06 -3.34
N PRO A 74 11.31 -10.76 -2.85
CA PRO A 74 11.75 -9.38 -2.54
C PRO A 74 11.77 -8.44 -3.76
N HIS A 75 11.96 -9.01 -4.97
CA HIS A 75 11.82 -8.33 -6.25
C HIS A 75 10.47 -7.61 -6.42
N LEU A 76 9.35 -8.18 -5.92
CA LEU A 76 8.04 -7.55 -6.04
C LEU A 76 8.00 -6.18 -5.37
N ILE A 77 8.59 -6.04 -4.17
CA ILE A 77 8.53 -4.79 -3.39
C ILE A 77 9.35 -3.71 -4.09
N ALA A 78 10.57 -4.07 -4.53
CA ALA A 78 11.46 -3.15 -5.23
C ALA A 78 10.87 -2.69 -6.57
N ASN A 79 10.34 -3.62 -7.37
CA ASN A 79 9.71 -3.31 -8.65
C ASN A 79 8.40 -2.51 -8.46
N ASN A 80 7.58 -2.81 -7.44
CA ASN A 80 6.39 -2.02 -7.09
C ASN A 80 6.79 -0.55 -6.86
N ILE A 81 7.67 -0.31 -5.89
CA ILE A 81 8.07 1.04 -5.51
C ILE A 81 8.78 1.76 -6.67
N TYR A 82 9.68 1.10 -7.40
CA TYR A 82 10.35 1.66 -8.58
C TYR A 82 9.36 2.06 -9.69
N GLN A 83 8.47 1.16 -10.12
CA GLN A 83 7.49 1.45 -11.17
C GLN A 83 6.48 2.53 -10.75
N SER A 84 6.01 2.50 -9.50
CA SER A 84 5.14 3.55 -8.97
C SER A 84 5.82 4.92 -8.95
N VAL A 85 7.07 5.01 -8.46
CA VAL A 85 7.84 6.26 -8.38
C VAL A 85 8.15 6.84 -9.76
N VAL A 86 8.68 6.04 -10.69
CA VAL A 86 9.02 6.52 -12.05
C VAL A 86 7.77 6.92 -12.85
N SER A 87 6.60 6.34 -12.53
CA SER A 87 5.32 6.65 -13.18
C SER A 87 4.61 7.88 -12.59
N ASN A 88 4.51 8.01 -11.27
CA ASN A 88 3.74 9.08 -10.60
C ASN A 88 4.51 10.42 -10.51
N LEU A 89 5.34 10.68 -11.52
CA LEU A 89 6.35 11.74 -11.59
C LEU A 89 5.80 13.17 -11.68
N ASP A 90 4.49 13.33 -11.91
CA ASP A 90 3.80 14.63 -11.97
C ASP A 90 3.89 15.43 -10.65
N ILE A 91 4.11 14.75 -9.52
CA ILE A 91 4.25 15.35 -8.17
C ILE A 91 5.42 14.72 -7.38
N LEU A 92 6.65 15.12 -7.72
CA LEU A 92 7.90 14.85 -6.96
C LEU A 92 7.95 15.56 -5.57
N HIS A 93 6.79 15.84 -4.96
CA HIS A 93 6.65 16.59 -3.70
C HIS A 93 7.19 15.80 -2.48
N SER A 94 7.53 16.50 -1.40
CA SER A 94 8.15 15.95 -0.19
C SER A 94 7.41 14.74 0.40
N SER A 95 6.13 14.88 0.71
CA SER A 95 5.27 13.78 1.17
C SER A 95 4.90 12.80 0.05
N ALA A 96 4.65 13.29 -1.17
CA ALA A 96 4.27 12.48 -2.32
C ALA A 96 5.28 11.37 -2.67
N MET A 97 6.59 11.66 -2.55
CA MET A 97 7.69 10.69 -2.73
C MET A 97 7.62 9.47 -1.77
N VAL A 98 6.85 9.56 -0.69
CA VAL A 98 6.76 8.54 0.37
C VAL A 98 5.33 8.13 0.75
N ASN A 99 4.29 8.83 0.27
CA ASN A 99 2.91 8.33 0.27
C ASN A 99 2.79 6.98 -0.45
N LEU A 100 3.44 6.85 -1.63
CA LEU A 100 3.54 5.59 -2.36
C LEU A 100 4.37 4.55 -1.61
N TYR A 101 5.56 4.93 -1.12
CA TYR A 101 6.43 4.01 -0.36
C TYR A 101 5.68 3.41 0.84
N ALA A 102 5.03 4.23 1.66
CA ALA A 102 4.30 3.80 2.85
C ALA A 102 3.27 2.72 2.53
N ASN A 103 2.36 2.97 1.57
CA ASN A 103 1.30 2.01 1.22
C ASN A 103 1.80 0.80 0.43
N ALA A 104 2.75 0.98 -0.51
CA ALA A 104 3.35 -0.13 -1.26
C ALA A 104 4.12 -1.07 -0.33
N MET A 105 4.98 -0.54 0.55
CA MET A 105 5.71 -1.33 1.55
C MET A 105 4.74 -2.02 2.52
N ALA A 106 3.72 -1.31 3.02
CA ALA A 106 2.69 -1.87 3.89
C ALA A 106 1.97 -3.10 3.29
N GLY A 107 1.48 -2.98 2.05
CA GLY A 107 0.83 -4.09 1.33
C GLY A 107 1.77 -5.23 0.99
N SER A 108 3.05 -4.92 0.72
CA SER A 108 4.07 -5.90 0.33
C SER A 108 4.68 -6.67 1.52
N LEU A 109 4.76 -6.07 2.71
CA LEU A 109 5.18 -6.74 3.94
C LEU A 109 4.07 -7.64 4.52
N PHE A 110 2.80 -7.31 4.27
CA PHE A 110 1.64 -8.17 4.55
C PHE A 110 1.80 -9.60 3.98
N LEU A 111 2.51 -9.74 2.85
CA LEU A 111 2.66 -10.99 2.09
C LEU A 111 3.49 -12.07 2.81
N GLU A 112 4.33 -11.68 3.78
CA GLU A 112 5.11 -12.62 4.60
C GLU A 112 4.33 -13.07 5.86
N GLY A 113 3.13 -12.52 6.10
CA GLY A 113 2.31 -12.79 7.30
C GLY A 113 2.81 -12.11 8.59
N ILE A 114 3.79 -11.21 8.47
CA ILE A 114 4.29 -10.32 9.55
C ILE A 114 3.36 -9.10 9.72
N LEU A 115 3.87 -7.95 10.19
CA LEU A 115 3.15 -6.67 10.24
C LEU A 115 1.95 -6.72 11.22
N ASN A 116 2.16 -7.37 12.38
CA ASN A 116 1.25 -7.30 13.53
C ASN A 116 1.12 -5.84 14.04
N SER A 117 0.03 -5.50 14.76
CA SER A 117 -0.29 -4.10 15.09
C SER A 117 0.78 -3.32 15.89
N ASP A 118 1.64 -4.00 16.66
CA ASP A 118 2.78 -3.38 17.36
C ASP A 118 4.05 -3.41 16.48
N ASN A 119 4.34 -4.59 15.90
CA ASN A 119 5.42 -4.84 14.94
C ASN A 119 5.39 -3.87 13.74
N ALA A 120 4.22 -3.38 13.34
CA ALA A 120 4.01 -2.34 12.36
C ALA A 120 4.78 -1.03 12.63
N ALA A 121 4.97 -0.64 13.90
CA ALA A 121 5.82 0.49 14.27
C ALA A 121 7.32 0.16 14.05
N THR A 122 7.74 -1.05 14.42
CA THR A 122 9.11 -1.56 14.22
C THR A 122 9.46 -1.65 12.73
N LEU A 123 8.59 -2.25 11.90
CA LEU A 123 8.79 -2.36 10.46
C LEU A 123 8.80 -1.00 9.76
N ALA A 124 7.91 -0.08 10.15
CA ALA A 124 7.90 1.28 9.61
C ALA A 124 9.20 2.03 9.93
N LYS A 125 9.67 1.97 11.18
CA LYS A 125 10.99 2.50 11.57
C LYS A 125 12.13 1.84 10.80
N LYS A 126 12.16 0.51 10.69
CA LYS A 126 13.19 -0.23 9.93
C LYS A 126 13.31 0.27 8.49
N CYS A 127 12.19 0.38 7.76
CA CYS A 127 12.20 0.86 6.38
C CYS A 127 12.48 2.37 6.25
N ALA A 128 11.88 3.22 7.08
CA ALA A 128 12.09 4.68 7.03
C ALA A 128 13.51 5.11 7.46
N ASN A 129 14.07 4.45 8.49
CA ASN A 129 15.45 4.71 8.93
C ASN A 129 16.47 4.19 7.91
N ASP A 130 16.17 3.11 7.18
CA ASP A 130 16.99 2.65 6.07
C ASP A 130 16.89 3.59 4.84
N MET A 131 15.71 4.17 4.58
CA MET A 131 15.47 5.16 3.52
C MET A 131 16.38 6.40 3.67
N GLU A 132 16.40 7.02 4.85
CA GLU A 132 17.33 8.12 5.13
C GLU A 132 18.81 7.67 5.18
N ALA A 133 19.09 6.46 5.68
CA ALA A 133 20.46 5.92 5.77
C ALA A 133 21.11 5.63 4.40
N PHE A 134 20.33 5.62 3.31
CA PHE A 134 20.82 5.47 1.94
C PHE A 134 20.66 6.77 1.12
N ALA A 135 19.69 7.63 1.47
CA ALA A 135 19.64 9.02 0.98
C ALA A 135 20.90 9.82 1.37
N LYS A 136 21.43 9.64 2.59
CA LYS A 136 22.66 10.31 3.05
C LYS A 136 23.94 9.92 2.26
N LYS A 137 23.89 8.80 1.52
CA LYS A 137 24.94 8.36 0.57
C LYS A 137 24.76 8.92 -0.85
N MET A 138 23.57 9.45 -1.17
CA MET A 138 23.18 9.94 -2.51
C MET A 138 23.11 11.48 -2.59
N VAL A 139 22.84 12.16 -1.47
CA VAL A 139 22.95 13.62 -1.33
C VAL A 139 24.39 14.13 -1.57
N GLU A 140 24.54 15.41 -1.92
CA GLU A 140 25.82 16.05 -2.24
C GLU A 140 25.88 17.51 -1.72
N ILE A 141 27.07 18.13 -1.78
CA ILE A 141 27.36 19.50 -1.31
C ILE A 141 26.40 20.52 -1.95
N GLY A 142 25.79 21.37 -1.12
CA GLY A 142 24.85 22.43 -1.55
C GLY A 142 24.23 23.18 -0.37
N ASN B 1 2.23 -20.88 10.86
CA ASN B 1 1.79 -21.58 12.10
C ASN B 1 0.32 -21.30 12.46
N LEU B 2 -0.58 -21.10 11.48
CA LEU B 2 -2.03 -20.82 11.58
C LEU B 2 -2.47 -19.88 12.74
N SER B 3 -1.64 -18.87 13.06
CA SER B 3 -1.78 -17.97 14.21
C SER B 3 -1.96 -18.66 15.59
N ILE B 4 -1.56 -19.93 15.73
CA ILE B 4 -1.52 -20.68 17.00
C ILE B 4 -0.25 -20.37 17.79
N GLY B 5 0.87 -20.10 17.09
CA GLY B 5 2.17 -19.76 17.67
C GLY B 5 2.33 -18.30 18.14
N ASP B 6 1.24 -17.52 18.13
CA ASP B 6 1.17 -16.14 18.61
C ASP B 6 -0.18 -15.89 19.31
N THR B 7 -0.14 -15.24 20.48
CA THR B 7 -1.30 -14.97 21.34
C THR B 7 -1.46 -13.48 21.66
N THR B 8 -0.71 -12.61 20.95
CA THR B 8 -0.74 -11.14 21.07
C THR B 8 -2.17 -10.58 20.90
N SER B 9 -2.58 -9.73 21.84
CA SER B 9 -3.93 -9.13 21.93
C SER B 9 -3.92 -7.60 22.05
N ILE B 10 -2.74 -6.97 21.90
CA ILE B 10 -2.51 -5.52 22.02
C ILE B 10 -3.35 -4.64 21.08
N ILE B 11 -3.97 -5.23 20.05
CA ILE B 11 -4.96 -4.58 19.17
C ILE B 11 -6.06 -3.89 20.00
N GLN B 12 -6.52 -4.56 21.07
CA GLN B 12 -7.53 -4.04 21.99
C GLN B 12 -7.00 -2.90 22.89
N LEU B 13 -5.69 -2.90 23.21
CA LEU B 13 -5.03 -1.81 23.93
C LEU B 13 -4.86 -0.55 23.06
N PHE B 14 -4.51 -0.73 21.77
CA PHE B 14 -4.32 0.37 20.81
C PHE B 14 -5.65 1.09 20.50
N LYS B 15 -6.70 0.34 20.13
CA LYS B 15 -8.05 0.82 19.81
C LYS B 15 -8.09 2.10 18.92
N ASN B 16 -9.13 2.93 19.07
CA ASN B 16 -9.34 4.17 18.29
C ASN B 16 -8.67 5.43 18.92
N PHE B 17 -7.68 5.25 19.83
CA PHE B 17 -7.04 6.35 20.60
C PHE B 17 -6.30 7.42 19.78
N THR B 18 -6.04 7.18 18.49
CA THR B 18 -5.50 8.17 17.55
C THR B 18 -6.29 8.14 16.24
N GLY B 19 -6.58 9.33 15.69
CA GLY B 19 -7.37 9.48 14.46
C GLY B 19 -6.60 8.97 13.23
N PRO B 20 -7.02 7.86 12.59
CA PRO B 20 -6.30 7.31 11.45
C PRO B 20 -6.49 8.18 10.18
N PRO B 21 -5.56 8.11 9.20
CA PRO B 21 -5.64 8.91 7.98
C PRO B 21 -6.78 8.44 7.06
N SER B 22 -7.16 9.29 6.10
CA SER B 22 -8.18 9.02 5.07
C SER B 22 -7.93 7.77 4.23
N VAL B 23 -6.70 7.27 4.20
CA VAL B 23 -6.29 6.03 3.50
C VAL B 23 -6.53 4.75 4.30
N ALA B 24 -6.57 4.80 5.65
CA ALA B 24 -6.75 3.61 6.48
C ALA B 24 -8.16 2.99 6.33
N THR B 25 -9.19 3.83 6.26
CA THR B 25 -10.59 3.38 6.06
C THR B 25 -10.80 2.68 4.72
N PHE B 26 -10.04 3.01 3.68
CA PHE B 26 -10.08 2.29 2.38
C PHE B 26 -9.75 0.79 2.56
N ILE B 27 -8.73 0.47 3.37
CA ILE B 27 -8.31 -0.90 3.66
C ILE B 27 -9.44 -1.68 4.35
N SER B 28 -10.00 -1.11 5.43
CA SER B 28 -11.12 -1.70 6.18
C SER B 28 -12.36 -1.89 5.31
N ASN B 29 -12.71 -0.90 4.48
CA ASN B 29 -13.81 -1.01 3.52
C ASN B 29 -13.58 -2.16 2.54
N PHE B 30 -12.40 -2.28 1.92
CA PHE B 30 -12.10 -3.38 0.99
C PHE B 30 -12.32 -4.76 1.65
N HIS B 31 -11.83 -4.97 2.87
CA HIS B 31 -12.07 -6.20 3.63
C HIS B 31 -13.58 -6.44 3.87
N SER B 32 -14.32 -5.44 4.33
CA SER B 32 -15.77 -5.54 4.56
C SER B 32 -16.55 -5.87 3.28
N ILE B 33 -16.24 -5.19 2.16
CA ILE B 33 -16.91 -5.43 0.86
C ILE B 33 -16.64 -6.85 0.36
N VAL B 34 -15.39 -7.33 0.46
CA VAL B 34 -15.00 -8.70 0.11
C VAL B 34 -15.81 -9.72 0.94
N GLN B 35 -15.96 -9.51 2.25
CA GLN B 35 -16.79 -10.38 3.10
C GLN B 35 -18.31 -10.30 2.81
N SER B 36 -18.83 -9.10 2.49
CA SER B 36 -20.26 -8.88 2.21
C SER B 36 -20.74 -9.40 0.84
N SER B 37 -19.85 -9.57 -0.13
CA SER B 37 -20.18 -9.91 -1.53
C SER B 37 -19.62 -11.29 -1.92
N LYS B 38 -20.47 -12.33 -1.83
CA LYS B 38 -20.12 -13.74 -2.12
C LYS B 38 -19.26 -13.93 -3.36
N THR B 39 -19.63 -13.29 -4.47
CA THR B 39 -18.93 -13.40 -5.77
C THR B 39 -17.45 -12.97 -5.70
N LEU B 40 -17.09 -12.09 -4.76
CA LEU B 40 -15.71 -11.66 -4.51
C LEU B 40 -14.89 -12.78 -3.86
N LEU B 41 -15.41 -13.43 -2.80
CA LEU B 41 -14.77 -14.61 -2.20
C LEU B 41 -14.73 -15.78 -3.20
N ASN B 42 -15.77 -15.94 -4.02
CA ASN B 42 -15.88 -17.00 -5.02
C ASN B 42 -14.80 -16.93 -6.11
N LEU B 43 -14.18 -15.76 -6.33
CA LEU B 43 -12.97 -15.59 -7.14
C LEU B 43 -11.76 -16.22 -6.44
N PHE B 44 -11.47 -15.79 -5.20
CA PHE B 44 -10.31 -16.25 -4.44
C PHE B 44 -10.39 -17.73 -4.01
N ASP B 45 -11.59 -18.31 -3.94
CA ASP B 45 -11.79 -19.76 -3.76
C ASP B 45 -11.17 -20.61 -4.91
N VAL B 46 -10.95 -20.02 -6.09
CA VAL B 46 -10.29 -20.66 -7.25
C VAL B 46 -8.75 -20.64 -7.13
N ALA B 47 -8.18 -20.12 -6.02
CA ALA B 47 -6.73 -20.01 -5.78
C ALA B 47 -5.90 -21.29 -5.99
N GLU B 48 -6.50 -22.47 -5.88
CA GLU B 48 -5.85 -23.76 -6.12
C GLU B 48 -5.64 -24.09 -7.63
N GLU B 49 -6.12 -23.21 -8.52
CA GLU B 49 -5.99 -23.28 -9.99
C GLU B 49 -4.98 -22.23 -10.53
N ASN B 50 -4.90 -22.02 -11.85
CA ASN B 50 -3.96 -21.11 -12.53
C ASN B 50 -3.90 -19.70 -11.90
N PRO B 51 -2.78 -19.29 -11.27
CA PRO B 51 -2.65 -17.97 -10.63
C PRO B 51 -2.50 -16.81 -11.63
N LEU B 52 -2.06 -17.09 -12.86
CA LEU B 52 -1.99 -16.13 -13.97
C LEU B 52 -3.36 -15.50 -14.26
N GLU B 53 -4.47 -16.26 -14.11
CA GLU B 53 -5.83 -15.78 -14.31
C GLU B 53 -6.11 -14.51 -13.49
N PHE B 54 -5.68 -14.49 -12.23
CA PHE B 54 -5.88 -13.37 -11.31
C PHE B 54 -5.01 -12.18 -11.69
N ALA B 55 -3.70 -12.38 -11.89
CA ALA B 55 -2.79 -11.31 -12.30
C ALA B 55 -3.24 -10.66 -13.62
N LYS B 56 -3.62 -11.47 -14.61
CA LYS B 56 -4.10 -11.03 -15.92
C LYS B 56 -5.43 -10.27 -15.85
N CYS B 57 -6.44 -10.79 -15.14
CA CYS B 57 -7.71 -10.08 -15.00
C CYS B 57 -7.57 -8.78 -14.21
N MET B 58 -6.77 -8.78 -13.14
CA MET B 58 -6.47 -7.57 -12.34
C MET B 58 -5.74 -6.53 -13.18
N TYR B 59 -4.70 -6.89 -13.95
CA TYR B 59 -4.01 -5.96 -14.86
C TYR B 59 -4.96 -5.33 -15.88
N GLU B 60 -5.72 -6.16 -16.61
CA GLU B 60 -6.60 -5.70 -17.70
C GLU B 60 -7.77 -4.83 -17.18
N LEU B 61 -8.33 -5.19 -16.01
CA LEU B 61 -9.38 -4.44 -15.34
C LEU B 61 -8.86 -3.11 -14.76
N VAL B 62 -7.68 -3.12 -14.10
CA VAL B 62 -7.07 -1.91 -13.56
C VAL B 62 -6.71 -0.91 -14.67
N LEU B 63 -6.29 -1.39 -15.86
CA LEU B 63 -6.08 -0.54 -17.03
C LEU B 63 -7.31 0.33 -17.34
N LYS B 64 -8.49 -0.28 -17.56
CA LYS B 64 -9.74 0.47 -17.81
C LYS B 64 -10.22 1.28 -16.58
N SER B 65 -10.12 0.69 -15.39
CA SER B 65 -10.62 1.27 -14.14
C SER B 65 -9.86 2.55 -13.76
N ALA B 66 -8.53 2.49 -13.67
CA ALA B 66 -7.70 3.64 -13.30
C ALA B 66 -7.79 4.78 -14.33
N ASN B 67 -7.89 4.47 -15.65
CA ASN B 67 -8.21 5.47 -16.67
C ASN B 67 -9.57 6.15 -16.41
N SER B 68 -10.62 5.38 -16.10
CA SER B 68 -11.96 5.88 -15.79
C SER B 68 -12.01 6.74 -14.51
N LEU B 69 -11.24 6.36 -13.47
CA LEU B 69 -11.07 7.13 -12.23
C LEU B 69 -10.27 8.44 -12.41
N GLY B 70 -9.59 8.63 -13.55
CA GLY B 70 -8.79 9.83 -13.83
C GLY B 70 -7.39 9.82 -13.20
N VAL B 71 -6.84 8.63 -12.92
CA VAL B 71 -5.46 8.42 -12.44
C VAL B 71 -4.45 9.01 -13.44
N LEU B 72 -3.37 9.64 -12.97
CA LEU B 72 -2.36 10.33 -13.79
C LEU B 72 -1.52 9.35 -14.62
N ASN B 73 -1.15 8.21 -14.03
CA ASN B 73 -0.41 7.11 -14.66
C ASN B 73 -1.10 5.76 -14.32
N PRO B 74 -2.25 5.45 -14.95
CA PRO B 74 -3.06 4.26 -14.61
C PRO B 74 -2.32 2.93 -14.81
N HIS B 75 -1.35 2.90 -15.72
CA HIS B 75 -0.46 1.77 -15.97
C HIS B 75 0.34 1.33 -14.72
N LEU B 76 0.70 2.27 -13.82
CA LEU B 76 1.50 1.94 -12.62
C LEU B 76 0.75 0.98 -11.69
N ILE B 77 -0.55 1.21 -11.51
CA ILE B 77 -1.39 0.41 -10.62
C ILE B 77 -1.55 -1.00 -11.20
N ALA B 78 -1.76 -1.10 -12.51
CA ALA B 78 -1.84 -2.40 -13.19
C ALA B 78 -0.50 -3.16 -13.12
N ASN B 79 0.62 -2.47 -13.36
CA ASN B 79 1.96 -3.06 -13.32
C ASN B 79 2.35 -3.55 -11.92
N ASN B 80 2.16 -2.74 -10.88
CA ASN B 80 2.52 -3.13 -9.51
C ASN B 80 1.58 -4.23 -8.96
N ILE B 81 0.27 -4.21 -9.26
CA ILE B 81 -0.64 -5.31 -8.93
C ILE B 81 -0.27 -6.59 -9.70
N TYR B 82 0.02 -6.54 -11.00
CA TYR B 82 0.40 -7.74 -11.77
C TYR B 82 1.62 -8.45 -11.17
N GLN B 83 2.72 -7.70 -10.94
CA GLN B 83 3.96 -8.26 -10.41
C GLN B 83 3.84 -8.73 -8.95
N SER B 84 3.08 -8.02 -8.09
CA SER B 84 2.87 -8.47 -6.72
C SER B 84 1.93 -9.67 -6.62
N VAL B 85 0.83 -9.70 -7.37
CA VAL B 85 -0.11 -10.83 -7.40
C VAL B 85 0.57 -12.11 -7.89
N VAL B 86 1.31 -12.06 -9.00
CA VAL B 86 2.06 -13.22 -9.52
C VAL B 86 3.26 -13.64 -8.63
N SER B 87 3.51 -12.90 -7.53
CA SER B 87 4.56 -13.19 -6.55
C SER B 87 4.03 -13.60 -5.16
N ASN B 88 2.78 -13.25 -4.80
CA ASN B 88 2.19 -13.55 -3.48
C ASN B 88 1.59 -14.97 -3.33
N LEU B 89 1.90 -15.87 -4.28
CA LEU B 89 1.34 -17.23 -4.42
C LEU B 89 1.44 -18.10 -3.15
N ASP B 90 2.32 -17.78 -2.20
CA ASP B 90 2.42 -18.44 -0.89
C ASP B 90 1.16 -18.27 -0.01
N ILE B 91 0.42 -17.16 -0.15
CA ILE B 91 -0.80 -16.85 0.63
C ILE B 91 -1.93 -16.28 -0.24
N LEU B 92 -2.46 -17.08 -1.17
CA LEU B 92 -3.64 -16.76 -2.00
C LEU B 92 -4.98 -16.74 -1.22
N HIS B 93 -4.96 -16.35 0.06
CA HIS B 93 -6.15 -16.25 0.93
C HIS B 93 -7.09 -15.11 0.48
N SER B 94 -8.38 -15.18 0.85
CA SER B 94 -9.41 -14.23 0.39
C SER B 94 -9.12 -12.76 0.73
N SER B 95 -8.56 -12.50 1.92
CA SER B 95 -8.10 -11.16 2.34
C SER B 95 -6.68 -10.81 1.88
N ALA B 96 -5.86 -11.80 1.50
CA ALA B 96 -4.46 -11.64 1.15
C ALA B 96 -4.23 -11.39 -0.36
N MET B 97 -4.98 -12.07 -1.23
CA MET B 97 -5.04 -11.77 -2.67
C MET B 97 -5.43 -10.31 -2.93
N VAL B 98 -6.51 -9.87 -2.26
CA VAL B 98 -7.08 -8.53 -2.42
C VAL B 98 -6.34 -7.45 -1.62
N ASN B 99 -5.52 -7.83 -0.63
CA ASN B 99 -4.67 -6.89 0.13
C ASN B 99 -3.76 -6.08 -0.79
N LEU B 100 -3.24 -6.70 -1.86
CA LEU B 100 -2.41 -6.03 -2.85
C LEU B 100 -3.20 -5.03 -3.70
N TYR B 101 -4.39 -5.40 -4.17
CA TYR B 101 -5.29 -4.43 -4.82
C TYR B 101 -5.60 -3.27 -3.85
N ALA B 102 -6.01 -3.60 -2.63
CA ALA B 102 -6.36 -2.62 -1.59
C ALA B 102 -5.22 -1.64 -1.30
N ASN B 103 -4.04 -2.11 -0.85
CA ASN B 103 -2.92 -1.23 -0.50
C ASN B 103 -2.32 -0.48 -1.71
N ALA B 104 -2.18 -1.13 -2.88
CA ALA B 104 -1.65 -0.45 -4.06
C ALA B 104 -2.58 0.67 -4.54
N MET B 105 -3.89 0.42 -4.61
CA MET B 105 -4.88 1.43 -4.96
C MET B 105 -4.95 2.53 -3.87
N ALA B 106 -4.95 2.15 -2.58
CA ALA B 106 -4.97 3.08 -1.44
C ALA B 106 -3.80 4.09 -1.49
N GLY B 107 -2.59 3.61 -1.76
CA GLY B 107 -1.41 4.46 -1.96
C GLY B 107 -1.51 5.34 -3.20
N SER B 108 -1.86 4.75 -4.34
CA SER B 108 -1.93 5.45 -5.63
C SER B 108 -2.98 6.57 -5.63
N LEU B 109 -4.23 6.28 -5.24
CA LEU B 109 -5.33 7.25 -5.26
C LEU B 109 -5.03 8.54 -4.46
N PHE B 110 -4.19 8.46 -3.42
CA PHE B 110 -3.72 9.62 -2.66
C PHE B 110 -2.88 10.58 -3.51
N LEU B 111 -1.96 10.05 -4.34
CA LEU B 111 -1.11 10.83 -5.26
C LEU B 111 -1.95 11.57 -6.31
N GLU B 112 -2.95 10.90 -6.90
CA GLU B 112 -3.78 11.50 -7.95
C GLU B 112 -4.74 12.60 -7.45
N GLY B 113 -4.84 12.79 -6.12
CA GLY B 113 -5.70 13.80 -5.49
C GLY B 113 -7.14 13.32 -5.25
N ILE B 114 -7.32 12.03 -4.97
CA ILE B 114 -8.63 11.36 -4.72
C ILE B 114 -8.63 10.77 -3.29
N LEU B 115 -9.46 9.76 -3.01
CA LEU B 115 -9.45 8.99 -1.75
C LEU B 115 -9.64 9.87 -0.50
N ASN B 116 -10.73 10.63 -0.51
CA ASN B 116 -11.23 11.38 0.65
C ASN B 116 -11.61 10.41 1.79
N SER B 117 -11.68 10.90 3.04
CA SER B 117 -11.94 10.10 4.25
C SER B 117 -13.35 9.44 4.35
N ASP B 118 -14.17 9.58 3.31
CA ASP B 118 -15.45 8.88 3.12
C ASP B 118 -15.65 8.41 1.67
N ASN B 119 -15.19 9.16 0.66
CA ASN B 119 -15.12 8.70 -0.74
C ASN B 119 -14.26 7.42 -0.89
N ALA B 120 -13.31 7.18 0.01
CA ALA B 120 -12.58 5.92 0.13
C ALA B 120 -13.49 4.67 0.14
N ALA B 121 -14.68 4.73 0.77
CA ALA B 121 -15.65 3.64 0.74
C ALA B 121 -16.24 3.42 -0.67
N THR B 122 -16.57 4.51 -1.37
CA THR B 122 -17.05 4.49 -2.76
C THR B 122 -15.99 3.97 -3.72
N LEU B 123 -14.74 4.42 -3.60
CA LEU B 123 -13.62 3.95 -4.42
C LEU B 123 -13.29 2.48 -4.16
N ALA B 124 -13.28 2.04 -2.89
CA ALA B 124 -13.15 0.62 -2.54
C ALA B 124 -14.28 -0.22 -3.15
N LYS B 125 -15.53 0.23 -3.08
CA LYS B 125 -16.68 -0.42 -3.75
C LYS B 125 -16.54 -0.46 -5.27
N LYS B 126 -16.11 0.63 -5.91
CA LYS B 126 -15.85 0.67 -7.37
C LYS B 126 -14.84 -0.41 -7.78
N CYS B 127 -13.70 -0.47 -7.12
CA CYS B 127 -12.66 -1.48 -7.36
C CYS B 127 -13.15 -2.91 -7.09
N ALA B 128 -13.77 -3.16 -5.93
CA ALA B 128 -14.25 -4.47 -5.51
C ALA B 128 -15.41 -4.99 -6.39
N ASN B 129 -16.44 -4.18 -6.65
CA ASN B 129 -17.58 -4.57 -7.48
C ASN B 129 -17.15 -4.82 -8.94
N ASP B 130 -16.20 -4.04 -9.47
CA ASP B 130 -15.62 -4.32 -10.79
C ASP B 130 -14.81 -5.63 -10.82
N MET B 131 -14.05 -5.94 -9.75
CA MET B 131 -13.26 -7.18 -9.63
C MET B 131 -14.14 -8.43 -9.76
N GLU B 132 -15.27 -8.51 -9.02
CA GLU B 132 -16.21 -9.63 -9.17
C GLU B 132 -17.04 -9.57 -10.47
N ALA B 133 -17.37 -8.37 -10.98
CA ALA B 133 -18.06 -8.19 -12.27
C ALA B 133 -17.22 -8.59 -13.50
N PHE B 134 -15.90 -8.77 -13.35
CA PHE B 134 -15.02 -9.31 -14.39
C PHE B 134 -14.63 -10.78 -14.11
N ALA B 135 -14.59 -11.21 -12.84
CA ALA B 135 -14.49 -12.63 -12.49
C ALA B 135 -15.65 -13.47 -13.03
N LYS B 136 -16.89 -12.95 -12.97
CA LYS B 136 -18.09 -13.62 -13.55
C LYS B 136 -18.07 -13.76 -15.08
N LYS B 137 -17.18 -13.03 -15.77
CA LYS B 137 -16.89 -13.18 -17.21
C LYS B 137 -15.72 -14.15 -17.46
N MET B 138 -14.68 -14.12 -16.62
CA MET B 138 -13.51 -15.00 -16.69
C MET B 138 -13.82 -16.47 -16.33
N VAL B 139 -14.73 -16.72 -15.37
CA VAL B 139 -15.13 -18.07 -14.94
C VAL B 139 -15.76 -18.88 -16.08
N GLU B 140 -15.48 -20.19 -16.13
CA GLU B 140 -15.98 -21.12 -17.14
C GLU B 140 -16.06 -22.55 -16.56
N ILE B 141 -17.28 -23.08 -16.42
CA ILE B 141 -17.50 -24.46 -15.95
C ILE B 141 -17.04 -25.50 -16.99
N GLY B 142 -16.60 -26.68 -16.50
CA GLY B 142 -16.14 -27.82 -17.30
C GLY B 142 -14.62 -27.99 -17.27
N ASN A 1 0.00 21.89 1.64
CA ASN A 1 -0.19 21.25 2.97
C ASN A 1 -0.40 19.73 2.88
N LEU A 2 -1.29 19.25 2.01
CA LEU A 2 -1.52 17.84 1.61
C LEU A 2 -2.21 16.98 2.71
N SER A 3 -1.69 17.01 3.94
CA SER A 3 -2.31 16.48 5.19
C SER A 3 -1.44 16.76 6.43
N ILE A 4 -0.11 16.80 6.24
CA ILE A 4 0.91 16.91 7.28
C ILE A 4 0.88 18.28 7.98
N GLY A 5 0.30 19.30 7.34
CA GLY A 5 0.07 20.64 7.93
C GLY A 5 -1.08 20.72 8.94
N ASP A 6 -1.82 19.64 9.18
CA ASP A 6 -2.99 19.58 10.08
C ASP A 6 -2.99 18.34 11.01
N THR A 7 -1.82 17.90 11.44
CA THR A 7 -1.63 16.85 12.46
C THR A 7 -1.52 17.43 13.89
N THR A 8 -2.36 16.94 14.81
CA THR A 8 -2.31 17.27 16.25
C THR A 8 -1.07 16.65 16.93
N SER A 9 -0.58 17.27 18.00
CA SER A 9 0.50 16.74 18.85
C SER A 9 0.13 15.41 19.55
N ILE A 10 1.09 14.82 20.29
CA ILE A 10 0.98 13.54 21.00
C ILE A 10 -0.20 13.42 21.97
N ILE A 11 -0.80 14.56 22.36
CA ILE A 11 -2.06 14.67 23.10
C ILE A 11 -3.17 13.82 22.45
N GLN A 12 -3.23 13.75 21.12
CA GLN A 12 -4.20 12.93 20.38
C GLN A 12 -3.77 11.45 20.29
N LEU A 13 -2.48 11.18 20.08
CA LEU A 13 -1.95 9.80 20.02
C LEU A 13 -2.06 9.07 21.37
N PHE A 14 -2.00 9.80 22.49
CA PHE A 14 -2.17 9.30 23.87
C PHE A 14 -3.47 8.49 24.09
N LYS A 15 -4.51 8.73 23.28
CA LYS A 15 -5.77 7.98 23.29
C LYS A 15 -6.18 7.45 21.90
N ASN A 16 -5.19 7.06 21.10
CA ASN A 16 -5.32 6.38 19.80
C ASN A 16 -4.47 5.09 19.70
N PHE A 17 -4.01 4.54 20.83
CA PHE A 17 -3.22 3.31 20.92
C PHE A 17 -3.89 2.05 20.34
N THR A 18 -5.23 2.02 20.30
CA THR A 18 -6.03 0.86 19.86
C THR A 18 -7.22 1.30 19.01
N GLY A 19 -7.60 0.45 18.03
CA GLY A 19 -8.62 0.72 17.02
C GLY A 19 -8.14 0.58 15.57
N PRO A 20 -7.03 1.23 15.14
CA PRO A 20 -6.54 1.10 13.77
C PRO A 20 -5.82 -0.25 13.55
N PRO A 21 -5.71 -0.73 12.29
CA PRO A 21 -5.10 -2.04 11.98
C PRO A 21 -3.58 -2.05 12.16
N SER A 22 -3.00 -3.26 12.22
CA SER A 22 -1.53 -3.48 12.33
C SER A 22 -0.70 -2.89 11.18
N VAL A 23 -1.31 -2.62 10.03
CA VAL A 23 -0.67 -1.90 8.90
C VAL A 23 -0.59 -0.39 9.12
N ALA A 24 -1.54 0.20 9.85
CA ALA A 24 -1.57 1.64 10.11
C ALA A 24 -0.37 2.10 10.97
N THR A 25 0.01 1.30 11.97
CA THR A 25 1.17 1.57 12.83
C THR A 25 2.52 1.46 12.10
N PHE A 26 2.60 0.84 10.92
CA PHE A 26 3.76 0.99 10.02
C PHE A 26 3.72 2.34 9.32
N ILE A 27 2.67 2.61 8.51
CA ILE A 27 2.63 3.79 7.62
C ILE A 27 2.64 5.12 8.37
N SER A 28 1.96 5.21 9.52
CA SER A 28 1.96 6.40 10.37
C SER A 28 3.31 6.66 11.03
N ASN A 29 3.99 5.62 11.54
CA ASN A 29 5.36 5.75 12.03
C ASN A 29 6.32 6.17 10.92
N PHE A 30 6.25 5.55 9.73
CA PHE A 30 7.12 5.89 8.61
C PHE A 30 7.01 7.37 8.23
N HIS A 31 5.79 7.90 8.11
CA HIS A 31 5.55 9.32 7.85
C HIS A 31 6.09 10.26 8.95
N SER A 32 5.92 9.91 10.22
CA SER A 32 6.51 10.68 11.34
C SER A 32 8.04 10.63 11.34
N ILE A 33 8.65 9.46 11.09
CA ILE A 33 10.10 9.26 11.02
C ILE A 33 10.73 10.14 9.93
N VAL A 34 10.07 10.30 8.77
CA VAL A 34 10.53 11.20 7.70
C VAL A 34 10.69 12.63 8.22
N GLN A 35 9.70 13.17 8.92
CA GLN A 35 9.76 14.51 9.52
C GLN A 35 10.76 14.61 10.69
N SER A 36 10.88 13.56 11.51
CA SER A 36 11.80 13.50 12.67
C SER A 36 13.30 13.36 12.29
N SER A 37 13.62 12.86 11.09
CA SER A 37 14.99 12.49 10.68
C SER A 37 15.40 13.24 9.41
N LYS A 38 16.11 14.37 9.58
CA LYS A 38 16.57 15.29 8.51
C LYS A 38 17.14 14.57 7.28
N THR A 39 17.99 13.57 7.47
CA THR A 39 18.65 12.81 6.39
C THR A 39 17.65 12.13 5.43
N LEU A 40 16.43 11.81 5.88
CA LEU A 40 15.38 11.25 5.04
C LEU A 40 14.77 12.31 4.10
N LEU A 41 14.43 13.50 4.63
CA LEU A 41 14.05 14.65 3.79
C LEU A 41 15.19 15.07 2.84
N ASN A 42 16.44 14.94 3.28
CA ASN A 42 17.63 15.30 2.50
C ASN A 42 17.80 14.47 1.21
N LEU A 43 17.22 13.26 1.13
CA LEU A 43 17.09 12.54 -0.14
C LEU A 43 16.03 13.22 -1.01
N PHE A 44 14.79 13.37 -0.51
CA PHE A 44 13.67 13.92 -1.29
C PHE A 44 13.89 15.37 -1.76
N ASP A 45 14.72 16.15 -1.07
CA ASP A 45 15.19 17.48 -1.51
C ASP A 45 15.93 17.47 -2.86
N VAL A 46 16.50 16.32 -3.27
CA VAL A 46 17.16 16.13 -4.58
C VAL A 46 16.17 16.13 -5.77
N ALA A 47 14.86 16.17 -5.51
CA ALA A 47 13.77 16.14 -6.50
C ALA A 47 13.90 17.11 -7.69
N GLU A 48 14.49 18.29 -7.49
CA GLU A 48 14.72 19.30 -8.55
C GLU A 48 15.84 18.89 -9.54
N GLU A 49 16.73 17.98 -9.13
CA GLU A 49 17.81 17.39 -9.93
C GLU A 49 17.35 16.07 -10.59
N ASN A 50 18.28 15.25 -11.14
CA ASN A 50 17.99 13.99 -11.82
C ASN A 50 17.07 13.04 -11.00
N PRO A 51 15.82 12.78 -11.45
CA PRO A 51 14.86 11.97 -10.69
C PRO A 51 15.21 10.47 -10.70
N LEU A 52 15.93 10.00 -11.73
CA LEU A 52 16.42 8.63 -11.84
C LEU A 52 17.34 8.25 -10.66
N GLU A 53 18.06 9.19 -10.07
CA GLU A 53 18.95 8.92 -8.93
C GLU A 53 18.16 8.36 -7.73
N PHE A 54 17.03 8.99 -7.38
CA PHE A 54 16.11 8.51 -6.34
C PHE A 54 15.48 7.16 -6.72
N ALA A 55 14.91 7.04 -7.93
CA ALA A 55 14.26 5.80 -8.37
C ALA A 55 15.23 4.61 -8.36
N LYS A 56 16.43 4.77 -8.93
CA LYS A 56 17.45 3.74 -9.04
C LYS A 56 18.10 3.39 -7.70
N CYS A 57 18.41 4.38 -6.85
CA CYS A 57 18.93 4.10 -5.51
C CYS A 57 17.91 3.34 -4.65
N MET A 58 16.62 3.68 -4.78
CA MET A 58 15.53 2.96 -4.12
C MET A 58 15.46 1.50 -4.61
N TYR A 59 15.48 1.25 -5.92
CA TYR A 59 15.48 -0.11 -6.47
C TYR A 59 16.66 -0.95 -5.93
N GLU A 60 17.88 -0.41 -5.96
CA GLU A 60 19.09 -1.11 -5.48
C GLU A 60 19.05 -1.39 -3.96
N LEU A 61 18.54 -0.45 -3.17
CA LEU A 61 18.35 -0.64 -1.73
C LEU A 61 17.27 -1.69 -1.42
N VAL A 62 16.11 -1.63 -2.06
CA VAL A 62 15.00 -2.55 -1.79
C VAL A 62 15.38 -4.00 -2.09
N LEU A 63 16.20 -4.25 -3.13
CA LEU A 63 16.77 -5.58 -3.40
C LEU A 63 17.48 -6.16 -2.17
N LYS A 64 18.50 -5.48 -1.62
CA LYS A 64 19.24 -5.95 -0.44
C LYS A 64 18.39 -5.96 0.84
N SER A 65 17.55 -4.94 1.05
CA SER A 65 16.71 -4.83 2.25
C SER A 65 15.66 -5.94 2.33
N ALA A 66 14.93 -6.22 1.25
CA ALA A 66 13.95 -7.29 1.22
C ALA A 66 14.60 -8.68 1.35
N ASN A 67 15.75 -8.93 0.71
CA ASN A 67 16.53 -10.15 0.97
C ASN A 67 16.93 -10.28 2.46
N SER A 68 17.33 -9.18 3.11
CA SER A 68 17.67 -9.14 4.55
C SER A 68 16.47 -9.39 5.47
N LEU A 69 15.28 -8.87 5.13
CA LEU A 69 14.01 -9.16 5.82
C LEU A 69 13.50 -10.61 5.61
N GLY A 70 14.10 -11.38 4.70
CA GLY A 70 13.74 -12.79 4.43
C GLY A 70 12.58 -12.95 3.44
N VAL A 71 12.35 -11.95 2.59
CA VAL A 71 11.21 -11.84 1.67
C VAL A 71 11.20 -12.94 0.59
N LEU A 72 9.99 -13.43 0.26
CA LEU A 72 9.74 -14.45 -0.78
C LEU A 72 10.11 -13.99 -2.20
N ASN A 73 9.74 -12.76 -2.56
CA ASN A 73 9.92 -12.15 -3.88
C ASN A 73 10.39 -10.69 -3.74
N PRO A 74 11.67 -10.45 -3.37
CA PRO A 74 12.21 -9.11 -3.10
C PRO A 74 12.14 -8.15 -4.30
N HIS A 75 12.13 -8.73 -5.52
CA HIS A 75 11.90 -8.01 -6.76
C HIS A 75 10.53 -7.30 -6.83
N LEU A 76 9.46 -7.85 -6.21
CA LEU A 76 8.11 -7.26 -6.28
C LEU A 76 8.12 -5.83 -5.73
N ILE A 77 8.76 -5.61 -4.59
CA ILE A 77 8.80 -4.31 -3.91
C ILE A 77 9.69 -3.34 -4.71
N ALA A 78 10.88 -3.78 -5.10
CA ALA A 78 11.84 -2.95 -5.83
C ALA A 78 11.26 -2.48 -7.18
N ASN A 79 10.68 -3.41 -7.95
CA ASN A 79 10.03 -3.11 -9.21
C ASN A 79 8.81 -2.21 -9.02
N ASN A 80 7.91 -2.53 -8.08
CA ASN A 80 6.68 -1.76 -7.88
C ASN A 80 6.96 -0.33 -7.44
N ILE A 81 7.88 -0.12 -6.48
CA ILE A 81 8.25 1.22 -6.04
C ILE A 81 9.01 1.97 -7.16
N TYR A 82 9.88 1.31 -7.93
CA TYR A 82 10.51 1.92 -9.11
C TYR A 82 9.48 2.38 -10.16
N GLN A 83 8.60 1.48 -10.60
CA GLN A 83 7.56 1.76 -11.59
C GLN A 83 6.54 2.80 -11.10
N SER A 84 6.20 2.82 -9.81
CA SER A 84 5.29 3.80 -9.25
C SER A 84 5.90 5.21 -9.18
N VAL A 85 7.12 5.38 -8.65
CA VAL A 85 7.72 6.71 -8.55
C VAL A 85 8.13 7.27 -9.91
N VAL A 86 8.66 6.45 -10.83
CA VAL A 86 9.00 6.89 -12.21
C VAL A 86 7.77 7.35 -12.99
N SER A 87 6.58 6.84 -12.64
CA SER A 87 5.30 7.27 -13.21
C SER A 87 4.73 8.51 -12.50
N ASN A 88 4.61 8.50 -11.17
CA ASN A 88 4.02 9.58 -10.36
C ASN A 88 4.97 10.79 -10.15
N LEU A 89 5.88 11.00 -11.11
CA LEU A 89 6.95 12.00 -11.12
C LEU A 89 6.46 13.46 -11.21
N ASP A 90 5.17 13.68 -11.43
CA ASP A 90 4.52 15.00 -11.40
C ASP A 90 4.59 15.70 -10.02
N ILE A 91 4.77 14.91 -8.94
CA ILE A 91 4.75 15.36 -7.54
C ILE A 91 5.88 14.70 -6.73
N LEU A 92 7.12 15.12 -7.01
CA LEU A 92 8.33 14.72 -6.27
C LEU A 92 8.44 15.36 -4.85
N HIS A 93 7.33 15.81 -4.26
CA HIS A 93 7.30 16.53 -2.97
C HIS A 93 7.80 15.66 -1.80
N SER A 94 8.35 16.27 -0.75
CA SER A 94 9.01 15.56 0.38
C SER A 94 8.13 14.52 1.07
N SER A 95 6.81 14.77 1.17
CA SER A 95 5.82 13.83 1.70
C SER A 95 5.20 12.92 0.65
N ALA A 96 5.18 13.32 -0.62
CA ALA A 96 4.64 12.53 -1.74
C ALA A 96 5.57 11.37 -2.13
N MET A 97 6.89 11.61 -2.15
CA MET A 97 7.89 10.58 -2.47
C MET A 97 7.84 9.39 -1.51
N VAL A 98 7.68 9.66 -0.21
CA VAL A 98 7.51 8.60 0.80
C VAL A 98 6.09 8.04 0.87
N ASN A 99 5.05 8.80 0.52
CA ASN A 99 3.67 8.27 0.49
C ASN A 99 3.54 7.01 -0.37
N LEU A 100 4.22 6.96 -1.53
CA LEU A 100 4.23 5.80 -2.43
C LEU A 100 5.17 4.67 -1.96
N TYR A 101 6.16 4.96 -1.10
CA TYR A 101 6.95 3.93 -0.43
C TYR A 101 6.15 3.28 0.71
N ALA A 102 5.55 4.12 1.57
CA ALA A 102 4.90 3.72 2.82
C ALA A 102 3.82 2.67 2.59
N ASN A 103 2.86 2.93 1.69
CA ASN A 103 1.84 1.93 1.36
C ASN A 103 2.49 0.66 0.77
N ALA A 104 3.26 0.79 -0.32
CA ALA A 104 3.77 -0.35 -1.07
C ALA A 104 4.62 -1.31 -0.21
N MET A 105 5.50 -0.75 0.63
CA MET A 105 6.26 -1.53 1.60
C MET A 105 5.33 -2.23 2.61
N ALA A 106 4.37 -1.52 3.22
CA ALA A 106 3.45 -2.10 4.18
C ALA A 106 2.58 -3.25 3.61
N GLY A 107 2.10 -3.10 2.38
CA GLY A 107 1.35 -4.13 1.65
C GLY A 107 2.20 -5.35 1.30
N SER A 108 3.50 -5.13 1.06
CA SER A 108 4.48 -6.20 0.84
C SER A 108 4.80 -6.95 2.14
N LEU A 109 5.09 -6.25 3.24
CA LEU A 109 5.30 -6.84 4.56
C LEU A 109 4.12 -7.71 5.04
N PHE A 110 2.89 -7.39 4.59
CA PHE A 110 1.68 -8.18 4.82
C PHE A 110 1.77 -9.61 4.23
N LEU A 111 2.06 -9.74 2.92
CA LEU A 111 2.14 -11.05 2.24
C LEU A 111 3.34 -11.89 2.73
N GLU A 112 4.40 -11.23 3.19
CA GLU A 112 5.63 -11.83 3.69
C GLU A 112 5.48 -12.49 5.08
N GLY A 113 4.32 -12.37 5.73
CA GLY A 113 4.05 -12.95 7.05
C GLY A 113 4.68 -12.15 8.22
N ILE A 114 4.87 -10.84 8.04
CA ILE A 114 5.49 -9.91 9.00
C ILE A 114 4.47 -8.83 9.39
N LEU A 115 4.89 -7.60 9.77
CA LEU A 115 4.01 -6.45 10.02
C LEU A 115 2.92 -6.74 11.08
N ASN A 116 3.34 -7.31 12.20
CA ASN A 116 2.52 -7.56 13.40
C ASN A 116 2.23 -6.25 14.16
N SER A 117 1.25 -6.25 15.06
CA SER A 117 0.67 -5.04 15.71
C SER A 117 1.66 -4.07 16.35
N ASP A 118 2.78 -4.56 16.90
CA ASP A 118 3.85 -3.74 17.51
C ASP A 118 5.13 -3.74 16.66
N ASN A 119 5.48 -4.90 16.07
CA ASN A 119 6.59 -5.10 15.14
C ASN A 119 6.55 -4.14 13.93
N ALA A 120 5.35 -3.74 13.48
CA ALA A 120 5.14 -2.74 12.44
C ALA A 120 5.94 -1.42 12.66
N ALA A 121 6.08 -0.95 13.91
CA ALA A 121 6.90 0.22 14.23
C ALA A 121 8.41 -0.06 14.07
N THR A 122 8.88 -1.26 14.44
CA THR A 122 10.27 -1.71 14.26
C THR A 122 10.63 -1.81 12.77
N LEU A 123 9.74 -2.39 11.96
CA LEU A 123 9.90 -2.49 10.51
C LEU A 123 9.90 -1.10 9.86
N ALA A 124 8.99 -0.20 10.27
CA ALA A 124 8.96 1.19 9.80
C ALA A 124 10.28 1.91 10.11
N LYS A 125 10.78 1.80 11.34
CA LYS A 125 12.11 2.33 11.73
C LYS A 125 13.23 1.76 10.88
N LYS A 126 13.41 0.43 10.80
CA LYS A 126 14.59 -0.15 10.14
C LYS A 126 14.61 0.09 8.63
N CYS A 127 13.46 0.03 7.95
CA CYS A 127 13.35 0.40 6.53
C CYS A 127 13.61 1.90 6.29
N ALA A 128 13.04 2.80 7.10
CA ALA A 128 13.29 4.25 7.00
C ALA A 128 14.76 4.63 7.30
N ASN A 129 15.36 4.03 8.33
CA ASN A 129 16.73 4.29 8.74
C ASN A 129 17.77 3.73 7.74
N ASP A 130 17.45 2.65 7.02
CA ASP A 130 18.25 2.20 5.87
C ASP A 130 18.06 3.11 4.64
N MET A 131 16.84 3.60 4.39
CA MET A 131 16.52 4.53 3.29
C MET A 131 17.30 5.84 3.40
N GLU A 132 17.26 6.51 4.55
CA GLU A 132 18.05 7.73 4.79
C GLU A 132 19.57 7.47 4.81
N ALA A 133 20.03 6.29 5.25
CA ALA A 133 21.44 5.91 5.16
C ALA A 133 21.91 5.76 3.70
N PHE A 134 21.08 5.23 2.81
CA PHE A 134 21.44 5.06 1.40
C PHE A 134 21.47 6.37 0.59
N ALA A 135 20.75 7.41 1.04
CA ALA A 135 20.85 8.77 0.49
C ALA A 135 22.30 9.31 0.55
N LYS A 136 23.01 9.03 1.64
CA LYS A 136 24.43 9.37 1.84
C LYS A 136 25.41 8.61 0.93
N LYS A 137 24.94 7.68 0.09
CA LYS A 137 25.74 7.06 -1.01
C LYS A 137 25.58 7.82 -2.35
N MET A 138 24.64 8.77 -2.45
CA MET A 138 24.38 9.60 -3.62
C MET A 138 24.69 11.09 -3.40
N VAL A 139 24.75 11.56 -2.14
CA VAL A 139 25.16 12.92 -1.75
C VAL A 139 26.62 13.24 -2.13
N GLU A 140 27.02 14.52 -2.04
CA GLU A 140 28.36 15.02 -2.36
C GLU A 140 28.93 15.93 -1.24
N ILE A 141 30.23 16.26 -1.32
CA ILE A 141 30.98 16.95 -0.26
C ILE A 141 30.53 18.42 -0.13
N GLY A 142 29.64 18.69 0.84
CA GLY A 142 29.10 20.02 1.18
C GLY A 142 28.01 19.97 2.24
N ASN B 1 -28.36 -20.49 13.41
CA ASN B 1 -27.61 -19.75 14.47
C ASN B 1 -28.48 -18.94 15.45
N LEU B 2 -29.74 -18.57 15.13
CA LEU B 2 -30.61 -17.59 15.83
C LEU B 2 -29.94 -16.22 16.11
N SER B 3 -29.06 -16.15 17.11
CA SER B 3 -28.39 -14.93 17.60
C SER B 3 -26.89 -15.16 17.93
N ILE B 4 -26.39 -16.39 17.79
CA ILE B 4 -24.98 -16.75 17.98
C ILE B 4 -24.09 -16.25 16.81
N GLY B 5 -24.71 -15.89 15.67
CA GLY B 5 -24.03 -15.47 14.43
C GLY B 5 -23.80 -13.96 14.28
N ASP B 6 -24.16 -13.14 15.28
CA ASP B 6 -23.97 -11.68 15.27
C ASP B 6 -23.53 -11.16 16.66
N THR B 7 -22.25 -10.78 16.74
CA THR B 7 -21.51 -10.41 17.98
C THR B 7 -20.50 -9.29 17.69
N THR B 8 -20.99 -8.18 17.14
CA THR B 8 -20.18 -7.05 16.64
C THR B 8 -20.70 -5.72 17.18
N SER B 9 -19.80 -4.88 17.70
CA SER B 9 -20.08 -3.58 18.33
C SER B 9 -19.14 -2.45 17.88
N ILE B 10 -18.34 -2.70 16.84
CA ILE B 10 -17.32 -1.77 16.27
C ILE B 10 -17.87 -0.38 15.91
N ILE B 11 -19.18 -0.26 15.68
CA ILE B 11 -19.91 0.99 15.47
C ILE B 11 -19.60 2.00 16.59
N GLN B 12 -19.59 1.56 17.86
CA GLN B 12 -19.30 2.41 19.01
C GLN B 12 -17.80 2.67 19.18
N LEU B 13 -16.95 1.63 19.00
CA LEU B 13 -15.49 1.74 19.15
C LEU B 13 -14.89 2.75 18.14
N PHE B 14 -15.40 2.75 16.90
CA PHE B 14 -15.03 3.68 15.83
C PHE B 14 -15.23 5.17 16.19
N LYS B 15 -16.19 5.48 17.07
CA LYS B 15 -16.59 6.85 17.48
C LYS B 15 -16.52 7.04 19.00
N ASN B 16 -15.39 6.66 19.60
CA ASN B 16 -15.10 6.85 21.03
C ASN B 16 -13.67 7.33 21.29
N PHE B 17 -12.67 6.77 20.60
CA PHE B 17 -11.25 7.15 20.78
C PHE B 17 -10.40 7.04 19.50
N THR B 18 -10.57 5.98 18.70
CA THR B 18 -9.82 5.80 17.43
C THR B 18 -10.10 6.89 16.37
N GLY B 19 -9.26 6.94 15.34
CA GLY B 19 -9.30 7.94 14.27
C GLY B 19 -8.34 7.63 13.10
N PRO B 20 -8.49 6.48 12.41
CA PRO B 20 -7.60 6.09 11.31
C PRO B 20 -7.67 7.06 10.11
N PRO B 21 -6.58 7.18 9.31
CA PRO B 21 -6.53 8.07 8.15
C PRO B 21 -7.38 7.56 6.98
N SER B 22 -7.67 8.45 6.02
CA SER B 22 -8.44 8.17 4.79
C SER B 22 -7.87 6.99 3.96
N VAL B 23 -6.55 6.78 4.02
CA VAL B 23 -5.86 5.67 3.34
C VAL B 23 -6.08 4.31 4.03
N ALA B 24 -6.21 4.28 5.35
CA ALA B 24 -6.44 3.04 6.09
C ALA B 24 -7.90 2.55 5.96
N THR B 25 -8.88 3.46 6.03
CA THR B 25 -10.30 3.10 5.85
C THR B 25 -10.60 2.50 4.47
N PHE B 26 -9.90 2.92 3.40
CA PHE B 26 -9.99 2.28 2.07
C PHE B 26 -9.61 0.79 2.13
N ILE B 27 -8.46 0.47 2.76
CA ILE B 27 -7.94 -0.90 2.87
C ILE B 27 -8.89 -1.77 3.70
N SER B 28 -9.37 -1.26 4.85
CA SER B 28 -10.35 -1.96 5.70
C SER B 28 -11.72 -2.12 5.02
N ASN B 29 -12.16 -1.15 4.20
CA ASN B 29 -13.39 -1.27 3.40
C ASN B 29 -13.31 -2.46 2.44
N PHE B 30 -12.18 -2.69 1.77
CA PHE B 30 -12.03 -3.81 0.82
C PHE B 30 -12.34 -5.16 1.49
N HIS B 31 -11.84 -5.40 2.71
CA HIS B 31 -12.15 -6.62 3.49
C HIS B 31 -13.64 -6.73 3.84
N SER B 32 -14.29 -5.62 4.19
CA SER B 32 -15.74 -5.57 4.47
C SER B 32 -16.56 -5.87 3.20
N ILE B 33 -16.21 -5.28 2.06
CA ILE B 33 -16.89 -5.48 0.77
C ILE B 33 -16.73 -6.93 0.28
N VAL B 34 -15.57 -7.55 0.50
CA VAL B 34 -15.37 -9.00 0.28
C VAL B 34 -16.38 -9.83 1.06
N GLN B 35 -16.55 -9.58 2.37
CA GLN B 35 -17.53 -10.29 3.21
C GLN B 35 -18.99 -10.03 2.77
N SER B 36 -19.32 -8.82 2.29
CA SER B 36 -20.67 -8.44 1.86
C SER B 36 -21.13 -9.04 0.52
N SER B 37 -20.22 -9.61 -0.29
CA SER B 37 -20.50 -10.02 -1.69
C SER B 37 -19.90 -11.39 -2.01
N LYS B 38 -20.72 -12.45 -1.99
CA LYS B 38 -20.32 -13.86 -2.21
C LYS B 38 -19.42 -14.05 -3.44
N THR B 39 -19.74 -13.41 -4.57
CA THR B 39 -18.97 -13.50 -5.83
C THR B 39 -17.51 -13.07 -5.67
N LEU B 40 -17.21 -12.16 -4.72
CA LEU B 40 -15.86 -11.72 -4.39
C LEU B 40 -15.08 -12.84 -3.67
N LEU B 41 -15.67 -13.46 -2.64
CA LEU B 41 -15.08 -14.64 -1.98
C LEU B 41 -14.90 -15.82 -2.94
N ASN B 42 -15.81 -15.98 -3.90
CA ASN B 42 -15.80 -17.06 -4.89
C ASN B 42 -14.53 -17.06 -5.76
N LEU B 43 -13.94 -15.89 -6.03
CA LEU B 43 -12.63 -15.73 -6.69
C LEU B 43 -11.52 -16.42 -5.88
N PHE B 44 -11.47 -16.17 -4.57
CA PHE B 44 -10.44 -16.73 -3.69
C PHE B 44 -10.70 -18.20 -3.31
N ASP B 45 -11.96 -18.64 -3.33
CA ASP B 45 -12.35 -20.06 -3.19
C ASP B 45 -11.81 -20.95 -4.33
N VAL B 46 -11.48 -20.36 -5.50
CA VAL B 46 -10.83 -21.06 -6.63
C VAL B 46 -9.36 -20.64 -6.81
N ALA B 47 -8.75 -19.96 -5.84
CA ALA B 47 -7.38 -19.46 -5.95
C ALA B 47 -6.30 -20.55 -6.16
N GLU B 48 -6.59 -21.81 -5.85
CA GLU B 48 -5.71 -22.96 -6.17
C GLU B 48 -5.60 -23.26 -7.68
N GLU B 49 -6.51 -22.73 -8.51
CA GLU B 49 -6.46 -22.79 -9.99
C GLU B 49 -5.35 -21.89 -10.57
N ASN B 50 -5.17 -21.95 -11.90
CA ASN B 50 -4.06 -21.32 -12.65
C ASN B 50 -3.87 -19.82 -12.31
N PRO B 51 -2.82 -19.42 -11.56
CA PRO B 51 -2.76 -18.10 -10.91
C PRO B 51 -2.57 -16.91 -11.87
N LEU B 52 -2.08 -17.17 -13.09
CA LEU B 52 -2.05 -16.20 -14.19
C LEU B 52 -3.44 -15.60 -14.48
N GLU B 53 -4.52 -16.35 -14.30
CA GLU B 53 -5.89 -15.86 -14.50
C GLU B 53 -6.19 -14.64 -13.64
N PHE B 54 -5.77 -14.67 -12.36
CA PHE B 54 -5.98 -13.57 -11.42
C PHE B 54 -5.07 -12.39 -11.77
N ALA B 55 -3.77 -12.62 -11.96
CA ALA B 55 -2.82 -11.55 -12.32
C ALA B 55 -3.25 -10.81 -13.60
N LYS B 56 -3.58 -11.55 -14.68
CA LYS B 56 -4.01 -10.99 -15.97
C LYS B 56 -5.38 -10.29 -15.87
N CYS B 57 -6.32 -10.83 -15.10
CA CYS B 57 -7.57 -10.16 -14.74
C CYS B 57 -7.31 -8.81 -14.05
N MET B 58 -6.53 -8.80 -12.95
CA MET B 58 -6.15 -7.58 -12.24
C MET B 58 -5.50 -6.55 -13.17
N TYR B 59 -4.53 -6.93 -14.01
CA TYR B 59 -3.88 -5.99 -14.94
C TYR B 59 -4.89 -5.34 -15.91
N GLU B 60 -5.65 -6.17 -16.64
CA GLU B 60 -6.57 -5.68 -17.68
C GLU B 60 -7.74 -4.86 -17.10
N LEU B 61 -8.22 -5.24 -15.92
CA LEU B 61 -9.25 -4.54 -15.17
C LEU B 61 -8.76 -3.20 -14.61
N VAL B 62 -7.59 -3.16 -13.98
CA VAL B 62 -7.02 -1.92 -13.44
C VAL B 62 -6.66 -0.94 -14.57
N LEU B 63 -6.28 -1.44 -15.76
CA LEU B 63 -6.10 -0.61 -16.96
C LEU B 63 -7.36 0.21 -17.29
N LYS B 64 -8.55 -0.42 -17.39
CA LYS B 64 -9.81 0.30 -17.62
C LYS B 64 -10.24 1.14 -16.41
N SER B 65 -10.06 0.61 -15.20
CA SER B 65 -10.52 1.24 -13.95
C SER B 65 -9.79 2.55 -13.66
N ALA B 66 -8.45 2.53 -13.62
CA ALA B 66 -7.65 3.72 -13.34
C ALA B 66 -7.82 4.80 -14.43
N ASN B 67 -7.98 4.43 -15.71
CA ASN B 67 -8.39 5.36 -16.77
C ASN B 67 -9.76 6.01 -16.48
N SER B 68 -10.76 5.23 -16.08
CA SER B 68 -12.11 5.71 -15.72
C SER B 68 -12.11 6.63 -14.49
N LEU B 69 -11.28 6.34 -13.47
CA LEU B 69 -11.03 7.20 -12.31
C LEU B 69 -10.25 8.50 -12.65
N GLY B 70 -9.69 8.62 -13.86
CA GLY B 70 -8.92 9.79 -14.30
C GLY B 70 -7.50 9.86 -13.73
N VAL B 71 -6.94 8.72 -13.31
CA VAL B 71 -5.56 8.58 -12.79
C VAL B 71 -4.55 9.07 -13.85
N LEU B 72 -3.54 9.84 -13.43
CA LEU B 72 -2.51 10.42 -14.29
C LEU B 72 -1.64 9.35 -15.01
N ASN B 73 -1.45 8.19 -14.35
CA ASN B 73 -0.59 7.09 -14.79
C ASN B 73 -1.24 5.72 -14.48
N PRO B 74 -2.31 5.32 -15.20
CA PRO B 74 -3.08 4.11 -14.90
C PRO B 74 -2.25 2.82 -14.99
N HIS B 75 -1.22 2.83 -15.83
CA HIS B 75 -0.22 1.76 -15.94
C HIS B 75 0.52 1.47 -14.63
N LEU B 76 0.81 2.47 -13.78
CA LEU B 76 1.54 2.23 -12.53
C LEU B 76 0.74 1.32 -11.59
N ILE B 77 -0.56 1.56 -11.47
CA ILE B 77 -1.43 0.79 -10.57
C ILE B 77 -1.61 -0.63 -11.14
N ALA B 78 -1.86 -0.74 -12.45
CA ALA B 78 -2.04 -2.04 -13.12
C ALA B 78 -0.77 -2.91 -13.05
N ASN B 79 0.40 -2.34 -13.31
CA ASN B 79 1.67 -3.08 -13.26
C ASN B 79 2.05 -3.46 -11.83
N ASN B 80 1.84 -2.57 -10.85
CA ASN B 80 2.07 -2.88 -9.43
C ASN B 80 1.27 -4.09 -8.98
N ILE B 81 -0.05 -4.05 -9.21
CA ILE B 81 -0.96 -5.12 -8.81
C ILE B 81 -0.68 -6.39 -9.62
N TYR B 82 -0.37 -6.32 -10.91
CA TYR B 82 0.06 -7.49 -11.70
C TYR B 82 1.29 -8.18 -11.07
N GLN B 83 2.36 -7.42 -10.82
CA GLN B 83 3.62 -7.96 -10.30
C GLN B 83 3.52 -8.46 -8.86
N SER B 84 2.67 -7.86 -8.00
CA SER B 84 2.46 -8.33 -6.64
C SER B 84 1.49 -9.52 -6.56
N VAL B 85 0.44 -9.56 -7.38
CA VAL B 85 -0.46 -10.72 -7.50
C VAL B 85 0.30 -11.94 -8.02
N VAL B 86 1.09 -11.81 -9.10
CA VAL B 86 1.85 -12.93 -9.68
C VAL B 86 3.04 -13.40 -8.82
N SER B 87 3.37 -12.71 -7.72
CA SER B 87 4.44 -13.09 -6.78
C SER B 87 3.92 -13.63 -5.43
N ASN B 88 2.80 -13.14 -4.92
CA ASN B 88 2.18 -13.60 -3.66
C ASN B 88 1.50 -14.99 -3.74
N LEU B 89 1.85 -15.82 -4.73
CA LEU B 89 1.31 -17.17 -4.99
C LEU B 89 1.46 -18.15 -3.80
N ASP B 90 2.35 -17.90 -2.85
CA ASP B 90 2.48 -18.69 -1.62
C ASP B 90 1.40 -18.37 -0.56
N ILE B 91 0.61 -17.30 -0.77
CA ILE B 91 -0.37 -16.74 0.18
C ILE B 91 -1.60 -16.16 -0.55
N LEU B 92 -2.25 -16.96 -1.40
CA LEU B 92 -3.46 -16.59 -2.14
C LEU B 92 -4.74 -16.50 -1.26
N HIS B 93 -4.60 -16.12 0.01
CA HIS B 93 -5.67 -16.06 1.02
C HIS B 93 -6.75 -15.02 0.67
N SER B 94 -7.98 -15.20 1.17
CA SER B 94 -9.14 -14.33 0.86
C SER B 94 -8.90 -12.85 1.19
N SER B 95 -8.20 -12.57 2.30
CA SER B 95 -7.71 -11.23 2.66
C SER B 95 -6.43 -10.87 1.89
N ALA B 96 -5.42 -11.74 1.87
CA ALA B 96 -4.11 -11.49 1.25
C ALA B 96 -4.18 -11.09 -0.24
N MET B 97 -5.07 -11.72 -1.02
CA MET B 97 -5.30 -11.41 -2.44
C MET B 97 -5.73 -9.95 -2.66
N VAL B 98 -6.64 -9.44 -1.83
CA VAL B 98 -7.10 -8.04 -1.91
C VAL B 98 -6.22 -7.08 -1.12
N ASN B 99 -5.45 -7.54 -0.13
CA ASN B 99 -4.57 -6.70 0.67
C ASN B 99 -3.60 -5.90 -0.21
N LEU B 100 -3.00 -6.56 -1.21
CA LEU B 100 -2.15 -5.92 -2.21
C LEU B 100 -2.89 -4.97 -3.14
N TYR B 101 -4.01 -5.42 -3.74
CA TYR B 101 -4.85 -4.60 -4.61
C TYR B 101 -5.27 -3.31 -3.90
N ALA B 102 -5.84 -3.46 -2.70
CA ALA B 102 -6.34 -2.40 -1.85
C ALA B 102 -5.22 -1.44 -1.43
N ASN B 103 -4.10 -1.96 -0.94
CA ASN B 103 -2.95 -1.15 -0.53
C ASN B 103 -2.33 -0.35 -1.70
N ALA B 104 -2.11 -0.99 -2.86
CA ALA B 104 -1.56 -0.34 -4.03
C ALA B 104 -2.49 0.80 -4.51
N MET B 105 -3.79 0.54 -4.63
CA MET B 105 -4.81 1.55 -4.88
C MET B 105 -4.80 2.67 -3.83
N ALA B 106 -4.84 2.33 -2.53
CA ALA B 106 -4.98 3.30 -1.45
C ALA B 106 -3.89 4.39 -1.49
N GLY B 107 -2.62 4.01 -1.61
CA GLY B 107 -1.53 4.98 -1.76
C GLY B 107 -1.59 5.72 -3.09
N SER B 108 -1.79 5.03 -4.21
CA SER B 108 -1.82 5.67 -5.53
C SER B 108 -2.90 6.75 -5.61
N LEU B 109 -4.12 6.45 -5.16
CA LEU B 109 -5.26 7.39 -5.10
C LEU B 109 -5.01 8.56 -4.13
N PHE B 110 -4.23 8.36 -3.05
CA PHE B 110 -3.79 9.43 -2.16
C PHE B 110 -2.89 10.44 -2.90
N LEU B 111 -1.84 9.97 -3.58
CA LEU B 111 -0.93 10.82 -4.37
C LEU B 111 -1.66 11.53 -5.51
N GLU B 112 -2.56 10.83 -6.20
CA GLU B 112 -3.39 11.37 -7.29
C GLU B 112 -4.36 12.50 -6.86
N GLY B 113 -4.45 12.81 -5.56
CA GLY B 113 -5.29 13.89 -5.02
C GLY B 113 -6.77 13.49 -4.83
N ILE B 114 -7.03 12.19 -4.65
CA ILE B 114 -8.35 11.57 -4.52
C ILE B 114 -8.46 10.97 -3.10
N LEU B 115 -9.27 9.92 -2.89
CA LEU B 115 -9.30 9.13 -1.64
C LEU B 115 -9.52 9.99 -0.36
N ASN B 116 -10.52 10.87 -0.43
CA ASN B 116 -11.02 11.64 0.72
C ASN B 116 -11.66 10.72 1.79
N SER B 117 -11.88 11.24 3.00
CA SER B 117 -12.29 10.44 4.19
C SER B 117 -13.59 9.62 4.02
N ASP B 118 -14.55 10.10 3.22
CA ASP B 118 -15.78 9.39 2.86
C ASP B 118 -15.74 8.78 1.45
N ASN B 119 -15.08 9.47 0.50
CA ASN B 119 -14.86 9.01 -0.88
C ASN B 119 -14.08 7.69 -0.93
N ALA B 120 -13.19 7.43 0.04
CA ALA B 120 -12.47 6.16 0.20
C ALA B 120 -13.39 4.92 0.17
N ALA B 121 -14.58 4.98 0.77
CA ALA B 121 -15.55 3.88 0.72
C ALA B 121 -16.13 3.67 -0.69
N THR B 122 -16.41 4.77 -1.41
CA THR B 122 -16.88 4.74 -2.81
C THR B 122 -15.81 4.17 -3.75
N LEU B 123 -14.57 4.65 -3.65
CA LEU B 123 -13.45 4.15 -4.46
C LEU B 123 -13.14 2.68 -4.14
N ALA B 124 -13.17 2.27 -2.87
CA ALA B 124 -13.01 0.87 -2.47
C ALA B 124 -14.11 -0.02 -3.08
N LYS B 125 -15.38 0.40 -3.02
CA LYS B 125 -16.50 -0.30 -3.69
C LYS B 125 -16.35 -0.36 -5.20
N LYS B 126 -15.94 0.72 -5.87
CA LYS B 126 -15.65 0.73 -7.32
C LYS B 126 -14.60 -0.33 -7.69
N CYS B 127 -13.48 -0.37 -6.98
CA CYS B 127 -12.42 -1.37 -7.18
C CYS B 127 -12.87 -2.81 -6.86
N ALA B 128 -13.51 -3.03 -5.71
CA ALA B 128 -13.93 -4.35 -5.25
C ALA B 128 -15.07 -4.94 -6.12
N ASN B 129 -16.13 -4.17 -6.39
CA ASN B 129 -17.23 -4.64 -7.24
C ASN B 129 -16.77 -4.93 -8.67
N ASP B 130 -15.81 -4.17 -9.20
CA ASP B 130 -15.17 -4.45 -10.49
C ASP B 130 -14.39 -5.78 -10.48
N MET B 131 -13.71 -6.13 -9.38
CA MET B 131 -12.96 -7.38 -9.24
C MET B 131 -13.86 -8.61 -9.44
N GLU B 132 -14.99 -8.69 -8.75
CA GLU B 132 -15.95 -9.79 -8.95
C GLU B 132 -16.72 -9.71 -10.28
N ALA B 133 -17.00 -8.50 -10.79
CA ALA B 133 -17.66 -8.30 -12.08
C ALA B 133 -16.81 -8.74 -13.29
N PHE B 134 -15.49 -8.87 -13.13
CA PHE B 134 -14.58 -9.46 -14.13
C PHE B 134 -14.27 -10.93 -13.83
N ALA B 135 -14.23 -11.35 -12.55
CA ALA B 135 -14.11 -12.77 -12.19
C ALA B 135 -15.27 -13.62 -12.76
N LYS B 136 -16.51 -13.12 -12.73
CA LYS B 136 -17.69 -13.78 -13.32
C LYS B 136 -17.66 -13.87 -14.86
N LYS B 137 -16.83 -13.05 -15.53
CA LYS B 137 -16.52 -13.15 -16.97
C LYS B 137 -15.40 -14.15 -17.25
N MET B 138 -14.37 -14.20 -16.39
CA MET B 138 -13.21 -15.09 -16.52
C MET B 138 -13.53 -16.57 -16.21
N VAL B 139 -14.41 -16.85 -15.24
CA VAL B 139 -14.77 -18.22 -14.81
C VAL B 139 -15.34 -19.07 -15.97
N GLU B 140 -14.75 -20.25 -16.19
CA GLU B 140 -15.08 -21.16 -17.29
C GLU B 140 -14.55 -22.59 -17.01
N ILE B 141 -15.06 -23.59 -17.73
CA ILE B 141 -14.57 -24.98 -17.70
C ILE B 141 -13.14 -25.07 -18.30
N GLY B 142 -12.31 -25.98 -17.78
CA GLY B 142 -10.94 -26.24 -18.25
C GLY B 142 -10.43 -27.62 -17.85
N ASN A 1 24.71 16.96 9.04
CA ASN A 1 24.52 16.58 10.48
C ASN A 1 25.75 15.92 11.10
N LEU A 2 26.48 15.03 10.40
CA LEU A 2 27.70 14.36 10.88
C LEU A 2 27.49 13.47 12.14
N SER A 3 26.25 13.03 12.38
CA SER A 3 25.83 12.27 13.58
C SER A 3 24.68 11.30 13.23
N ILE A 4 24.97 10.35 12.32
CA ILE A 4 24.01 9.33 11.84
C ILE A 4 23.45 8.44 12.97
N GLY A 5 24.14 8.35 14.12
CA GLY A 5 23.70 7.65 15.33
C GLY A 5 22.52 8.30 16.09
N ASP A 6 21.95 9.40 15.60
CA ASP A 6 20.87 10.16 16.25
C ASP A 6 19.70 10.42 15.27
N THR A 7 18.64 9.61 15.39
CA THR A 7 17.53 9.51 14.41
C THR A 7 16.14 9.82 14.99
N THR A 8 16.07 10.19 16.28
CA THR A 8 14.89 10.72 17.00
C THR A 8 13.56 10.01 16.70
N SER A 9 13.49 8.71 17.02
CA SER A 9 12.27 7.87 16.91
C SER A 9 11.24 8.07 18.03
N ILE A 10 11.37 9.12 18.86
CA ILE A 10 10.49 9.42 20.02
C ILE A 10 9.00 9.53 19.66
N ILE A 11 8.66 9.80 18.40
CA ILE A 11 7.27 9.85 17.93
C ILE A 11 6.65 8.44 17.93
N GLN A 12 7.38 7.42 17.47
CA GLN A 12 6.94 6.01 17.52
C GLN A 12 6.66 5.53 18.95
N LEU A 13 7.42 6.04 19.93
CA LEU A 13 7.26 5.79 21.36
C LEU A 13 5.86 6.20 21.89
N PHE A 14 5.16 7.13 21.23
CA PHE A 14 3.76 7.49 21.50
C PHE A 14 2.97 7.78 20.20
N LYS A 15 2.68 6.71 19.44
CA LYS A 15 1.81 6.72 18.25
C LYS A 15 0.91 5.49 18.22
N ASN A 16 -0.41 5.72 18.29
CA ASN A 16 -1.50 4.78 17.96
C ASN A 16 -1.26 3.29 18.34
N PHE A 17 -0.82 3.04 19.58
CA PHE A 17 -0.35 1.74 20.08
C PHE A 17 -1.26 0.54 19.75
N THR A 18 -2.57 0.72 19.90
CA THR A 18 -3.62 -0.24 19.51
C THR A 18 -4.82 0.52 18.93
N GLY A 19 -5.56 -0.15 18.03
CA GLY A 19 -6.73 0.43 17.35
C GLY A 19 -6.67 0.26 15.82
N PRO A 20 -5.76 0.95 15.11
CA PRO A 20 -5.56 0.76 13.67
C PRO A 20 -4.80 -0.55 13.36
N PRO A 21 -4.84 -1.06 12.11
CA PRO A 21 -4.23 -2.34 11.73
C PRO A 21 -2.70 -2.30 11.69
N SER A 22 -2.06 -3.48 11.63
CA SER A 22 -0.59 -3.64 11.58
C SER A 22 0.07 -2.94 10.40
N VAL A 23 -0.64 -2.79 9.27
CA VAL A 23 -0.18 -2.05 8.08
C VAL A 23 -0.17 -0.52 8.30
N ALA A 24 -1.11 -0.01 9.11
CA ALA A 24 -1.22 1.41 9.43
C ALA A 24 -0.12 1.84 10.42
N THR A 25 0.17 1.05 11.46
CA THR A 25 1.24 1.40 12.42
C THR A 25 2.64 1.42 11.79
N PHE A 26 2.89 0.68 10.70
CA PHE A 26 4.09 0.88 9.87
C PHE A 26 4.11 2.28 9.25
N ILE A 27 3.13 2.65 8.42
CA ILE A 27 3.15 3.95 7.70
C ILE A 27 3.09 5.15 8.66
N SER A 28 2.32 5.05 9.74
CA SER A 28 2.22 6.03 10.82
C SER A 28 3.49 6.16 11.70
N ASN A 29 4.53 5.37 11.41
CA ASN A 29 5.87 5.61 11.97
C ASN A 29 6.98 5.73 10.90
N PHE A 30 6.80 5.18 9.70
CA PHE A 30 7.68 5.45 8.55
C PHE A 30 7.72 6.96 8.24
N HIS A 31 6.56 7.61 8.16
CA HIS A 31 6.48 9.05 7.96
C HIS A 31 7.04 9.89 9.13
N SER A 32 6.93 9.42 10.40
CA SER A 32 7.53 10.15 11.54
C SER A 32 9.06 10.05 11.54
N ILE A 33 9.64 8.92 11.10
CA ILE A 33 11.09 8.80 10.87
C ILE A 33 11.53 9.78 9.78
N VAL A 34 10.81 9.86 8.65
CA VAL A 34 11.11 10.81 7.56
C VAL A 34 11.07 12.26 8.05
N GLN A 35 10.19 12.61 8.98
CA GLN A 35 10.12 13.92 9.63
C GLN A 35 11.22 14.18 10.70
N SER A 36 12.03 13.18 11.06
CA SER A 36 13.08 13.32 12.10
C SER A 36 14.51 13.17 11.56
N SER A 37 14.77 12.17 10.70
CA SER A 37 16.09 11.94 10.09
C SER A 37 16.34 12.93 8.94
N LYS A 38 17.04 14.04 9.20
CA LYS A 38 17.35 15.09 8.22
C LYS A 38 17.90 14.56 6.89
N THR A 39 18.77 13.56 6.94
CA THR A 39 19.37 12.89 5.76
C THR A 39 18.33 12.25 4.83
N LEU A 40 17.17 11.85 5.37
CA LEU A 40 16.02 11.35 4.60
C LEU A 40 15.40 12.47 3.76
N LEU A 41 15.14 13.65 4.36
CA LEU A 41 14.65 14.84 3.65
C LEU A 41 15.67 15.38 2.64
N ASN A 42 16.97 15.27 2.95
CA ASN A 42 18.07 15.76 2.10
C ASN A 42 18.09 15.08 0.70
N LEU A 43 17.63 13.83 0.60
CA LEU A 43 17.39 13.14 -0.68
C LEU A 43 16.34 13.91 -1.51
N PHE A 44 15.19 14.21 -0.91
CA PHE A 44 14.06 14.86 -1.61
C PHE A 44 14.28 16.36 -1.87
N ASP A 45 15.09 17.02 -1.05
CA ASP A 45 15.56 18.41 -1.26
C ASP A 45 16.40 18.58 -2.56
N VAL A 46 16.80 17.49 -3.21
CA VAL A 46 17.49 17.47 -4.51
C VAL A 46 16.77 16.58 -5.55
N ALA A 47 15.53 16.14 -5.29
CA ALA A 47 14.77 15.28 -6.20
C ALA A 47 14.45 15.91 -7.59
N GLU A 48 14.64 17.22 -7.77
CA GLU A 48 14.52 17.92 -9.06
C GLU A 48 15.65 17.55 -10.06
N GLU A 49 16.78 17.03 -9.57
CA GLU A 49 17.87 16.44 -10.38
C GLU A 49 17.44 15.13 -11.08
N ASN A 50 18.34 14.51 -11.88
CA ASN A 50 18.12 13.29 -12.66
C ASN A 50 17.29 12.21 -11.91
N PRO A 51 16.02 11.95 -12.31
CA PRO A 51 15.11 11.09 -11.54
C PRO A 51 15.53 9.61 -11.49
N LEU A 52 16.26 9.15 -12.52
CA LEU A 52 16.83 7.80 -12.59
C LEU A 52 17.79 7.51 -11.43
N GLU A 53 18.51 8.52 -10.91
CA GLU A 53 19.43 8.34 -9.77
C GLU A 53 18.71 7.80 -8.53
N PHE A 54 17.55 8.37 -8.22
CA PHE A 54 16.75 7.96 -7.06
C PHE A 54 16.04 6.63 -7.35
N ALA A 55 15.37 6.50 -8.50
CA ALA A 55 14.64 5.29 -8.86
C ALA A 55 15.53 4.04 -8.90
N LYS A 56 16.69 4.11 -9.58
CA LYS A 56 17.64 2.99 -9.70
C LYS A 56 18.31 2.65 -8.36
N CYS A 57 18.64 3.67 -7.55
CA CYS A 57 19.12 3.48 -6.18
C CYS A 57 18.08 2.73 -5.33
N MET A 58 16.82 3.20 -5.32
CA MET A 58 15.72 2.58 -4.58
C MET A 58 15.48 1.13 -5.02
N TYR A 59 15.46 0.84 -6.33
CA TYR A 59 15.35 -0.53 -6.84
C TYR A 59 16.48 -1.44 -6.34
N GLU A 60 17.74 -1.04 -6.55
CA GLU A 60 18.90 -1.88 -6.22
C GLU A 60 19.06 -2.10 -4.71
N LEU A 61 18.79 -1.05 -3.91
CA LEU A 61 18.78 -1.11 -2.45
C LEU A 61 17.68 -2.06 -1.93
N VAL A 62 16.44 -1.91 -2.42
CA VAL A 62 15.32 -2.76 -2.00
C VAL A 62 15.55 -4.22 -2.41
N LEU A 63 16.22 -4.48 -3.55
CA LEU A 63 16.63 -5.83 -3.96
C LEU A 63 17.48 -6.51 -2.87
N LYS A 64 18.62 -5.92 -2.48
CA LYS A 64 19.49 -6.49 -1.43
C LYS A 64 18.84 -6.49 -0.05
N SER A 65 18.06 -5.45 0.28
CA SER A 65 17.36 -5.31 1.56
C SER A 65 16.33 -6.42 1.76
N ALA A 66 15.38 -6.59 0.84
CA ALA A 66 14.34 -7.61 0.94
C ALA A 66 14.92 -9.04 0.97
N ASN A 67 15.94 -9.34 0.15
CA ASN A 67 16.69 -10.61 0.26
C ASN A 67 17.30 -10.82 1.67
N SER A 68 17.91 -9.78 2.25
CA SER A 68 18.49 -9.83 3.62
C SER A 68 17.42 -9.97 4.73
N LEU A 69 16.24 -9.39 4.56
CA LEU A 69 15.06 -9.60 5.43
C LEU A 69 14.53 -11.06 5.41
N GLY A 70 14.92 -11.87 4.42
CA GLY A 70 14.40 -13.23 4.22
C GLY A 70 13.00 -13.25 3.57
N VAL A 71 12.65 -12.20 2.82
CA VAL A 71 11.39 -12.05 2.07
C VAL A 71 11.16 -13.21 1.09
N LEU A 72 9.90 -13.62 0.92
CA LEU A 72 9.50 -14.74 0.05
C LEU A 72 9.72 -14.42 -1.45
N ASN A 73 9.37 -13.19 -1.87
CA ASN A 73 9.46 -12.73 -3.26
C ASN A 73 10.04 -11.29 -3.36
N PRO A 74 11.33 -11.09 -3.04
CA PRO A 74 11.93 -9.77 -2.82
C PRO A 74 11.95 -8.86 -4.07
N HIS A 75 12.01 -9.46 -5.26
CA HIS A 75 11.95 -8.76 -6.54
C HIS A 75 10.68 -7.88 -6.68
N LEU A 76 9.53 -8.33 -6.17
CA LEU A 76 8.27 -7.58 -6.29
C LEU A 76 8.32 -6.23 -5.55
N ILE A 77 9.02 -6.17 -4.41
CA ILE A 77 9.12 -4.97 -3.58
C ILE A 77 9.99 -3.91 -4.28
N ALA A 78 11.09 -4.33 -4.93
CA ALA A 78 11.88 -3.44 -5.76
C ALA A 78 11.09 -2.99 -7.00
N ASN A 79 10.40 -3.91 -7.68
CA ASN A 79 9.65 -3.64 -8.90
C ASN A 79 8.46 -2.70 -8.68
N ASN A 80 7.67 -2.87 -7.61
CA ASN A 80 6.52 -1.99 -7.34
C ASN A 80 6.95 -0.58 -6.93
N ILE A 81 7.98 -0.44 -6.10
CA ILE A 81 8.58 0.87 -5.76
C ILE A 81 9.17 1.53 -7.01
N TYR A 82 9.94 0.81 -7.84
CA TYR A 82 10.53 1.37 -9.06
C TYR A 82 9.48 1.82 -10.09
N GLN A 83 8.53 0.96 -10.46
CA GLN A 83 7.51 1.31 -11.46
C GLN A 83 6.58 2.44 -10.97
N SER A 84 6.25 2.48 -9.68
CA SER A 84 5.44 3.56 -9.13
C SER A 84 6.19 4.90 -9.04
N VAL A 85 7.47 4.90 -8.63
CA VAL A 85 8.34 6.09 -8.63
C VAL A 85 8.55 6.66 -10.03
N VAL A 86 8.97 5.83 -10.99
CA VAL A 86 9.26 6.30 -12.36
C VAL A 86 8.00 6.80 -13.09
N SER A 87 6.81 6.29 -12.70
CA SER A 87 5.53 6.71 -13.26
C SER A 87 4.98 7.99 -12.63
N ASN A 88 4.82 8.05 -11.29
CA ASN A 88 4.16 9.17 -10.58
C ASN A 88 5.07 10.41 -10.41
N LEU A 89 6.03 10.56 -11.33
CA LEU A 89 7.13 11.54 -11.38
C LEU A 89 6.69 13.02 -11.45
N ASP A 90 5.39 13.28 -11.67
CA ASP A 90 4.79 14.62 -11.61
C ASP A 90 4.90 15.28 -10.21
N ILE A 91 5.07 14.46 -9.15
CA ILE A 91 5.06 14.86 -7.74
C ILE A 91 6.22 14.23 -6.95
N LEU A 92 7.44 14.64 -7.30
CA LEU A 92 8.72 14.33 -6.61
C LEU A 92 8.86 14.96 -5.20
N HIS A 93 7.75 15.32 -4.55
CA HIS A 93 7.73 16.04 -3.26
C HIS A 93 8.28 15.19 -2.10
N SER A 94 8.78 15.87 -1.05
CA SER A 94 9.25 15.27 0.21
C SER A 94 8.37 14.16 0.78
N SER A 95 7.09 14.44 1.06
CA SER A 95 6.13 13.45 1.55
C SER A 95 5.67 12.49 0.44
N ALA A 96 5.44 12.95 -0.78
CA ALA A 96 5.00 12.12 -1.91
C ALA A 96 5.97 10.96 -2.23
N MET A 97 7.28 11.23 -2.19
CA MET A 97 8.33 10.22 -2.40
C MET A 97 8.32 9.08 -1.36
N VAL A 98 7.66 9.26 -0.20
CA VAL A 98 7.54 8.24 0.86
C VAL A 98 6.12 7.75 1.09
N ASN A 99 5.07 8.49 0.71
CA ASN A 99 3.69 7.99 0.73
C ASN A 99 3.56 6.72 -0.13
N LEU A 100 4.09 6.73 -1.36
CA LEU A 100 4.00 5.57 -2.25
C LEU A 100 4.92 4.43 -1.78
N TYR A 101 6.18 4.75 -1.42
CA TYR A 101 7.14 3.79 -0.87
C TYR A 101 6.57 3.07 0.36
N ALA A 102 6.07 3.81 1.36
CA ALA A 102 5.57 3.25 2.60
C ALA A 102 4.29 2.43 2.40
N ASN A 103 3.31 2.90 1.62
CA ASN A 103 2.09 2.12 1.34
C ASN A 103 2.38 0.85 0.53
N ALA A 104 3.28 0.91 -0.46
CA ALA A 104 3.71 -0.25 -1.24
C ALA A 104 4.48 -1.26 -0.37
N MET A 105 5.45 -0.81 0.41
CA MET A 105 6.28 -1.66 1.28
C MET A 105 5.48 -2.27 2.44
N ALA A 106 4.66 -1.48 3.15
CA ALA A 106 3.77 -1.99 4.19
C ALA A 106 2.79 -3.02 3.63
N GLY A 107 2.24 -2.75 2.43
CA GLY A 107 1.38 -3.67 1.71
C GLY A 107 2.08 -4.99 1.38
N SER A 108 3.21 -4.94 0.67
CA SER A 108 3.95 -6.13 0.23
C SER A 108 4.48 -6.98 1.39
N LEU A 109 5.18 -6.37 2.37
CA LEU A 109 5.75 -7.07 3.54
C LEU A 109 4.71 -7.90 4.33
N PHE A 110 3.43 -7.47 4.33
CA PHE A 110 2.33 -8.22 4.94
C PHE A 110 2.14 -9.62 4.32
N LEU A 111 2.33 -9.76 3.00
CA LEU A 111 2.24 -11.01 2.27
C LEU A 111 3.45 -11.94 2.50
N GLU A 112 4.58 -11.38 2.92
CA GLU A 112 5.84 -12.13 3.09
C GLU A 112 5.93 -12.88 4.44
N GLY A 113 4.90 -12.80 5.28
CA GLY A 113 4.79 -13.50 6.57
C GLY A 113 5.41 -12.76 7.77
N ILE A 114 5.57 -11.43 7.64
CA ILE A 114 6.26 -10.53 8.59
C ILE A 114 5.41 -9.26 8.81
N LEU A 115 6.00 -8.15 9.29
CA LEU A 115 5.30 -6.87 9.58
C LEU A 115 4.28 -7.00 10.73
N ASN A 116 4.64 -7.75 11.78
CA ASN A 116 3.85 -7.89 13.01
C ASN A 116 3.68 -6.54 13.75
N SER A 117 2.76 -6.44 14.69
CA SER A 117 2.34 -5.17 15.34
C SER A 117 3.47 -4.34 15.97
N ASP A 118 4.53 -4.98 16.47
CA ASP A 118 5.74 -4.34 17.01
C ASP A 118 6.91 -4.35 16.00
N ASN A 119 7.07 -5.45 15.26
CA ASN A 119 8.03 -5.60 14.16
C ASN A 119 7.88 -4.53 13.06
N ALA A 120 6.68 -3.96 12.88
CA ALA A 120 6.42 -2.83 12.00
C ALA A 120 7.29 -1.58 12.29
N ALA A 121 7.67 -1.33 13.55
CA ALA A 121 8.62 -0.27 13.89
C ALA A 121 10.05 -0.62 13.46
N THR A 122 10.46 -1.88 13.67
CA THR A 122 11.78 -2.41 13.28
C THR A 122 11.97 -2.37 11.76
N LEU A 123 11.00 -2.90 10.99
CA LEU A 123 11.06 -2.88 9.52
C LEU A 123 11.00 -1.46 8.96
N ALA A 124 10.18 -0.56 9.53
CA ALA A 124 10.14 0.84 9.12
C ALA A 124 11.49 1.53 9.32
N LYS A 125 12.12 1.39 10.51
CA LYS A 125 13.47 1.92 10.77
C LYS A 125 14.54 1.30 9.89
N LYS A 126 14.53 -0.02 9.65
CA LYS A 126 15.46 -0.68 8.72
C LYS A 126 15.39 -0.05 7.32
N CYS A 127 14.20 -0.02 6.71
CA CYS A 127 14.01 0.50 5.36
C CYS A 127 14.30 2.01 5.25
N ALA A 128 13.82 2.83 6.20
CA ALA A 128 14.06 4.27 6.22
C ALA A 128 15.55 4.62 6.45
N ASN A 129 16.21 3.97 7.42
CA ASN A 129 17.63 4.21 7.67
C ASN A 129 18.50 3.73 6.49
N ASP A 130 18.14 2.62 5.84
CA ASP A 130 18.82 2.17 4.61
C ASP A 130 18.63 3.17 3.44
N MET A 131 17.42 3.72 3.27
CA MET A 131 17.09 4.72 2.24
C MET A 131 18.03 5.94 2.31
N GLU A 132 18.21 6.55 3.49
CA GLU A 132 19.17 7.65 3.66
C GLU A 132 20.65 7.21 3.68
N ALA A 133 20.95 6.00 4.17
CA ALA A 133 22.31 5.44 4.16
C ALA A 133 22.84 5.13 2.74
N PHE A 134 21.96 5.02 1.75
CA PHE A 134 22.32 4.93 0.33
C PHE A 134 22.13 6.27 -0.42
N ALA A 135 21.28 7.18 0.06
CA ALA A 135 21.24 8.56 -0.42
C ALA A 135 22.59 9.28 -0.21
N LYS A 136 23.22 9.14 0.97
CA LYS A 136 24.53 9.77 1.27
C LYS A 136 25.67 9.35 0.33
N LYS A 137 25.56 8.17 -0.29
CA LYS A 137 26.48 7.64 -1.33
C LYS A 137 26.26 8.27 -2.72
N MET A 138 25.08 8.83 -2.98
CA MET A 138 24.64 9.35 -4.28
C MET A 138 24.62 10.88 -4.34
N VAL A 139 24.25 11.54 -3.24
CA VAL A 139 24.34 13.00 -3.04
C VAL A 139 25.81 13.45 -2.98
N GLU A 140 26.11 14.61 -3.56
CA GLU A 140 27.46 15.21 -3.59
C GLU A 140 27.97 15.69 -2.21
N ILE A 141 29.25 16.09 -2.14
CA ILE A 141 29.88 16.66 -0.94
C ILE A 141 29.14 17.93 -0.50
N GLY A 142 28.57 17.92 0.71
CA GLY A 142 27.83 19.04 1.32
C GLY A 142 27.03 18.62 2.55
N ASN B 1 -26.57 -4.36 0.14
CA ASN B 1 -26.56 -5.50 1.09
C ASN B 1 -27.76 -6.46 0.92
N LEU B 2 -28.96 -5.95 0.58
CA LEU B 2 -30.15 -6.73 0.16
C LEU B 2 -30.66 -7.75 1.22
N SER B 3 -30.79 -7.28 2.47
CA SER B 3 -31.30 -8.08 3.60
C SER B 3 -32.23 -7.29 4.56
N ILE B 4 -31.93 -6.01 4.81
CA ILE B 4 -32.63 -5.09 5.74
C ILE B 4 -32.52 -5.49 7.23
N GLY B 5 -32.43 -6.79 7.55
CA GLY B 5 -32.28 -7.33 8.90
C GLY B 5 -30.89 -7.17 9.54
N ASP B 6 -29.91 -6.63 8.81
CA ASP B 6 -28.60 -6.20 9.34
C ASP B 6 -28.20 -4.84 8.76
N THR B 7 -27.74 -3.93 9.63
CA THR B 7 -27.49 -2.51 9.32
C THR B 7 -26.59 -1.88 10.42
N THR B 8 -25.50 -2.58 10.76
CA THR B 8 -24.72 -2.36 11.99
C THR B 8 -23.21 -2.32 11.69
N SER B 9 -22.50 -1.37 12.31
CA SER B 9 -21.07 -1.08 12.09
C SER B 9 -20.28 -0.79 13.39
N ILE B 10 -20.89 -1.03 14.56
CA ILE B 10 -20.34 -0.74 15.90
C ILE B 10 -18.96 -1.35 16.19
N ILE B 11 -18.58 -2.39 15.44
CA ILE B 11 -17.24 -3.00 15.44
C ILE B 11 -16.17 -1.92 15.23
N GLN B 12 -16.32 -1.09 14.18
CA GLN B 12 -15.36 -0.05 13.81
C GLN B 12 -15.39 1.16 14.77
N LEU B 13 -16.52 1.43 15.43
CA LEU B 13 -16.65 2.50 16.43
C LEU B 13 -15.79 2.22 17.67
N PHE B 14 -15.68 0.95 18.10
CA PHE B 14 -14.80 0.52 19.19
C PHE B 14 -13.36 0.26 18.70
N LYS B 15 -13.19 -0.53 17.64
CA LYS B 15 -11.91 -0.99 17.09
C LYS B 15 -11.25 0.11 16.22
N ASN B 16 -10.83 1.20 16.87
CA ASN B 16 -10.22 2.37 16.21
C ASN B 16 -9.23 3.14 17.10
N PHE B 17 -9.62 3.49 18.34
CA PHE B 17 -8.88 4.24 19.37
C PHE B 17 -8.41 5.67 19.01
N THR B 18 -7.88 5.89 17.81
CA THR B 18 -7.39 7.17 17.26
C THR B 18 -7.70 7.25 15.77
N GLY B 19 -8.35 8.33 15.34
CA GLY B 19 -8.87 8.56 13.98
C GLY B 19 -7.85 8.26 12.86
N PRO B 20 -8.00 7.17 12.10
CA PRO B 20 -7.05 6.78 11.04
C PRO B 20 -7.21 7.65 9.78
N PRO B 21 -6.17 7.75 8.92
CA PRO B 21 -6.21 8.54 7.70
C PRO B 21 -7.10 7.92 6.61
N SER B 22 -7.49 8.74 5.63
CA SER B 22 -8.34 8.34 4.48
C SER B 22 -7.81 7.13 3.71
N VAL B 23 -6.48 6.99 3.63
CA VAL B 23 -5.79 5.86 2.97
C VAL B 23 -5.97 4.53 3.72
N ALA B 24 -6.06 4.55 5.04
CA ALA B 24 -6.24 3.36 5.87
C ALA B 24 -7.71 2.87 5.87
N THR B 25 -8.69 3.78 5.97
CA THR B 25 -10.12 3.40 5.93
C THR B 25 -10.54 2.79 4.59
N PHE B 26 -9.93 3.18 3.46
CA PHE B 26 -10.11 2.50 2.16
C PHE B 26 -9.75 1.00 2.24
N ILE B 27 -8.58 0.69 2.82
CA ILE B 27 -8.07 -0.68 2.96
C ILE B 27 -8.99 -1.51 3.88
N SER B 28 -9.41 -0.94 5.02
CA SER B 28 -10.38 -1.57 5.93
C SER B 28 -11.76 -1.79 5.29
N ASN B 29 -12.24 -0.83 4.48
CA ASN B 29 -13.47 -0.98 3.70
C ASN B 29 -13.38 -2.14 2.71
N PHE B 30 -12.25 -2.31 2.00
CA PHE B 30 -12.07 -3.40 1.04
C PHE B 30 -12.33 -4.79 1.66
N HIS B 31 -11.84 -5.04 2.87
CA HIS B 31 -12.11 -6.27 3.62
C HIS B 31 -13.60 -6.47 3.93
N SER B 32 -14.30 -5.40 4.36
CA SER B 32 -15.74 -5.42 4.61
C SER B 32 -16.55 -5.69 3.34
N ILE B 33 -16.18 -5.08 2.21
CA ILE B 33 -16.85 -5.24 0.92
C ILE B 33 -16.68 -6.67 0.37
N VAL B 34 -15.50 -7.29 0.56
CA VAL B 34 -15.31 -8.73 0.27
C VAL B 34 -16.31 -9.58 1.07
N GLN B 35 -16.47 -9.35 2.38
CA GLN B 35 -17.42 -10.08 3.21
C GLN B 35 -18.89 -9.86 2.78
N SER B 36 -19.26 -8.66 2.34
CA SER B 36 -20.62 -8.29 1.92
C SER B 36 -21.08 -8.89 0.58
N SER B 37 -20.17 -9.44 -0.24
CA SER B 37 -20.46 -9.84 -1.62
C SER B 37 -19.87 -11.22 -1.95
N LYS B 38 -20.71 -12.27 -1.91
CA LYS B 38 -20.33 -13.68 -2.15
C LYS B 38 -19.47 -13.90 -3.41
N THR B 39 -19.81 -13.23 -4.51
CA THR B 39 -19.08 -13.34 -5.79
C THR B 39 -17.61 -12.91 -5.69
N LEU B 40 -17.29 -12.01 -4.75
CA LEU B 40 -15.92 -11.59 -4.44
C LEU B 40 -15.15 -12.73 -3.75
N LEU B 41 -15.73 -13.34 -2.71
CA LEU B 41 -15.17 -14.51 -2.01
C LEU B 41 -15.01 -15.72 -2.93
N ASN B 42 -15.96 -15.94 -3.85
CA ASN B 42 -15.97 -17.05 -4.81
C ASN B 42 -14.71 -17.08 -5.70
N LEU B 43 -14.14 -15.91 -6.02
CA LEU B 43 -12.86 -15.76 -6.72
C LEU B 43 -11.71 -16.41 -5.92
N PHE B 44 -11.62 -16.11 -4.62
CA PHE B 44 -10.56 -16.62 -3.75
C PHE B 44 -10.78 -18.08 -3.34
N ASP B 45 -12.03 -18.52 -3.26
CA ASP B 45 -12.41 -19.93 -3.07
C ASP B 45 -12.00 -20.86 -4.24
N VAL B 46 -11.51 -20.29 -5.35
CA VAL B 46 -10.95 -21.03 -6.51
C VAL B 46 -9.52 -20.55 -6.87
N ALA B 47 -8.89 -19.72 -6.03
CA ALA B 47 -7.53 -19.22 -6.26
C ALA B 47 -6.43 -20.31 -6.33
N GLU B 48 -6.71 -21.53 -5.87
CA GLU B 48 -5.82 -22.70 -6.02
C GLU B 48 -5.70 -23.22 -7.47
N GLU B 49 -6.53 -22.74 -8.41
CA GLU B 49 -6.41 -22.98 -9.85
C GLU B 49 -5.26 -22.14 -10.49
N ASN B 50 -5.20 -22.04 -11.83
CA ASN B 50 -4.14 -21.34 -12.57
C ASN B 50 -3.94 -19.88 -12.10
N PRO B 51 -2.81 -19.51 -11.46
CA PRO B 51 -2.63 -18.18 -10.87
C PRO B 51 -2.44 -17.06 -11.91
N LEU B 52 -2.00 -17.41 -13.12
CA LEU B 52 -1.91 -16.50 -14.28
C LEU B 52 -3.24 -15.81 -14.57
N GLU B 53 -4.37 -16.52 -14.40
CA GLU B 53 -5.71 -15.98 -14.67
C GLU B 53 -6.01 -14.76 -13.78
N PHE B 54 -5.74 -14.85 -12.48
CA PHE B 54 -5.98 -13.76 -11.52
C PHE B 54 -5.03 -12.58 -11.74
N ALA B 55 -3.75 -12.85 -12.05
CA ALA B 55 -2.78 -11.83 -12.41
C ALA B 55 -3.19 -11.05 -13.67
N LYS B 56 -3.56 -11.75 -14.76
CA LYS B 56 -4.04 -11.14 -16.01
C LYS B 56 -5.36 -10.39 -15.82
N CYS B 57 -6.31 -10.96 -15.04
CA CYS B 57 -7.54 -10.27 -14.66
C CYS B 57 -7.25 -8.93 -13.97
N MET B 58 -6.43 -8.93 -12.92
CA MET B 58 -6.09 -7.68 -12.22
C MET B 58 -5.35 -6.68 -13.12
N TYR B 59 -4.42 -7.12 -13.98
CA TYR B 59 -3.74 -6.23 -14.92
C TYR B 59 -4.73 -5.53 -15.87
N GLU B 60 -5.54 -6.29 -16.62
CA GLU B 60 -6.51 -5.74 -17.58
C GLU B 60 -7.60 -4.89 -16.90
N LEU B 61 -8.10 -5.33 -15.75
CA LEU B 61 -9.12 -4.60 -15.00
C LEU B 61 -8.59 -3.28 -14.44
N VAL B 62 -7.41 -3.28 -13.81
CA VAL B 62 -6.82 -2.05 -13.27
C VAL B 62 -6.46 -1.07 -14.39
N LEU B 63 -6.05 -1.55 -15.57
CA LEU B 63 -5.81 -0.71 -16.75
C LEU B 63 -7.02 0.17 -17.10
N LYS B 64 -8.23 -0.42 -17.15
CA LYS B 64 -9.48 0.33 -17.42
C LYS B 64 -10.01 1.07 -16.19
N SER B 65 -9.94 0.50 -14.99
CA SER B 65 -10.42 1.12 -13.75
C SER B 65 -9.66 2.38 -13.39
N ALA B 66 -8.31 2.36 -13.37
CA ALA B 66 -7.52 3.53 -13.02
C ALA B 66 -7.64 4.67 -14.08
N ASN B 67 -7.84 4.33 -15.36
CA ASN B 67 -8.23 5.30 -16.40
C ASN B 67 -9.63 5.91 -16.13
N SER B 68 -10.60 5.08 -15.72
CA SER B 68 -11.96 5.53 -15.36
C SER B 68 -12.00 6.43 -14.11
N LEU B 69 -11.18 6.13 -13.10
CA LEU B 69 -10.94 7.00 -11.93
C LEU B 69 -10.13 8.27 -12.28
N GLY B 70 -9.53 8.36 -13.47
CA GLY B 70 -8.80 9.53 -13.96
C GLY B 70 -7.43 9.76 -13.31
N VAL B 71 -6.76 8.68 -12.86
CA VAL B 71 -5.45 8.75 -12.18
C VAL B 71 -4.36 9.31 -13.12
N LEU B 72 -3.33 9.97 -12.56
CA LEU B 72 -2.16 10.52 -13.28
C LEU B 72 -1.47 9.50 -14.20
N ASN B 73 -1.20 8.30 -13.66
CA ASN B 73 -0.43 7.24 -14.30
C ASN B 73 -1.09 5.87 -14.03
N PRO B 74 -2.22 5.55 -14.68
CA PRO B 74 -3.01 4.34 -14.40
C PRO B 74 -2.25 3.05 -14.66
N HIS B 75 -1.29 3.07 -15.60
CA HIS B 75 -0.39 1.96 -15.89
C HIS B 75 0.42 1.51 -14.67
N LEU B 76 0.83 2.43 -13.77
CA LEU B 76 1.63 2.09 -12.59
C LEU B 76 0.89 1.12 -11.64
N ILE B 77 -0.41 1.34 -11.47
CA ILE B 77 -1.27 0.54 -10.60
C ILE B 77 -1.50 -0.85 -11.21
N ALA B 78 -1.67 -0.93 -12.54
CA ALA B 78 -1.72 -2.22 -13.22
C ALA B 78 -0.39 -2.97 -13.09
N ASN B 79 0.74 -2.27 -13.22
CA ASN B 79 2.08 -2.86 -13.15
C ASN B 79 2.40 -3.44 -11.76
N ASN B 80 2.17 -2.68 -10.69
CA ASN B 80 2.52 -3.12 -9.34
C ASN B 80 1.55 -4.19 -8.79
N ILE B 81 0.25 -4.10 -9.07
CA ILE B 81 -0.69 -5.18 -8.73
C ILE B 81 -0.33 -6.45 -9.51
N TYR B 82 -0.04 -6.38 -10.82
CA TYR B 82 0.38 -7.55 -11.59
C TYR B 82 1.63 -8.23 -11.02
N GLN B 83 2.74 -7.49 -10.84
CA GLN B 83 4.00 -8.07 -10.37
C GLN B 83 3.92 -8.63 -8.95
N SER B 84 3.17 -8.01 -8.05
CA SER B 84 2.96 -8.54 -6.69
C SER B 84 2.05 -9.78 -6.69
N VAL B 85 0.92 -9.74 -7.40
CA VAL B 85 -0.03 -10.87 -7.49
C VAL B 85 0.60 -12.09 -8.14
N VAL B 86 1.35 -11.93 -9.25
CA VAL B 86 1.99 -13.03 -9.98
C VAL B 86 3.18 -13.66 -9.26
N SER B 87 3.57 -13.16 -8.08
CA SER B 87 4.70 -13.64 -7.28
C SER B 87 4.31 -14.07 -5.85
N ASN B 88 3.36 -13.40 -5.19
CA ASN B 88 2.80 -13.81 -3.88
C ASN B 88 1.87 -15.05 -3.94
N LEU B 89 2.12 -15.98 -4.86
CA LEU B 89 1.44 -17.29 -5.01
C LEU B 89 1.53 -18.19 -3.76
N ASP B 90 2.46 -17.91 -2.84
CA ASP B 90 2.54 -18.57 -1.53
C ASP B 90 1.37 -18.24 -0.58
N ILE B 91 0.59 -17.18 -0.86
CA ILE B 91 -0.43 -16.62 0.03
C ILE B 91 -1.67 -16.14 -0.75
N LEU B 92 -2.33 -17.08 -1.44
CA LEU B 92 -3.57 -16.91 -2.20
C LEU B 92 -4.84 -16.71 -1.32
N HIS B 93 -4.68 -16.18 -0.09
CA HIS B 93 -5.73 -16.01 0.91
C HIS B 93 -6.78 -14.94 0.51
N SER B 94 -8.00 -15.04 1.04
CA SER B 94 -9.14 -14.17 0.67
C SER B 94 -8.88 -12.68 0.90
N SER B 95 -8.29 -12.32 2.05
CA SER B 95 -7.82 -10.95 2.34
C SER B 95 -6.53 -10.62 1.60
N ALA B 96 -5.56 -11.54 1.56
CA ALA B 96 -4.25 -11.35 0.93
C ALA B 96 -4.33 -10.98 -0.57
N MET B 97 -5.22 -11.62 -1.33
CA MET B 97 -5.45 -11.34 -2.75
C MET B 97 -5.91 -9.89 -3.02
N VAL B 98 -6.59 -9.26 -2.06
CA VAL B 98 -7.00 -7.84 -2.15
C VAL B 98 -6.11 -6.90 -1.34
N ASN B 99 -5.29 -7.37 -0.40
CA ASN B 99 -4.34 -6.55 0.34
C ASN B 99 -3.36 -5.83 -0.61
N LEU B 100 -2.91 -6.52 -1.67
CA LEU B 100 -2.08 -5.96 -2.73
C LEU B 100 -2.83 -4.89 -3.54
N TYR B 101 -4.03 -5.23 -4.03
CA TYR B 101 -4.90 -4.31 -4.78
C TYR B 101 -5.19 -3.05 -3.96
N ALA B 102 -5.63 -3.23 -2.72
CA ALA B 102 -6.06 -2.16 -1.82
C ALA B 102 -4.92 -1.20 -1.47
N ASN B 103 -3.75 -1.68 -1.04
CA ASN B 103 -2.61 -0.81 -0.72
C ASN B 103 -2.10 -0.05 -1.96
N ALA B 104 -1.97 -0.72 -3.10
CA ALA B 104 -1.52 -0.10 -4.35
C ALA B 104 -2.49 0.98 -4.85
N MET B 105 -3.79 0.70 -4.86
CA MET B 105 -4.82 1.67 -5.25
C MET B 105 -4.89 2.82 -4.25
N ALA B 106 -4.99 2.53 -2.95
CA ALA B 106 -5.16 3.53 -1.89
C ALA B 106 -4.01 4.56 -1.89
N GLY B 107 -2.75 4.09 -1.93
CA GLY B 107 -1.58 4.96 -2.03
C GLY B 107 -1.63 5.84 -3.27
N SER B 108 -1.78 5.24 -4.46
CA SER B 108 -1.80 5.98 -5.73
C SER B 108 -2.92 7.04 -5.79
N LEU B 109 -4.11 6.73 -5.28
CA LEU B 109 -5.23 7.67 -5.16
C LEU B 109 -4.96 8.81 -4.16
N PHE B 110 -4.34 8.50 -3.01
CA PHE B 110 -3.93 9.49 -2.01
C PHE B 110 -2.93 10.51 -2.60
N LEU B 111 -1.90 10.04 -3.31
CA LEU B 111 -0.91 10.90 -3.96
C LEU B 111 -1.52 11.77 -5.08
N GLU B 112 -2.36 11.20 -5.93
CA GLU B 112 -2.95 11.92 -7.08
C GLU B 112 -3.80 13.12 -6.63
N GLY B 113 -4.68 12.91 -5.63
CA GLY B 113 -5.59 13.93 -5.10
C GLY B 113 -7.06 13.49 -5.01
N ILE B 114 -7.32 12.19 -4.90
CA ILE B 114 -8.67 11.59 -4.77
C ILE B 114 -8.81 11.02 -3.33
N LEU B 115 -9.68 10.03 -3.10
CA LEU B 115 -9.74 9.26 -1.85
C LEU B 115 -9.93 10.15 -0.59
N ASN B 116 -10.97 10.99 -0.62
CA ASN B 116 -11.46 11.72 0.56
C ASN B 116 -11.91 10.76 1.68
N SER B 117 -12.00 11.25 2.92
CA SER B 117 -12.27 10.45 4.13
C SER B 117 -13.53 9.57 4.09
N ASP B 118 -14.58 10.00 3.37
CA ASP B 118 -15.82 9.24 3.19
C ASP B 118 -15.92 8.61 1.78
N ASN B 119 -15.45 9.30 0.74
CA ASN B 119 -15.39 8.78 -0.64
C ASN B 119 -14.48 7.54 -0.78
N ALA B 120 -13.56 7.31 0.16
CA ALA B 120 -12.78 6.08 0.29
C ALA B 120 -13.65 4.81 0.23
N ALA B 121 -14.84 4.82 0.85
CA ALA B 121 -15.79 3.70 0.77
C ALA B 121 -16.36 3.51 -0.65
N THR B 122 -16.69 4.59 -1.35
CA THR B 122 -17.19 4.58 -2.74
C THR B 122 -16.15 4.04 -3.71
N LEU B 123 -14.90 4.51 -3.62
CA LEU B 123 -13.80 4.05 -4.45
C LEU B 123 -13.46 2.58 -4.17
N ALA B 124 -13.40 2.17 -2.89
CA ALA B 124 -13.21 0.77 -2.51
C ALA B 124 -14.33 -0.12 -3.08
N LYS B 125 -15.61 0.30 -2.98
CA LYS B 125 -16.75 -0.44 -3.54
C LYS B 125 -16.68 -0.58 -5.05
N LYS B 126 -16.43 0.50 -5.81
CA LYS B 126 -16.41 0.41 -7.28
C LYS B 126 -15.22 -0.40 -7.81
N CYS B 127 -14.06 -0.35 -7.16
CA CYS B 127 -12.94 -1.26 -7.43
C CYS B 127 -13.27 -2.73 -7.13
N ALA B 128 -13.81 -3.03 -5.94
CA ALA B 128 -14.17 -4.39 -5.53
C ALA B 128 -15.29 -5.00 -6.38
N ASN B 129 -16.39 -4.27 -6.60
CA ASN B 129 -17.53 -4.74 -7.39
C ASN B 129 -17.18 -4.97 -8.87
N ASP B 130 -16.13 -4.30 -9.39
CA ASP B 130 -15.57 -4.61 -10.71
C ASP B 130 -14.67 -5.85 -10.71
N MET B 131 -13.98 -6.15 -9.60
CA MET B 131 -13.13 -7.35 -9.46
C MET B 131 -13.92 -8.66 -9.56
N GLU B 132 -15.04 -8.77 -8.84
CA GLU B 132 -15.96 -9.91 -8.99
C GLU B 132 -16.63 -9.96 -10.38
N ALA B 133 -16.91 -8.79 -10.99
CA ALA B 133 -17.48 -8.73 -12.33
C ALA B 133 -16.50 -9.25 -13.41
N PHE B 134 -15.20 -9.00 -13.27
CA PHE B 134 -14.19 -9.52 -14.20
C PHE B 134 -13.86 -11.01 -13.98
N ALA B 135 -14.06 -11.53 -12.76
CA ALA B 135 -14.00 -12.97 -12.49
C ALA B 135 -15.17 -13.73 -13.14
N LYS B 136 -16.43 -13.28 -12.95
CA LYS B 136 -17.61 -13.90 -13.58
C LYS B 136 -17.68 -13.74 -15.12
N LYS B 137 -16.81 -12.89 -15.69
CA LYS B 137 -16.51 -12.80 -17.13
C LYS B 137 -15.61 -13.93 -17.68
N MET B 138 -15.01 -14.78 -16.83
CA MET B 138 -14.08 -15.86 -17.24
C MET B 138 -14.51 -17.28 -16.81
N VAL B 139 -15.59 -17.42 -16.04
CA VAL B 139 -16.28 -18.71 -15.82
C VAL B 139 -17.06 -19.15 -17.08
N GLU B 140 -17.91 -20.18 -17.00
CA GLU B 140 -18.77 -20.62 -18.11
C GLU B 140 -19.69 -19.49 -18.63
N ILE B 141 -19.53 -19.11 -19.91
CA ILE B 141 -20.27 -18.03 -20.59
C ILE B 141 -21.45 -18.61 -21.39
N GLY B 142 -22.59 -17.91 -21.38
CA GLY B 142 -23.84 -18.29 -22.09
C GLY B 142 -23.71 -18.27 -23.61
N ASN A 1 9.84 4.35 47.42
CA ASN A 1 8.61 4.38 46.58
C ASN A 1 8.09 3.00 46.15
N LEU A 2 8.93 1.94 46.09
CA LEU A 2 8.51 0.54 45.82
C LEU A 2 7.74 0.36 44.48
N SER A 3 7.89 1.30 43.55
CA SER A 3 7.15 1.41 42.28
C SER A 3 5.60 1.34 42.41
N ILE A 4 5.04 1.78 43.55
CA ILE A 4 3.59 1.80 43.80
C ILE A 4 2.89 3.16 43.54
N GLY A 5 3.66 4.25 43.38
CA GLY A 5 3.11 5.61 43.24
C GLY A 5 2.91 6.04 41.78
N ASP A 6 3.74 5.56 40.86
CA ASP A 6 3.72 5.81 39.42
C ASP A 6 2.67 4.96 38.67
N THR A 7 1.40 5.12 39.04
CA THR A 7 0.25 4.39 38.48
C THR A 7 -0.93 5.33 38.17
N THR A 8 -0.93 5.90 36.96
CA THR A 8 -2.00 6.78 36.46
C THR A 8 -3.31 6.00 36.31
N SER A 9 -4.43 6.59 36.74
CA SER A 9 -5.79 6.00 36.64
C SER A 9 -6.29 5.87 35.20
N ILE A 10 -7.45 5.22 35.02
CA ILE A 10 -8.16 5.01 33.74
C ILE A 10 -8.42 6.29 32.93
N ILE A 11 -8.34 7.46 33.58
CA ILE A 11 -8.40 8.79 32.96
C ILE A 11 -7.47 8.90 31.74
N GLN A 12 -6.25 8.35 31.81
CA GLN A 12 -5.28 8.45 30.72
C GLN A 12 -5.73 7.73 29.42
N LEU A 13 -6.55 6.67 29.55
CA LEU A 13 -7.12 5.93 28.41
C LEU A 13 -8.06 6.80 27.54
N PHE A 14 -8.69 7.82 28.15
CA PHE A 14 -9.62 8.73 27.47
C PHE A 14 -8.91 9.77 26.58
N LYS A 15 -7.57 9.92 26.69
CA LYS A 15 -6.76 10.87 25.89
C LYS A 15 -6.40 10.34 24.48
N ASN A 16 -6.83 9.13 24.10
CA ASN A 16 -6.55 8.55 22.77
C ASN A 16 -7.81 8.04 22.05
N PHE A 17 -8.57 7.09 22.64
CA PHE A 17 -9.69 6.39 21.99
C PHE A 17 -9.44 5.98 20.51
N THR A 18 -8.28 5.34 20.27
CA THR A 18 -7.83 4.86 18.95
C THR A 18 -7.35 3.41 19.01
N GLY A 19 -7.35 2.74 17.85
CA GLY A 19 -6.93 1.34 17.69
C GLY A 19 -6.50 1.02 16.25
N PRO A 20 -5.52 1.76 15.68
CA PRO A 20 -5.10 1.58 14.29
C PRO A 20 -4.44 0.20 14.07
N PRO A 21 -4.54 -0.39 12.86
CA PRO A 21 -4.03 -1.72 12.55
C PRO A 21 -2.49 -1.77 12.50
N SER A 22 -1.93 -2.99 12.50
CA SER A 22 -0.48 -3.24 12.44
C SER A 22 0.21 -2.63 11.20
N VAL A 23 -0.53 -2.41 10.11
CA VAL A 23 -0.03 -1.69 8.90
C VAL A 23 0.06 -0.18 9.10
N ALA A 24 -0.85 0.40 9.89
CA ALA A 24 -0.88 1.85 10.14
C ALA A 24 0.32 2.31 10.98
N THR A 25 0.72 1.54 12.00
CA THR A 25 1.92 1.83 12.81
C THR A 25 3.23 1.72 12.01
N PHE A 26 3.27 1.00 10.88
CA PHE A 26 4.41 1.07 9.94
C PHE A 26 4.40 2.39 9.16
N ILE A 27 3.32 2.67 8.41
CA ILE A 27 3.27 3.83 7.50
C ILE A 27 3.35 5.17 8.23
N SER A 28 2.72 5.30 9.40
CA SER A 28 2.74 6.53 10.21
C SER A 28 4.10 6.79 10.86
N ASN A 29 4.80 5.76 11.35
CA ASN A 29 6.19 5.92 11.81
C ASN A 29 7.11 6.31 10.65
N PHE A 30 7.02 5.65 9.49
CA PHE A 30 7.84 6.00 8.33
C PHE A 30 7.62 7.47 7.89
N HIS A 31 6.37 7.93 7.78
CA HIS A 31 6.05 9.34 7.52
C HIS A 31 6.61 10.31 8.57
N SER A 32 6.51 9.97 9.86
CA SER A 32 7.08 10.78 10.95
C SER A 32 8.61 10.84 10.90
N ILE A 33 9.27 9.71 10.64
CA ILE A 33 10.73 9.60 10.51
C ILE A 33 11.29 10.50 9.40
N VAL A 34 10.56 10.70 8.28
CA VAL A 34 10.95 11.68 7.25
C VAL A 34 11.15 13.07 7.84
N GLN A 35 10.17 13.59 8.58
CA GLN A 35 10.25 14.92 9.20
C GLN A 35 11.26 14.97 10.38
N SER A 36 11.45 13.87 11.10
CA SER A 36 12.42 13.75 12.20
C SER A 36 13.90 13.66 11.77
N SER A 37 14.18 13.33 10.50
CA SER A 37 15.53 13.02 10.00
C SER A 37 15.83 13.74 8.69
N LYS A 38 16.57 14.86 8.77
CA LYS A 38 16.93 15.75 7.64
C LYS A 38 17.43 15.00 6.39
N THR A 39 18.27 13.97 6.58
CA THR A 39 18.84 13.17 5.47
C THR A 39 17.78 12.47 4.61
N LEU A 40 16.61 12.15 5.16
CA LEU A 40 15.47 11.59 4.43
C LEU A 40 14.82 12.66 3.51
N LEU A 41 14.56 13.85 4.05
CA LEU A 41 14.04 15.01 3.29
C LEU A 41 15.03 15.48 2.21
N ASN A 42 16.33 15.44 2.51
CA ASN A 42 17.41 15.91 1.64
C ASN A 42 17.47 15.19 0.28
N LEU A 43 16.96 13.95 0.20
CA LEU A 43 16.73 13.23 -1.06
C LEU A 43 15.66 13.97 -1.89
N PHE A 44 14.46 14.16 -1.33
CA PHE A 44 13.31 14.77 -2.02
C PHE A 44 13.51 16.26 -2.34
N ASP A 45 14.29 16.98 -1.51
CA ASP A 45 14.71 18.36 -1.76
C ASP A 45 15.53 18.54 -3.07
N VAL A 46 16.12 17.45 -3.58
CA VAL A 46 16.92 17.40 -4.81
C VAL A 46 16.14 16.74 -5.97
N ALA A 47 14.88 16.35 -5.76
CA ALA A 47 14.07 15.63 -6.76
C ALA A 47 13.83 16.37 -8.10
N GLU A 48 14.06 17.69 -8.15
CA GLU A 48 14.10 18.47 -9.40
C GLU A 48 15.25 18.06 -10.36
N GLU A 49 16.32 17.45 -9.84
CA GLU A 49 17.42 16.85 -10.62
C GLU A 49 17.01 15.51 -11.29
N ASN A 50 17.93 14.86 -12.02
CA ASN A 50 17.72 13.61 -12.78
C ASN A 50 16.87 12.55 -12.03
N PRO A 51 15.61 12.31 -12.43
CA PRO A 51 14.68 11.49 -11.65
C PRO A 51 14.99 9.98 -11.69
N LEU A 52 15.68 9.52 -12.74
CA LEU A 52 16.15 8.14 -12.89
C LEU A 52 17.06 7.70 -11.71
N GLU A 53 17.83 8.62 -11.13
CA GLU A 53 18.75 8.31 -10.03
C GLU A 53 17.99 7.75 -8.81
N PHE A 54 16.85 8.34 -8.46
CA PHE A 54 16.02 7.90 -7.33
C PHE A 54 15.35 6.55 -7.60
N ALA A 55 14.83 6.36 -8.83
CA ALA A 55 14.24 5.09 -9.27
C ALA A 55 15.26 3.95 -9.23
N LYS A 56 16.45 4.16 -9.81
CA LYS A 56 17.52 3.17 -9.91
C LYS A 56 18.12 2.83 -8.54
N CYS A 57 18.33 3.84 -7.68
CA CYS A 57 18.71 3.61 -6.28
C CYS A 57 17.67 2.79 -5.53
N MET A 58 16.37 3.12 -5.62
CA MET A 58 15.33 2.33 -4.98
C MET A 58 15.30 0.88 -5.49
N TYR A 59 15.42 0.65 -6.80
CA TYR A 59 15.48 -0.69 -7.35
C TYR A 59 16.65 -1.51 -6.79
N GLU A 60 17.88 -0.99 -6.86
CA GLU A 60 19.08 -1.69 -6.34
C GLU A 60 19.08 -1.84 -4.81
N LEU A 61 18.61 -0.83 -4.07
CA LEU A 61 18.48 -0.88 -2.62
C LEU A 61 17.48 -1.96 -2.20
N VAL A 62 16.26 -1.91 -2.72
CA VAL A 62 15.19 -2.84 -2.38
C VAL A 62 15.54 -4.28 -2.81
N LEU A 63 16.27 -4.48 -3.91
CA LEU A 63 16.77 -5.81 -4.29
C LEU A 63 17.57 -6.49 -3.18
N LYS A 64 18.48 -5.77 -2.51
CA LYS A 64 19.26 -6.33 -1.38
C LYS A 64 18.53 -6.26 -0.04
N SER A 65 17.74 -5.22 0.23
CA SER A 65 16.91 -5.13 1.45
C SER A 65 15.89 -6.25 1.54
N ALA A 66 15.15 -6.52 0.46
CA ALA A 66 14.15 -7.58 0.41
C ALA A 66 14.77 -8.99 0.52
N ASN A 67 15.92 -9.24 -0.12
CA ASN A 67 16.70 -10.47 0.09
C ASN A 67 17.22 -10.61 1.53
N SER A 68 17.64 -9.52 2.17
CA SER A 68 18.09 -9.50 3.57
C SER A 68 16.95 -9.80 4.56
N LEU A 69 15.76 -9.21 4.36
CA LEU A 69 14.56 -9.51 5.13
C LEU A 69 14.03 -10.95 4.90
N GLY A 70 14.22 -11.49 3.69
CA GLY A 70 13.86 -12.87 3.30
C GLY A 70 12.60 -12.98 2.45
N VAL A 71 12.24 -11.93 1.71
CA VAL A 71 10.99 -11.82 0.92
C VAL A 71 10.85 -12.97 -0.09
N LEU A 72 9.65 -13.53 -0.20
CA LEU A 72 9.30 -14.65 -1.09
C LEU A 72 9.61 -14.38 -2.58
N ASN A 73 9.38 -13.14 -3.03
CA ASN A 73 9.74 -12.63 -4.35
C ASN A 73 10.24 -11.17 -4.21
N PRO A 74 11.55 -10.94 -3.96
CA PRO A 74 12.08 -9.61 -3.64
C PRO A 74 11.94 -8.61 -4.80
N HIS A 75 11.91 -9.13 -6.03
CA HIS A 75 11.61 -8.38 -7.26
C HIS A 75 10.28 -7.61 -7.20
N LEU A 76 9.25 -8.13 -6.50
CA LEU A 76 7.93 -7.49 -6.45
C LEU A 76 8.01 -6.08 -5.86
N ILE A 77 8.77 -5.90 -4.77
CA ILE A 77 8.89 -4.64 -4.05
C ILE A 77 9.72 -3.64 -4.87
N ALA A 78 10.86 -4.11 -5.40
CA ALA A 78 11.76 -3.29 -6.22
C ALA A 78 11.07 -2.81 -7.51
N ASN A 79 10.32 -3.68 -8.20
CA ASN A 79 9.57 -3.32 -9.40
C ASN A 79 8.36 -2.42 -9.07
N ASN A 80 7.62 -2.69 -7.99
CA ASN A 80 6.52 -1.84 -7.55
C ASN A 80 6.97 -0.39 -7.37
N ILE A 81 8.09 -0.20 -6.66
CA ILE A 81 8.65 1.13 -6.38
C ILE A 81 9.30 1.73 -7.64
N TYR A 82 10.03 0.96 -8.46
CA TYR A 82 10.61 1.47 -9.70
C TYR A 82 9.53 1.98 -10.68
N GLN A 83 8.48 1.19 -10.92
CA GLN A 83 7.36 1.56 -11.78
C GLN A 83 6.53 2.71 -11.20
N SER A 84 6.30 2.75 -9.89
CA SER A 84 5.58 3.86 -9.26
C SER A 84 6.37 5.17 -9.27
N VAL A 85 7.71 5.13 -9.12
CA VAL A 85 8.58 6.31 -9.32
C VAL A 85 8.43 6.85 -10.73
N VAL A 86 8.81 6.09 -11.77
CA VAL A 86 8.78 6.56 -13.18
C VAL A 86 7.38 7.04 -13.62
N SER A 87 6.32 6.52 -12.99
CA SER A 87 4.93 6.95 -13.21
C SER A 87 4.52 8.24 -12.48
N ASN A 88 4.82 8.39 -11.18
CA ASN A 88 4.41 9.55 -10.38
C ASN A 88 5.36 10.77 -10.52
N LEU A 89 6.24 10.77 -11.52
CA LEU A 89 7.26 11.79 -11.80
C LEU A 89 6.75 13.23 -11.99
N ASP A 90 5.44 13.45 -12.08
CA ASP A 90 4.77 14.76 -12.05
C ASP A 90 4.52 15.31 -10.62
N ILE A 91 4.66 14.49 -9.58
CA ILE A 91 4.38 14.79 -8.16
C ILE A 91 5.48 14.22 -7.24
N LEU A 92 6.73 14.59 -7.52
CA LEU A 92 7.95 14.24 -6.78
C LEU A 92 8.05 14.87 -5.35
N HIS A 93 6.91 15.24 -4.75
CA HIS A 93 6.82 16.00 -3.49
C HIS A 93 7.42 15.24 -2.30
N SER A 94 7.95 15.96 -1.31
CA SER A 94 8.58 15.39 -0.10
C SER A 94 7.67 14.49 0.73
N SER A 95 6.36 14.76 0.69
CA SER A 95 5.30 13.90 1.26
C SER A 95 4.83 12.82 0.28
N ALA A 96 4.61 13.16 -1.00
CA ALA A 96 4.10 12.26 -2.03
C ALA A 96 5.01 11.04 -2.29
N MET A 97 6.32 11.25 -2.40
CA MET A 97 7.31 10.18 -2.66
C MET A 97 7.23 9.10 -1.57
N VAL A 98 7.36 9.50 -0.30
CA VAL A 98 7.20 8.58 0.84
C VAL A 98 5.78 8.01 0.96
N ASN A 99 4.71 8.75 0.63
CA ASN A 99 3.35 8.20 0.61
C ASN A 99 3.24 6.94 -0.27
N LEU A 100 3.86 6.96 -1.44
CA LEU A 100 3.92 5.79 -2.34
C LEU A 100 4.74 4.65 -1.72
N TYR A 101 5.97 4.94 -1.25
CA TYR A 101 6.87 3.93 -0.69
C TYR A 101 6.31 3.28 0.58
N ALA A 102 5.68 4.07 1.46
CA ALA A 102 5.08 3.62 2.70
C ALA A 102 4.04 2.53 2.42
N ASN A 103 3.05 2.79 1.55
CA ASN A 103 2.11 1.76 1.11
C ASN A 103 2.82 0.60 0.39
N ALA A 104 3.63 0.87 -0.64
CA ALA A 104 4.25 -0.19 -1.47
C ALA A 104 5.12 -1.17 -0.65
N MET A 105 5.84 -0.67 0.35
CA MET A 105 6.63 -1.46 1.29
C MET A 105 5.76 -2.12 2.39
N ALA A 106 4.73 -1.44 2.89
CA ALA A 106 3.85 -2.01 3.91
C ALA A 106 3.10 -3.25 3.42
N GLY A 107 2.50 -3.20 2.23
CA GLY A 107 1.67 -4.27 1.68
C GLY A 107 2.42 -5.56 1.36
N SER A 108 3.68 -5.46 0.94
CA SER A 108 4.55 -6.62 0.72
C SER A 108 4.94 -7.30 2.04
N LEU A 109 5.36 -6.52 3.05
CA LEU A 109 5.64 -7.00 4.41
C LEU A 109 4.41 -7.63 5.09
N PHE A 110 3.20 -7.10 4.80
CA PHE A 110 1.92 -7.65 5.23
C PHE A 110 1.75 -9.11 4.76
N LEU A 111 1.88 -9.36 3.46
CA LEU A 111 1.71 -10.71 2.88
C LEU A 111 2.90 -11.64 3.11
N GLU A 112 4.12 -11.12 3.29
CA GLU A 112 5.29 -11.92 3.68
C GLU A 112 5.08 -12.69 5.00
N GLY A 113 4.18 -12.21 5.87
CA GLY A 113 3.85 -12.81 7.17
C GLY A 113 4.58 -12.14 8.34
N ILE A 114 4.92 -10.86 8.19
CA ILE A 114 5.65 -10.04 9.17
C ILE A 114 4.76 -8.82 9.53
N LEU A 115 5.33 -7.62 9.75
CA LEU A 115 4.56 -6.37 9.99
C LEU A 115 3.55 -6.53 11.17
N ASN A 116 4.00 -7.15 12.27
CA ASN A 116 3.25 -7.26 13.52
C ASN A 116 3.05 -5.88 14.19
N SER A 117 2.08 -5.75 15.11
CA SER A 117 1.66 -4.47 15.72
C SER A 117 2.81 -3.61 16.27
N ASP A 118 3.80 -4.24 16.91
CA ASP A 118 5.00 -3.58 17.44
C ASP A 118 6.19 -3.61 16.46
N ASN A 119 6.44 -4.76 15.80
CA ASN A 119 7.53 -4.94 14.84
C ASN A 119 7.41 -4.01 13.61
N ALA A 120 6.21 -3.52 13.32
CA ALA A 120 5.93 -2.47 12.35
C ALA A 120 6.82 -1.22 12.52
N ALA A 121 7.09 -0.78 13.76
CA ALA A 121 7.99 0.33 14.04
C ALA A 121 9.46 0.00 13.72
N THR A 122 9.89 -1.24 14.01
CA THR A 122 11.23 -1.75 13.67
C THR A 122 11.43 -1.81 12.15
N LEU A 123 10.47 -2.38 11.41
CA LEU A 123 10.50 -2.44 9.95
C LEU A 123 10.45 -1.05 9.31
N ALA A 124 9.62 -0.13 9.84
CA ALA A 124 9.56 1.25 9.38
C ALA A 124 10.92 1.95 9.53
N LYS A 125 11.58 1.83 10.69
CA LYS A 125 12.95 2.33 10.91
C LYS A 125 13.97 1.66 9.98
N LYS A 126 13.94 0.33 9.80
CA LYS A 126 14.85 -0.38 8.87
C LYS A 126 14.76 0.19 7.46
N CYS A 127 13.56 0.27 6.89
CA CYS A 127 13.34 0.80 5.54
C CYS A 127 13.70 2.30 5.41
N ALA A 128 13.31 3.13 6.38
CA ALA A 128 13.62 4.56 6.38
C ALA A 128 15.13 4.85 6.53
N ASN A 129 15.80 4.18 7.48
CA ASN A 129 17.24 4.34 7.70
C ASN A 129 18.05 3.84 6.50
N ASP A 130 17.64 2.73 5.86
CA ASP A 130 18.29 2.25 4.62
C ASP A 130 18.09 3.22 3.45
N MET A 131 16.90 3.85 3.32
CA MET A 131 16.61 4.85 2.30
C MET A 131 17.56 6.06 2.37
N GLU A 132 17.70 6.71 3.54
CA GLU A 132 18.66 7.82 3.70
C GLU A 132 20.14 7.37 3.67
N ALA A 133 20.46 6.17 4.18
CA ALA A 133 21.81 5.60 4.10
C ALA A 133 22.28 5.28 2.68
N PHE A 134 21.36 5.16 1.70
CA PHE A 134 21.68 5.03 0.28
C PHE A 134 21.54 6.37 -0.47
N ALA A 135 20.73 7.31 0.02
CA ALA A 135 20.67 8.68 -0.50
C ALA A 135 21.98 9.45 -0.26
N LYS A 136 22.59 9.35 0.93
CA LYS A 136 23.86 10.03 1.26
C LYS A 136 25.04 9.66 0.34
N LYS A 137 24.98 8.49 -0.31
CA LYS A 137 25.93 8.03 -1.34
C LYS A 137 25.74 8.72 -2.70
N MET A 138 24.50 9.10 -3.04
CA MET A 138 24.14 9.84 -4.27
C MET A 138 24.33 11.36 -4.13
N VAL A 139 24.02 11.92 -2.96
CA VAL A 139 24.14 13.36 -2.66
C VAL A 139 25.60 13.85 -2.84
N GLU A 140 25.76 15.11 -3.26
CA GLU A 140 27.05 15.75 -3.58
C GLU A 140 27.18 17.15 -2.94
N ILE A 141 28.40 17.70 -2.95
CA ILE A 141 28.78 18.92 -2.21
C ILE A 141 27.96 20.14 -2.66
N GLY A 142 27.15 20.69 -1.75
CA GLY A 142 26.26 21.85 -1.98
C GLY A 142 25.61 22.38 -0.70
N ASN B 1 0.54 3.39 30.13
CA ASN B 1 -0.93 3.22 30.29
C ASN B 1 -1.35 2.42 31.54
N LEU B 2 -0.50 1.53 32.08
CA LEU B 2 -0.79 0.72 33.30
C LEU B 2 -2.05 -0.17 33.20
N SER B 3 -2.45 -0.53 31.98
CA SER B 3 -3.66 -1.32 31.67
C SER B 3 -3.41 -2.21 30.43
N ILE B 4 -2.37 -3.06 30.50
CA ILE B 4 -1.91 -3.93 29.40
C ILE B 4 -3.01 -4.88 28.87
N GLY B 5 -4.02 -5.19 29.68
CA GLY B 5 -5.21 -5.96 29.28
C GLY B 5 -6.09 -5.30 28.21
N ASP B 6 -5.97 -3.98 28.00
CA ASP B 6 -6.71 -3.21 26.98
C ASP B 6 -6.14 -3.39 25.55
N THR B 7 -5.90 -4.64 25.14
CA THR B 7 -5.44 -5.00 23.77
C THR B 7 -6.50 -4.76 22.68
N THR B 8 -7.78 -4.62 23.05
CA THR B 8 -8.90 -4.34 22.13
C THR B 8 -8.67 -3.08 21.30
N SER B 9 -8.85 -3.19 19.98
CA SER B 9 -8.57 -2.14 18.99
C SER B 9 -9.76 -1.82 18.07
N ILE B 10 -10.91 -2.47 18.27
CA ILE B 10 -12.11 -2.35 17.42
C ILE B 10 -12.66 -0.92 17.30
N ILE B 11 -12.33 -0.02 18.24
CA ILE B 11 -12.78 1.38 18.33
C ILE B 11 -12.63 2.13 17.00
N GLN B 12 -11.61 1.78 16.20
CA GLN B 12 -11.35 2.36 14.87
C GLN B 12 -12.54 2.24 13.89
N LEU B 13 -13.51 1.34 14.12
CA LEU B 13 -14.76 1.25 13.36
C LEU B 13 -15.61 2.53 13.40
N PHE B 14 -15.52 3.30 14.49
CA PHE B 14 -16.28 4.52 14.74
C PHE B 14 -15.56 5.39 15.80
N LYS B 15 -14.27 5.69 15.55
CA LYS B 15 -13.46 6.59 16.39
C LYS B 15 -14.10 7.97 16.59
N ASN B 16 -13.65 8.71 17.61
CA ASN B 16 -14.17 10.01 18.05
C ASN B 16 -13.82 11.20 17.10
N PHE B 17 -13.92 10.99 15.78
CA PHE B 17 -13.55 11.91 14.70
C PHE B 17 -12.13 12.53 14.82
N THR B 18 -11.21 11.81 15.47
CA THR B 18 -9.78 12.16 15.57
C THR B 18 -9.00 11.61 14.37
N GLY B 19 -8.18 12.47 13.75
CA GLY B 19 -7.29 12.20 12.59
C GLY B 19 -7.70 11.06 11.64
N PRO B 20 -8.91 11.10 11.02
CA PRO B 20 -9.48 9.96 10.29
C PRO B 20 -8.61 9.55 9.07
N PRO B 21 -8.07 8.30 9.05
CA PRO B 21 -7.12 7.86 8.03
C PRO B 21 -7.79 7.40 6.72
N SER B 22 -7.94 8.31 5.76
CA SER B 22 -8.51 8.04 4.42
C SER B 22 -7.84 6.86 3.68
N VAL B 23 -6.53 6.70 3.87
CA VAL B 23 -5.74 5.58 3.30
C VAL B 23 -6.09 4.23 3.92
N ALA B 24 -6.34 4.17 5.24
CA ALA B 24 -6.63 2.92 5.94
C ALA B 24 -8.10 2.49 5.78
N THR B 25 -9.04 3.44 5.82
CA THR B 25 -10.48 3.13 5.63
C THR B 25 -10.78 2.54 4.25
N PHE B 26 -10.03 2.91 3.20
CA PHE B 26 -10.12 2.25 1.88
C PHE B 26 -9.80 0.75 1.97
N ILE B 27 -8.69 0.40 2.62
CA ILE B 27 -8.21 -0.99 2.79
C ILE B 27 -9.18 -1.80 3.66
N SER B 28 -9.64 -1.23 4.78
CA SER B 28 -10.65 -1.86 5.65
C SER B 28 -12.01 -2.03 4.96
N ASN B 29 -12.44 -1.08 4.13
CA ASN B 29 -13.63 -1.23 3.28
C ASN B 29 -13.47 -2.42 2.34
N PHE B 30 -12.33 -2.58 1.65
CA PHE B 30 -12.10 -3.71 0.74
C PHE B 30 -12.35 -5.07 1.42
N HIS B 31 -11.81 -5.27 2.63
CA HIS B 31 -12.06 -6.49 3.43
C HIS B 31 -13.53 -6.66 3.82
N SER B 32 -14.22 -5.57 4.20
CA SER B 32 -15.67 -5.59 4.48
C SER B 32 -16.50 -5.96 3.25
N ILE B 33 -16.19 -5.37 2.08
CA ILE B 33 -16.87 -5.63 0.80
C ILE B 33 -16.67 -7.09 0.37
N VAL B 34 -15.47 -7.66 0.54
CA VAL B 34 -15.22 -9.10 0.31
C VAL B 34 -16.18 -9.96 1.13
N GLN B 35 -16.35 -9.69 2.44
CA GLN B 35 -17.28 -10.43 3.30
C GLN B 35 -18.77 -10.22 2.92
N SER B 36 -19.16 -9.00 2.52
CA SER B 36 -20.54 -8.66 2.15
C SER B 36 -21.01 -9.19 0.79
N SER B 37 -20.10 -9.62 -0.09
CA SER B 37 -20.38 -9.96 -1.50
C SER B 37 -19.75 -11.30 -1.91
N LYS B 38 -20.56 -12.37 -1.88
CA LYS B 38 -20.21 -13.78 -2.16
C LYS B 38 -19.21 -13.97 -3.31
N THR B 39 -19.41 -13.26 -4.43
CA THR B 39 -18.61 -13.40 -5.65
C THR B 39 -17.12 -13.08 -5.47
N LEU B 40 -16.73 -12.25 -4.49
CA LEU B 40 -15.33 -12.08 -4.10
C LEU B 40 -14.79 -13.38 -3.46
N LEU B 41 -15.43 -13.88 -2.40
CA LEU B 41 -15.00 -15.11 -1.72
C LEU B 41 -14.97 -16.31 -2.68
N ASN B 42 -15.97 -16.41 -3.56
CA ASN B 42 -16.10 -17.47 -4.56
C ASN B 42 -14.96 -17.47 -5.60
N LEU B 43 -14.30 -16.32 -5.82
CA LEU B 43 -13.08 -16.22 -6.63
C LEU B 43 -11.90 -16.87 -5.89
N PHE B 44 -11.66 -16.47 -4.64
CA PHE B 44 -10.54 -16.93 -3.83
C PHE B 44 -10.67 -18.41 -3.39
N ASP B 45 -11.89 -18.93 -3.31
CA ASP B 45 -12.18 -20.37 -3.16
C ASP B 45 -11.67 -21.23 -4.34
N VAL B 46 -11.32 -20.62 -5.47
CA VAL B 46 -10.78 -21.24 -6.70
C VAL B 46 -9.30 -20.84 -6.91
N ALA B 47 -8.67 -20.13 -5.96
CA ALA B 47 -7.29 -19.65 -6.09
C ALA B 47 -6.22 -20.75 -6.26
N GLU B 48 -6.54 -22.00 -5.93
CA GLU B 48 -5.69 -23.17 -6.24
C GLU B 48 -5.55 -23.50 -7.75
N GLU B 49 -6.42 -22.93 -8.61
CA GLU B 49 -6.32 -23.00 -10.08
C GLU B 49 -5.28 -22.01 -10.64
N ASN B 50 -5.16 -21.91 -11.98
CA ASN B 50 -4.19 -21.06 -12.69
C ASN B 50 -4.11 -19.60 -12.15
N PRO B 51 -3.02 -19.19 -11.48
CA PRO B 51 -2.92 -17.86 -10.87
C PRO B 51 -2.75 -16.72 -11.88
N LEU B 52 -2.32 -17.03 -13.11
CA LEU B 52 -2.29 -16.11 -14.25
C LEU B 52 -3.68 -15.49 -14.53
N GLU B 53 -4.76 -16.24 -14.32
CA GLU B 53 -6.14 -15.75 -14.50
C GLU B 53 -6.40 -14.50 -13.65
N PHE B 54 -5.96 -14.52 -12.38
CA PHE B 54 -6.16 -13.42 -11.44
C PHE B 54 -5.28 -12.23 -11.81
N ALA B 55 -3.97 -12.45 -11.99
CA ALA B 55 -3.03 -11.38 -12.36
C ALA B 55 -3.42 -10.68 -13.67
N LYS B 56 -3.74 -11.45 -14.73
CA LYS B 56 -4.14 -10.92 -16.04
C LYS B 56 -5.49 -10.18 -15.99
N CYS B 57 -6.48 -10.71 -15.25
CA CYS B 57 -7.73 -10.02 -14.94
C CYS B 57 -7.47 -8.67 -14.25
N MET B 58 -6.71 -8.68 -13.15
CA MET B 58 -6.37 -7.48 -12.37
C MET B 58 -5.63 -6.43 -13.21
N TYR B 59 -4.66 -6.82 -14.03
CA TYR B 59 -3.97 -5.91 -14.96
C TYR B 59 -4.95 -5.25 -15.95
N GLU B 60 -5.70 -6.06 -16.69
CA GLU B 60 -6.58 -5.57 -17.77
C GLU B 60 -7.74 -4.73 -17.21
N LEU B 61 -8.25 -5.09 -16.03
CA LEU B 61 -9.28 -4.34 -15.31
C LEU B 61 -8.77 -3.02 -14.76
N VAL B 62 -7.61 -3.00 -14.08
CA VAL B 62 -7.04 -1.75 -13.54
C VAL B 62 -6.67 -0.78 -14.65
N LEU B 63 -6.27 -1.28 -15.84
CA LEU B 63 -6.09 -0.46 -17.04
C LEU B 63 -7.33 0.39 -17.38
N LYS B 64 -8.54 -0.18 -17.39
CA LYS B 64 -9.79 0.59 -17.59
C LYS B 64 -10.20 1.38 -16.33
N SER B 65 -10.04 0.78 -15.15
CA SER B 65 -10.57 1.31 -13.88
C SER B 65 -9.84 2.58 -13.47
N ALA B 66 -8.51 2.55 -13.40
CA ALA B 66 -7.71 3.70 -13.02
C ALA B 66 -7.86 4.87 -14.04
N ASN B 67 -7.98 4.57 -15.34
CA ASN B 67 -8.36 5.57 -16.36
C ASN B 67 -9.72 6.22 -16.04
N SER B 68 -10.74 5.42 -15.68
CA SER B 68 -12.08 5.90 -15.30
C SER B 68 -12.08 6.73 -14.00
N LEU B 69 -11.24 6.37 -13.02
CA LEU B 69 -11.00 7.17 -11.80
C LEU B 69 -10.25 8.50 -12.08
N GLY B 70 -9.65 8.68 -13.27
CA GLY B 70 -8.89 9.88 -13.63
C GLY B 70 -7.43 9.88 -13.13
N VAL B 71 -6.87 8.69 -12.86
CA VAL B 71 -5.48 8.49 -12.36
C VAL B 71 -4.44 9.05 -13.34
N LEU B 72 -3.39 9.68 -12.79
CA LEU B 72 -2.32 10.34 -13.55
C LEU B 72 -1.50 9.38 -14.43
N ASN B 73 -1.23 8.16 -13.94
CA ASN B 73 -0.54 7.10 -14.69
C ASN B 73 -1.12 5.71 -14.34
N PRO B 74 -2.25 5.32 -14.97
CA PRO B 74 -3.02 4.13 -14.58
C PRO B 74 -2.24 2.81 -14.75
N HIS B 75 -1.27 2.80 -15.66
CA HIS B 75 -0.30 1.72 -15.85
C HIS B 75 0.49 1.37 -14.57
N LEU B 76 0.78 2.35 -13.69
CA LEU B 76 1.52 2.10 -12.45
C LEU B 76 0.76 1.12 -11.55
N ILE B 77 -0.54 1.37 -11.34
CA ILE B 77 -1.37 0.55 -10.46
C ILE B 77 -1.54 -0.85 -11.08
N ALA B 78 -1.81 -0.92 -12.39
CA ALA B 78 -1.97 -2.19 -13.11
C ALA B 78 -0.71 -3.06 -13.08
N ASN B 79 0.46 -2.49 -13.42
CA ASN B 79 1.73 -3.21 -13.44
C ASN B 79 2.16 -3.63 -12.02
N ASN B 80 1.94 -2.78 -11.01
CA ASN B 80 2.28 -3.10 -9.62
C ASN B 80 1.43 -4.28 -9.12
N ILE B 81 0.10 -4.21 -9.27
CA ILE B 81 -0.81 -5.29 -8.86
C ILE B 81 -0.52 -6.58 -9.65
N TYR B 82 -0.25 -6.51 -10.96
CA TYR B 82 0.15 -7.68 -11.74
C TYR B 82 1.38 -8.38 -11.16
N GLN B 83 2.47 -7.64 -10.94
CA GLN B 83 3.71 -8.19 -10.41
C GLN B 83 3.60 -8.66 -8.96
N SER B 84 2.91 -7.92 -8.08
CA SER B 84 2.77 -8.30 -6.67
C SER B 84 1.88 -9.53 -6.46
N VAL B 85 0.76 -9.62 -7.20
CA VAL B 85 -0.15 -10.78 -7.17
C VAL B 85 0.56 -12.03 -7.69
N VAL B 86 1.22 -11.97 -8.86
CA VAL B 86 1.95 -13.13 -9.42
C VAL B 86 3.20 -13.50 -8.62
N SER B 87 3.64 -12.64 -7.69
CA SER B 87 4.76 -12.89 -6.77
C SER B 87 4.36 -13.55 -5.45
N ASN B 88 3.22 -13.18 -4.85
CA ASN B 88 2.78 -13.68 -3.53
C ASN B 88 1.81 -14.89 -3.62
N LEU B 89 2.04 -15.77 -4.60
CA LEU B 89 1.34 -17.05 -4.81
C LEU B 89 1.37 -18.02 -3.60
N ASP B 90 2.29 -17.84 -2.65
CA ASP B 90 2.34 -18.65 -1.42
C ASP B 90 1.22 -18.30 -0.40
N ILE B 91 0.51 -17.19 -0.60
CA ILE B 91 -0.50 -16.63 0.32
C ILE B 91 -1.71 -16.08 -0.47
N LEU B 92 -2.35 -16.95 -1.25
CA LEU B 92 -3.58 -16.66 -2.01
C LEU B 92 -4.86 -16.64 -1.13
N HIS B 93 -4.74 -16.20 0.13
CA HIS B 93 -5.85 -16.09 1.10
C HIS B 93 -6.94 -15.11 0.62
N SER B 94 -8.18 -15.25 1.13
CA SER B 94 -9.34 -14.42 0.78
C SER B 94 -9.09 -12.91 0.94
N SER B 95 -8.62 -12.49 2.12
CA SER B 95 -8.17 -11.11 2.35
C SER B 95 -6.85 -10.80 1.64
N ALA B 96 -5.88 -11.71 1.67
CA ALA B 96 -4.54 -11.49 1.11
C ALA B 96 -4.53 -11.14 -0.39
N MET B 97 -5.34 -11.83 -1.21
CA MET B 97 -5.48 -11.56 -2.65
C MET B 97 -5.89 -10.11 -2.95
N VAL B 98 -6.72 -9.50 -2.09
CA VAL B 98 -7.12 -8.09 -2.23
C VAL B 98 -6.26 -7.14 -1.42
N ASN B 99 -5.53 -7.59 -0.40
CA ASN B 99 -4.72 -6.71 0.46
C ASN B 99 -3.65 -5.95 -0.34
N LEU B 100 -3.06 -6.58 -1.36
CA LEU B 100 -2.15 -5.91 -2.31
C LEU B 100 -2.87 -4.92 -3.22
N TYR B 101 -3.98 -5.33 -3.85
CA TYR B 101 -4.81 -4.47 -4.71
C TYR B 101 -5.24 -3.21 -3.94
N ALA B 102 -5.80 -3.43 -2.75
CA ALA B 102 -6.35 -2.40 -1.87
C ALA B 102 -5.26 -1.42 -1.39
N ASN B 103 -4.11 -1.93 -0.93
CA ASN B 103 -2.99 -1.11 -0.51
C ASN B 103 -2.35 -0.32 -1.65
N ALA B 104 -2.10 -0.95 -2.80
CA ALA B 104 -1.52 -0.29 -3.96
C ALA B 104 -2.43 0.86 -4.47
N MET B 105 -3.74 0.60 -4.58
CA MET B 105 -4.75 1.64 -4.81
C MET B 105 -4.70 2.74 -3.73
N ALA B 106 -4.81 2.38 -2.45
CA ALA B 106 -4.86 3.36 -1.34
C ALA B 106 -3.65 4.32 -1.33
N GLY B 107 -2.44 3.81 -1.55
CA GLY B 107 -1.24 4.63 -1.68
C GLY B 107 -1.27 5.52 -2.93
N SER B 108 -1.58 4.95 -4.09
CA SER B 108 -1.56 5.67 -5.38
C SER B 108 -2.59 6.82 -5.41
N LEU B 109 -3.84 6.51 -5.04
CA LEU B 109 -4.97 7.46 -5.02
C LEU B 109 -4.73 8.68 -4.12
N PHE B 110 -3.91 8.53 -3.06
CA PHE B 110 -3.49 9.62 -2.19
C PHE B 110 -2.67 10.68 -2.94
N LEU B 111 -1.67 10.27 -3.74
CA LEU B 111 -0.85 11.17 -4.58
C LEU B 111 -1.68 11.78 -5.71
N GLU B 112 -2.54 10.98 -6.33
CA GLU B 112 -3.37 11.38 -7.48
C GLU B 112 -4.48 12.41 -7.17
N GLY B 113 -4.59 12.86 -5.91
CA GLY B 113 -5.52 13.93 -5.50
C GLY B 113 -6.95 13.44 -5.30
N ILE B 114 -7.11 12.17 -4.93
CA ILE B 114 -8.39 11.47 -4.75
C ILE B 114 -8.46 10.92 -3.31
N LEU B 115 -9.29 9.90 -3.02
CA LEU B 115 -9.31 9.18 -1.73
C LEU B 115 -9.53 10.12 -0.52
N ASN B 116 -10.62 10.89 -0.55
CA ASN B 116 -11.11 11.67 0.60
C ASN B 116 -11.65 10.76 1.73
N SER B 117 -11.87 11.32 2.93
CA SER B 117 -12.29 10.61 4.15
C SER B 117 -13.54 9.73 3.99
N ASP B 118 -14.46 10.10 3.10
CA ASP B 118 -15.70 9.38 2.78
C ASP B 118 -15.68 8.75 1.37
N ASN B 119 -15.12 9.45 0.37
CA ASN B 119 -14.96 8.96 -0.99
C ASN B 119 -14.11 7.67 -1.07
N ALA B 120 -13.18 7.47 -0.12
CA ALA B 120 -12.42 6.23 0.02
C ALA B 120 -13.31 4.97 0.09
N ALA B 121 -14.49 5.03 0.71
CA ALA B 121 -15.45 3.92 0.73
C ALA B 121 -16.07 3.67 -0.66
N THR B 122 -16.42 4.74 -1.38
CA THR B 122 -16.96 4.68 -2.76
C THR B 122 -15.93 4.12 -3.75
N LEU B 123 -14.68 4.58 -3.68
CA LEU B 123 -13.58 4.08 -4.51
C LEU B 123 -13.28 2.61 -4.19
N ALA B 124 -13.23 2.23 -2.91
CA ALA B 124 -13.06 0.83 -2.50
C ALA B 124 -14.19 -0.07 -3.03
N LYS B 125 -15.46 0.37 -2.92
CA LYS B 125 -16.62 -0.33 -3.51
C LYS B 125 -16.49 -0.49 -5.02
N LYS B 126 -16.27 0.59 -5.79
CA LYS B 126 -16.26 0.49 -7.26
C LYS B 126 -15.06 -0.29 -7.80
N CYS B 127 -13.93 -0.33 -7.08
CA CYS B 127 -12.82 -1.26 -7.35
C CYS B 127 -13.18 -2.73 -7.05
N ALA B 128 -13.65 -3.03 -5.82
CA ALA B 128 -13.95 -4.40 -5.39
C ALA B 128 -15.12 -5.04 -6.17
N ASN B 129 -16.18 -4.26 -6.44
CA ASN B 129 -17.34 -4.69 -7.24
C ASN B 129 -17.00 -4.85 -8.74
N ASP B 130 -15.95 -4.20 -9.25
CA ASP B 130 -15.44 -4.44 -10.60
C ASP B 130 -14.56 -5.70 -10.67
N MET B 131 -13.77 -5.98 -9.63
CA MET B 131 -12.92 -7.19 -9.54
C MET B 131 -13.75 -8.47 -9.69
N GLU B 132 -14.84 -8.60 -8.93
CA GLU B 132 -15.78 -9.73 -9.08
C GLU B 132 -16.56 -9.72 -10.40
N ALA B 133 -16.93 -8.55 -10.91
CA ALA B 133 -17.68 -8.42 -12.17
C ALA B 133 -16.86 -8.84 -13.39
N PHE B 134 -15.54 -8.64 -13.40
CA PHE B 134 -14.66 -9.20 -14.44
C PHE B 134 -14.37 -10.69 -14.19
N ALA B 135 -14.25 -11.14 -12.94
CA ALA B 135 -14.05 -12.56 -12.62
C ALA B 135 -15.20 -13.46 -13.11
N LYS B 136 -16.47 -13.05 -12.98
CA LYS B 136 -17.62 -13.80 -13.54
C LYS B 136 -17.70 -13.79 -15.08
N LYS B 137 -16.92 -12.95 -15.77
CA LYS B 137 -16.72 -12.98 -17.24
C LYS B 137 -15.58 -13.94 -17.62
N MET B 138 -14.56 -14.05 -16.77
CA MET B 138 -13.41 -14.95 -16.94
C MET B 138 -13.74 -16.43 -16.62
N VAL B 139 -14.60 -16.70 -15.62
CA VAL B 139 -14.94 -18.07 -15.17
C VAL B 139 -15.55 -18.94 -16.28
N GLU B 140 -15.20 -20.23 -16.30
CA GLU B 140 -15.56 -21.16 -17.38
C GLU B 140 -16.89 -21.89 -17.10
N ILE B 141 -18.01 -21.20 -17.34
CA ILE B 141 -19.38 -21.71 -17.18
C ILE B 141 -19.59 -23.02 -17.98
N GLY B 142 -20.34 -23.98 -17.41
CA GLY B 142 -20.64 -25.30 -17.98
C GLY B 142 -22.12 -25.67 -17.86
N ASN A 1 10.44 27.66 2.73
CA ASN A 1 9.75 26.39 3.08
C ASN A 1 8.82 26.61 4.29
N LEU A 2 7.56 27.00 4.05
CA LEU A 2 6.56 27.27 5.11
C LEU A 2 5.85 25.98 5.57
N SER A 3 6.54 25.17 6.37
CA SER A 3 6.05 23.89 6.94
C SER A 3 5.58 22.86 5.89
N ILE A 4 6.13 22.93 4.67
CA ILE A 4 5.71 22.12 3.51
C ILE A 4 5.91 20.61 3.75
N GLY A 5 7.00 20.22 4.42
CA GLY A 5 7.27 18.85 4.89
C GLY A 5 7.29 18.70 6.42
N ASP A 6 7.38 19.82 7.16
CA ASP A 6 7.48 19.84 8.62
C ASP A 6 6.10 19.77 9.31
N THR A 7 5.51 18.57 9.32
CA THR A 7 4.11 18.31 9.72
C THR A 7 3.95 17.17 10.75
N THR A 8 5.01 16.87 11.52
CA THR A 8 5.04 15.81 12.56
C THR A 8 3.83 15.85 13.49
N SER A 9 3.24 14.67 13.73
CA SER A 9 2.00 14.47 14.50
C SER A 9 2.11 13.37 15.57
N ILE A 10 3.34 12.91 15.88
CA ILE A 10 3.66 11.83 16.84
C ILE A 10 2.95 11.95 18.20
N ILE A 11 2.62 13.17 18.62
CA ILE A 11 1.81 13.52 19.80
C ILE A 11 0.50 12.71 19.85
N GLN A 12 -0.17 12.56 18.70
CA GLN A 12 -1.44 11.84 18.56
C GLN A 12 -1.24 10.33 18.30
N LEU A 13 -0.10 9.92 17.72
CA LEU A 13 0.26 8.51 17.52
C LEU A 13 0.62 7.80 18.84
N PHE A 14 1.23 8.53 19.80
CA PHE A 14 1.55 8.02 21.14
C PHE A 14 0.28 7.72 21.97
N LYS A 15 -0.69 8.64 21.96
CA LYS A 15 -2.04 8.41 22.49
C LYS A 15 -2.77 7.33 21.69
N ASN A 16 -3.76 6.68 22.30
CA ASN A 16 -4.58 5.57 21.76
C ASN A 16 -3.81 4.26 21.51
N PHE A 17 -2.72 4.32 20.73
CA PHE A 17 -1.83 3.26 20.25
C PHE A 17 -2.50 2.09 19.49
N THR A 18 -3.48 1.41 20.09
CA THR A 18 -4.36 0.45 19.41
C THR A 18 -5.48 1.17 18.65
N GLY A 19 -6.07 0.50 17.65
CA GLY A 19 -7.17 1.00 16.83
C GLY A 19 -6.89 0.82 15.32
N PRO A 20 -5.91 1.55 14.74
CA PRO A 20 -5.58 1.45 13.32
C PRO A 20 -4.92 0.09 12.97
N PRO A 21 -4.95 -0.33 11.69
CA PRO A 21 -4.39 -1.63 11.26
C PRO A 21 -2.86 -1.67 11.35
N SER A 22 -2.29 -2.89 11.33
CA SER A 22 -0.84 -3.12 11.31
C SER A 22 -0.12 -2.45 10.12
N VAL A 23 -0.82 -2.25 8.99
CA VAL A 23 -0.30 -1.52 7.82
C VAL A 23 -0.18 0.00 8.07
N ALA A 24 -1.07 0.57 8.90
CA ALA A 24 -1.07 1.99 9.22
C ALA A 24 0.07 2.36 10.19
N THR A 25 0.30 1.59 11.25
CA THR A 25 1.42 1.84 12.19
C THR A 25 2.80 1.82 11.51
N PHE A 26 3.00 1.00 10.48
CA PHE A 26 4.21 1.06 9.63
C PHE A 26 4.33 2.41 8.90
N ILE A 27 3.34 2.81 8.09
CA ILE A 27 3.44 4.05 7.29
C ILE A 27 3.49 5.29 8.18
N SER A 28 2.77 5.30 9.31
CA SER A 28 2.79 6.37 10.31
C SER A 28 4.17 6.50 11.00
N ASN A 29 4.84 5.39 11.30
CA ASN A 29 6.25 5.41 11.70
C ASN A 29 7.14 5.97 10.58
N PHE A 30 7.03 5.41 9.36
CA PHE A 30 7.88 5.78 8.21
C PHE A 30 7.85 7.29 7.93
N HIS A 31 6.65 7.88 7.87
CA HIS A 31 6.44 9.32 7.64
C HIS A 31 7.14 10.20 8.71
N SER A 32 7.17 9.74 9.96
CA SER A 32 7.81 10.43 11.09
C SER A 32 9.33 10.20 11.14
N ILE A 33 9.81 9.00 10.77
CA ILE A 33 11.23 8.68 10.68
C ILE A 33 11.94 9.57 9.64
N VAL A 34 11.34 9.80 8.47
CA VAL A 34 11.87 10.71 7.43
C VAL A 34 12.03 12.15 7.92
N GLN A 35 11.16 12.63 8.82
CA GLN A 35 11.31 13.92 9.50
C GLN A 35 12.53 14.00 10.44
N SER A 36 13.09 12.86 10.87
CA SER A 36 14.32 12.78 11.67
C SER A 36 15.57 12.48 10.82
N SER A 37 15.49 11.60 9.82
CA SER A 37 16.58 11.23 8.92
C SER A 37 16.76 12.22 7.77
N LYS A 38 17.29 13.42 8.06
CA LYS A 38 17.56 14.50 7.08
C LYS A 38 18.41 14.06 5.87
N THR A 39 19.25 13.04 6.02
CA THR A 39 19.98 12.38 4.92
C THR A 39 19.05 11.80 3.84
N LEU A 40 17.83 11.38 4.20
CA LEU A 40 16.79 10.96 3.23
C LEU A 40 16.11 12.16 2.55
N LEU A 41 15.79 13.22 3.31
CA LEU A 41 15.27 14.48 2.76
C LEU A 41 16.23 15.04 1.68
N ASN A 42 17.54 14.92 1.93
CA ASN A 42 18.60 15.29 0.98
C ASN A 42 18.47 14.54 -0.35
N LEU A 43 18.18 13.23 -0.35
CA LEU A 43 17.93 12.43 -1.57
C LEU A 43 16.77 13.03 -2.40
N PHE A 44 15.63 13.27 -1.76
CA PHE A 44 14.45 13.82 -2.42
C PHE A 44 14.65 15.26 -2.91
N ASP A 45 15.59 16.02 -2.33
CA ASP A 45 16.01 17.33 -2.83
C ASP A 45 16.72 17.25 -4.20
N VAL A 46 17.43 16.15 -4.50
CA VAL A 46 18.10 15.89 -5.80
C VAL A 46 17.09 15.63 -6.93
N ALA A 47 15.81 15.43 -6.64
CA ALA A 47 14.78 15.08 -7.62
C ALA A 47 14.56 16.10 -8.77
N GLU A 48 15.05 17.34 -8.64
CA GLU A 48 15.07 18.32 -9.73
C GLU A 48 16.12 17.97 -10.82
N GLU A 49 17.14 17.19 -10.49
CA GLU A 49 18.11 16.57 -11.41
C GLU A 49 17.61 15.21 -11.95
N ASN A 50 18.47 14.42 -12.60
CA ASN A 50 18.12 13.17 -13.30
C ASN A 50 17.30 12.18 -12.43
N PRO A 51 16.00 11.94 -12.72
CA PRO A 51 15.13 11.12 -11.87
C PRO A 51 15.44 9.62 -11.93
N LEU A 52 16.06 9.15 -13.02
CA LEU A 52 16.51 7.76 -13.19
C LEU A 52 17.42 7.32 -12.04
N GLU A 53 18.29 8.20 -11.52
CA GLU A 53 19.20 7.86 -10.43
C GLU A 53 18.45 7.48 -9.14
N PHE A 54 17.34 8.17 -8.83
CA PHE A 54 16.48 7.81 -7.69
C PHE A 54 15.71 6.51 -7.93
N ALA A 55 15.09 6.34 -9.11
CA ALA A 55 14.38 5.11 -9.46
C ALA A 55 15.31 3.88 -9.40
N LYS A 56 16.52 4.00 -9.97
CA LYS A 56 17.52 2.93 -10.01
C LYS A 56 18.14 2.65 -8.65
N CYS A 57 18.46 3.68 -7.83
CA CYS A 57 19.00 3.46 -6.50
C CYS A 57 17.99 2.74 -5.59
N MET A 58 16.69 3.05 -5.69
CA MET A 58 15.64 2.31 -5.00
C MET A 58 15.56 0.85 -5.46
N TYR A 59 15.53 0.60 -6.77
CA TYR A 59 15.52 -0.76 -7.32
C TYR A 59 16.71 -1.60 -6.81
N GLU A 60 17.95 -1.10 -6.96
CA GLU A 60 19.17 -1.81 -6.58
C GLU A 60 19.29 -2.02 -5.05
N LEU A 61 18.86 -1.03 -4.23
CA LEU A 61 18.81 -1.18 -2.78
C LEU A 61 17.80 -2.26 -2.39
N VAL A 62 16.54 -2.13 -2.83
CA VAL A 62 15.45 -3.03 -2.46
C VAL A 62 15.73 -4.47 -2.88
N LEU A 63 16.39 -4.70 -4.03
CA LEU A 63 16.79 -6.04 -4.47
C LEU A 63 17.61 -6.78 -3.40
N LYS A 64 18.65 -6.15 -2.84
CA LYS A 64 19.49 -6.77 -1.80
C LYS A 64 18.89 -6.68 -0.40
N SER A 65 18.22 -5.59 -0.05
CA SER A 65 17.54 -5.43 1.25
C SER A 65 16.45 -6.49 1.45
N ALA A 66 15.56 -6.68 0.47
CA ALA A 66 14.47 -7.66 0.57
C ALA A 66 15.00 -9.11 0.60
N ASN A 67 16.02 -9.45 -0.20
CA ASN A 67 16.71 -10.74 -0.10
C ASN A 67 17.30 -10.96 1.31
N SER A 68 17.94 -9.94 1.89
CA SER A 68 18.52 -9.98 3.25
C SER A 68 17.45 -10.10 4.36
N LEU A 69 16.29 -9.45 4.19
CA LEU A 69 15.10 -9.61 5.05
C LEU A 69 14.47 -11.02 5.00
N GLY A 70 14.83 -11.84 4.00
CA GLY A 70 14.25 -13.17 3.78
C GLY A 70 12.87 -13.15 3.10
N VAL A 71 12.58 -12.08 2.34
CA VAL A 71 11.33 -11.90 1.58
C VAL A 71 11.08 -13.05 0.60
N LEU A 72 9.80 -13.44 0.42
CA LEU A 72 9.37 -14.57 -0.43
C LEU A 72 9.69 -14.34 -1.92
N ASN A 73 9.36 -13.16 -2.46
CA ASN A 73 9.60 -12.73 -3.84
C ASN A 73 10.15 -11.28 -3.86
N PRO A 74 11.45 -11.07 -3.53
CA PRO A 74 12.03 -9.74 -3.31
C PRO A 74 11.99 -8.81 -4.53
N HIS A 75 11.95 -9.39 -5.73
CA HIS A 75 11.74 -8.69 -6.99
C HIS A 75 10.46 -7.83 -7.02
N LEU A 76 9.37 -8.27 -6.38
CA LEU A 76 8.08 -7.57 -6.46
C LEU A 76 8.13 -6.16 -5.88
N ILE A 77 8.82 -5.99 -4.75
CA ILE A 77 8.95 -4.69 -4.07
C ILE A 77 9.77 -3.74 -4.95
N ALA A 78 10.91 -4.22 -5.47
CA ALA A 78 11.79 -3.43 -6.33
C ALA A 78 11.09 -3.00 -7.62
N ASN A 79 10.37 -3.89 -8.30
CA ASN A 79 9.55 -3.57 -9.47
C ASN A 79 8.43 -2.58 -9.12
N ASN A 80 7.71 -2.79 -8.01
CA ASN A 80 6.63 -1.91 -7.58
C ASN A 80 7.11 -0.46 -7.40
N ILE A 81 8.23 -0.27 -6.68
CA ILE A 81 8.78 1.06 -6.41
C ILE A 81 9.41 1.66 -7.67
N TYR A 82 10.14 0.86 -8.48
CA TYR A 82 10.73 1.34 -9.74
C TYR A 82 9.67 1.90 -10.69
N GLN A 83 8.58 1.15 -10.93
CA GLN A 83 7.43 1.65 -11.70
C GLN A 83 6.77 2.85 -11.02
N SER A 84 6.47 2.78 -9.72
CA SER A 84 5.90 3.88 -8.92
C SER A 84 6.64 5.21 -9.11
N VAL A 85 7.98 5.21 -9.04
CA VAL A 85 8.79 6.40 -9.26
C VAL A 85 8.64 6.91 -10.70
N VAL A 86 9.02 6.12 -11.72
CA VAL A 86 9.06 6.57 -13.13
C VAL A 86 7.68 7.01 -13.67
N SER A 87 6.59 6.54 -13.07
CA SER A 87 5.21 6.80 -13.51
C SER A 87 4.54 7.94 -12.72
N ASN A 88 4.67 8.00 -11.39
CA ASN A 88 4.14 9.07 -10.54
C ASN A 88 5.11 10.27 -10.42
N LEU A 89 6.01 10.39 -11.41
CA LEU A 89 7.11 11.34 -11.51
C LEU A 89 6.68 12.81 -11.62
N ASP A 90 5.38 13.08 -11.79
CA ASP A 90 4.78 14.42 -11.84
C ASP A 90 4.80 15.17 -10.49
N ILE A 91 5.03 14.48 -9.37
CA ILE A 91 5.09 15.06 -8.00
C ILE A 91 6.25 14.47 -7.17
N LEU A 92 7.49 14.81 -7.52
CA LEU A 92 8.70 14.38 -6.79
C LEU A 92 8.92 15.10 -5.43
N HIS A 93 7.84 15.47 -4.73
CA HIS A 93 7.86 16.20 -3.46
C HIS A 93 8.56 15.40 -2.33
N SER A 94 9.12 16.10 -1.34
CA SER A 94 9.87 15.50 -0.22
C SER A 94 9.05 14.49 0.60
N SER A 95 7.75 14.73 0.80
CA SER A 95 6.82 13.74 1.35
C SER A 95 6.36 12.72 0.29
N ALA A 96 5.97 13.20 -0.89
CA ALA A 96 5.42 12.37 -1.97
C ALA A 96 6.32 11.20 -2.40
N MET A 97 7.63 11.42 -2.46
CA MET A 97 8.61 10.38 -2.83
C MET A 97 8.69 9.22 -1.83
N VAL A 98 8.44 9.47 -0.52
CA VAL A 98 8.30 8.40 0.47
C VAL A 98 6.86 7.87 0.58
N ASN A 99 5.82 8.67 0.33
CA ASN A 99 4.43 8.22 0.47
C ASN A 99 4.11 6.96 -0.36
N LEU A 100 4.39 6.94 -1.67
CA LEU A 100 4.09 5.78 -2.52
C LEU A 100 5.01 4.60 -2.19
N TYR A 101 6.29 4.85 -1.92
CA TYR A 101 7.25 3.86 -1.42
C TYR A 101 6.73 3.17 -0.15
N ALA A 102 6.37 3.93 0.88
CA ALA A 102 5.88 3.42 2.15
C ALA A 102 4.57 2.63 2.00
N ASN A 103 3.57 3.15 1.28
CA ASN A 103 2.31 2.41 1.03
C ASN A 103 2.55 1.10 0.26
N ALA A 104 3.32 1.13 -0.83
CA ALA A 104 3.63 -0.07 -1.61
C ALA A 104 4.43 -1.09 -0.77
N MET A 105 5.49 -0.66 -0.09
CA MET A 105 6.30 -1.50 0.80
C MET A 105 5.45 -2.12 1.93
N ALA A 106 4.58 -1.35 2.59
CA ALA A 106 3.71 -1.85 3.64
C ALA A 106 2.77 -2.97 3.14
N GLY A 107 2.15 -2.80 1.97
CA GLY A 107 1.30 -3.80 1.33
C GLY A 107 2.07 -5.05 0.88
N SER A 108 3.27 -4.87 0.31
CA SER A 108 4.18 -5.96 -0.06
C SER A 108 4.58 -6.81 1.14
N LEU A 109 5.14 -6.19 2.20
CA LEU A 109 5.57 -6.85 3.43
C LEU A 109 4.44 -7.65 4.12
N PHE A 110 3.19 -7.16 4.01
CA PHE A 110 2.00 -7.82 4.54
C PHE A 110 1.81 -9.25 4.03
N LEU A 111 2.12 -9.50 2.75
CA LEU A 111 1.93 -10.79 2.07
C LEU A 111 3.23 -11.62 1.96
N GLU A 112 4.31 -11.15 2.56
CA GLU A 112 5.63 -11.82 2.54
C GLU A 112 5.90 -12.56 3.87
N GLY A 113 4.89 -12.62 4.76
CA GLY A 113 4.96 -13.29 6.06
C GLY A 113 5.60 -12.45 7.17
N ILE A 114 5.49 -11.12 7.06
CA ILE A 114 6.19 -10.12 7.90
C ILE A 114 5.20 -9.02 8.36
N LEU A 115 5.71 -7.88 8.85
CA LEU A 115 4.93 -6.70 9.26
C LEU A 115 3.96 -6.96 10.43
N ASN A 116 4.43 -7.69 11.46
CA ASN A 116 3.66 -7.96 12.69
C ASN A 116 3.25 -6.67 13.42
N SER A 117 2.27 -6.77 14.34
CA SER A 117 1.67 -5.64 15.06
C SER A 117 2.65 -4.69 15.78
N ASP A 118 3.80 -5.21 16.25
CA ASP A 118 4.89 -4.43 16.84
C ASP A 118 6.12 -4.30 15.93
N ASN A 119 6.44 -5.35 15.14
CA ASN A 119 7.57 -5.38 14.21
C ASN A 119 7.40 -4.40 13.03
N ALA A 120 6.18 -3.91 12.77
CA ALA A 120 5.91 -2.82 11.83
C ALA A 120 6.81 -1.58 12.05
N ALA A 121 7.04 -1.17 13.30
CA ALA A 121 7.96 -0.07 13.63
C ALA A 121 9.42 -0.43 13.32
N THR A 122 9.82 -1.68 13.57
CA THR A 122 11.16 -2.22 13.25
C THR A 122 11.41 -2.19 11.75
N LEU A 123 10.47 -2.69 10.93
CA LEU A 123 10.59 -2.68 9.46
C LEU A 123 10.58 -1.25 8.89
N ALA A 124 9.72 -0.36 9.43
CA ALA A 124 9.71 1.05 9.04
C ALA A 124 11.08 1.71 9.26
N LYS A 125 11.70 1.50 10.43
CA LYS A 125 13.07 1.96 10.72
C LYS A 125 14.11 1.31 9.81
N LYS A 126 14.11 -0.01 9.64
CA LYS A 126 15.05 -0.73 8.76
C LYS A 126 15.03 -0.18 7.34
N CYS A 127 13.85 -0.12 6.71
CA CYS A 127 13.69 0.38 5.34
C CYS A 127 14.07 1.86 5.19
N ALA A 128 13.61 2.75 6.08
CA ALA A 128 13.95 4.17 6.05
C ALA A 128 15.45 4.43 6.28
N ASN A 129 16.07 3.72 7.23
CA ASN A 129 17.49 3.86 7.54
C ASN A 129 18.40 3.23 6.48
N ASP A 130 17.98 2.15 5.81
CA ASP A 130 18.70 1.62 4.64
C ASP A 130 18.60 2.59 3.44
N MET A 131 17.42 3.18 3.19
CA MET A 131 17.22 4.20 2.16
C MET A 131 18.13 5.43 2.37
N GLU A 132 18.16 6.02 3.58
CA GLU A 132 19.03 7.15 3.87
C GLU A 132 20.54 6.78 3.85
N ALA A 133 20.89 5.55 4.26
CA ALA A 133 22.25 5.02 4.12
C ALA A 133 22.66 4.72 2.67
N PHE A 134 21.73 4.73 1.70
CA PHE A 134 22.02 4.61 0.27
C PHE A 134 21.94 5.96 -0.47
N ALA A 135 21.22 6.94 0.09
CA ALA A 135 21.25 8.32 -0.37
C ALA A 135 22.67 8.92 -0.38
N LYS A 136 23.43 8.73 0.72
CA LYS A 136 24.80 9.24 0.88
C LYS A 136 25.79 8.79 -0.20
N LYS A 137 25.53 7.65 -0.84
CA LYS A 137 26.31 7.05 -1.95
C LYS A 137 26.02 7.69 -3.32
N MET A 138 24.82 8.24 -3.50
CA MET A 138 24.35 8.84 -4.77
C MET A 138 24.42 10.37 -4.75
N VAL A 139 24.23 11.00 -3.58
CA VAL A 139 24.51 12.43 -3.33
C VAL A 139 26.02 12.69 -3.41
N GLU A 140 26.42 13.83 -3.97
CA GLU A 140 27.83 14.26 -4.10
C GLU A 140 28.50 14.59 -2.74
N ILE A 141 29.81 14.84 -2.73
CA ILE A 141 30.56 15.28 -1.54
C ILE A 141 29.95 16.57 -0.95
N GLY A 142 29.57 16.54 0.33
CA GLY A 142 28.96 17.64 1.07
C GLY A 142 28.41 17.23 2.44
N ASN B 1 -25.66 -15.84 -4.14
CA ASN B 1 -26.20 -16.17 -2.78
C ASN B 1 -27.32 -15.24 -2.28
N LEU B 2 -27.72 -14.19 -3.03
CA LEU B 2 -28.83 -13.24 -2.77
C LEU B 2 -28.74 -12.44 -1.45
N SER B 3 -28.89 -13.09 -0.30
CA SER B 3 -28.81 -12.47 1.04
C SER B 3 -27.45 -12.62 1.71
N ILE B 4 -26.66 -13.64 1.31
CA ILE B 4 -25.30 -13.97 1.79
C ILE B 4 -25.26 -14.37 3.29
N GLY B 5 -26.38 -14.27 4.02
CA GLY B 5 -26.45 -14.38 5.48
C GLY B 5 -25.67 -13.28 6.21
N ASP B 6 -25.50 -12.10 5.60
CA ASP B 6 -24.57 -11.05 6.03
C ASP B 6 -25.18 -9.65 5.89
N THR B 7 -25.99 -9.26 6.87
CA THR B 7 -26.82 -8.03 6.90
C THR B 7 -26.73 -7.27 8.23
N THR B 8 -25.59 -7.40 8.92
CA THR B 8 -25.29 -6.82 10.25
C THR B 8 -25.66 -5.32 10.36
N SER B 9 -26.21 -4.94 11.52
CA SER B 9 -26.66 -3.57 11.83
C SER B 9 -25.54 -2.52 11.86
N ILE B 10 -25.90 -1.25 12.08
CA ILE B 10 -25.04 -0.06 12.09
C ILE B 10 -23.78 -0.16 12.98
N ILE B 11 -23.78 -1.07 13.96
CA ILE B 11 -22.61 -1.44 14.77
C ILE B 11 -21.39 -1.77 13.88
N GLN B 12 -21.59 -2.48 12.78
CA GLN B 12 -20.51 -2.90 11.88
C GLN B 12 -19.94 -1.74 11.04
N LEU B 13 -20.74 -0.69 10.80
CA LEU B 13 -20.28 0.57 10.17
C LEU B 13 -19.61 1.50 11.18
N PHE B 14 -20.10 1.54 12.42
CA PHE B 14 -19.53 2.30 13.53
C PHE B 14 -18.13 1.82 13.95
N LYS B 15 -17.89 0.50 13.93
CA LYS B 15 -16.61 -0.14 14.29
C LYS B 15 -15.40 0.51 13.60
N ASN B 16 -14.54 1.12 14.42
CA ASN B 16 -13.26 1.75 14.07
C ASN B 16 -13.33 2.83 12.96
N PHE B 17 -14.41 3.62 12.92
CA PHE B 17 -14.66 4.64 11.88
C PHE B 17 -13.89 5.96 12.06
N THR B 18 -13.36 6.25 13.26
CA THR B 18 -12.63 7.50 13.58
C THR B 18 -11.33 7.20 14.33
N GLY B 19 -10.25 7.89 13.94
CA GLY B 19 -8.87 7.64 14.40
C GLY B 19 -7.88 7.42 13.24
N PRO B 20 -8.05 6.37 12.40
CA PRO B 20 -7.18 6.12 11.25
C PRO B 20 -7.37 7.14 10.10
N PRO B 21 -6.36 7.31 9.22
CA PRO B 21 -6.43 8.21 8.07
C PRO B 21 -7.29 7.65 6.92
N SER B 22 -7.66 8.52 5.97
CA SER B 22 -8.46 8.20 4.78
C SER B 22 -7.88 7.05 3.92
N VAL B 23 -6.55 6.92 3.89
CA VAL B 23 -5.84 5.85 3.16
C VAL B 23 -5.96 4.48 3.85
N ALA B 24 -6.07 4.43 5.17
CA ALA B 24 -6.20 3.18 5.93
C ALA B 24 -7.64 2.65 5.89
N THR B 25 -8.66 3.52 6.03
CA THR B 25 -10.07 3.10 5.96
C THR B 25 -10.45 2.50 4.60
N PHE B 26 -9.86 2.94 3.47
CA PHE B 26 -10.02 2.29 2.16
C PHE B 26 -9.59 0.81 2.20
N ILE B 27 -8.41 0.52 2.78
CA ILE B 27 -7.83 -0.82 2.84
C ILE B 27 -8.70 -1.73 3.73
N SER B 28 -9.11 -1.24 4.90
CA SER B 28 -10.07 -1.94 5.79
C SER B 28 -11.45 -2.15 5.15
N ASN B 29 -11.94 -1.19 4.35
CA ASN B 29 -13.19 -1.33 3.59
C ASN B 29 -13.12 -2.50 2.60
N PHE B 30 -12.00 -2.68 1.87
CA PHE B 30 -11.87 -3.78 0.91
C PHE B 30 -12.10 -5.16 1.57
N HIS B 31 -11.53 -5.38 2.77
CA HIS B 31 -11.75 -6.61 3.55
C HIS B 31 -13.22 -6.82 3.92
N SER B 32 -13.94 -5.74 4.29
CA SER B 32 -15.38 -5.76 4.56
C SER B 32 -16.20 -6.07 3.30
N ILE B 33 -15.89 -5.42 2.18
CA ILE B 33 -16.61 -5.58 0.90
C ILE B 33 -16.45 -7.00 0.33
N VAL B 34 -15.29 -7.65 0.53
CA VAL B 34 -15.10 -9.09 0.23
C VAL B 34 -16.15 -9.94 0.96
N GLN B 35 -16.36 -9.75 2.27
CA GLN B 35 -17.39 -10.46 3.03
C GLN B 35 -18.82 -10.12 2.55
N SER B 36 -19.09 -8.85 2.21
CA SER B 36 -20.39 -8.35 1.74
C SER B 36 -20.85 -8.86 0.36
N SER B 37 -20.00 -9.56 -0.40
CA SER B 37 -20.24 -9.93 -1.80
C SER B 37 -19.64 -11.30 -2.14
N LYS B 38 -20.48 -12.36 -2.11
CA LYS B 38 -20.09 -13.78 -2.31
C LYS B 38 -19.08 -14.01 -3.43
N THR B 39 -19.25 -13.36 -4.58
CA THR B 39 -18.43 -13.56 -5.77
C THR B 39 -16.94 -13.26 -5.56
N LEU B 40 -16.58 -12.35 -4.63
CA LEU B 40 -15.18 -12.18 -4.20
C LEU B 40 -14.66 -13.45 -3.52
N LEU B 41 -15.33 -13.91 -2.45
CA LEU B 41 -14.94 -15.14 -1.74
C LEU B 41 -14.89 -16.35 -2.67
N ASN B 42 -15.86 -16.47 -3.60
CA ASN B 42 -15.95 -17.55 -4.56
C ASN B 42 -14.74 -17.60 -5.50
N LEU B 43 -14.21 -16.44 -5.93
CA LEU B 43 -12.98 -16.34 -6.71
C LEU B 43 -11.75 -16.85 -5.92
N PHE B 44 -11.66 -16.48 -4.64
CA PHE B 44 -10.53 -16.88 -3.80
C PHE B 44 -10.61 -18.33 -3.30
N ASP B 45 -11.82 -18.89 -3.19
CA ASP B 45 -12.06 -20.32 -2.92
C ASP B 45 -11.58 -21.24 -4.06
N VAL B 46 -11.32 -20.70 -5.26
CA VAL B 46 -10.72 -21.41 -6.41
C VAL B 46 -9.30 -20.94 -6.75
N ALA B 47 -8.68 -20.13 -5.89
CA ALA B 47 -7.34 -19.57 -6.12
C ALA B 47 -6.20 -20.61 -6.24
N GLU B 48 -6.43 -21.87 -5.86
CA GLU B 48 -5.52 -22.99 -6.10
C GLU B 48 -5.38 -23.35 -7.60
N GLU B 49 -6.37 -22.99 -8.43
CA GLU B 49 -6.31 -23.05 -9.90
C GLU B 49 -5.34 -21.99 -10.49
N ASN B 50 -5.14 -21.98 -11.82
CA ASN B 50 -4.22 -21.11 -12.57
C ASN B 50 -4.14 -19.65 -12.04
N PRO B 51 -3.05 -19.25 -11.35
CA PRO B 51 -2.95 -17.92 -10.73
C PRO B 51 -2.83 -16.78 -11.74
N LEU B 52 -2.37 -17.09 -12.96
CA LEU B 52 -2.38 -16.16 -14.10
C LEU B 52 -3.78 -15.63 -14.43
N GLU B 53 -4.84 -16.42 -14.23
CA GLU B 53 -6.22 -15.96 -14.48
C GLU B 53 -6.55 -14.71 -13.66
N PHE B 54 -6.21 -14.72 -12.37
CA PHE B 54 -6.49 -13.62 -11.45
C PHE B 54 -5.59 -12.42 -11.72
N ALA B 55 -4.29 -12.66 -11.94
CA ALA B 55 -3.33 -11.61 -12.28
C ALA B 55 -3.69 -10.90 -13.60
N LYS B 56 -3.95 -11.65 -14.68
CA LYS B 56 -4.32 -11.12 -16.00
C LYS B 56 -5.67 -10.38 -15.97
N CYS B 57 -6.66 -10.90 -15.24
CA CYS B 57 -7.92 -10.23 -14.93
C CYS B 57 -7.67 -8.88 -14.26
N MET B 58 -6.91 -8.85 -13.16
CA MET B 58 -6.58 -7.63 -12.43
C MET B 58 -5.80 -6.62 -13.28
N TYR B 59 -4.80 -7.03 -14.08
CA TYR B 59 -4.09 -6.13 -14.98
C TYR B 59 -5.01 -5.46 -16.01
N GLU B 60 -5.79 -6.26 -16.75
CA GLU B 60 -6.66 -5.76 -17.82
C GLU B 60 -7.81 -4.90 -17.27
N LEU B 61 -8.33 -5.25 -16.09
CA LEU B 61 -9.32 -4.45 -15.38
C LEU B 61 -8.74 -3.13 -14.85
N VAL B 62 -7.60 -3.15 -14.16
CA VAL B 62 -7.01 -1.93 -13.59
C VAL B 62 -6.62 -0.93 -14.69
N LEU B 63 -6.25 -1.40 -15.88
CA LEU B 63 -6.05 -0.57 -17.07
C LEU B 63 -7.28 0.33 -17.37
N LYS B 64 -8.49 -0.24 -17.47
CA LYS B 64 -9.72 0.57 -17.63
C LYS B 64 -10.12 1.31 -16.35
N SER B 65 -9.96 0.70 -15.18
CA SER B 65 -10.45 1.21 -13.90
C SER B 65 -9.71 2.48 -13.49
N ALA B 66 -8.39 2.46 -13.42
CA ALA B 66 -7.60 3.63 -13.03
C ALA B 66 -7.70 4.77 -14.07
N ASN B 67 -7.87 4.47 -15.37
CA ASN B 67 -8.25 5.47 -16.38
C ASN B 67 -9.62 6.12 -16.07
N SER B 68 -10.63 5.32 -15.72
CA SER B 68 -11.98 5.78 -15.39
C SER B 68 -12.06 6.59 -14.08
N LEU B 69 -11.27 6.21 -13.05
CA LEU B 69 -11.05 7.03 -11.85
C LEU B 69 -10.28 8.35 -12.15
N GLY B 70 -9.63 8.46 -13.31
CA GLY B 70 -8.91 9.66 -13.75
C GLY B 70 -7.46 9.75 -13.24
N VAL B 71 -6.87 8.64 -12.80
CA VAL B 71 -5.52 8.57 -12.20
C VAL B 71 -4.44 8.98 -13.21
N LEU B 72 -3.38 9.67 -12.75
CA LEU B 72 -2.31 10.25 -13.57
C LEU B 72 -1.58 9.25 -14.46
N ASN B 73 -1.30 8.05 -13.93
CA ASN B 73 -0.52 7.01 -14.59
C ASN B 73 -1.10 5.60 -14.28
N PRO B 74 -2.22 5.22 -14.94
CA PRO B 74 -3.00 4.02 -14.59
C PRO B 74 -2.22 2.70 -14.78
N HIS B 75 -1.25 2.69 -15.70
CA HIS B 75 -0.31 1.59 -15.89
C HIS B 75 0.49 1.23 -14.61
N LEU B 76 0.81 2.21 -13.74
CA LEU B 76 1.56 1.92 -12.50
C LEU B 76 0.78 0.99 -11.59
N ILE B 77 -0.51 1.25 -11.40
CA ILE B 77 -1.36 0.46 -10.50
C ILE B 77 -1.60 -0.93 -11.12
N ALA B 78 -1.84 -1.00 -12.43
CA ALA B 78 -2.00 -2.26 -13.15
C ALA B 78 -0.74 -3.14 -13.07
N ASN B 79 0.44 -2.60 -13.40
CA ASN B 79 1.71 -3.31 -13.37
C ASN B 79 2.11 -3.72 -11.95
N ASN B 80 1.96 -2.82 -10.96
CA ASN B 80 2.30 -3.12 -9.57
C ASN B 80 1.41 -4.22 -8.99
N ILE B 81 0.08 -4.15 -9.19
CA ILE B 81 -0.83 -5.21 -8.75
C ILE B 81 -0.52 -6.52 -9.47
N TYR B 82 -0.28 -6.51 -10.79
CA TYR B 82 0.10 -7.71 -11.54
C TYR B 82 1.39 -8.36 -10.99
N GLN B 83 2.50 -7.60 -10.93
CA GLN B 83 3.81 -8.10 -10.51
C GLN B 83 3.84 -8.56 -9.03
N SER B 84 3.05 -7.93 -8.15
CA SER B 84 2.93 -8.35 -6.75
C SER B 84 1.99 -9.54 -6.58
N VAL B 85 0.79 -9.53 -7.18
CA VAL B 85 -0.18 -10.61 -6.99
C VAL B 85 0.26 -11.93 -7.66
N VAL B 86 1.03 -11.86 -8.76
CA VAL B 86 1.69 -13.03 -9.37
C VAL B 86 2.94 -13.50 -8.58
N SER B 87 3.39 -12.73 -7.58
CA SER B 87 4.56 -13.04 -6.74
C SER B 87 4.19 -13.57 -5.35
N ASN B 88 3.11 -13.09 -4.73
CA ASN B 88 2.63 -13.50 -3.41
C ASN B 88 1.71 -14.75 -3.46
N LEU B 89 1.95 -15.66 -4.42
CA LEU B 89 1.27 -16.96 -4.58
C LEU B 89 1.36 -17.89 -3.34
N ASP B 90 2.28 -17.62 -2.39
CA ASP B 90 2.36 -18.35 -1.12
C ASP B 90 1.23 -17.98 -0.13
N ILE B 91 0.44 -16.92 -0.41
CA ILE B 91 -0.69 -16.45 0.44
C ILE B 91 -1.88 -15.99 -0.42
N LEU B 92 -2.51 -16.95 -1.10
CA LEU B 92 -3.73 -16.77 -1.92
C LEU B 92 -5.02 -16.64 -1.09
N HIS B 93 -4.93 -16.14 0.15
CA HIS B 93 -6.05 -15.95 1.09
C HIS B 93 -7.10 -14.93 0.57
N SER B 94 -8.33 -14.97 1.08
CA SER B 94 -9.44 -14.12 0.61
C SER B 94 -9.21 -12.61 0.80
N SER B 95 -8.73 -12.20 1.97
CA SER B 95 -8.29 -10.82 2.20
C SER B 95 -6.94 -10.51 1.56
N ALA B 96 -6.04 -11.50 1.46
CA ALA B 96 -4.70 -11.33 0.91
C ALA B 96 -4.68 -11.03 -0.60
N MET B 97 -5.47 -11.75 -1.40
CA MET B 97 -5.57 -11.55 -2.86
C MET B 97 -5.97 -10.11 -3.25
N VAL B 98 -6.64 -9.39 -2.34
CA VAL B 98 -7.04 -7.98 -2.52
C VAL B 98 -6.24 -7.00 -1.65
N ASN B 99 -5.37 -7.44 -0.74
CA ASN B 99 -4.58 -6.55 0.12
C ASN B 99 -3.59 -5.71 -0.71
N LEU B 100 -2.92 -6.36 -1.68
CA LEU B 100 -2.07 -5.69 -2.67
C LEU B 100 -2.87 -4.72 -3.55
N TYR B 101 -4.00 -5.17 -4.10
CA TYR B 101 -4.91 -4.32 -4.88
C TYR B 101 -5.28 -3.08 -4.06
N ALA B 102 -5.77 -3.29 -2.84
CA ALA B 102 -6.26 -2.26 -1.96
C ALA B 102 -5.17 -1.22 -1.61
N ASN B 103 -3.99 -1.65 -1.15
CA ASN B 103 -2.94 -0.72 -0.72
C ASN B 103 -2.25 -0.02 -1.90
N ALA B 104 -1.99 -0.73 -3.01
CA ALA B 104 -1.46 -0.13 -4.23
C ALA B 104 -2.42 0.95 -4.80
N MET B 105 -3.72 0.67 -4.83
CA MET B 105 -4.73 1.65 -5.20
C MET B 105 -4.77 2.81 -4.18
N ALA B 106 -4.85 2.52 -2.88
CA ALA B 106 -4.96 3.53 -1.82
C ALA B 106 -3.80 4.54 -1.83
N GLY B 107 -2.55 4.05 -1.88
CA GLY B 107 -1.36 4.90 -1.96
C GLY B 107 -1.30 5.76 -3.23
N SER B 108 -1.70 5.20 -4.38
CA SER B 108 -1.77 5.92 -5.65
C SER B 108 -2.86 7.01 -5.65
N LEU B 109 -4.06 6.68 -5.17
CA LEU B 109 -5.20 7.61 -5.08
C LEU B 109 -4.94 8.75 -4.10
N PHE B 110 -4.32 8.44 -2.94
CA PHE B 110 -3.88 9.42 -1.94
C PHE B 110 -2.96 10.48 -2.56
N LEU B 111 -1.96 10.04 -3.34
CA LEU B 111 -0.97 10.93 -3.95
C LEU B 111 -1.49 11.68 -5.18
N GLU B 112 -2.31 11.06 -6.03
CA GLU B 112 -2.84 11.71 -7.23
C GLU B 112 -3.72 12.91 -6.88
N GLY B 113 -4.72 12.71 -6.02
CA GLY B 113 -5.68 13.76 -5.60
C GLY B 113 -7.11 13.27 -5.39
N ILE B 114 -7.30 12.02 -4.96
CA ILE B 114 -8.61 11.39 -4.70
C ILE B 114 -8.64 10.82 -3.27
N LEU B 115 -9.54 9.87 -2.96
CA LEU B 115 -9.56 9.14 -1.68
C LEU B 115 -9.75 10.07 -0.45
N ASN B 116 -10.86 10.82 -0.47
CA ASN B 116 -11.33 11.62 0.68
C ASN B 116 -11.86 10.72 1.82
N SER B 117 -12.10 11.31 3.01
CA SER B 117 -12.50 10.62 4.24
C SER B 117 -13.71 9.68 4.11
N ASP B 118 -14.69 10.05 3.27
CA ASP B 118 -15.91 9.27 2.98
C ASP B 118 -15.88 8.64 1.58
N ASN B 119 -15.27 9.31 0.59
CA ASN B 119 -15.10 8.79 -0.77
C ASN B 119 -14.23 7.51 -0.81
N ALA B 120 -13.35 7.30 0.18
CA ALA B 120 -12.60 6.05 0.36
C ALA B 120 -13.49 4.79 0.31
N ALA B 121 -14.69 4.82 0.89
CA ALA B 121 -15.64 3.70 0.82
C ALA B 121 -16.19 3.49 -0.61
N THR B 122 -16.52 4.58 -1.31
CA THR B 122 -16.98 4.57 -2.71
C THR B 122 -15.92 4.01 -3.65
N LEU B 123 -14.67 4.50 -3.55
CA LEU B 123 -13.56 4.03 -4.39
C LEU B 123 -13.20 2.57 -4.09
N ALA B 124 -13.21 2.14 -2.82
CA ALA B 124 -13.01 0.73 -2.46
C ALA B 124 -14.10 -0.17 -3.06
N LYS B 125 -15.38 0.24 -2.98
CA LYS B 125 -16.50 -0.47 -3.63
C LYS B 125 -16.39 -0.50 -5.15
N LYS B 126 -15.98 0.58 -5.81
CA LYS B 126 -15.72 0.60 -7.27
C LYS B 126 -14.72 -0.49 -7.65
N CYS B 127 -13.55 -0.55 -7.01
CA CYS B 127 -12.54 -1.57 -7.25
C CYS B 127 -13.05 -3.01 -6.97
N ALA B 128 -13.67 -3.25 -5.81
CA ALA B 128 -14.15 -4.57 -5.42
C ALA B 128 -15.34 -5.09 -6.28
N ASN B 129 -16.29 -4.22 -6.62
CA ASN B 129 -17.42 -4.57 -7.49
C ASN B 129 -17.00 -4.76 -8.95
N ASP B 130 -15.97 -4.03 -9.42
CA ASP B 130 -15.39 -4.29 -10.74
C ASP B 130 -14.60 -5.61 -10.80
N MET B 131 -13.92 -5.99 -9.70
CA MET B 131 -13.20 -7.27 -9.59
C MET B 131 -14.14 -8.48 -9.82
N GLU B 132 -15.30 -8.54 -9.15
CA GLU B 132 -16.28 -9.61 -9.41
C GLU B 132 -17.02 -9.48 -10.75
N ALA B 133 -17.27 -8.26 -11.25
CA ALA B 133 -17.86 -8.05 -12.57
C ALA B 133 -16.97 -8.61 -13.69
N PHE B 134 -15.65 -8.42 -13.61
CA PHE B 134 -14.69 -9.02 -14.54
C PHE B 134 -14.48 -10.52 -14.27
N ALA B 135 -14.54 -10.98 -13.01
CA ALA B 135 -14.47 -12.41 -12.70
C ALA B 135 -15.57 -13.22 -13.42
N LYS B 136 -16.81 -12.73 -13.46
CA LYS B 136 -17.93 -13.35 -14.21
C LYS B 136 -17.74 -13.40 -15.73
N LYS B 137 -16.79 -12.62 -16.30
CA LYS B 137 -16.36 -12.70 -17.71
C LYS B 137 -15.25 -13.75 -17.94
N MET B 138 -14.59 -14.22 -16.87
CA MET B 138 -13.48 -15.19 -16.89
C MET B 138 -13.90 -16.59 -16.41
N VAL B 139 -14.84 -16.66 -15.46
CA VAL B 139 -15.45 -17.90 -14.93
C VAL B 139 -16.45 -18.47 -15.95
N GLU B 140 -15.93 -19.21 -16.95
CA GLU B 140 -16.71 -19.93 -17.96
C GLU B 140 -15.90 -21.12 -18.51
N ILE B 141 -16.47 -22.33 -18.46
CA ILE B 141 -15.83 -23.56 -18.99
C ILE B 141 -15.87 -23.54 -20.53
N GLY B 142 -14.79 -23.99 -21.19
CA GLY B 142 -14.64 -24.04 -22.65
C GLY B 142 -13.76 -25.19 -23.12
N ASN A 1 14.36 -10.80 20.73
CA ASN A 1 12.99 -10.35 20.35
C ASN A 1 12.94 -9.49 19.07
N LEU A 2 13.90 -8.59 18.82
CA LEU A 2 14.00 -7.79 17.57
C LEU A 2 12.80 -6.83 17.32
N SER A 3 12.18 -6.33 18.40
CA SER A 3 10.98 -5.46 18.36
C SER A 3 11.18 -4.09 19.03
N ILE A 4 11.99 -4.01 20.10
CA ILE A 4 12.26 -2.78 20.89
C ILE A 4 10.97 -2.08 21.41
N GLY A 5 9.84 -2.79 21.38
CA GLY A 5 8.50 -2.31 21.73
C GLY A 5 7.57 -3.42 22.25
N ASP A 6 8.16 -4.55 22.67
CA ASP A 6 7.48 -5.68 23.32
C ASP A 6 8.40 -6.27 24.40
N THR A 7 7.89 -6.36 25.62
CA THR A 7 8.63 -6.75 26.85
C THR A 7 7.75 -7.55 27.82
N THR A 8 6.71 -8.22 27.30
CA THR A 8 5.67 -8.92 28.09
C THR A 8 5.41 -10.32 27.53
N SER A 9 5.04 -11.26 28.40
CA SER A 9 4.60 -12.61 28.09
C SER A 9 3.21 -12.66 27.41
N ILE A 10 2.73 -13.88 27.12
CA ILE A 10 1.52 -14.19 26.32
C ILE A 10 0.23 -13.43 26.74
N ILE A 11 0.14 -12.98 27.99
CA ILE A 11 -0.96 -12.15 28.50
C ILE A 11 -1.18 -10.90 27.63
N GLN A 12 -0.11 -10.27 27.12
CA GLN A 12 -0.20 -9.07 26.28
C GLN A 12 -0.49 -9.38 24.80
N LEU A 13 -0.19 -10.60 24.31
CA LEU A 13 -0.59 -11.06 22.96
C LEU A 13 -2.10 -11.26 22.81
N PHE A 14 -2.84 -11.37 23.92
CA PHE A 14 -4.30 -11.55 23.95
C PHE A 14 -4.96 -10.54 24.91
N LYS A 15 -4.89 -9.26 24.52
CA LYS A 15 -5.34 -8.11 25.34
C LYS A 15 -6.37 -7.26 24.60
N ASN A 16 -7.50 -7.90 24.25
CA ASN A 16 -8.69 -7.30 23.63
C ASN A 16 -8.46 -6.72 22.21
N PHE A 17 -7.63 -7.38 21.40
CA PHE A 17 -7.35 -7.01 20.00
C PHE A 17 -7.40 -8.23 19.06
N THR A 18 -8.53 -8.38 18.36
CA THR A 18 -8.64 -9.19 17.12
C THR A 18 -8.28 -8.34 15.90
N GLY A 19 -7.59 -8.93 14.92
CA GLY A 19 -7.14 -8.28 13.67
C GLY A 19 -6.62 -6.83 13.83
N PRO A 20 -5.61 -6.56 14.68
CA PRO A 20 -5.12 -5.20 14.97
C PRO A 20 -4.56 -4.48 13.73
N PRO A 21 -4.38 -3.14 13.80
CA PRO A 21 -3.99 -2.29 12.67
C PRO A 21 -2.48 -2.35 12.33
N SER A 22 -1.88 -3.55 12.28
CA SER A 22 -0.46 -3.79 11.98
C SER A 22 0.05 -3.12 10.69
N VAL A 23 -0.75 -3.11 9.61
CA VAL A 23 -0.38 -2.41 8.37
C VAL A 23 -0.30 -0.89 8.57
N ALA A 24 -1.15 -0.33 9.42
CA ALA A 24 -1.15 1.09 9.75
C ALA A 24 0.02 1.46 10.68
N THR A 25 0.34 0.64 11.69
CA THR A 25 1.46 0.94 12.61
C THR A 25 2.82 0.97 11.92
N PHE A 26 3.03 0.24 10.81
CA PHE A 26 4.20 0.41 9.95
C PHE A 26 4.18 1.77 9.24
N ILE A 27 3.15 2.07 8.44
CA ILE A 27 3.14 3.27 7.59
C ILE A 27 3.13 4.56 8.42
N SER A 28 2.41 4.58 9.55
CA SER A 28 2.40 5.71 10.49
C SER A 28 3.78 5.95 11.12
N ASN A 29 4.50 4.89 11.54
CA ASN A 29 5.89 5.03 11.95
C ASN A 29 6.77 5.57 10.81
N PHE A 30 6.67 4.99 9.61
CA PHE A 30 7.48 5.39 8.45
C PHE A 30 7.32 6.89 8.12
N HIS A 31 6.08 7.38 7.99
CA HIS A 31 5.79 8.80 7.73
C HIS A 31 6.16 9.72 8.91
N SER A 32 6.09 9.27 10.16
CA SER A 32 6.58 10.04 11.32
C SER A 32 8.11 10.10 11.40
N ILE A 33 8.82 9.02 11.04
CA ILE A 33 10.30 9.00 10.98
C ILE A 33 10.83 10.00 9.94
N VAL A 34 10.14 10.16 8.80
CA VAL A 34 10.44 11.19 7.79
C VAL A 34 10.45 12.60 8.40
N GLN A 35 9.53 12.92 9.32
CA GLN A 35 9.48 14.20 10.03
C GLN A 35 10.54 14.37 11.12
N SER A 36 11.19 13.29 11.58
CA SER A 36 12.18 13.31 12.67
C SER A 36 13.64 13.22 12.19
N SER A 37 13.89 12.56 11.05
CA SER A 37 15.23 12.34 10.49
C SER A 37 15.48 13.30 9.31
N LYS A 38 16.21 14.40 9.55
CA LYS A 38 16.51 15.45 8.54
C LYS A 38 16.99 14.89 7.21
N THR A 39 17.88 13.89 7.23
CA THR A 39 18.46 13.25 6.03
C THR A 39 17.40 12.56 5.15
N LEU A 40 16.26 12.14 5.72
CA LEU A 40 15.11 11.60 4.97
C LEU A 40 14.47 12.69 4.10
N LEU A 41 14.17 13.87 4.68
CA LEU A 41 13.63 15.02 3.93
C LEU A 41 14.64 15.58 2.92
N ASN A 42 15.93 15.55 3.25
CA ASN A 42 17.01 16.09 2.41
C ASN A 42 17.07 15.43 1.01
N LEU A 43 16.67 14.15 0.90
CA LEU A 43 16.47 13.45 -0.37
C LEU A 43 15.37 14.13 -1.21
N PHE A 44 14.21 14.37 -0.62
CA PHE A 44 13.06 14.96 -1.32
C PHE A 44 13.24 16.46 -1.61
N ASP A 45 14.04 17.16 -0.80
CA ASP A 45 14.47 18.54 -1.03
C ASP A 45 15.35 18.72 -2.30
N VAL A 46 15.87 17.63 -2.87
CA VAL A 46 16.57 17.60 -4.17
C VAL A 46 15.81 16.79 -5.24
N ALA A 47 14.53 16.45 -5.02
CA ALA A 47 13.74 15.64 -5.95
C ALA A 47 13.52 16.27 -7.34
N GLU A 48 13.75 17.57 -7.51
CA GLU A 48 13.74 18.25 -8.83
C GLU A 48 14.95 17.90 -9.72
N GLU A 49 16.00 17.29 -9.16
CA GLU A 49 17.14 16.70 -9.87
C GLU A 49 16.72 15.37 -10.58
N ASN A 50 17.61 14.75 -11.36
CA ASN A 50 17.40 13.51 -12.15
C ASN A 50 16.52 12.45 -11.44
N PRO A 51 15.24 12.25 -11.86
CA PRO A 51 14.32 11.36 -11.15
C PRO A 51 14.67 9.87 -11.25
N LEU A 52 15.43 9.49 -12.29
CA LEU A 52 16.00 8.15 -12.46
C LEU A 52 16.90 7.73 -11.28
N GLU A 53 17.62 8.68 -10.67
CA GLU A 53 18.50 8.42 -9.52
C GLU A 53 17.70 7.82 -8.35
N PHE A 54 16.53 8.37 -8.04
CA PHE A 54 15.69 7.91 -6.94
C PHE A 54 15.08 6.54 -7.27
N ALA A 55 14.52 6.37 -8.47
CA ALA A 55 13.95 5.10 -8.92
C ALA A 55 14.98 3.96 -8.89
N LYS A 56 16.19 4.17 -9.41
CA LYS A 56 17.29 3.18 -9.37
C LYS A 56 17.84 2.93 -7.97
N CYS A 57 18.01 3.98 -7.16
CA CYS A 57 18.42 3.87 -5.76
C CYS A 57 17.43 2.99 -4.97
N MET A 58 16.14 3.30 -5.08
CA MET A 58 15.05 2.54 -4.45
C MET A 58 15.00 1.09 -4.96
N TYR A 59 15.13 0.85 -6.27
CA TYR A 59 15.18 -0.52 -6.83
C TYR A 59 16.33 -1.35 -6.23
N GLU A 60 17.57 -0.84 -6.28
CA GLU A 60 18.76 -1.53 -5.73
C GLU A 60 18.68 -1.74 -4.21
N LEU A 61 18.25 -0.71 -3.46
CA LEU A 61 18.11 -0.78 -2.01
C LEU A 61 17.02 -1.80 -1.61
N VAL A 62 15.87 -1.77 -2.27
CA VAL A 62 14.77 -2.69 -1.97
C VAL A 62 15.11 -4.13 -2.38
N LEU A 63 15.89 -4.35 -3.45
CA LEU A 63 16.40 -5.68 -3.81
C LEU A 63 17.18 -6.31 -2.63
N LYS A 64 18.22 -5.63 -2.13
CA LYS A 64 19.04 -6.13 -1.01
C LYS A 64 18.25 -6.20 0.30
N SER A 65 17.41 -5.21 0.61
CA SER A 65 16.59 -5.18 1.83
C SER A 65 15.56 -6.32 1.86
N ALA A 66 14.80 -6.52 0.78
CA ALA A 66 13.80 -7.58 0.72
C ALA A 66 14.41 -8.99 0.82
N ASN A 67 15.57 -9.24 0.22
CA ASN A 67 16.34 -10.46 0.45
C ASN A 67 16.82 -10.59 1.92
N SER A 68 17.31 -9.51 2.53
CA SER A 68 17.78 -9.50 3.93
C SER A 68 16.67 -9.73 4.96
N LEU A 69 15.48 -9.13 4.75
CA LEU A 69 14.26 -9.38 5.51
C LEU A 69 13.62 -10.75 5.20
N GLY A 70 14.12 -11.47 4.18
CA GLY A 70 13.70 -12.83 3.85
C GLY A 70 12.37 -12.94 3.11
N VAL A 71 11.96 -11.89 2.37
CA VAL A 71 10.68 -11.82 1.66
C VAL A 71 10.57 -12.89 0.57
N LEU A 72 9.33 -13.38 0.36
CA LEU A 72 8.95 -14.47 -0.54
C LEU A 72 9.37 -14.27 -2.01
N ASN A 73 9.19 -13.05 -2.53
CA ASN A 73 9.58 -12.63 -3.90
C ASN A 73 10.09 -11.18 -3.85
N PRO A 74 11.39 -10.94 -3.58
CA PRO A 74 11.92 -9.59 -3.31
C PRO A 74 11.83 -8.64 -4.52
N HIS A 75 11.82 -9.18 -5.74
CA HIS A 75 11.58 -8.45 -6.99
C HIS A 75 10.26 -7.66 -6.98
N LEU A 76 9.18 -8.19 -6.38
CA LEU A 76 7.87 -7.54 -6.41
C LEU A 76 7.92 -6.15 -5.77
N ILE A 77 8.62 -6.01 -4.64
CA ILE A 77 8.69 -4.74 -3.90
C ILE A 77 9.54 -3.73 -4.66
N ALA A 78 10.71 -4.15 -5.15
CA ALA A 78 11.61 -3.30 -5.91
C ALA A 78 10.95 -2.80 -7.20
N ASN A 79 10.26 -3.68 -7.93
CA ASN A 79 9.52 -3.32 -9.14
C ASN A 79 8.30 -2.43 -8.82
N ASN A 80 7.55 -2.69 -7.75
CA ASN A 80 6.43 -1.84 -7.33
C ASN A 80 6.86 -0.40 -7.08
N ILE A 81 7.93 -0.23 -6.31
CA ILE A 81 8.47 1.09 -5.97
C ILE A 81 9.10 1.74 -7.20
N TYR A 82 9.87 1.00 -8.02
CA TYR A 82 10.43 1.53 -9.28
C TYR A 82 9.33 2.01 -10.25
N GLN A 83 8.35 1.16 -10.60
CA GLN A 83 7.28 1.49 -11.53
C GLN A 83 6.37 2.62 -11.04
N SER A 84 6.08 2.67 -9.74
CA SER A 84 5.28 3.76 -9.17
C SER A 84 6.05 5.08 -9.11
N VAL A 85 7.29 5.09 -8.61
CA VAL A 85 8.13 6.29 -8.53
C VAL A 85 8.42 6.86 -9.92
N VAL A 86 8.80 6.03 -10.89
CA VAL A 86 9.05 6.48 -12.28
C VAL A 86 7.78 6.93 -13.01
N SER A 87 6.59 6.56 -12.51
CA SER A 87 5.30 7.08 -12.98
C SER A 87 4.92 8.42 -12.34
N ASN A 88 5.02 8.54 -11.01
CA ASN A 88 4.58 9.72 -10.24
C ASN A 88 5.58 10.90 -10.25
N LEU A 89 6.34 11.07 -11.34
CA LEU A 89 7.21 12.24 -11.59
C LEU A 89 6.47 13.60 -11.53
N ASP A 90 5.14 13.61 -11.69
CA ASP A 90 4.30 14.80 -11.49
C ASP A 90 4.18 15.24 -10.00
N ILE A 91 4.48 14.34 -9.05
CA ILE A 91 4.30 14.55 -7.60
C ILE A 91 5.43 13.86 -6.80
N LEU A 92 6.63 14.45 -6.87
CA LEU A 92 7.83 14.02 -6.14
C LEU A 92 7.88 14.61 -4.70
N HIS A 93 6.73 14.87 -4.09
CA HIS A 93 6.59 15.51 -2.77
C HIS A 93 7.24 14.70 -1.64
N SER A 94 7.60 15.39 -0.55
CA SER A 94 8.19 14.82 0.68
C SER A 94 7.47 13.59 1.25
N SER A 95 6.13 13.59 1.28
CA SER A 95 5.34 12.42 1.69
C SER A 95 5.00 11.50 0.50
N ALA A 96 4.73 12.06 -0.69
CA ALA A 96 4.38 11.32 -1.91
C ALA A 96 5.45 10.30 -2.33
N MET A 97 6.74 10.67 -2.24
CA MET A 97 7.88 9.79 -2.54
C MET A 97 7.92 8.50 -1.70
N VAL A 98 7.26 8.52 -0.53
CA VAL A 98 7.28 7.43 0.46
C VAL A 98 5.90 6.90 0.82
N ASN A 99 4.80 7.53 0.39
CA ASN A 99 3.46 6.92 0.39
C ASN A 99 3.49 5.57 -0.35
N LEU A 100 4.12 5.57 -1.52
CA LEU A 100 4.36 4.40 -2.37
C LEU A 100 5.23 3.35 -1.68
N TYR A 101 6.39 3.76 -1.15
CA TYR A 101 7.27 2.88 -0.39
C TYR A 101 6.51 2.25 0.79
N ALA A 102 5.80 3.06 1.56
CA ALA A 102 5.05 2.67 2.75
C ALA A 102 3.97 1.63 2.42
N ASN A 103 3.06 1.91 1.47
CA ASN A 103 2.01 0.94 1.11
C ASN A 103 2.58 -0.34 0.47
N ALA A 104 3.63 -0.23 -0.35
CA ALA A 104 4.25 -1.37 -1.01
C ALA A 104 4.95 -2.28 0.01
N MET A 105 5.84 -1.72 0.84
CA MET A 105 6.59 -2.46 1.85
C MET A 105 5.68 -3.04 2.95
N ALA A 106 4.68 -2.29 3.42
CA ALA A 106 3.73 -2.79 4.41
C ALA A 106 2.89 -3.96 3.84
N GLY A 107 2.39 -3.83 2.61
CA GLY A 107 1.60 -4.86 1.93
C GLY A 107 2.41 -6.11 1.57
N SER A 108 3.68 -5.95 1.19
CA SER A 108 4.57 -7.06 0.78
C SER A 108 5.15 -7.85 1.96
N LEU A 109 5.51 -7.20 3.06
CA LEU A 109 5.94 -7.86 4.29
C LEU A 109 4.81 -8.69 4.94
N PHE A 110 3.55 -8.32 4.71
CA PHE A 110 2.39 -9.14 5.03
C PHE A 110 2.36 -10.50 4.31
N LEU A 111 3.05 -10.65 3.17
CA LEU A 111 2.90 -11.84 2.28
C LEU A 111 3.63 -13.09 2.78
N GLU A 112 4.65 -12.96 3.63
CA GLU A 112 5.23 -14.09 4.38
C GLU A 112 4.75 -14.07 5.86
N GLY A 113 3.68 -13.33 6.15
CA GLY A 113 3.09 -13.21 7.49
C GLY A 113 3.98 -12.48 8.51
N ILE A 114 4.91 -11.64 8.03
CA ILE A 114 5.75 -10.75 8.84
C ILE A 114 4.90 -9.51 9.27
N LEU A 115 5.54 -8.43 9.76
CA LEU A 115 4.91 -7.14 10.07
C LEU A 115 3.84 -7.23 11.20
N ASN A 116 4.16 -7.97 12.28
CA ASN A 116 3.33 -8.04 13.50
C ASN A 116 3.07 -6.64 14.10
N SER A 117 2.01 -6.49 14.92
CA SER A 117 1.52 -5.21 15.48
C SER A 117 2.61 -4.30 16.07
N ASP A 118 3.54 -4.89 16.83
CA ASP A 118 4.69 -4.23 17.45
C ASP A 118 5.94 -4.25 16.53
N ASN A 119 6.22 -5.38 15.88
CA ASN A 119 7.38 -5.58 15.01
C ASN A 119 7.35 -4.63 13.79
N ALA A 120 6.17 -4.19 13.36
CA ALA A 120 5.94 -3.18 12.35
C ALA A 120 6.73 -1.88 12.59
N ALA A 121 6.93 -1.47 13.84
CA ALA A 121 7.73 -0.29 14.19
C ALA A 121 9.23 -0.50 13.88
N THR A 122 9.79 -1.70 14.11
CA THR A 122 11.18 -2.04 13.75
C THR A 122 11.36 -2.10 12.23
N LEU A 123 10.42 -2.74 11.52
CA LEU A 123 10.49 -2.82 10.06
C LEU A 123 10.38 -1.41 9.43
N ALA A 124 9.49 -0.56 9.96
CA ALA A 124 9.39 0.84 9.55
C ALA A 124 10.69 1.60 9.81
N LYS A 125 11.26 1.50 11.02
CA LYS A 125 12.57 2.09 11.36
C LYS A 125 13.68 1.64 10.43
N LYS A 126 13.93 0.33 10.29
CA LYS A 126 15.09 -0.15 9.52
C LYS A 126 14.98 0.16 8.03
N CYS A 127 13.80 0.03 7.43
CA CYS A 127 13.58 0.43 6.02
C CYS A 127 13.70 1.96 5.81
N ALA A 128 13.12 2.80 6.68
CA ALA A 128 13.25 4.25 6.59
C ALA A 128 14.70 4.73 6.83
N ASN A 129 15.38 4.19 7.85
CA ASN A 129 16.78 4.52 8.13
C ASN A 129 17.72 4.05 7.03
N ASP A 130 17.48 2.89 6.41
CA ASP A 130 18.24 2.44 5.22
C ASP A 130 18.03 3.37 4.00
N MET A 131 16.82 3.92 3.82
CA MET A 131 16.52 4.89 2.75
C MET A 131 17.41 6.13 2.84
N GLU A 132 17.50 6.80 4.00
CA GLU A 132 18.39 7.95 4.17
C GLU A 132 19.89 7.56 4.24
N ALA A 133 20.22 6.40 4.83
CA ALA A 133 21.60 5.89 4.90
C ALA A 133 22.20 5.49 3.54
N PHE A 134 21.36 5.32 2.51
CA PHE A 134 21.82 5.12 1.13
C PHE A 134 21.61 6.38 0.26
N ALA A 135 20.65 7.25 0.59
CA ALA A 135 20.54 8.58 -0.02
C ALA A 135 21.78 9.45 0.21
N LYS A 136 22.39 9.43 1.41
CA LYS A 136 23.62 10.19 1.73
C LYS A 136 24.81 9.91 0.80
N LYS A 137 24.87 8.70 0.22
CA LYS A 137 25.87 8.26 -0.77
C LYS A 137 25.57 8.80 -2.19
N MET A 138 24.28 8.96 -2.53
CA MET A 138 23.81 9.40 -3.85
C MET A 138 23.74 10.94 -3.96
N VAL A 139 23.36 11.64 -2.88
CA VAL A 139 23.33 13.11 -2.79
C VAL A 139 24.77 13.68 -2.88
N GLU A 140 24.95 14.71 -3.71
CA GLU A 140 26.21 15.44 -3.90
C GLU A 140 25.97 16.91 -4.34
N ILE A 141 27.04 17.69 -4.51
CA ILE A 141 27.01 19.06 -5.05
C ILE A 141 26.47 19.04 -6.49
N GLY A 142 25.46 19.86 -6.79
CA GLY A 142 24.85 20.04 -8.11
C GLY A 142 23.74 19.04 -8.43
N ASN B 1 -30.50 7.83 3.66
CA ASN B 1 -29.84 7.15 4.82
C ASN B 1 -29.70 5.62 4.63
N LEU B 2 -29.38 5.15 3.41
CA LEU B 2 -29.09 3.75 2.96
C LEU B 2 -30.10 2.63 3.30
N SER B 3 -30.47 2.47 4.57
CA SER B 3 -31.39 1.45 5.10
C SER B 3 -32.44 2.05 6.08
N ILE B 4 -32.26 3.31 6.50
CA ILE B 4 -33.12 4.12 7.40
C ILE B 4 -33.16 3.63 8.85
N GLY B 5 -33.22 2.31 9.08
CA GLY B 5 -33.13 1.68 10.42
C GLY B 5 -31.71 1.66 11.00
N ASP B 6 -30.68 1.86 10.18
CA ASP B 6 -29.28 2.01 10.60
C ASP B 6 -29.03 3.43 11.15
N THR B 7 -29.05 3.57 12.48
CA THR B 7 -28.88 4.83 13.22
C THR B 7 -27.84 4.70 14.35
N THR B 8 -26.79 3.92 14.09
CA THR B 8 -25.67 3.64 15.02
C THR B 8 -24.98 4.90 15.57
N SER B 9 -24.31 4.75 16.73
CA SER B 9 -23.75 5.82 17.55
C SER B 9 -22.22 5.97 17.46
N ILE B 10 -21.58 5.32 16.47
CA ILE B 10 -20.11 5.33 16.25
C ILE B 10 -19.49 6.73 16.17
N ILE B 11 -20.26 7.77 15.82
CA ILE B 11 -19.83 9.18 15.83
C ILE B 11 -19.32 9.61 17.22
N GLN B 12 -20.04 9.20 18.28
CA GLN B 12 -19.70 9.54 19.67
C GLN B 12 -18.41 8.82 20.13
N LEU B 13 -18.13 7.62 19.61
CA LEU B 13 -16.89 6.89 19.83
C LEU B 13 -15.73 7.51 19.01
N PHE B 14 -15.98 7.89 17.75
CA PHE B 14 -15.00 8.54 16.87
C PHE B 14 -14.49 9.89 17.40
N LYS B 15 -15.34 10.66 18.10
CA LYS B 15 -15.07 12.02 18.59
C LYS B 15 -13.78 12.21 19.41
N ASN B 16 -13.33 11.22 20.19
CA ASN B 16 -12.15 11.38 21.06
C ASN B 16 -11.43 10.07 21.48
N PHE B 17 -11.42 9.04 20.62
CA PHE B 17 -10.72 7.76 20.86
C PHE B 17 -9.84 7.30 19.68
N THR B 18 -10.32 7.45 18.45
CA THR B 18 -9.63 7.01 17.20
C THR B 18 -9.85 8.00 16.06
N GLY B 19 -8.99 7.95 15.05
CA GLY B 19 -9.02 8.87 13.90
C GLY B 19 -8.08 8.45 12.76
N PRO B 20 -8.23 7.25 12.18
CA PRO B 20 -7.34 6.74 11.14
C PRO B 20 -7.42 7.57 9.84
N PRO B 21 -6.34 7.60 9.02
CA PRO B 21 -6.29 8.39 7.79
C PRO B 21 -7.17 7.81 6.67
N SER B 22 -7.46 8.63 5.65
CA SER B 22 -8.26 8.27 4.47
C SER B 22 -7.75 7.03 3.73
N VAL B 23 -6.43 6.80 3.75
CA VAL B 23 -5.77 5.62 3.16
C VAL B 23 -6.03 4.32 3.93
N ALA B 24 -6.15 4.39 5.27
CA ALA B 24 -6.41 3.23 6.10
C ALA B 24 -7.88 2.79 6.04
N THR B 25 -8.82 3.74 6.09
CA THR B 25 -10.26 3.42 5.99
C THR B 25 -10.63 2.76 4.66
N PHE B 26 -10.01 3.15 3.53
CA PHE B 26 -10.14 2.46 2.23
C PHE B 26 -9.81 0.96 2.33
N ILE B 27 -8.67 0.63 2.94
CA ILE B 27 -8.17 -0.76 3.09
C ILE B 27 -9.12 -1.57 3.98
N SER B 28 -9.54 -1.00 5.12
CA SER B 28 -10.51 -1.63 6.03
C SER B 28 -11.90 -1.80 5.39
N ASN B 29 -12.36 -0.84 4.58
CA ASN B 29 -13.59 -0.98 3.80
C ASN B 29 -13.51 -2.16 2.84
N PHE B 30 -12.41 -2.34 2.10
CA PHE B 30 -12.26 -3.46 1.15
C PHE B 30 -12.50 -4.82 1.83
N HIS B 31 -11.91 -5.05 3.00
CA HIS B 31 -12.10 -6.29 3.77
C HIS B 31 -13.56 -6.47 4.24
N SER B 32 -14.25 -5.39 4.63
CA SER B 32 -15.68 -5.41 4.99
C SER B 32 -16.58 -5.72 3.78
N ILE B 33 -16.31 -5.10 2.63
CA ILE B 33 -17.03 -5.30 1.37
C ILE B 33 -16.86 -6.75 0.88
N VAL B 34 -15.66 -7.34 1.03
CA VAL B 34 -15.36 -8.74 0.68
C VAL B 34 -16.32 -9.75 1.33
N GLN B 35 -16.75 -9.52 2.58
CA GLN B 35 -17.71 -10.38 3.28
C GLN B 35 -19.13 -10.33 2.67
N SER B 36 -19.52 -9.21 2.03
CA SER B 36 -20.82 -9.03 1.36
C SER B 36 -20.78 -9.49 -0.11
N SER B 37 -19.68 -9.22 -0.82
CA SER B 37 -19.46 -9.56 -2.23
C SER B 37 -19.12 -11.05 -2.42
N LYS B 38 -20.10 -11.94 -2.21
CA LYS B 38 -19.98 -13.40 -2.34
C LYS B 38 -19.32 -13.86 -3.65
N THR B 39 -19.59 -13.17 -4.77
CA THR B 39 -18.96 -13.43 -6.08
C THR B 39 -17.44 -13.18 -6.07
N LEU B 40 -16.96 -12.17 -5.33
CA LEU B 40 -15.52 -11.96 -5.08
C LEU B 40 -14.96 -13.05 -4.16
N LEU B 41 -15.70 -13.41 -3.11
CA LEU B 41 -15.32 -14.48 -2.16
C LEU B 41 -15.12 -15.83 -2.87
N ASN B 42 -15.94 -16.12 -3.89
CA ASN B 42 -15.84 -17.29 -4.76
C ASN B 42 -14.55 -17.33 -5.60
N LEU B 43 -13.96 -16.17 -5.94
CA LEU B 43 -12.68 -16.06 -6.65
C LEU B 43 -11.54 -16.67 -5.80
N PHE B 44 -11.48 -16.30 -4.51
CA PHE B 44 -10.50 -16.86 -3.57
C PHE B 44 -10.68 -18.36 -3.35
N ASP B 45 -11.93 -18.85 -3.40
CA ASP B 45 -12.27 -20.27 -3.29
C ASP B 45 -11.70 -21.13 -4.44
N VAL B 46 -11.37 -20.51 -5.58
CA VAL B 46 -10.71 -21.15 -6.74
C VAL B 46 -9.26 -20.66 -6.94
N ALA B 47 -8.67 -19.94 -5.98
CA ALA B 47 -7.33 -19.38 -6.14
C ALA B 47 -6.19 -20.41 -6.28
N GLU B 48 -6.43 -21.69 -5.94
CA GLU B 48 -5.50 -22.80 -6.19
C GLU B 48 -5.39 -23.17 -7.69
N GLU B 49 -6.35 -22.74 -8.52
CA GLU B 49 -6.28 -22.82 -10.00
C GLU B 49 -5.23 -21.85 -10.60
N ASN B 50 -5.07 -21.87 -11.93
CA ASN B 50 -4.04 -21.15 -12.70
C ASN B 50 -3.82 -19.68 -12.26
N PRO B 51 -2.72 -19.34 -11.55
CA PRO B 51 -2.56 -18.04 -10.91
C PRO B 51 -2.34 -16.86 -11.88
N LEU B 52 -1.90 -17.16 -13.11
CA LEU B 52 -1.85 -16.19 -14.22
C LEU B 52 -3.21 -15.53 -14.49
N GLU B 53 -4.32 -16.27 -14.33
CA GLU B 53 -5.67 -15.73 -14.58
C GLU B 53 -5.96 -14.51 -13.69
N PHE B 54 -5.53 -14.54 -12.43
CA PHE B 54 -5.77 -13.46 -11.46
C PHE B 54 -4.89 -12.26 -11.78
N ALA B 55 -3.58 -12.45 -11.97
CA ALA B 55 -2.65 -11.39 -12.34
C ALA B 55 -3.06 -10.70 -13.67
N LYS B 56 -3.42 -11.48 -14.70
CA LYS B 56 -3.84 -10.98 -16.02
C LYS B 56 -5.20 -10.28 -15.96
N CYS B 57 -6.17 -10.83 -15.22
CA CYS B 57 -7.46 -10.17 -14.93
C CYS B 57 -7.23 -8.82 -14.26
N MET B 58 -6.49 -8.79 -13.14
CA MET B 58 -6.24 -7.58 -12.36
C MET B 58 -5.46 -6.53 -13.16
N TYR B 59 -4.48 -6.93 -13.98
CA TYR B 59 -3.80 -6.00 -14.91
C TYR B 59 -4.79 -5.36 -15.90
N GLU B 60 -5.54 -6.18 -16.65
CA GLU B 60 -6.43 -5.69 -17.71
C GLU B 60 -7.62 -4.88 -17.16
N LEU B 61 -8.13 -5.27 -15.98
CA LEU B 61 -9.16 -4.55 -15.24
C LEU B 61 -8.65 -3.20 -14.76
N VAL B 62 -7.50 -3.15 -14.07
CA VAL B 62 -6.92 -1.90 -13.56
C VAL B 62 -6.57 -0.93 -14.70
N LEU B 63 -6.18 -1.44 -15.88
CA LEU B 63 -5.97 -0.64 -17.09
C LEU B 63 -7.21 0.20 -17.46
N LYS B 64 -8.43 -0.36 -17.36
CA LYS B 64 -9.68 0.42 -17.56
C LYS B 64 -10.11 1.18 -16.31
N SER B 65 -10.01 0.58 -15.12
CA SER B 65 -10.52 1.15 -13.87
C SER B 65 -9.75 2.40 -13.43
N ALA B 66 -8.42 2.36 -13.39
CA ALA B 66 -7.63 3.52 -13.00
C ALA B 66 -7.74 4.69 -14.01
N ASN B 67 -7.91 4.40 -15.30
CA ASN B 67 -8.29 5.41 -16.31
C ASN B 67 -9.68 6.02 -16.03
N SER B 68 -10.67 5.18 -15.69
CA SER B 68 -12.04 5.62 -15.38
C SER B 68 -12.14 6.44 -14.07
N LEU B 69 -11.39 6.07 -13.04
CA LEU B 69 -11.20 6.86 -11.82
C LEU B 69 -10.42 8.17 -12.06
N GLY B 70 -9.69 8.28 -13.18
CA GLY B 70 -8.93 9.48 -13.57
C GLY B 70 -7.54 9.59 -12.93
N VAL B 71 -6.97 8.46 -12.48
CA VAL B 71 -5.64 8.40 -11.82
C VAL B 71 -4.53 8.91 -12.75
N LEU B 72 -3.49 9.55 -12.18
CA LEU B 72 -2.44 10.26 -12.92
C LEU B 72 -1.68 9.34 -13.91
N ASN B 73 -1.29 8.15 -13.45
CA ASN B 73 -0.53 7.15 -14.21
C ASN B 73 -1.16 5.75 -14.01
N PRO B 74 -2.26 5.43 -14.73
CA PRO B 74 -3.06 4.22 -14.49
C PRO B 74 -2.29 2.91 -14.76
N HIS B 75 -1.29 2.95 -15.64
CA HIS B 75 -0.36 1.85 -15.89
C HIS B 75 0.40 1.38 -14.64
N LEU B 76 0.75 2.29 -13.72
CA LEU B 76 1.54 1.95 -12.53
C LEU B 76 0.81 0.93 -11.64
N ILE B 77 -0.49 1.14 -11.43
CA ILE B 77 -1.30 0.31 -10.54
C ILE B 77 -1.47 -1.08 -11.15
N ALA B 78 -1.72 -1.14 -12.47
CA ALA B 78 -1.81 -2.39 -13.21
C ALA B 78 -0.49 -3.19 -13.16
N ASN B 79 0.65 -2.56 -13.46
CA ASN B 79 1.97 -3.21 -13.43
C ASN B 79 2.35 -3.67 -12.02
N ASN B 80 2.07 -2.86 -10.99
CA ASN B 80 2.36 -3.19 -9.60
C ASN B 80 1.53 -4.40 -9.14
N ILE B 81 0.21 -4.36 -9.34
CA ILE B 81 -0.66 -5.48 -8.97
C ILE B 81 -0.32 -6.74 -9.78
N TYR B 82 -0.01 -6.63 -11.08
CA TYR B 82 0.44 -7.77 -11.89
C TYR B 82 1.67 -8.48 -11.28
N GLN B 83 2.75 -7.72 -11.04
CA GLN B 83 3.98 -8.28 -10.46
C GLN B 83 3.80 -8.78 -9.02
N SER B 84 2.97 -8.10 -8.21
CA SER B 84 2.68 -8.53 -6.83
C SER B 84 1.85 -9.81 -6.78
N VAL B 85 0.80 -9.90 -7.60
CA VAL B 85 -0.12 -11.05 -7.63
C VAL B 85 0.52 -12.29 -8.26
N VAL B 86 1.36 -12.14 -9.29
CA VAL B 86 2.16 -13.27 -9.82
C VAL B 86 3.31 -13.67 -8.87
N SER B 87 3.55 -12.90 -7.79
CA SER B 87 4.56 -13.17 -6.77
C SER B 87 4.02 -13.73 -5.44
N ASN B 88 2.77 -13.43 -5.06
CA ASN B 88 2.19 -13.82 -3.76
C ASN B 88 1.53 -15.22 -3.75
N LEU B 89 1.95 -16.12 -4.64
CA LEU B 89 1.36 -17.46 -4.88
C LEU B 89 1.36 -18.40 -3.66
N ASP B 90 2.10 -18.10 -2.59
CA ASP B 90 2.02 -18.84 -1.31
C ASP B 90 0.89 -18.36 -0.37
N ILE B 91 0.34 -17.18 -0.61
CA ILE B 91 -0.61 -16.46 0.25
C ILE B 91 -1.80 -15.90 -0.56
N LEU B 92 -2.41 -16.77 -1.37
CA LEU B 92 -3.63 -16.49 -2.14
C LEU B 92 -4.91 -16.38 -1.24
N HIS B 93 -4.74 -16.05 0.05
CA HIS B 93 -5.77 -15.94 1.08
C HIS B 93 -6.86 -14.94 0.70
N SER B 94 -8.07 -15.11 1.26
CA SER B 94 -9.25 -14.26 1.02
C SER B 94 -8.96 -12.75 1.12
N SER B 95 -8.45 -12.29 2.27
CA SER B 95 -8.05 -10.89 2.46
C SER B 95 -6.69 -10.54 1.84
N ALA B 96 -5.80 -11.52 1.63
CA ALA B 96 -4.43 -11.28 1.14
C ALA B 96 -4.36 -10.97 -0.35
N MET B 97 -5.13 -11.67 -1.20
CA MET B 97 -5.19 -11.40 -2.65
C MET B 97 -5.67 -9.98 -2.96
N VAL B 98 -6.67 -9.49 -2.22
CA VAL B 98 -7.15 -8.10 -2.33
C VAL B 98 -6.36 -7.11 -1.50
N ASN B 99 -5.55 -7.51 -0.51
CA ASN B 99 -4.65 -6.59 0.19
C ASN B 99 -3.66 -5.93 -0.77
N LEU B 100 -3.10 -6.68 -1.72
CA LEU B 100 -2.21 -6.12 -2.74
C LEU B 100 -2.93 -5.17 -3.70
N TYR B 101 -4.16 -5.51 -4.14
CA TYR B 101 -4.99 -4.59 -4.93
C TYR B 101 -5.30 -3.32 -4.13
N ALA B 102 -5.80 -3.48 -2.91
CA ALA B 102 -6.27 -2.41 -2.05
C ALA B 102 -5.14 -1.48 -1.61
N ASN B 103 -4.04 -2.01 -1.06
CA ASN B 103 -2.94 -1.20 -0.54
C ASN B 103 -2.24 -0.42 -1.67
N ALA B 104 -2.04 -1.05 -2.85
CA ALA B 104 -1.53 -0.38 -4.03
C ALA B 104 -2.46 0.74 -4.50
N MET B 105 -3.76 0.47 -4.66
CA MET B 105 -4.74 1.48 -5.08
C MET B 105 -4.85 2.63 -4.06
N ALA B 106 -4.89 2.33 -2.77
CA ALA B 106 -5.02 3.31 -1.69
C ALA B 106 -3.90 4.39 -1.74
N GLY B 107 -2.65 3.97 -1.93
CA GLY B 107 -1.53 4.91 -2.14
C GLY B 107 -1.60 5.62 -3.49
N SER B 108 -1.91 4.88 -4.56
CA SER B 108 -2.02 5.41 -5.94
C SER B 108 -3.03 6.54 -6.09
N LEU B 109 -4.20 6.41 -5.46
CA LEU B 109 -5.28 7.41 -5.49
C LEU B 109 -4.94 8.71 -4.74
N PHE B 110 -4.15 8.60 -3.66
CA PHE B 110 -3.67 9.75 -2.87
C PHE B 110 -2.83 10.72 -3.71
N LEU B 111 -2.01 10.17 -4.60
CA LEU B 111 -1.01 10.91 -5.40
C LEU B 111 -1.64 11.77 -6.50
N GLU B 112 -2.75 11.33 -7.11
CA GLU B 112 -3.52 12.17 -8.03
C GLU B 112 -4.24 13.31 -7.27
N GLY B 113 -4.90 12.95 -6.15
CA GLY B 113 -5.71 13.87 -5.34
C GLY B 113 -7.11 13.35 -4.97
N ILE B 114 -7.37 12.05 -5.15
CA ILE B 114 -8.64 11.38 -4.83
C ILE B 114 -8.61 10.86 -3.37
N LEU B 115 -9.43 9.85 -3.03
CA LEU B 115 -9.35 9.11 -1.74
C LEU B 115 -9.52 10.04 -0.51
N ASN B 116 -10.63 10.79 -0.50
CA ASN B 116 -11.03 11.66 0.61
C ASN B 116 -11.63 10.86 1.79
N SER B 117 -11.83 11.49 2.95
CA SER B 117 -12.20 10.85 4.23
C SER B 117 -13.43 9.93 4.20
N ASP B 118 -14.41 10.22 3.34
CA ASP B 118 -15.63 9.44 3.13
C ASP B 118 -15.70 8.81 1.73
N ASN B 119 -15.17 9.51 0.70
CA ASN B 119 -15.04 9.02 -0.67
C ASN B 119 -14.21 7.72 -0.76
N ALA B 120 -13.25 7.52 0.16
CA ALA B 120 -12.50 6.27 0.32
C ALA B 120 -13.39 5.00 0.36
N ALA B 121 -14.57 5.06 0.99
CA ALA B 121 -15.52 3.94 1.00
C ALA B 121 -16.12 3.67 -0.40
N THR B 122 -16.45 4.74 -1.14
CA THR B 122 -16.93 4.66 -2.53
C THR B 122 -15.87 4.08 -3.46
N LEU B 123 -14.61 4.53 -3.35
CA LEU B 123 -13.51 4.02 -4.17
C LEU B 123 -13.17 2.56 -3.83
N ALA B 124 -13.20 2.17 -2.55
CA ALA B 124 -13.04 0.78 -2.14
C ALA B 124 -14.16 -0.12 -2.70
N LYS B 125 -15.43 0.33 -2.65
CA LYS B 125 -16.56 -0.35 -3.30
C LYS B 125 -16.38 -0.46 -4.81
N LYS B 126 -15.96 0.61 -5.50
CA LYS B 126 -15.67 0.57 -6.95
C LYS B 126 -14.65 -0.52 -7.28
N CYS B 127 -13.50 -0.54 -6.64
CA CYS B 127 -12.48 -1.57 -6.85
C CYS B 127 -12.98 -3.00 -6.56
N ALA B 128 -13.63 -3.23 -5.41
CA ALA B 128 -14.15 -4.54 -5.04
C ALA B 128 -15.28 -5.05 -5.99
N ASN B 129 -16.20 -4.16 -6.37
CA ASN B 129 -17.33 -4.50 -7.25
C ASN B 129 -16.90 -4.63 -8.72
N ASP B 130 -15.91 -3.87 -9.20
CA ASP B 130 -15.30 -4.10 -10.51
C ASP B 130 -14.55 -5.44 -10.54
N MET B 131 -13.87 -5.81 -9.46
CA MET B 131 -13.19 -7.10 -9.33
C MET B 131 -14.16 -8.29 -9.40
N GLU B 132 -15.26 -8.29 -8.64
CA GLU B 132 -16.26 -9.37 -8.74
C GLU B 132 -17.02 -9.38 -10.08
N ALA B 133 -17.26 -8.22 -10.68
CA ALA B 133 -17.87 -8.10 -12.01
C ALA B 133 -16.99 -8.67 -13.15
N PHE B 134 -15.67 -8.74 -12.96
CA PHE B 134 -14.76 -9.41 -13.90
C PHE B 134 -14.46 -10.87 -13.51
N ALA B 135 -14.48 -11.21 -12.21
CA ALA B 135 -14.32 -12.58 -11.73
C ALA B 135 -15.31 -13.55 -12.40
N LYS B 136 -16.60 -13.16 -12.50
CA LYS B 136 -17.66 -13.96 -13.17
C LYS B 136 -17.41 -14.26 -14.66
N LYS B 137 -16.55 -13.46 -15.33
CA LYS B 137 -16.13 -13.65 -16.74
C LYS B 137 -14.95 -14.63 -16.86
N MET B 138 -14.16 -14.81 -15.80
CA MET B 138 -12.96 -15.65 -15.76
C MET B 138 -13.23 -17.03 -15.12
N VAL B 139 -14.07 -17.08 -14.08
CA VAL B 139 -14.60 -18.31 -13.48
C VAL B 139 -15.48 -19.06 -14.50
N GLU B 140 -15.36 -20.38 -14.54
CA GLU B 140 -16.10 -21.29 -15.44
C GLU B 140 -16.25 -22.68 -14.78
N ILE B 141 -17.00 -23.59 -15.42
CA ILE B 141 -17.18 -25.00 -14.98
C ILE B 141 -15.81 -25.71 -14.87
N GLY B 142 -15.56 -26.38 -13.74
CA GLY B 142 -14.33 -27.12 -13.44
C GLY B 142 -14.34 -27.81 -12.07
#